data_7OFH
#
_entry.id   7OFH
#
_cell.length_a   1.00
_cell.length_b   1.00
_cell.length_c   1.00
_cell.angle_alpha   90.00
_cell.angle_beta   90.00
_cell.angle_gamma   90.00
#
_symmetry.space_group_name_H-M   'P 1'
#
loop_
_entity.id
_entity.type
_entity.pdbx_description
1 polymer 'Virion export protein'
2 non-polymer 3-[(3-CHOLAMIDOPROPYL)DIMETHYLAMMONIO]-1-PROPANESULFONATE
#
_entity_poly.entity_id   1
_entity_poly.type   'polypeptide(L)'
_entity_poly.pdbx_seq_one_letter_code
;QVIEMNNSPLRDFVTWYSKQTGESVIVSPDVKGTVTVYSSDVKPENLRNFFISVLRANNFDMVGSNPSIIQKYNPNNQDY
IDELPSSDNQEYDDNSAPSGGFFVPQNDNVTQTFKINNVRAKDLIRVVELFVKSNTSKSSNVLSVDGSNLLVVSAPKDIL
DNLPQFLSTVDLPTDQILIEGLIFEVQQGDALDFSFAAGSQRGTVAGGVNTDRLTSVLSSAGGSFGIFNGDVLGLSVRAL
KTNSHSKILSVPRILTLSGQKGSISVGQNVPFITGRVTGESANVNNPFQTVERQNVGISMSVFPVAMASAHHHHHHHGGN
IVLDITIKADSLSSSTQASDVITNQRSIATTVNLRDGQTLLLGGLTDYKNTSQDSGVPFLSKIPLIGLLFSSRSDSNEES
TLYVLVKATIVRAL
;
_entity_poly.pdbx_strand_id   A,B,C,D,E,F,G,H,I,J,K,L,M,N,O
#
loop_
_chem_comp.id
_chem_comp.type
_chem_comp.name
_chem_comp.formula
CPS non-polymer 3-[(3-CHOLAMIDOPROPYL)DIMETHYLAMMONIO]-1-PROPANESULFONATE 'C32 H58 N2 O7 S'
#
# COMPACT_ATOMS: atom_id res chain seq x y z
CA ASP A 108 16.23 -60.05 6.93
C ASP A 108 17.23 -59.45 5.94
N ASN A 109 17.50 -58.15 6.12
CA ASN A 109 18.44 -57.43 5.27
C ASN A 109 19.80 -57.44 5.94
N VAL A 110 20.81 -57.88 5.20
CA VAL A 110 22.18 -57.68 5.63
C VAL A 110 22.64 -56.29 5.18
N THR A 111 23.66 -55.74 5.84
CA THR A 111 24.25 -54.47 5.43
C THR A 111 25.73 -54.68 5.17
N GLN A 112 26.17 -54.54 3.91
CA GLN A 112 27.58 -54.62 3.60
C GLN A 112 28.12 -53.28 3.08
N THR A 113 29.44 -53.18 3.04
CA THR A 113 30.12 -52.06 2.42
C THR A 113 30.91 -52.56 1.21
N PHE A 114 30.87 -51.76 0.13
CA PHE A 114 31.51 -52.07 -1.12
C PHE A 114 32.46 -50.92 -1.44
N LYS A 115 33.70 -51.23 -1.82
CA LYS A 115 34.66 -50.22 -2.20
C LYS A 115 34.52 -49.93 -3.70
N ILE A 116 34.29 -48.65 -4.02
CA ILE A 116 34.16 -48.24 -5.39
C ILE A 116 35.55 -47.76 -5.78
N ASN A 117 36.06 -48.21 -6.94
CA ASN A 117 37.46 -48.00 -7.26
C ASN A 117 37.66 -46.91 -8.33
N ASN A 118 36.76 -46.85 -9.32
CA ASN A 118 37.01 -46.02 -10.48
C ASN A 118 36.15 -44.77 -10.48
N VAL A 119 34.96 -44.81 -9.91
CA VAL A 119 34.14 -43.62 -9.96
C VAL A 119 33.75 -43.23 -8.55
N ARG A 120 33.33 -41.99 -8.35
CA ARG A 120 32.91 -41.55 -7.04
C ARG A 120 31.71 -42.37 -6.62
N ALA A 121 31.66 -42.75 -5.36
CA ALA A 121 30.63 -43.69 -4.94
C ALA A 121 29.29 -43.02 -4.88
N LYS A 122 29.26 -41.70 -5.02
CA LYS A 122 28.06 -40.91 -4.81
C LYS A 122 27.19 -40.94 -6.07
N ASP A 123 27.84 -41.13 -7.23
CA ASP A 123 27.19 -41.17 -8.53
C ASP A 123 26.54 -42.53 -8.76
N LEU A 124 26.93 -43.53 -7.98
CA LEU A 124 26.43 -44.88 -8.15
C LEU A 124 25.43 -45.17 -7.03
N ILE A 125 24.57 -44.21 -6.68
CA ILE A 125 23.62 -44.43 -5.59
C ILE A 125 22.27 -44.75 -6.20
N ARG A 126 21.89 -44.00 -7.25
CA ARG A 126 20.62 -44.18 -7.91
C ARG A 126 20.60 -45.50 -8.65
N VAL A 127 21.72 -45.84 -9.26
CA VAL A 127 21.88 -47.05 -10.03
C VAL A 127 21.78 -48.23 -9.07
N VAL A 128 22.32 -48.08 -7.87
CA VAL A 128 22.41 -49.20 -6.97
C VAL A 128 21.13 -49.22 -6.15
N GLU A 129 20.42 -48.10 -6.15
CA GLU A 129 19.13 -48.06 -5.52
C GLU A 129 18.16 -48.92 -6.33
N LEU A 130 18.31 -48.97 -7.67
CA LEU A 130 17.51 -49.81 -8.53
C LEU A 130 17.84 -51.27 -8.31
N PHE A 131 19.12 -51.61 -8.26
CA PHE A 131 19.47 -53.02 -8.17
C PHE A 131 18.86 -53.62 -6.91
N VAL A 132 18.71 -52.78 -5.88
CA VAL A 132 18.32 -53.34 -4.61
C VAL A 132 16.83 -53.14 -4.43
N LYS A 133 16.22 -52.21 -5.17
CA LYS A 133 14.79 -51.95 -5.06
C LYS A 133 14.02 -53.25 -5.27
N SER A 134 12.87 -53.38 -4.59
CA SER A 134 11.96 -54.51 -4.69
C SER A 134 10.58 -54.11 -4.17
N SER A 140 15.79 -44.83 1.75
CA SER A 140 17.26 -44.94 1.88
C SER A 140 17.64 -46.37 2.25
N ASN A 141 18.34 -47.01 1.33
CA ASN A 141 18.84 -48.34 1.55
C ASN A 141 20.28 -48.36 1.06
N VAL A 142 20.64 -47.36 0.26
CA VAL A 142 22.01 -47.19 -0.17
C VAL A 142 22.51 -45.83 0.31
N LEU A 143 23.70 -45.82 0.90
CA LEU A 143 24.34 -44.61 1.36
C LEU A 143 25.78 -44.61 0.89
N SER A 144 26.40 -43.43 0.82
CA SER A 144 27.79 -43.32 0.40
C SER A 144 28.61 -42.65 1.51
N VAL A 145 29.69 -43.30 1.93
CA VAL A 145 30.66 -42.66 2.79
C VAL A 145 31.71 -42.07 1.85
N ASP A 146 31.71 -40.74 1.67
CA ASP A 146 32.44 -40.08 0.60
C ASP A 146 33.95 -40.09 0.85
N GLY A 147 34.34 -40.20 2.10
CA GLY A 147 35.73 -40.11 2.48
C GLY A 147 36.51 -41.26 1.85
N SER A 148 36.05 -42.48 2.10
CA SER A 148 36.78 -43.65 1.67
C SER A 148 36.09 -44.34 0.49
N ASN A 149 35.31 -43.60 -0.31
CA ASN A 149 34.58 -44.08 -1.48
C ASN A 149 34.00 -45.45 -1.22
N LEU A 150 32.91 -45.46 -0.46
CA LEU A 150 32.30 -46.70 -0.07
C LEU A 150 30.81 -46.58 -0.26
N LEU A 151 30.16 -47.71 -0.59
CA LEU A 151 28.71 -47.77 -0.63
C LEU A 151 28.23 -48.76 0.42
N VAL A 152 27.45 -48.26 1.38
CA VAL A 152 26.81 -49.12 2.36
C VAL A 152 25.41 -49.42 1.84
N VAL A 153 25.11 -50.70 1.51
CA VAL A 153 23.82 -51.10 0.98
C VAL A 153 23.14 -52.08 1.93
N SER A 154 21.83 -51.92 2.17
CA SER A 154 21.05 -52.87 2.96
C SER A 154 20.00 -53.52 2.08
N ALA A 155 20.10 -54.85 1.87
CA ALA A 155 19.19 -55.57 1.00
C ALA A 155 19.28 -57.04 1.32
N PRO A 156 18.31 -57.91 0.98
CA PRO A 156 18.47 -59.35 1.15
C PRO A 156 19.81 -59.89 0.68
N LYS A 157 20.29 -60.95 1.32
CA LYS A 157 21.63 -61.48 1.04
C LYS A 157 21.79 -61.89 -0.41
N ASP A 158 20.73 -62.48 -0.97
CA ASP A 158 20.70 -62.93 -2.36
C ASP A 158 21.02 -61.75 -3.28
N ILE A 159 20.27 -60.66 -3.11
CA ILE A 159 20.50 -59.45 -3.87
C ILE A 159 21.93 -59.02 -3.65
N LEU A 160 22.40 -59.09 -2.41
CA LEU A 160 23.71 -58.56 -2.08
C LEU A 160 24.81 -59.51 -2.49
N ASP A 161 24.42 -60.62 -3.11
CA ASP A 161 25.42 -61.56 -3.57
C ASP A 161 25.76 -61.27 -5.03
N ASN A 162 24.82 -60.64 -5.74
CA ASN A 162 24.96 -60.29 -7.13
C ASN A 162 25.44 -58.85 -7.29
N LEU A 163 25.39 -58.05 -6.21
CA LEU A 163 25.84 -56.67 -6.32
C LEU A 163 27.30 -56.60 -6.74
N PRO A 164 28.23 -57.45 -6.28
CA PRO A 164 29.58 -57.42 -6.83
C PRO A 164 29.70 -57.41 -8.36
N GLN A 165 28.84 -58.15 -9.09
CA GLN A 165 28.96 -58.23 -10.54
C GLN A 165 28.19 -57.12 -11.25
N PHE A 166 27.37 -56.36 -10.53
CA PHE A 166 26.75 -55.19 -11.13
C PHE A 166 27.70 -54.02 -11.02
N LEU A 167 28.53 -54.03 -9.97
CA LEU A 167 29.39 -52.89 -9.76
C LEU A 167 30.65 -53.08 -10.58
N SER A 168 30.65 -54.06 -11.48
CA SER A 168 31.79 -54.21 -12.36
C SER A 168 31.36 -53.85 -13.77
N THR A 169 30.10 -53.40 -13.89
CA THR A 169 29.54 -52.99 -15.16
C THR A 169 29.06 -51.54 -15.05
N VAL A 170 29.24 -50.92 -13.90
CA VAL A 170 28.69 -49.61 -13.68
C VAL A 170 29.77 -48.73 -13.07
N ASP A 171 30.82 -49.36 -12.57
CA ASP A 171 31.89 -48.64 -11.90
C ASP A 171 33.13 -48.79 -12.74
N LEU A 172 33.14 -48.13 -13.89
CA LEU A 172 34.18 -48.31 -14.88
C LEU A 172 35.06 -47.07 -14.90
N PRO A 173 36.29 -47.16 -15.45
CA PRO A 173 37.17 -45.99 -15.59
C PRO A 173 36.66 -44.98 -16.61
N THR A 174 36.24 -43.81 -16.14
CA THR A 174 35.72 -42.76 -17.00
C THR A 174 36.89 -42.17 -17.78
N ASP A 175 36.58 -41.62 -18.96
CA ASP A 175 37.55 -40.97 -19.81
C ASP A 175 37.50 -39.46 -19.58
N GLN A 176 38.64 -38.82 -19.82
CA GLN A 176 38.74 -37.38 -19.78
C GLN A 176 38.92 -36.88 -21.21
N ILE A 177 38.36 -35.71 -21.49
CA ILE A 177 38.34 -35.20 -22.85
C ILE A 177 39.01 -33.83 -22.82
N LEU A 178 39.76 -33.53 -23.88
CA LEU A 178 40.41 -32.26 -24.01
C LEU A 178 39.82 -31.53 -25.21
N ILE A 179 38.87 -30.62 -24.92
CA ILE A 179 38.27 -29.78 -25.94
C ILE A 179 39.22 -28.62 -26.17
N GLU A 180 39.38 -28.21 -27.43
CA GLU A 180 40.31 -27.16 -27.78
C GLU A 180 39.61 -26.28 -28.82
N GLY A 181 39.00 -25.19 -28.35
CA GLY A 181 38.34 -24.24 -29.24
C GLY A 181 39.38 -23.46 -30.04
N LEU A 182 38.96 -22.92 -31.19
CA LEU A 182 39.80 -22.07 -32.00
C LEU A 182 38.94 -21.02 -32.69
N ILE A 183 39.11 -19.75 -32.32
CA ILE A 183 38.44 -18.64 -32.96
C ILE A 183 39.47 -17.90 -33.82
N PHE A 184 39.11 -17.53 -35.06
CA PHE A 184 40.04 -16.90 -36.00
C PHE A 184 39.36 -15.82 -36.83
N GLU A 185 39.74 -14.56 -36.66
CA GLU A 185 39.08 -13.49 -37.40
C GLU A 185 40.12 -12.70 -38.19
N VAL A 186 40.09 -12.79 -39.52
CA VAL A 186 40.90 -11.94 -40.36
C VAL A 186 40.05 -10.81 -40.91
N GLN A 187 40.40 -9.55 -40.67
CA GLN A 187 39.70 -8.44 -41.31
C GLN A 187 40.66 -7.60 -42.17
N GLN A 188 40.47 -7.63 -43.50
CA GLN A 188 41.13 -6.68 -44.38
C GLN A 188 40.30 -5.40 -44.43
N GLY A 189 40.58 -4.51 -45.39
CA GLY A 189 39.94 -3.21 -45.47
C GLY A 189 40.78 -2.19 -46.25
N ASP A 190 40.10 -1.31 -46.98
CA ASP A 190 40.69 -0.23 -47.77
C ASP A 190 39.69 0.92 -47.90
N ALA A 191 40.09 1.99 -48.60
CA ALA A 191 39.28 3.18 -48.77
C ALA A 191 40.00 4.14 -49.70
N LEU A 192 39.26 5.08 -50.33
CA LEU A 192 39.87 6.06 -51.22
C LEU A 192 39.01 7.30 -51.37
N ASP A 193 38.92 8.14 -50.33
CA ASP A 193 38.32 9.45 -50.51
C ASP A 193 39.18 10.27 -51.48
N PHE A 194 38.55 11.08 -52.34
CA PHE A 194 39.26 11.78 -53.41
C PHE A 194 38.48 12.99 -53.90
N SER A 195 38.67 14.16 -53.27
CA SER A 195 38.07 15.41 -53.71
C SER A 195 38.85 16.02 -54.89
N PHE A 196 38.20 16.92 -55.64
CA PHE A 196 38.79 17.61 -56.77
C PHE A 196 38.10 18.94 -56.93
N ALA A 197 37.95 19.67 -55.82
CA ALA A 197 37.47 21.03 -55.88
C ALA A 197 38.27 21.82 -56.91
N ALA A 198 37.56 22.62 -57.74
CA ALA A 198 38.19 23.35 -58.84
C ALA A 198 37.87 24.85 -58.74
N LEU A 235 42.52 24.97 -57.20
CA LEU A 235 42.37 23.52 -57.50
C LEU A 235 42.91 22.69 -56.33
N SER A 236 42.14 22.62 -55.25
CA SER A 236 42.46 21.73 -54.13
C SER A 236 42.10 20.30 -54.51
N VAL A 237 42.99 19.33 -54.20
CA VAL A 237 42.77 17.92 -54.45
C VAL A 237 43.13 17.11 -53.20
N ARG A 238 42.16 16.92 -52.30
CA ARG A 238 42.38 16.02 -51.18
C ARG A 238 42.33 14.58 -51.67
N ALA A 239 43.05 13.69 -50.97
CA ALA A 239 42.96 12.24 -51.16
C ALA A 239 43.13 11.53 -49.81
N LEU A 240 43.12 10.19 -49.87
CA LEU A 240 43.30 9.29 -48.73
C LEU A 240 43.33 7.87 -49.27
N LYS A 241 44.16 7.03 -48.68
CA LYS A 241 44.17 5.64 -49.06
C LYS A 241 44.47 4.81 -47.82
N THR A 242 43.47 4.73 -46.93
CA THR A 242 43.58 3.96 -45.71
C THR A 242 43.46 2.47 -46.02
N ASN A 243 44.51 1.68 -45.76
CA ASN A 243 44.40 0.25 -45.60
C ASN A 243 44.29 -0.14 -44.12
N SER A 244 44.12 -1.44 -43.86
CA SER A 244 43.97 -2.02 -42.53
C SER A 244 43.90 -3.54 -42.62
N HIS A 245 44.47 -4.20 -41.60
CA HIS A 245 44.54 -5.65 -41.53
C HIS A 245 44.38 -6.03 -40.07
N SER A 246 43.99 -7.28 -39.80
CA SER A 246 43.76 -7.75 -38.44
C SER A 246 43.69 -9.27 -38.43
N LYS A 247 44.50 -9.91 -37.59
CA LYS A 247 44.42 -11.34 -37.39
C LYS A 247 44.34 -11.62 -35.89
N ILE A 248 43.20 -12.15 -35.44
CA ILE A 248 43.00 -12.56 -34.06
C ILE A 248 42.82 -14.07 -33.98
N LEU A 249 43.74 -14.79 -33.32
CA LEU A 249 43.59 -16.22 -33.12
C LEU A 249 43.48 -16.49 -31.62
N SER A 250 42.27 -16.84 -31.15
CA SER A 250 42.05 -17.16 -29.75
C SER A 250 41.83 -18.66 -29.61
N VAL A 251 42.67 -19.37 -28.84
CA VAL A 251 42.59 -20.81 -28.70
C VAL A 251 42.25 -21.17 -27.25
N PRO A 252 40.97 -21.19 -26.83
CA PRO A 252 40.61 -21.69 -25.51
C PRO A 252 40.74 -23.20 -25.38
N ARG A 253 41.00 -23.69 -24.15
CA ARG A 253 41.12 -25.12 -23.88
C ARG A 253 40.59 -25.47 -22.48
N ILE A 254 40.06 -26.69 -22.34
CA ILE A 254 39.45 -27.16 -21.10
C ILE A 254 39.48 -28.68 -21.08
N LEU A 255 39.95 -29.27 -20.00
CA LEU A 255 39.87 -30.70 -19.81
C LEU A 255 38.74 -31.00 -18.85
N THR A 256 37.90 -31.97 -19.21
CA THR A 256 36.80 -32.36 -18.35
C THR A 256 36.56 -33.85 -18.51
N LEU A 257 36.17 -34.49 -17.42
CA LEU A 257 35.68 -35.85 -17.41
C LEU A 257 34.43 -35.95 -18.26
N SER A 258 34.27 -37.10 -18.93
CA SER A 258 33.10 -37.40 -19.71
C SER A 258 31.90 -37.25 -18.82
N GLY A 259 30.90 -36.55 -19.28
CA GLY A 259 29.66 -36.53 -18.55
C GLY A 259 29.67 -35.48 -17.46
N GLN A 260 30.63 -34.57 -17.53
CA GLN A 260 30.73 -33.50 -16.56
C GLN A 260 30.78 -32.20 -17.35
N LYS A 261 30.41 -31.10 -16.70
CA LYS A 261 30.41 -29.82 -17.36
C LYS A 261 31.72 -29.13 -17.02
N GLY A 262 32.29 -28.44 -17.99
CA GLY A 262 33.50 -27.70 -17.72
C GLY A 262 33.39 -26.36 -18.42
N SER A 263 33.95 -25.31 -17.81
CA SER A 263 33.93 -24.04 -18.48
C SER A 263 35.21 -23.28 -18.23
N ILE A 264 35.64 -22.51 -19.24
CA ILE A 264 36.76 -21.61 -19.10
C ILE A 264 36.28 -20.23 -19.52
N SER A 265 36.62 -19.22 -18.72
CA SER A 265 36.17 -17.87 -19.00
C SER A 265 37.32 -16.92 -18.68
N VAL A 266 37.76 -16.16 -19.69
CA VAL A 266 38.83 -15.19 -19.49
C VAL A 266 38.33 -13.90 -20.11
N GLY A 267 38.27 -12.85 -19.30
CA GLY A 267 37.82 -11.59 -19.83
C GLY A 267 37.63 -10.56 -18.73
N GLN A 268 36.43 -10.00 -18.69
CA GLN A 268 36.11 -8.97 -17.74
C GLN A 268 34.71 -9.20 -17.20
N ASN A 269 34.49 -8.84 -15.95
CA ASN A 269 33.17 -8.99 -15.39
C ASN A 269 32.59 -7.60 -15.31
N VAL A 270 31.53 -7.35 -16.09
CA VAL A 270 31.02 -6.02 -16.32
C VAL A 270 29.61 -5.94 -15.75
N PRO A 271 29.25 -4.86 -15.05
CA PRO A 271 27.90 -4.72 -14.55
C PRO A 271 26.99 -4.14 -15.62
N PHE A 272 25.78 -4.70 -15.70
CA PHE A 272 24.83 -4.26 -16.69
C PHE A 272 23.52 -3.93 -16.00
N ILE A 273 23.00 -2.74 -16.26
CA ILE A 273 21.75 -2.27 -15.70
C ILE A 273 20.60 -3.08 -16.27
N THR A 274 19.62 -3.46 -15.44
CA THR A 274 18.56 -4.38 -15.86
C THR A 274 17.14 -3.83 -15.64
N THR A 290 18.89 -1.18 -10.58
CA THR A 290 19.17 -2.65 -10.58
C THR A 290 20.32 -3.00 -11.53
N VAL A 291 21.33 -3.72 -11.01
CA VAL A 291 22.50 -4.12 -11.79
C VAL A 291 22.65 -5.64 -11.73
N GLU A 292 23.22 -6.23 -12.79
CA GLU A 292 23.48 -7.65 -12.88
C GLU A 292 24.82 -7.82 -13.58
N ARG A 293 25.75 -8.53 -12.94
CA ARG A 293 27.09 -8.60 -13.44
C ARG A 293 27.11 -9.72 -14.45
N GLN A 294 28.14 -9.75 -15.32
CA GLN A 294 28.13 -10.63 -16.45
C GLN A 294 29.50 -10.66 -17.09
N ASN A 295 29.96 -11.85 -17.43
CA ASN A 295 31.29 -11.99 -17.98
C ASN A 295 31.27 -11.56 -19.43
N VAL A 296 32.26 -10.78 -19.82
CA VAL A 296 32.37 -10.36 -21.20
C VAL A 296 33.80 -10.60 -21.65
N GLY A 297 34.02 -11.69 -22.38
CA GLY A 297 35.32 -12.00 -22.93
C GLY A 297 35.23 -13.32 -23.67
N ILE A 298 36.30 -14.11 -23.70
CA ILE A 298 36.26 -15.43 -24.29
C ILE A 298 35.77 -16.39 -23.23
N SER A 299 34.80 -17.24 -23.59
CA SER A 299 34.38 -18.32 -22.72
C SER A 299 34.01 -19.53 -23.56
N MET A 300 34.15 -20.72 -22.98
CA MET A 300 33.76 -21.94 -23.66
C MET A 300 33.19 -22.88 -22.61
N SER A 301 31.89 -23.18 -22.70
CA SER A 301 31.29 -24.14 -21.80
C SER A 301 31.11 -25.42 -22.58
N VAL A 302 31.47 -26.54 -21.97
CA VAL A 302 31.38 -27.78 -22.69
C VAL A 302 30.61 -28.77 -21.83
N PHE A 303 30.02 -29.76 -22.49
CA PHE A 303 29.47 -30.91 -21.81
C PHE A 303 29.66 -32.10 -22.72
N PRO A 304 30.82 -32.76 -22.71
CA PRO A 304 31.07 -33.90 -23.59
C PRO A 304 30.72 -35.25 -23.00
N VAL A 305 30.41 -36.21 -23.88
CA VAL A 305 30.12 -37.58 -23.50
C VAL A 305 30.81 -38.45 -24.52
N ALA A 306 31.78 -39.23 -24.07
CA ALA A 306 32.47 -40.13 -24.97
C ALA A 306 31.67 -41.40 -25.04
N MET A 307 31.80 -42.17 -26.11
CA MET A 307 30.87 -43.26 -26.34
C MET A 307 31.59 -44.60 -26.45
N ALA A 308 32.26 -44.84 -27.59
CA ALA A 308 32.78 -46.18 -27.85
C ALA A 308 34.30 -46.12 -28.04
N GLY A 319 37.33 -43.58 -31.05
CA GLY A 319 36.09 -43.31 -30.28
C GLY A 319 35.41 -42.02 -30.73
N ASN A 320 34.15 -41.83 -30.34
CA ASN A 320 33.42 -40.63 -30.69
C ASN A 320 33.11 -39.82 -29.45
N ILE A 321 32.82 -38.53 -29.63
CA ILE A 321 32.42 -37.67 -28.54
C ILE A 321 31.21 -36.85 -28.99
N VAL A 322 30.12 -36.88 -28.21
CA VAL A 322 29.06 -35.95 -28.48
C VAL A 322 29.30 -34.75 -27.59
N LEU A 323 29.25 -33.54 -28.15
CA LEU A 323 29.69 -32.36 -27.44
C LEU A 323 28.66 -31.24 -27.56
N ASP A 324 28.02 -30.88 -26.46
CA ASP A 324 27.24 -29.66 -26.42
C ASP A 324 28.20 -28.52 -26.12
N ILE A 325 28.24 -27.49 -26.95
CA ILE A 325 29.29 -26.49 -26.83
C ILE A 325 28.74 -25.09 -27.01
N THR A 326 29.16 -24.16 -26.15
CA THR A 326 28.93 -22.75 -26.38
C THR A 326 30.25 -22.00 -26.34
N ILE A 327 30.69 -21.41 -27.46
CA ILE A 327 31.88 -20.59 -27.48
C ILE A 327 31.44 -19.14 -27.63
N LYS A 328 31.77 -18.26 -26.68
CA LYS A 328 31.46 -16.84 -26.79
C LYS A 328 32.75 -16.02 -26.80
N ALA A 329 32.94 -15.15 -27.79
CA ALA A 329 34.06 -14.23 -27.81
C ALA A 329 33.55 -12.79 -27.84
N ASP A 330 33.53 -12.11 -26.70
CA ASP A 330 32.95 -10.78 -26.57
C ASP A 330 33.97 -9.76 -26.06
N SER A 331 33.66 -8.48 -26.22
CA SER A 331 34.49 -7.36 -25.81
C SER A 331 33.60 -6.15 -25.58
N LEU A 332 34.13 -5.10 -24.97
CA LEU A 332 33.34 -3.92 -24.67
C LEU A 332 33.54 -2.90 -25.77
N SER A 333 32.49 -2.13 -26.05
CA SER A 333 32.54 -1.10 -27.06
C SER A 333 32.66 0.26 -26.39
N SER A 334 33.18 1.23 -27.14
CA SER A 334 33.34 2.57 -26.62
C SER A 334 32.10 3.41 -26.94
N SER A 335 31.11 2.81 -27.59
CA SER A 335 29.90 3.50 -28.03
C SER A 335 29.07 3.89 -26.82
N THR A 336 28.60 5.13 -26.85
CA THR A 336 27.71 5.67 -25.83
C THR A 336 26.41 6.08 -26.48
N GLN A 337 25.91 5.23 -27.38
CA GLN A 337 24.73 5.53 -28.16
C GLN A 337 23.49 4.99 -27.48
N ALA A 338 23.64 4.40 -26.29
CA ALA A 338 22.50 3.75 -25.68
C ALA A 338 22.50 3.95 -24.18
N SER A 339 21.48 3.42 -23.51
CA SER A 339 21.31 3.56 -22.08
C SER A 339 22.58 3.13 -21.34
N ASP A 340 23.07 1.92 -21.63
CA ASP A 340 24.20 1.35 -20.90
C ASP A 340 25.34 1.03 -21.86
N VAL A 341 26.09 -0.03 -21.60
CA VAL A 341 27.32 -0.35 -22.32
C VAL A 341 27.00 -1.33 -23.44
N ILE A 342 27.47 -1.06 -24.67
CA ILE A 342 27.30 -1.96 -25.80
C ILE A 342 28.49 -2.90 -25.80
N THR A 343 28.26 -4.17 -26.14
CA THR A 343 29.27 -5.22 -26.15
C THR A 343 29.42 -5.69 -27.58
N ASN A 344 30.60 -6.14 -28.01
CA ASN A 344 30.76 -6.71 -29.33
C ASN A 344 30.65 -8.22 -29.16
N GLN A 345 29.65 -8.86 -29.76
CA GLN A 345 29.33 -10.25 -29.48
C GLN A 345 29.81 -11.14 -30.62
N ARG A 346 30.13 -12.38 -30.28
CA ARG A 346 30.41 -13.44 -31.24
C ARG A 346 30.17 -14.75 -30.51
N SER A 347 29.12 -15.50 -30.89
CA SER A 347 28.79 -16.73 -30.18
C SER A 347 28.34 -17.84 -31.12
N ILE A 348 28.73 -19.08 -30.79
CA ILE A 348 28.19 -20.28 -31.42
C ILE A 348 27.65 -21.13 -30.28
N ALA A 349 26.47 -21.72 -30.46
CA ALA A 349 26.06 -22.74 -29.52
C ALA A 349 25.45 -23.87 -30.30
N THR A 350 26.00 -25.07 -30.13
CA THR A 350 25.54 -26.19 -30.91
C THR A 350 25.82 -27.49 -30.16
N THR A 351 25.41 -28.60 -30.78
CA THR A 351 25.82 -29.91 -30.36
C THR A 351 26.33 -30.61 -31.59
N VAL A 352 27.52 -31.18 -31.51
CA VAL A 352 28.11 -31.87 -32.64
C VAL A 352 28.66 -33.21 -32.18
N ASN A 353 29.21 -33.93 -33.14
CA ASN A 353 29.71 -35.26 -32.93
C ASN A 353 31.11 -35.24 -33.51
N LEU A 354 32.09 -35.50 -32.66
CA LEU A 354 33.51 -35.40 -32.98
C LEU A 354 34.10 -36.77 -32.81
N ARG A 355 35.11 -37.11 -33.61
CA ARG A 355 35.94 -38.28 -33.38
C ARG A 355 37.05 -37.93 -32.39
N ASP A 356 37.95 -38.89 -32.14
CA ASP A 356 38.85 -38.87 -31.02
C ASP A 356 39.95 -37.84 -31.23
N GLY A 357 40.18 -37.39 -32.46
CA GLY A 357 41.21 -36.38 -32.61
C GLY A 357 41.04 -35.55 -33.86
N GLN A 358 39.82 -35.04 -34.05
CA GLN A 358 39.37 -34.42 -35.29
C GLN A 358 39.11 -32.95 -35.02
N THR A 359 39.23 -32.12 -36.05
CA THR A 359 38.82 -30.73 -35.94
C THR A 359 37.63 -30.52 -36.87
N LEU A 360 36.58 -29.88 -36.33
CA LEU A 360 35.37 -29.59 -37.06
C LEU A 360 35.23 -28.08 -37.19
N LEU A 361 34.53 -27.62 -38.23
CA LEU A 361 34.14 -26.22 -38.29
C LEU A 361 32.79 -26.05 -37.61
N LEU A 362 32.87 -25.83 -36.32
CA LEU A 362 31.69 -25.66 -35.51
C LEU A 362 30.86 -24.49 -36.01
N GLY A 363 31.38 -23.72 -36.95
CA GLY A 363 30.61 -22.62 -37.51
C GLY A 363 31.47 -21.50 -38.08
N GLY A 364 30.90 -20.33 -38.35
CA GLY A 364 31.70 -19.21 -38.86
C GLY A 364 30.83 -18.12 -39.45
N LEU A 365 31.45 -17.01 -39.93
CA LEU A 365 30.76 -16.01 -40.73
C LEU A 365 31.75 -15.24 -41.58
N THR A 366 31.61 -15.26 -42.91
CA THR A 366 32.43 -14.40 -43.73
C THR A 366 31.56 -13.26 -44.21
N ASP A 367 32.16 -12.09 -44.40
CA ASP A 367 31.43 -10.88 -44.72
C ASP A 367 32.24 -10.04 -45.69
N TYR A 368 31.56 -9.30 -46.57
CA TYR A 368 32.19 -8.53 -47.62
C TYR A 368 31.36 -7.30 -47.93
N LYS A 369 31.94 -6.11 -47.77
CA LYS A 369 31.24 -4.88 -48.05
C LYS A 369 32.03 -4.10 -49.10
N ASN A 370 31.42 -3.84 -50.26
CA ASN A 370 32.06 -3.06 -51.29
C ASN A 370 31.25 -1.79 -51.55
N THR A 371 31.33 -0.82 -50.65
CA THR A 371 30.66 0.46 -50.83
C THR A 371 31.42 1.34 -51.83
N SER A 372 30.70 2.21 -52.54
CA SER A 372 31.25 3.14 -53.54
C SER A 372 30.30 4.32 -53.74
N GLN A 373 30.84 5.54 -53.76
CA GLN A 373 30.04 6.76 -53.80
C GLN A 373 30.74 7.76 -54.72
N ASP A 374 30.00 8.74 -55.26
CA ASP A 374 30.55 9.60 -56.30
C ASP A 374 29.62 10.77 -56.59
N SER A 375 29.79 11.89 -55.88
CA SER A 375 29.09 13.12 -56.23
C SER A 375 29.90 13.91 -57.25
N GLY A 376 29.26 14.34 -58.34
CA GLY A 376 29.95 15.06 -59.39
C GLY A 376 29.13 16.23 -59.95
N VAL A 377 29.51 16.66 -61.15
CA VAL A 377 28.82 17.68 -61.91
C VAL A 377 28.44 17.07 -63.26
N PRO A 378 27.14 17.02 -63.62
CA PRO A 378 26.71 16.34 -64.86
C PRO A 378 27.07 17.15 -66.12
N GLY A 387 33.17 29.73 -62.01
CA GLY A 387 32.19 28.73 -61.53
C GLY A 387 32.88 27.52 -60.92
N LEU A 388 32.49 27.21 -59.67
CA LEU A 388 33.03 26.12 -58.87
C LEU A 388 32.65 24.77 -59.48
N LEU A 389 33.48 23.74 -59.21
CA LEU A 389 33.20 22.38 -59.66
C LEU A 389 33.71 21.40 -58.62
N PHE A 390 33.10 21.35 -57.43
CA PHE A 390 33.40 20.29 -56.47
C PHE A 390 33.05 18.93 -57.07
N SER A 391 33.86 17.89 -56.77
CA SER A 391 33.72 16.59 -57.41
C SER A 391 34.37 15.47 -56.58
N SER A 392 33.74 15.09 -55.47
CA SER A 392 34.27 14.08 -54.57
C SER A 392 34.03 12.67 -55.11
N ARG A 393 34.63 11.67 -54.44
CA ARG A 393 34.39 10.25 -54.68
C ARG A 393 34.92 9.42 -53.53
N SER A 394 34.03 8.68 -52.84
CA SER A 394 34.47 7.73 -51.82
C SER A 394 34.48 6.31 -52.39
N ASP A 395 35.14 5.40 -51.67
CA ASP A 395 35.09 3.97 -51.90
C ASP A 395 35.45 3.25 -50.60
N SER A 396 35.26 1.92 -50.60
CA SER A 396 35.52 1.08 -49.45
C SER A 396 35.44 -0.37 -49.91
N ASN A 397 36.23 -1.24 -49.27
CA ASN A 397 36.19 -2.64 -49.63
C ASN A 397 36.53 -3.51 -48.42
N GLU A 398 35.69 -3.46 -47.39
CA GLU A 398 35.83 -4.32 -46.22
C GLU A 398 35.61 -5.79 -46.59
N GLU A 399 36.43 -6.68 -46.03
CA GLU A 399 36.25 -8.12 -46.12
C GLU A 399 36.64 -8.76 -44.79
N SER A 400 35.82 -9.64 -44.25
CA SER A 400 36.07 -10.23 -42.93
C SER A 400 35.71 -11.70 -42.91
N THR A 401 36.43 -12.50 -42.11
CA THR A 401 36.11 -13.91 -42.04
C THR A 401 36.39 -14.45 -40.64
N LEU A 402 35.42 -15.17 -40.08
CA LEU A 402 35.52 -15.71 -38.75
C LEU A 402 35.34 -17.21 -38.86
N TYR A 403 36.20 -17.95 -38.18
CA TYR A 403 36.05 -19.38 -38.15
C TYR A 403 36.05 -19.84 -36.69
N VAL A 404 35.25 -20.84 -36.37
CA VAL A 404 35.28 -21.41 -35.04
C VAL A 404 35.49 -22.89 -35.23
N LEU A 405 36.64 -23.39 -34.78
CA LEU A 405 36.95 -24.79 -34.93
C LEU A 405 36.94 -25.47 -33.55
N VAL A 406 36.88 -26.80 -33.51
CA VAL A 406 36.91 -27.48 -32.24
C VAL A 406 37.59 -28.83 -32.38
N LYS A 407 38.54 -29.11 -31.50
CA LYS A 407 39.23 -30.39 -31.50
C LYS A 407 39.11 -31.03 -30.13
N ALA A 408 38.46 -32.19 -30.07
CA ALA A 408 38.38 -32.94 -28.83
C ALA A 408 39.28 -34.16 -28.92
N THR A 409 39.90 -34.50 -27.78
CA THR A 409 40.84 -35.60 -27.65
C THR A 409 40.63 -36.34 -26.32
N ILE A 410 40.35 -37.63 -26.41
CA ILE A 410 40.16 -38.48 -25.24
C ILE A 410 41.53 -38.78 -24.64
N VAL A 411 41.69 -38.50 -23.35
CA VAL A 411 42.95 -38.61 -22.64
C VAL A 411 43.17 -40.06 -22.18
N ARG A 412 42.13 -40.66 -21.58
CA ARG A 412 42.18 -41.99 -20.99
C ARG A 412 43.17 -42.00 -19.80
CA ASP B 108 11.31 -60.68 -10.33
C ASP B 108 11.97 -59.91 -11.48
N ASN B 109 12.41 -58.68 -11.19
CA ASN B 109 13.06 -57.84 -12.16
C ASN B 109 14.57 -58.02 -12.05
N VAL B 110 15.20 -58.33 -13.17
CA VAL B 110 16.65 -58.28 -13.24
C VAL B 110 17.07 -56.83 -13.55
N THR B 111 18.31 -56.47 -13.22
CA THR B 111 18.85 -55.17 -13.58
C THR B 111 20.12 -55.36 -14.39
N GLN B 112 20.09 -54.97 -15.68
CA GLN B 112 21.29 -55.04 -16.50
C GLN B 112 21.75 -53.65 -16.92
N THR B 113 23.00 -53.59 -17.41
CA THR B 113 23.54 -52.38 -18.02
C THR B 113 23.81 -52.64 -19.49
N PHE B 114 23.48 -51.64 -20.31
CA PHE B 114 23.62 -51.69 -21.75
C PHE B 114 24.52 -50.54 -22.17
N LYS B 115 25.51 -50.81 -23.02
CA LYS B 115 26.39 -49.77 -23.53
C LYS B 115 25.77 -49.17 -24.79
N ILE B 116 25.57 -47.86 -24.77
CA ILE B 116 25.03 -47.16 -25.91
C ILE B 116 26.23 -46.66 -26.69
N ASN B 117 26.26 -46.87 -28.01
CA ASN B 117 27.47 -46.65 -28.77
C ASN B 117 27.41 -45.38 -29.61
N ASN B 118 26.23 -45.08 -30.19
CA ASN B 118 26.15 -44.03 -31.19
C ASN B 118 25.48 -42.78 -30.66
N VAL B 119 24.56 -42.90 -29.73
CA VAL B 119 23.89 -41.69 -29.26
C VAL B 119 24.06 -41.60 -27.75
N ARG B 120 23.88 -40.41 -27.19
CA ARG B 120 23.98 -40.23 -25.76
C ARG B 120 22.91 -41.08 -25.09
N ALA B 121 23.26 -41.72 -23.99
CA ALA B 121 22.36 -42.69 -23.42
C ALA B 121 21.18 -42.00 -22.76
N LYS B 122 21.26 -40.68 -22.63
CA LYS B 122 20.28 -39.92 -21.88
C LYS B 122 19.04 -39.66 -22.73
N ASP B 123 19.22 -39.63 -24.06
CA ASP B 123 18.17 -39.39 -25.03
C ASP B 123 17.34 -40.64 -25.25
N LEU B 124 17.86 -41.79 -24.85
CA LEU B 124 17.21 -43.05 -25.07
C LEU B 124 16.62 -43.53 -23.75
N ILE B 125 16.04 -42.65 -22.94
CA ILE B 125 15.50 -43.04 -21.65
C ILE B 125 13.99 -43.19 -21.78
N ARG B 126 13.36 -42.24 -22.47
CA ARG B 126 11.93 -42.23 -22.66
C ARG B 126 11.51 -43.37 -23.57
N VAL B 127 12.32 -43.61 -24.59
CA VAL B 127 12.09 -44.65 -25.56
C VAL B 127 12.20 -45.99 -24.86
N VAL B 128 13.13 -46.10 -23.92
CA VAL B 128 13.42 -47.39 -23.33
C VAL B 128 12.50 -47.55 -22.14
N GLU B 129 11.96 -46.42 -21.68
CA GLU B 129 10.97 -46.47 -20.62
C GLU B 129 9.69 -47.11 -21.18
N LEU B 130 9.37 -46.89 -22.46
CA LEU B 130 8.23 -47.52 -23.11
C LEU B 130 8.47 -49.00 -23.31
N PHE B 131 9.65 -49.38 -23.78
CA PHE B 131 9.86 -50.78 -24.08
C PHE B 131 9.66 -51.61 -22.81
N VAL B 132 9.97 -51.01 -21.66
CA VAL B 132 9.98 -51.80 -20.45
C VAL B 132 8.67 -51.59 -19.72
N LYS B 133 7.95 -50.50 -20.01
CA LYS B 133 6.68 -50.24 -19.35
C LYS B 133 5.75 -51.43 -19.51
N SER B 134 4.89 -51.66 -18.49
CA SER B 134 3.89 -52.72 -18.46
C SER B 134 2.82 -52.39 -17.41
N SER B 140 10.68 -44.68 -12.21
CA SER B 140 12.09 -44.87 -12.63
C SER B 140 12.41 -46.36 -12.68
N ASN B 141 12.68 -46.84 -13.89
CA ASN B 141 13.10 -48.20 -14.10
C ASN B 141 14.27 -48.16 -15.05
N VAL B 142 14.44 -47.02 -15.74
CA VAL B 142 15.58 -46.82 -16.60
C VAL B 142 16.35 -45.60 -16.09
N LEU B 143 17.67 -45.75 -15.98
CA LEU B 143 18.55 -44.68 -15.57
C LEU B 143 19.74 -44.63 -16.52
N SER B 144 20.41 -43.49 -16.60
CA SER B 144 21.58 -43.34 -17.44
C SER B 144 22.79 -42.92 -16.61
N VAL B 145 23.88 -43.68 -16.72
CA VAL B 145 25.14 -43.27 -16.16
C VAL B 145 25.86 -42.54 -17.30
N ASP B 146 25.94 -41.20 -17.21
CA ASP B 146 26.32 -40.35 -18.34
C ASP B 146 27.81 -40.46 -18.65
N GLY B 147 28.59 -40.84 -17.66
CA GLY B 147 30.03 -40.89 -17.80
C GLY B 147 30.41 -41.89 -18.86
N SER B 148 29.95 -43.13 -18.67
CA SER B 148 30.36 -44.21 -19.54
C SER B 148 29.25 -44.63 -20.52
N ASN B 149 28.32 -43.71 -20.83
CA ASN B 149 27.19 -43.91 -21.73
C ASN B 149 26.59 -45.29 -21.53
N LEU B 150 25.82 -45.41 -20.46
CA LEU B 150 25.28 -46.69 -20.10
C LEU B 150 23.83 -46.49 -19.72
N LEU B 151 22.99 -47.51 -20.00
CA LEU B 151 21.62 -47.52 -19.53
C LEU B 151 21.42 -48.68 -18.56
N VAL B 152 21.08 -48.37 -17.32
CA VAL B 152 20.73 -49.39 -16.35
C VAL B 152 19.22 -49.52 -16.38
N VAL B 153 18.69 -50.70 -16.80
CA VAL B 153 17.25 -50.93 -16.89
C VAL B 153 16.85 -52.07 -15.95
N SER B 154 15.73 -51.91 -15.23
CA SER B 154 15.17 -52.97 -14.41
C SER B 154 13.81 -53.41 -14.96
N ALA B 155 13.70 -54.66 -15.42
CA ALA B 155 12.49 -55.16 -16.03
C ALA B 155 12.53 -56.68 -16.02
N PRO B 156 11.42 -57.43 -16.16
CA PRO B 156 11.49 -58.87 -16.31
C PRO B 156 12.52 -59.35 -17.32
N LYS B 157 13.09 -60.52 -17.11
CA LYS B 157 14.18 -61.04 -17.93
C LYS B 157 13.78 -61.14 -19.39
N ASP B 158 12.54 -61.56 -19.63
CA ASP B 158 11.98 -61.72 -20.98
C ASP B 158 12.09 -60.39 -21.71
N ILE B 159 11.56 -59.33 -21.10
CA ILE B 159 11.63 -57.99 -21.66
C ILE B 159 13.10 -57.65 -21.89
N LEU B 160 13.96 -58.01 -20.93
CA LEU B 160 15.34 -57.60 -21.00
C LEU B 160 16.12 -58.48 -21.95
N ASP B 161 15.44 -59.43 -22.57
CA ASP B 161 16.11 -60.28 -23.53
C ASP B 161 15.96 -59.71 -24.94
N ASN B 162 14.90 -58.92 -25.13
CA ASN B 162 14.58 -58.29 -26.40
C ASN B 162 15.12 -56.86 -26.45
N LEU B 163 15.54 -56.30 -25.31
CA LEU B 163 16.06 -54.95 -25.31
C LEU B 163 17.28 -54.83 -26.22
N PRO B 164 18.22 -55.79 -26.28
CA PRO B 164 19.30 -55.70 -27.27
C PRO B 164 18.88 -55.38 -28.70
N GLN B 165 17.76 -55.92 -29.20
CA GLN B 165 17.37 -55.69 -30.58
C GLN B 165 16.52 -54.44 -30.76
N PHE B 166 16.08 -53.82 -29.67
CA PHE B 166 15.41 -52.54 -29.78
C PHE B 166 16.46 -51.45 -29.80
N LEU B 167 17.59 -51.70 -29.14
CA LEU B 167 18.59 -50.66 -29.05
C LEU B 167 19.46 -50.71 -30.29
N SER B 168 19.05 -51.48 -31.28
CA SER B 168 19.79 -51.49 -32.52
C SER B 168 18.94 -50.83 -33.60
N THR B 169 17.78 -50.33 -33.19
CA THR B 169 16.86 -49.64 -34.07
C THR B 169 16.59 -48.24 -33.54
N VAL B 170 17.23 -47.88 -32.44
CA VAL B 170 16.92 -46.62 -31.80
C VAL B 170 18.23 -45.91 -31.47
N ASP B 171 19.32 -46.66 -31.50
CA ASP B 171 20.61 -46.13 -31.13
C ASP B 171 21.48 -46.15 -32.38
N LEU B 172 21.16 -45.26 -33.31
CA LEU B 172 21.77 -45.28 -34.63
C LEU B 172 22.71 -44.08 -34.74
N PRO B 173 23.67 -44.10 -35.69
CA PRO B 173 24.55 -42.95 -35.92
C PRO B 173 23.83 -41.74 -36.50
N THR B 174 23.72 -40.68 -35.71
CA THR B 174 23.05 -39.46 -36.13
C THR B 174 23.93 -38.76 -37.14
N ASP B 175 23.28 -37.98 -38.02
CA ASP B 175 23.96 -37.18 -39.03
C ASP B 175 24.15 -35.76 -38.53
N GLN B 176 25.20 -35.12 -39.04
CA GLN B 176 25.46 -33.72 -38.78
C GLN B 176 25.19 -32.95 -40.05
N ILE B 177 24.69 -31.73 -39.91
CA ILE B 177 24.26 -30.95 -41.05
C ILE B 177 25.04 -29.63 -41.01
N LEU B 178 25.41 -29.15 -42.20
CA LEU B 178 26.10 -27.88 -42.31
C LEU B 178 25.21 -26.92 -43.06
N ILE B 179 24.52 -26.05 -42.31
CA ILE B 179 23.69 -25.01 -42.87
C ILE B 179 24.61 -23.86 -43.21
N GLU B 180 24.38 -23.21 -44.34
CA GLU B 180 25.23 -22.13 -44.80
C GLU B 180 24.32 -21.04 -45.34
N GLY B 181 24.02 -20.05 -44.50
CA GLY B 181 23.20 -18.91 -44.90
C GLY B 181 23.97 -18.01 -45.86
N LEU B 182 23.25 -17.24 -46.68
CA LEU B 182 23.84 -16.27 -47.58
C LEU B 182 22.92 -15.07 -47.71
N ILE B 183 23.33 -13.91 -47.20
CA ILE B 183 22.59 -12.67 -47.35
C ILE B 183 23.33 -11.81 -48.37
N PHE B 184 22.61 -11.16 -49.30
CA PHE B 184 23.22 -10.40 -50.37
C PHE B 184 22.41 -9.15 -50.71
N GLU B 185 22.95 -7.96 -50.45
CA GLU B 185 22.20 -6.75 -50.69
C GLU B 185 22.98 -5.84 -51.64
N VAL B 186 22.48 -5.65 -52.86
CA VAL B 186 23.04 -4.68 -53.78
C VAL B 186 22.17 -3.43 -53.77
N GLN B 187 22.72 -2.25 -53.44
CA GLN B 187 21.96 -1.02 -53.58
C GLN B 187 22.63 -0.05 -54.56
N GLN B 188 22.01 0.20 -55.72
CA GLN B 188 22.41 1.29 -56.60
C GLN B 188 21.75 2.58 -56.11
N GLY B 189 21.77 3.63 -56.94
CA GLY B 189 21.28 4.95 -56.54
C GLY B 189 21.91 6.07 -57.37
N ASP B 190 21.11 7.12 -57.65
CA ASP B 190 21.51 8.31 -58.38
C ASP B 190 20.65 9.49 -57.93
N ALA B 191 20.89 10.67 -58.51
CA ALA B 191 20.19 11.90 -58.16
C ALA B 191 20.64 13.01 -59.11
N LEU B 192 19.84 14.09 -59.23
CA LEU B 192 20.20 15.20 -60.09
C LEU B 192 19.47 16.48 -59.69
N ASP B 193 19.83 17.08 -58.55
CA ASP B 193 19.35 18.42 -58.27
C ASP B 193 19.91 19.40 -59.31
N PHE B 194 19.10 20.39 -59.73
CA PHE B 194 19.47 21.27 -60.82
C PHE B 194 18.69 22.59 -60.78
N SER B 195 19.22 23.59 -60.06
CA SER B 195 18.64 24.93 -60.02
C SER B 195 19.02 25.73 -61.27
N PHE B 196 18.25 26.80 -61.56
CA PHE B 196 18.49 27.68 -62.69
C PHE B 196 17.92 29.05 -62.35
N ALA B 197 18.24 29.53 -61.15
CA ALA B 197 17.92 30.90 -60.77
C ALA B 197 18.39 31.85 -61.88
N ALA B 198 17.53 32.82 -62.23
CA ALA B 198 17.82 33.74 -63.33
C ALA B 198 17.70 35.20 -62.87
N LEU B 235 22.57 34.84 -63.09
CA LEU B 235 22.20 33.49 -63.57
C LEU B 235 23.01 32.43 -62.84
N SER B 236 22.66 32.15 -61.59
CA SER B 236 23.25 31.04 -60.85
C SER B 236 22.63 29.74 -61.32
N VAL B 237 23.47 28.70 -61.55
CA VAL B 237 23.03 27.37 -61.95
C VAL B 237 23.71 26.31 -61.07
N ARG B 238 23.10 25.97 -59.93
CA ARG B 238 23.61 24.86 -59.15
C ARG B 238 23.23 23.55 -59.85
N ALA B 239 24.05 22.51 -59.62
CA ALA B 239 23.75 21.13 -60.02
C ALA B 239 24.29 20.16 -58.99
N LEU B 240 24.13 18.86 -59.26
CA LEU B 240 24.60 17.75 -58.46
C LEU B 240 24.29 16.47 -59.23
N LYS B 241 25.18 15.50 -59.15
CA LYS B 241 24.91 14.20 -59.73
C LYS B 241 25.52 13.13 -58.84
N THR B 242 24.89 12.92 -57.69
CA THR B 242 25.34 11.90 -56.75
C THR B 242 24.96 10.51 -57.26
N ASN B 243 25.95 9.65 -57.53
CA ASN B 243 25.75 8.21 -57.62
C ASN B 243 26.13 7.53 -56.29
N SER B 244 25.93 6.21 -56.24
CA SER B 244 26.18 5.38 -55.07
C SER B 244 25.93 3.91 -55.41
N HIS B 245 26.74 3.03 -54.80
CA HIS B 245 26.68 1.60 -55.01
C HIS B 245 27.00 0.93 -53.69
N SER B 246 26.60 -0.34 -53.54
CA SER B 246 26.81 -1.07 -52.30
C SER B 246 26.59 -2.56 -52.54
N LYS B 247 27.57 -3.38 -52.18
CA LYS B 247 27.41 -4.81 -52.21
C LYS B 247 27.82 -5.39 -50.86
N ILE B 248 26.86 -5.97 -50.14
CA ILE B 248 27.11 -6.64 -48.88
C ILE B 248 26.81 -8.14 -49.03
N LEU B 249 27.82 -9.00 -48.88
CA LEU B 249 27.61 -10.44 -48.90
C LEU B 249 27.98 -11.01 -47.53
N SER B 250 26.99 -11.40 -46.74
CA SER B 250 27.24 -12.02 -45.44
C SER B 250 26.91 -13.50 -45.50
N VAL B 251 27.88 -14.37 -45.22
CA VAL B 251 27.70 -15.81 -45.32
C VAL B 251 27.85 -16.44 -43.94
N PRO B 252 26.80 -16.52 -43.09
CA PRO B 252 26.86 -17.26 -41.85
C PRO B 252 26.87 -18.77 -42.04
N ARG B 253 27.48 -19.51 -41.11
CA ARG B 253 27.55 -20.97 -41.15
C ARG B 253 27.50 -21.57 -39.76
N ILE B 254 26.92 -22.79 -39.66
CA ILE B 254 26.74 -23.47 -38.39
C ILE B 254 26.62 -24.97 -38.67
N LEU B 255 27.37 -25.79 -37.94
CA LEU B 255 27.21 -27.22 -38.00
C LEU B 255 26.43 -27.67 -36.77
N THR B 256 25.43 -28.52 -36.97
CA THR B 256 24.67 -29.05 -35.86
C THR B 256 24.22 -30.46 -36.19
N LEU B 257 24.17 -31.30 -35.17
CA LEU B 257 23.57 -32.62 -35.22
C LEU B 257 22.10 -32.51 -35.58
N SER B 258 21.61 -33.49 -36.33
CA SER B 258 20.21 -33.57 -36.70
C SER B 258 19.42 -33.58 -35.42
N GLY B 259 18.40 -32.76 -35.37
CA GLY B 259 17.50 -32.85 -34.24
C GLY B 259 17.99 -32.05 -33.05
N GLN B 260 18.95 -31.19 -33.29
CA GLN B 260 19.49 -30.33 -32.25
C GLN B 260 19.41 -28.90 -32.75
N LYS B 261 19.40 -27.95 -31.82
CA LYS B 261 19.30 -26.57 -32.19
C LYS B 261 20.71 -26.01 -32.23
N GLY B 262 20.98 -25.14 -33.21
CA GLY B 262 22.28 -24.51 -33.26
C GLY B 262 22.09 -23.07 -33.62
N SER B 263 22.93 -22.18 -33.08
CA SER B 263 22.81 -20.80 -33.45
C SER B 263 24.18 -20.15 -33.54
N ILE B 264 24.30 -19.20 -34.47
CA ILE B 264 25.48 -18.39 -34.60
C ILE B 264 25.04 -16.93 -34.55
N SER B 265 25.73 -16.13 -33.75
CA SER B 265 25.37 -14.73 -33.60
C SER B 265 26.64 -13.91 -33.54
N VAL B 266 26.79 -12.98 -34.49
CA VAL B 266 27.94 -12.10 -34.52
C VAL B 266 27.41 -10.70 -34.67
N GLY B 267 27.75 -9.84 -33.72
CA GLY B 267 27.26 -8.48 -33.80
C GLY B 267 27.57 -7.70 -32.54
N GLN B 268 26.54 -7.12 -31.97
CA GLN B 268 26.68 -6.30 -30.80
C GLN B 268 25.52 -6.59 -29.85
N ASN B 269 25.78 -6.49 -28.55
CA ASN B 269 24.73 -6.69 -27.60
C ASN B 269 24.36 -5.32 -27.06
N VAL B 270 23.13 -4.90 -27.35
CA VAL B 270 22.72 -3.53 -27.13
C VAL B 270 21.61 -3.53 -26.10
N PRO B 271 21.61 -2.60 -25.13
CA PRO B 271 20.54 -2.52 -24.18
C PRO B 271 19.38 -1.70 -24.72
N PHE B 272 18.17 -2.19 -24.47
CA PHE B 272 16.99 -1.53 -24.95
C PHE B 272 16.03 -1.31 -23.78
N ILE B 273 15.59 -0.06 -23.60
CA ILE B 273 14.67 0.31 -22.55
C ILE B 273 13.32 -0.33 -22.82
N THR B 274 12.64 -0.82 -21.78
CA THR B 274 11.42 -1.60 -21.95
C THR B 274 10.22 -1.08 -21.13
N THR B 290 13.87 0.40 -16.65
CA THR B 290 13.99 -1.05 -17.02
C THR B 290 14.69 -1.22 -18.37
N VAL B 291 15.74 -2.06 -18.40
CA VAL B 291 16.52 -2.33 -19.60
C VAL B 291 16.52 -3.82 -19.87
N GLU B 292 16.62 -4.20 -21.15
CA GLU B 292 16.69 -5.58 -21.59
C GLU B 292 17.68 -5.64 -22.76
N ARG B 293 18.69 -6.49 -22.61
CA ARG B 293 19.78 -6.51 -23.57
C ARG B 293 19.32 -7.39 -24.71
N GLN B 294 19.98 -7.27 -25.87
CA GLN B 294 19.49 -7.92 -27.07
C GLN B 294 20.54 -7.85 -28.15
N ASN B 295 20.73 -8.96 -28.84
CA ASN B 295 21.77 -9.03 -29.83
C ASN B 295 21.30 -8.30 -31.08
N VAL B 296 22.18 -7.50 -31.66
CA VAL B 296 21.83 -6.82 -32.89
C VAL B 296 22.99 -7.00 -33.84
N GLY B 297 22.83 -7.91 -34.80
CA GLY B 297 23.83 -8.16 -35.82
C GLY B 297 23.34 -9.29 -36.71
N ILE B 298 24.25 -10.09 -37.27
CA ILE B 298 23.88 -11.26 -38.04
C ILE B 298 23.68 -12.40 -37.06
N SER B 299 22.56 -13.12 -37.19
CA SER B 299 22.36 -14.34 -36.45
C SER B 299 21.59 -15.34 -37.31
N MET B 300 21.81 -16.63 -37.05
CA MET B 300 21.08 -17.66 -37.73
C MET B 300 20.82 -18.79 -36.75
N SER B 301 19.55 -19.02 -36.42
CA SER B 301 19.19 -20.12 -35.56
C SER B 301 18.61 -21.20 -36.43
N VAL B 302 19.05 -22.43 -36.20
CA VAL B 302 18.59 -23.50 -37.05
C VAL B 302 18.07 -24.62 -36.18
N PHE B 303 17.18 -25.43 -36.75
CA PHE B 303 16.78 -26.68 -36.14
C PHE B 303 16.53 -27.66 -37.26
N PRO B 304 17.55 -28.35 -37.79
CA PRO B 304 17.37 -29.30 -38.89
C PRO B 304 17.10 -30.72 -38.47
N VAL B 305 16.39 -31.47 -39.33
CA VAL B 305 16.11 -32.87 -39.13
C VAL B 305 16.32 -33.54 -40.47
N ALA B 306 17.30 -34.42 -40.55
CA ALA B 306 17.55 -35.14 -41.78
C ALA B 306 16.64 -36.35 -41.78
N MET B 307 16.33 -36.88 -42.96
CA MET B 307 15.27 -37.87 -43.02
C MET B 307 15.75 -39.18 -43.63
N ALA B 308 15.95 -39.21 -44.95
CA ALA B 308 16.21 -40.47 -45.63
C ALA B 308 17.58 -40.42 -46.34
N GLY B 319 19.63 -37.41 -49.72
CA GLY B 319 18.75 -37.28 -48.53
C GLY B 319 18.10 -35.91 -48.46
N ASN B 320 17.09 -35.76 -47.60
CA ASN B 320 16.41 -34.48 -47.46
C ASN B 320 16.63 -33.94 -46.06
N ILE B 321 16.43 -32.63 -45.88
CA ILE B 321 16.52 -32.00 -44.58
C ILE B 321 15.32 -31.08 -44.41
N VAL B 322 14.57 -31.22 -43.33
CA VAL B 322 13.57 -30.22 -43.03
C VAL B 322 14.23 -29.24 -42.08
N LEU B 323 14.12 -27.93 -42.35
CA LEU B 323 14.90 -26.95 -41.64
C LEU B 323 14.01 -25.79 -41.18
N ASP B 324 13.82 -25.64 -39.88
CA ASP B 324 13.25 -24.43 -39.33
C ASP B 324 14.37 -23.42 -39.20
N ILE B 325 14.22 -22.22 -39.79
CA ILE B 325 15.36 -21.31 -39.87
C ILE B 325 14.92 -19.89 -39.58
N THR B 326 15.71 -19.17 -38.78
CA THR B 326 15.55 -17.74 -38.64
C THR B 326 16.87 -17.06 -38.96
N ILE B 327 16.96 -16.26 -40.03
CA ILE B 327 18.16 -15.48 -40.32
C ILE B 327 17.83 -14.03 -40.04
N LYS B 328 18.56 -13.37 -39.13
CA LYS B 328 18.38 -11.95 -38.87
C LYS B 328 19.67 -11.19 -39.18
N ALA B 329 19.60 -10.14 -39.99
CA ALA B 329 20.74 -9.28 -40.24
C ALA B 329 20.39 -7.85 -39.83
N ASP B 330 20.84 -7.42 -38.64
CA ASP B 330 20.48 -6.12 -38.09
C ASP B 330 21.72 -5.28 -37.80
N SER B 331 21.51 -3.98 -37.60
CA SER B 331 22.54 -2.99 -37.33
C SER B 331 21.92 -1.84 -36.56
N LEU B 332 22.74 -0.95 -36.01
CA LEU B 332 22.22 0.17 -35.25
C LEU B 332 22.13 1.39 -36.14
N SER B 333 21.14 2.24 -35.88
CA SER B 333 20.93 3.45 -36.64
C SER B 333 21.43 4.65 -35.83
N SER B 334 21.75 5.72 -36.52
CA SER B 334 22.22 6.92 -35.86
C SER B 334 21.05 7.86 -35.56
N SER B 335 19.83 7.43 -35.92
CA SER B 335 18.62 8.24 -35.74
C SER B 335 18.32 8.40 -34.27
N THR B 336 17.98 9.63 -33.90
CA THR B 336 17.57 9.97 -32.56
C THR B 336 16.17 10.56 -32.61
N GLN B 337 15.30 9.93 -33.41
CA GLN B 337 13.96 10.41 -33.65
C GLN B 337 13.00 9.78 -32.67
N ALA B 338 13.49 8.96 -31.75
CA ALA B 338 12.56 8.23 -30.90
C ALA B 338 13.10 8.13 -29.48
N SER B 339 12.32 7.50 -28.61
CA SER B 339 12.67 7.35 -27.21
C SER B 339 14.05 6.74 -27.05
N ASP B 340 14.30 5.60 -27.70
CA ASP B 340 15.55 4.86 -27.54
C ASP B 340 16.25 4.71 -28.89
N VAL B 341 16.92 3.59 -29.12
CA VAL B 341 17.78 3.38 -30.28
C VAL B 341 16.98 2.67 -31.37
N ILE B 342 17.04 3.17 -32.61
CA ILE B 342 16.39 2.53 -33.76
C ILE B 342 17.41 1.58 -34.35
N THR B 343 16.94 0.41 -34.81
CA THR B 343 17.78 -0.64 -35.36
C THR B 343 17.37 -0.82 -36.82
N ASN B 344 18.28 -1.21 -37.72
CA ASN B 344 17.91 -1.52 -39.08
C ASN B 344 17.71 -3.01 -39.16
N GLN B 345 16.49 -3.48 -39.46
CA GLN B 345 16.14 -4.89 -39.34
C GLN B 345 16.11 -5.53 -40.73
N ARG B 346 16.40 -6.82 -40.76
CA ARG B 346 16.23 -7.67 -41.93
C ARG B 346 16.11 -9.10 -41.42
N SER B 347 14.93 -9.73 -41.52
CA SER B 347 14.74 -11.07 -40.99
C SER B 347 13.89 -11.94 -41.89
N ILE B 348 14.23 -13.23 -41.96
CA ILE B 348 13.40 -14.26 -42.56
C ILE B 348 13.18 -15.31 -41.48
N ALA B 349 11.95 -15.79 -41.32
CA ALA B 349 11.79 -16.99 -40.51
C ALA B 349 10.84 -17.92 -41.22
N THR B 350 11.29 -19.14 -41.47
CA THR B 350 10.48 -20.07 -42.22
C THR B 350 10.86 -21.50 -41.86
N THR B 351 10.16 -22.43 -42.49
CA THR B 351 10.54 -23.82 -42.48
C THR B 351 10.52 -24.27 -43.93
N VAL B 352 11.60 -24.89 -44.38
CA VAL B 352 11.68 -25.35 -45.74
C VAL B 352 12.21 -26.77 -45.77
N ASN B 353 12.32 -27.30 -46.97
CA ASN B 353 12.73 -28.65 -47.20
C ASN B 353 13.84 -28.56 -48.23
N LEU B 354 15.03 -29.02 -47.85
CA LEU B 354 16.25 -28.89 -48.64
C LEU B 354 16.71 -30.30 -48.94
N ARG B 355 17.33 -30.51 -50.10
CA ARG B 355 18.08 -31.72 -50.40
C ARG B 355 19.49 -31.61 -49.82
N ASP B 356 20.32 -32.63 -50.10
CA ASP B 356 21.55 -32.87 -49.39
C ASP B 356 22.61 -31.85 -49.78
N GLY B 357 22.45 -31.17 -50.89
CA GLY B 357 23.46 -30.18 -51.21
C GLY B 357 22.95 -29.11 -52.15
N GLN B 358 21.81 -28.54 -51.80
CA GLN B 358 21.04 -27.66 -52.66
C GLN B 358 21.04 -26.27 -52.05
N THR B 359 20.87 -25.25 -52.89
CA THR B 359 20.66 -23.90 -52.39
C THR B 359 19.26 -23.47 -52.78
N LEU B 360 18.53 -22.91 -51.80
CA LEU B 360 17.18 -22.45 -52.00
C LEU B 360 17.16 -20.94 -51.80
N LEU B 361 16.20 -20.25 -52.40
CA LEU B 361 15.95 -18.85 -52.07
C LEU B 361 14.96 -18.79 -50.92
N LEU B 362 15.49 -18.84 -49.73
CA LEU B 362 14.68 -18.80 -48.53
C LEU B 362 13.86 -17.52 -48.49
N GLY B 363 14.12 -16.60 -49.41
CA GLY B 363 13.30 -15.39 -49.47
C GLY B 363 14.03 -14.20 -50.08
N GLY B 364 13.52 -12.98 -49.92
CA GLY B 364 14.20 -11.82 -50.47
C GLY B 364 13.30 -10.58 -50.49
N LEU B 365 13.83 -9.44 -50.94
CA LEU B 365 13.02 -8.26 -51.24
C LEU B 365 13.73 -7.35 -52.24
N THR B 366 13.14 -7.10 -53.41
CA THR B 366 13.72 -6.10 -54.28
C THR B 366 12.86 -4.86 -54.19
N ASP B 367 13.48 -3.69 -54.35
CA ASP B 367 12.83 -2.41 -54.16
C ASP B 367 13.33 -1.43 -55.21
N TYR B 368 12.46 -0.50 -55.63
CA TYR B 368 12.77 0.44 -56.68
C TYR B 368 12.02 1.74 -56.43
N LYS B 369 12.74 2.85 -56.27
CA LYS B 369 12.12 4.16 -56.07
C LYS B 369 12.58 5.09 -57.18
N ASN B 370 11.64 5.60 -57.97
CA ASN B 370 11.97 6.55 -59.01
C ASN B 370 11.24 7.87 -58.73
N THR B 371 11.73 8.64 -57.75
CA THR B 371 11.17 9.95 -57.45
C THR B 371 11.62 10.99 -58.47
N SER B 372 10.79 12.02 -58.70
CA SER B 372 11.05 13.11 -59.65
C SER B 372 10.22 14.34 -59.28
N GLN B 373 10.84 15.52 -59.28
CA GLN B 373 10.21 16.74 -58.80
C GLN B 373 10.65 17.89 -59.71
N ASP B 374 9.88 18.98 -59.77
CA ASP B 374 10.12 20.03 -60.76
C ASP B 374 9.28 21.26 -60.48
N SER B 375 9.80 22.21 -59.69
CA SER B 375 9.14 23.49 -59.54
C SER B 375 9.64 24.44 -60.63
N GLY B 376 8.72 25.11 -61.32
CA GLY B 376 9.09 26.04 -62.38
C GLY B 376 8.24 27.31 -62.39
N VAL B 377 8.21 27.96 -63.56
CA VAL B 377 7.42 29.15 -63.82
C VAL B 377 6.55 28.83 -65.03
N PRO B 378 5.20 28.89 -64.91
CA PRO B 378 4.30 28.52 -66.01
C PRO B 378 4.29 29.54 -67.14
N GLY B 387 12.69 40.80 -63.27
CA GLY B 387 11.84 39.76 -62.67
C GLY B 387 12.57 38.42 -62.57
N LEU B 388 12.61 37.88 -61.35
CA LEU B 388 13.27 36.63 -61.00
C LEU B 388 12.57 35.45 -61.68
N LEU B 389 13.33 34.36 -61.92
CA LEU B 389 12.78 33.14 -62.47
C LEU B 389 13.51 31.93 -61.88
N PHE B 390 13.34 31.67 -60.59
CA PHE B 390 13.85 30.43 -60.01
C PHE B 390 13.17 29.22 -60.67
N SER B 391 13.92 28.13 -60.87
CA SER B 391 13.43 26.98 -61.64
C SER B 391 14.20 25.69 -61.33
N SER B 392 13.95 25.11 -60.15
CA SER B 392 14.65 23.92 -59.70
C SER B 392 14.10 22.65 -60.36
N ARG B 393 14.78 21.52 -60.14
CA ARG B 393 14.32 20.19 -60.54
C ARG B 393 15.13 19.13 -59.81
N SER B 394 14.48 18.29 -59.01
CA SER B 394 15.13 17.13 -58.40
C SER B 394 14.81 15.87 -59.18
N ASP B 395 15.58 14.81 -58.93
CA ASP B 395 15.30 13.45 -59.39
C ASP B 395 16.00 12.48 -58.45
N SER B 396 15.69 11.19 -58.62
CA SER B 396 16.23 10.10 -57.82
C SER B 396 15.85 8.79 -58.47
N ASN B 397 16.72 7.78 -58.34
CA ASN B 397 16.42 6.49 -58.90
C ASN B 397 17.07 5.37 -58.09
N GLU B 398 16.65 5.24 -56.82
CA GLU B 398 17.09 4.15 -55.95
C GLU B 398 16.61 2.80 -56.47
N GLU B 399 17.47 1.78 -56.42
CA GLU B 399 17.11 0.40 -56.70
C GLU B 399 17.87 -0.51 -55.73
N SER B 400 17.19 -1.46 -55.09
CA SER B 400 17.83 -2.30 -54.08
C SER B 400 17.34 -3.74 -54.19
N THR B 401 18.20 -4.71 -53.87
CA THR B 401 17.77 -6.10 -53.96
C THR B 401 18.46 -6.94 -52.89
N LEU B 402 17.68 -7.71 -52.15
CA LEU B 402 18.17 -8.53 -51.06
C LEU B 402 17.81 -9.97 -51.36
N TYR B 403 18.77 -10.84 -51.19
CA TYR B 403 18.50 -12.24 -51.36
C TYR B 403 18.95 -13.00 -50.12
N VAL B 404 18.21 -14.03 -49.73
CA VAL B 404 18.63 -14.86 -48.63
C VAL B 404 18.61 -16.28 -49.15
N LEU B 405 19.79 -16.90 -49.22
CA LEU B 405 19.90 -18.24 -49.74
C LEU B 405 20.28 -19.18 -48.60
N VAL B 406 20.10 -20.49 -48.76
CA VAL B 406 20.48 -21.41 -47.72
C VAL B 406 20.93 -22.72 -48.34
N LYS B 407 22.09 -23.22 -47.91
CA LYS B 407 22.61 -24.48 -48.40
C LYS B 407 22.90 -25.40 -47.22
N ALA B 408 22.19 -26.53 -47.15
CA ALA B 408 22.47 -27.51 -46.12
C ALA B 408 23.15 -28.71 -46.74
N THR B 409 24.09 -29.29 -45.99
CA THR B 409 24.90 -30.43 -46.40
C THR B 409 25.08 -31.42 -45.25
N ILE B 410 24.66 -32.66 -45.45
CA ILE B 410 24.80 -33.72 -44.47
C ILE B 410 26.25 -34.18 -44.48
N VAL B 411 26.87 -34.18 -43.29
CA VAL B 411 28.28 -34.48 -43.10
C VAL B 411 28.50 -35.99 -43.03
N ARG B 412 27.67 -36.67 -42.23
CA ARG B 412 27.79 -38.10 -41.94
C ARG B 412 29.11 -38.38 -41.21
CA ASP C 108 0.72 -57.58 -24.53
C ASP C 108 1.01 -56.62 -25.68
N ASN C 109 1.67 -55.50 -25.34
CA ASN C 109 2.03 -54.48 -26.30
C ASN C 109 3.44 -54.74 -26.78
N VAL C 110 3.62 -54.82 -28.09
CA VAL C 110 4.96 -54.81 -28.66
C VAL C 110 5.38 -53.35 -28.84
N THR C 111 6.69 -53.09 -28.93
CA THR C 111 7.20 -51.77 -29.21
C THR C 111 8.08 -51.84 -30.45
N GLN C 112 7.66 -51.19 -31.53
CA GLN C 112 8.49 -51.13 -32.73
C GLN C 112 8.93 -49.69 -33.02
N THR C 113 9.94 -49.55 -33.90
CA THR C 113 10.35 -48.27 -34.43
C THR C 113 10.07 -48.24 -35.93
N PHE C 114 9.59 -47.08 -36.39
CA PHE C 114 9.22 -46.85 -37.77
C PHE C 114 10.03 -45.65 -38.26
N LYS C 115 10.63 -45.77 -39.44
CA LYS C 115 11.38 -44.68 -40.04
C LYS C 115 10.43 -43.82 -40.86
N ILE C 116 10.39 -42.52 -40.54
CA ILE C 116 9.55 -41.59 -41.25
C ILE C 116 10.47 -40.98 -42.30
N ASN C 117 10.02 -40.91 -43.56
CA ASN C 117 10.91 -40.58 -44.65
C ASN C 117 10.69 -39.16 -45.16
N ASN C 118 9.43 -38.71 -45.23
CA ASN C 118 9.10 -37.48 -45.93
C ASN C 118 8.79 -36.35 -44.98
N VAL C 119 8.25 -36.62 -43.81
CA VAL C 119 7.91 -35.51 -42.92
C VAL C 119 8.60 -35.74 -41.59
N ARG C 120 8.73 -34.69 -40.80
CA ARG C 120 9.34 -34.82 -39.49
C ARG C 120 8.49 -35.75 -38.65
N ALA C 121 9.13 -36.60 -37.88
CA ALA C 121 8.38 -37.65 -37.20
C ALA C 121 7.59 -37.08 -36.05
N LYS C 122 7.83 -35.82 -35.73
CA LYS C 122 7.26 -35.19 -34.54
C LYS C 122 5.83 -34.73 -34.83
N ASP C 123 5.56 -34.44 -36.10
CA ASP C 123 4.26 -33.96 -36.58
C ASP C 123 3.28 -35.12 -36.71
N LEU C 124 3.79 -36.34 -36.74
CA LEU C 124 2.98 -37.52 -36.94
C LEU C 124 2.85 -38.24 -35.60
N ILE C 125 2.68 -37.52 -34.49
CA ILE C 125 2.58 -38.16 -33.18
C ILE C 125 1.11 -38.22 -32.79
N ARG C 126 0.38 -37.12 -33.03
CA ARG C 126 -1.01 -37.02 -32.69
C ARG C 126 -1.83 -37.95 -33.58
N VAL C 127 -1.46 -37.99 -34.85
CA VAL C 127 -2.13 -38.79 -35.84
C VAL C 127 -1.92 -40.25 -35.48
N VAL C 128 -0.74 -40.59 -34.98
CA VAL C 128 -0.40 -41.99 -34.77
C VAL C 128 -0.87 -42.35 -33.37
N GLU C 129 -1.11 -41.33 -32.56
CA GLU C 129 -1.68 -41.57 -31.26
C GLU C 129 -3.12 -42.03 -31.42
N LEU C 130 -3.84 -41.54 -32.44
CA LEU C 130 -5.19 -41.98 -32.75
C LEU C 130 -5.19 -43.40 -33.28
N PHE C 131 -4.28 -43.72 -34.20
CA PHE C 131 -4.35 -45.03 -34.80
C PHE C 131 -4.18 -46.08 -33.72
N VAL C 132 -3.43 -45.75 -32.67
CA VAL C 132 -3.09 -46.77 -31.70
C VAL C 132 -4.04 -46.68 -30.53
N LYS C 133 -4.70 -45.53 -30.35
CA LYS C 133 -5.63 -45.35 -29.23
C LYS C 133 -6.68 -46.47 -29.26
N SER C 134 -7.14 -46.86 -28.06
CA SER C 134 -8.18 -47.87 -27.88
C SER C 134 -8.78 -47.73 -26.47
N SER C 140 1.14 -41.54 -23.11
CA SER C 140 2.30 -41.69 -24.03
C SER C 140 2.42 -43.14 -24.47
N ASN C 141 2.21 -43.36 -25.77
CA ASN C 141 2.38 -44.66 -26.36
C ASN C 141 3.15 -44.47 -27.64
N VAL C 142 3.19 -43.23 -28.12
CA VAL C 142 3.99 -42.89 -29.28
C VAL C 142 5.01 -41.82 -28.85
N LEU C 143 6.26 -42.03 -29.26
CA LEU C 143 7.34 -41.10 -29.00
C LEU C 143 8.12 -40.90 -30.29
N SER C 144 8.84 -39.78 -30.40
CA SER C 144 9.65 -39.50 -31.57
C SER C 144 11.10 -39.30 -31.17
N VAL C 145 12.00 -40.05 -31.79
CA VAL C 145 13.42 -39.81 -31.66
C VAL C 145 13.77 -38.88 -32.82
N ASP C 146 14.01 -37.59 -32.53
CA ASP C 146 14.07 -36.54 -33.54
C ASP C 146 15.33 -36.63 -34.38
N GLY C 147 16.38 -37.22 -33.82
CA GLY C 147 17.67 -37.28 -34.48
C GLY C 147 17.55 -38.06 -35.77
N SER C 148 17.05 -39.29 -35.67
CA SER C 148 17.03 -40.19 -36.80
C SER C 148 15.62 -40.35 -37.37
N ASN C 149 14.74 -39.37 -37.15
CA ASN C 149 13.35 -39.34 -37.61
C ASN C 149 12.72 -40.72 -37.46
N LEU C 150 12.37 -41.04 -36.22
CA LEU C 150 11.85 -42.35 -35.93
C LEU C 150 10.64 -42.18 -35.03
N LEU C 151 9.66 -43.08 -35.17
CA LEU C 151 8.55 -43.16 -34.25
C LEU C 151 8.56 -44.48 -33.51
N VAL C 152 8.72 -44.43 -32.19
CA VAL C 152 8.62 -45.61 -31.37
C VAL C 152 7.17 -45.69 -30.87
N VAL C 153 6.42 -46.72 -31.28
CA VAL C 153 5.02 -46.89 -30.90
C VAL C 153 4.84 -48.18 -30.09
N SER C 154 4.04 -48.15 -29.02
CA SER C 154 3.71 -49.34 -28.25
C SER C 154 2.21 -49.60 -28.34
N ALA C 155 1.82 -50.73 -28.95
CA ALA C 155 0.43 -51.06 -29.16
C ALA C 155 0.32 -52.55 -29.44
N PRO C 156 -0.85 -53.21 -29.29
CA PRO C 156 -0.99 -54.59 -29.73
C PRO C 156 -0.42 -54.88 -31.11
N LYS C 157 0.06 -56.09 -31.33
CA LYS C 157 0.74 -56.47 -32.57
C LYS C 157 -0.14 -56.25 -33.79
N ASP C 158 -1.43 -56.56 -33.64
CA ASP C 158 -2.42 -56.42 -34.69
C ASP C 158 -2.44 -54.97 -35.17
N ILE C 159 -2.61 -54.05 -34.22
CA ILE C 159 -2.60 -52.63 -34.52
C ILE C 159 -1.28 -52.30 -35.20
N LEU C 160 -0.19 -52.87 -34.69
CA LEU C 160 1.14 -52.50 -35.18
C LEU C 160 1.43 -53.19 -36.48
N ASP C 161 0.49 -53.97 -36.98
CA ASP C 161 0.69 -54.63 -38.27
C ASP C 161 0.13 -53.77 -39.39
N ASN C 162 -0.85 -52.93 -39.04
CA ASN C 162 -1.51 -52.03 -39.97
C ASN C 162 -0.87 -50.65 -39.96
N LEU C 163 -0.03 -50.35 -38.97
CA LEU C 163 0.59 -49.04 -38.91
C LEU C 163 1.44 -48.78 -40.14
N PRO C 164 2.19 -49.75 -40.72
CA PRO C 164 2.86 -49.47 -41.99
C PRO C 164 2.01 -48.86 -43.09
N GLN C 165 0.74 -49.25 -43.24
CA GLN C 165 -0.08 -48.73 -44.33
C GLN C 165 -0.82 -47.44 -43.95
N PHE C 166 -0.77 -47.04 -42.69
CA PHE C 166 -1.31 -45.75 -42.32
C PHE C 166 -0.22 -44.71 -42.53
N LEU C 167 1.04 -45.12 -42.37
CA LEU C 167 2.10 -44.16 -42.46
C LEU C 167 2.48 -43.99 -43.91
N SER C 168 1.67 -44.52 -44.81
CA SER C 168 1.94 -44.30 -46.23
C SER C 168 0.84 -43.40 -46.78
N THR C 169 -0.04 -42.96 -45.89
CA THR C 169 -1.14 -42.07 -46.25
C THR C 169 -1.05 -40.80 -45.42
N VAL C 170 -0.04 -40.70 -44.56
CA VAL C 170 0.02 -39.59 -43.65
C VAL C 170 1.44 -39.01 -43.68
N ASP C 171 2.37 -39.78 -44.24
CA ASP C 171 3.75 -39.36 -44.27
C ASP C 171 4.11 -39.16 -45.72
N LEU C 172 3.59 -38.08 -46.31
CA LEU C 172 3.71 -37.85 -47.73
C LEU C 172 4.66 -36.70 -47.95
N PRO C 173 5.23 -36.54 -49.17
CA PRO C 173 6.09 -35.41 -49.50
C PRO C 173 5.35 -34.09 -49.55
N THR C 174 5.63 -33.21 -48.59
CA THR C 174 4.99 -31.90 -48.51
C THR C 174 5.53 -31.03 -49.64
N ASP C 175 4.71 -30.07 -50.07
CA ASP C 175 5.09 -29.12 -51.09
C ASP C 175 5.59 -27.83 -50.44
N GLN C 176 6.45 -27.13 -51.18
CA GLN C 176 6.93 -25.82 -50.78
C GLN C 176 6.31 -24.80 -51.70
N ILE C 177 6.02 -23.61 -51.17
CA ILE C 177 5.31 -22.60 -51.91
C ILE C 177 6.18 -21.35 -51.93
N LEU C 178 6.17 -20.64 -53.06
CA LEU C 178 6.90 -19.41 -53.17
C LEU C 178 5.91 -18.27 -53.37
N ILE C 179 5.62 -17.57 -52.27
CA ILE C 179 4.76 -16.40 -52.30
C ILE C 179 5.63 -15.23 -52.74
N GLU C 180 5.08 -14.36 -53.57
CA GLU C 180 5.83 -13.24 -54.11
C GLU C 180 4.91 -12.02 -54.07
N GLY C 181 5.03 -11.22 -53.01
CA GLY C 181 4.24 -10.01 -52.89
C GLY C 181 4.72 -8.95 -53.89
N LEU C 182 3.84 -8.01 -54.23
CA LEU C 182 4.19 -6.88 -55.08
C LEU C 182 3.40 -5.66 -54.65
N ILE C 183 4.09 -4.65 -54.12
CA ILE C 183 3.47 -3.38 -53.77
C ILE C 183 3.90 -2.35 -54.82
N PHE C 184 2.97 -1.50 -55.29
CA PHE C 184 3.25 -0.54 -56.35
C PHE C 184 2.51 0.78 -56.13
N GLU C 185 3.23 1.87 -55.87
CA GLU C 185 2.57 3.13 -55.61
C GLU C 185 3.07 4.18 -56.61
N VAL C 186 2.21 4.63 -57.51
CA VAL C 186 2.53 5.76 -58.37
C VAL C 186 1.83 7.01 -57.82
N GLN C 187 2.58 8.07 -57.50
CA GLN C 187 1.94 9.34 -57.13
C GLN C 187 2.33 10.46 -58.09
N GLN C 188 1.38 10.97 -58.88
CA GLN C 188 1.58 12.20 -59.62
C GLN C 188 1.26 13.38 -58.72
N GLY C 189 1.11 14.58 -59.28
CA GLY C 189 0.93 15.81 -58.50
C GLY C 189 1.34 17.06 -59.29
N ASP C 190 0.61 18.16 -59.06
CA ASP C 190 0.86 19.47 -59.66
C ASP C 190 0.34 20.56 -58.74
N ALA C 191 0.47 21.82 -59.15
CA ALA C 191 0.07 22.97 -58.35
C ALA C 191 0.28 24.23 -59.18
N LEU C 192 -0.40 25.34 -58.82
CA LEU C 192 -0.25 26.60 -59.53
C LEU C 192 -0.66 27.79 -58.68
N ASP C 193 0.13 28.14 -57.65
CA ASP C 193 -0.09 29.41 -56.97
C ASP C 193 0.18 30.55 -57.96
N PHE C 194 -0.62 31.63 -57.87
CA PHE C 194 -0.56 32.71 -58.85
C PHE C 194 -1.14 34.01 -58.30
N SER C 195 -0.29 34.82 -57.64
CA SER C 195 -0.68 36.14 -57.14
C SER C 195 -0.68 37.18 -58.28
N PHE C 196 -1.38 38.31 -58.08
CA PHE C 196 -1.46 39.39 -59.04
C PHE C 196 -1.72 40.67 -58.27
N ALA C 197 -0.97 40.89 -57.21
CA ALA C 197 -1.00 42.16 -56.50
C ALA C 197 -0.84 43.31 -57.50
N ALA C 198 -1.66 44.36 -57.35
CA ALA C 198 -1.68 45.47 -58.28
C ALA C 198 -1.47 46.80 -57.55
N LEU C 235 2.96 46.35 -59.54
CA LEU C 235 2.30 45.15 -60.11
C LEU C 235 3.20 43.93 -59.93
N SER C 236 3.27 43.41 -58.70
CA SER C 236 3.96 42.16 -58.44
C SER C 236 3.08 40.99 -58.90
N VAL C 237 3.69 40.00 -59.59
CA VAL C 237 3.01 38.79 -60.04
C VAL C 237 3.83 37.55 -59.67
N ARG C 238 3.62 37.01 -58.48
CA ARG C 238 4.24 35.74 -58.14
C ARG C 238 3.53 34.62 -58.88
N ALA C 239 4.26 33.52 -59.16
CA ALA C 239 3.70 32.27 -59.68
C ALA C 239 4.47 31.09 -59.10
N LEU C 240 4.08 29.88 -59.53
CA LEU C 240 4.68 28.61 -59.16
C LEU C 240 3.99 27.52 -59.97
N LYS C 241 4.76 26.52 -60.38
CA LYS C 241 4.17 25.39 -61.07
C LYS C 241 4.94 24.14 -60.67
N THR C 242 4.72 23.70 -59.43
CA THR C 242 5.35 22.51 -58.91
C THR C 242 4.68 21.27 -59.50
N ASN C 243 5.43 20.45 -60.25
CA ASN C 243 5.07 19.07 -60.52
C ASN C 243 5.80 18.12 -59.56
N SER C 244 5.50 16.82 -59.67
CA SER C 244 6.04 15.75 -58.85
C SER C 244 5.54 14.40 -59.32
N HIS C 245 6.41 13.39 -59.23
CA HIS C 245 6.13 12.03 -59.66
C HIS C 245 6.81 11.10 -58.69
N SER C 246 6.37 9.83 -58.63
CA SER C 246 6.91 8.86 -57.71
C SER C 246 6.46 7.46 -58.11
N LYS C 247 7.42 6.55 -58.29
CA LYS C 247 7.10 5.15 -58.51
C LYS C 247 7.90 4.30 -57.52
N ILE C 248 7.19 3.63 -56.62
CA ILE C 248 7.79 2.71 -55.67
C ILE C 248 7.30 1.28 -55.96
N LEU C 249 8.21 0.37 -56.35
CA LEU C 249 7.85 -1.02 -56.55
C LEU C 249 8.61 -1.88 -55.55
N SER C 250 7.91 -2.40 -54.54
CA SER C 250 8.53 -3.27 -53.55
C SER C 250 8.05 -4.70 -53.77
N VAL C 251 8.96 -5.64 -54.01
CA VAL C 251 8.62 -7.03 -54.31
C VAL C 251 9.17 -7.94 -53.22
N PRO C 252 8.47 -8.14 -52.08
CA PRO C 252 8.87 -9.14 -51.09
C PRO C 252 8.66 -10.57 -51.55
N ARG C 253 9.47 -11.51 -51.06
CA ARG C 253 9.37 -12.93 -51.38
C ARG C 253 9.75 -13.81 -50.19
N ILE C 254 9.12 -14.99 -50.12
CA ILE C 254 9.30 -15.93 -49.02
C ILE C 254 8.93 -17.32 -49.49
N LEU C 255 9.80 -18.30 -49.25
CA LEU C 255 9.48 -19.69 -49.51
C LEU C 255 9.15 -20.35 -48.18
N THR C 256 8.06 -21.11 -48.16
CA THR C 256 7.67 -21.82 -46.96
C THR C 256 7.01 -23.13 -47.37
N LEU C 257 7.22 -24.16 -46.56
CA LEU C 257 6.50 -25.41 -46.65
C LEU C 257 5.02 -25.18 -46.42
N SER C 258 4.20 -25.96 -47.12
CA SER C 258 2.76 -25.93 -46.97
C SER C 258 2.45 -26.18 -45.51
N GLY C 259 1.61 -25.36 -44.94
CA GLY C 259 1.16 -25.66 -43.60
C GLY C 259 2.11 -25.13 -42.54
N GLN C 260 3.02 -24.26 -42.96
CA GLN C 260 3.96 -23.66 -42.04
C GLN C 260 3.85 -22.15 -42.21
N LYS C 261 4.26 -21.42 -41.19
CA LYS C 261 4.19 -19.98 -41.25
C LYS C 261 5.55 -19.48 -41.68
N GLY C 262 5.55 -18.43 -42.50
CA GLY C 262 6.81 -17.85 -42.89
C GLY C 262 6.66 -16.34 -42.90
N SER C 263 7.71 -15.62 -42.53
CA SER C 263 7.62 -14.18 -42.59
C SER C 263 8.94 -13.58 -43.04
N ILE C 264 8.83 -12.47 -43.78
CA ILE C 264 9.98 -11.69 -44.16
C ILE C 264 9.73 -10.26 -43.69
N SER C 265 10.72 -9.65 -43.07
CA SER C 265 10.58 -8.31 -42.54
C SER C 265 11.87 -7.54 -42.78
N VAL C 266 11.79 -6.45 -43.53
CA VAL C 266 12.94 -5.63 -43.80
C VAL C 266 12.54 -4.20 -43.51
N GLY C 267 13.27 -3.56 -42.60
CA GLY C 267 12.94 -2.19 -42.27
C GLY C 267 13.75 -1.70 -41.08
N GLN C 268 13.03 -1.22 -40.08
CA GLN C 268 13.64 -0.67 -38.91
C GLN C 268 12.87 -1.11 -37.68
N ASN C 269 13.57 -1.31 -36.57
CA ASN C 269 12.89 -1.67 -35.35
C ASN C 269 12.89 -0.43 -34.49
N VAL C 270 11.68 0.10 -34.23
CA VAL C 270 11.52 1.41 -33.63
C VAL C 270 10.84 1.22 -32.29
N PRO C 271 11.27 1.93 -31.23
CA PRO C 271 10.60 1.85 -29.95
C PRO C 271 9.41 2.80 -29.88
N PHE C 272 8.32 2.31 -29.32
CA PHE C 272 7.13 3.09 -29.21
C PHE C 272 6.66 3.11 -27.76
N ILE C 273 6.43 4.30 -27.22
CA ILE C 273 5.96 4.48 -25.86
C ILE C 273 4.55 3.95 -25.73
N THR C 274 4.23 3.27 -24.63
CA THR C 274 2.96 2.58 -24.48
C THR C 274 2.17 2.95 -23.22
N THR C 290 7.27 3.37 -20.16
CA THR C 290 7.10 2.03 -20.79
C THR C 290 7.28 2.11 -22.31
N VAL C 291 8.16 1.26 -22.86
CA VAL C 291 8.45 1.21 -24.29
C VAL C 291 8.19 -0.20 -24.82
N GLU C 292 7.79 -0.30 -26.08
CA GLU C 292 7.57 -1.55 -26.78
C GLU C 292 8.09 -1.41 -28.20
N ARG C 293 9.00 -2.30 -28.59
CA ARG C 293 9.67 -2.15 -29.86
C ARG C 293 8.77 -2.76 -30.90
N GLN C 294 8.99 -2.44 -32.17
CA GLN C 294 8.06 -2.80 -33.21
C GLN C 294 8.67 -2.54 -34.57
N ASN C 295 8.50 -3.49 -35.48
CA ASN C 295 9.12 -3.39 -36.78
C ASN C 295 8.32 -2.40 -37.61
N VAL C 296 9.02 -1.52 -38.30
CA VAL C 296 8.36 -0.59 -39.19
C VAL C 296 9.09 -0.61 -40.51
N GLY C 297 8.52 -1.30 -41.49
CA GLY C 297 9.07 -1.37 -42.83
C GLY C 297 8.20 -2.28 -43.66
N ILE C 298 8.76 -2.97 -44.66
CA ILE C 298 8.03 -3.94 -45.44
C ILE C 298 8.06 -5.25 -44.68
N SER C 299 6.90 -5.89 -44.54
CA SER C 299 6.84 -7.24 -44.01
C SER C 299 5.73 -8.02 -44.71
N MET C 300 5.88 -9.34 -44.78
CA MET C 300 4.85 -10.18 -45.33
C MET C 300 4.83 -11.47 -44.54
N SER C 301 3.75 -11.73 -43.83
CA SER C 301 3.59 -12.97 -43.10
C SER C 301 2.64 -13.84 -43.89
N VAL C 302 2.99 -15.09 -44.07
CA VAL C 302 2.15 -15.95 -44.87
C VAL C 302 1.86 -17.21 -44.09
N PHE C 303 0.75 -17.86 -44.44
CA PHE C 303 0.46 -19.19 -43.97
C PHE C 303 -0.27 -19.91 -45.08
N PRO C 304 0.44 -20.51 -46.06
CA PRO C 304 -0.21 -21.19 -47.17
C PRO C 304 -0.47 -22.68 -46.94
N VAL C 305 -1.49 -23.19 -47.63
CA VAL C 305 -1.83 -24.60 -47.59
C VAL C 305 -2.17 -24.99 -49.02
N ALA C 306 -1.38 -25.87 -49.60
CA ALA C 306 -1.65 -26.32 -50.95
C ALA C 306 -2.62 -27.48 -50.84
N MET C 307 -3.38 -27.74 -51.91
CA MET C 307 -4.48 -28.66 -51.77
C MET C 307 -4.38 -29.84 -52.73
N ALA C 308 -4.65 -29.60 -54.01
CA ALA C 308 -4.76 -30.71 -54.94
C ALA C 308 -3.73 -30.57 -56.08
N GLY C 319 -2.67 -26.99 -59.36
CA GLY C 319 -3.08 -27.07 -57.94
C GLY C 319 -3.52 -25.72 -57.39
N ASN C 320 -4.15 -25.71 -56.22
CA ASN C 320 -4.59 -24.47 -55.61
C ASN C 320 -3.86 -24.23 -54.31
N ILE C 321 -3.84 -22.98 -53.85
CA ILE C 321 -3.24 -22.64 -52.57
C ILE C 321 -4.20 -21.73 -51.82
N VAL C 322 -4.54 -22.07 -50.58
CA VAL C 322 -5.27 -21.13 -49.77
C VAL C 322 -4.23 -20.38 -48.95
N LEU C 323 -4.30 -19.05 -48.93
CA LEU C 323 -3.21 -18.25 -48.38
C LEU C 323 -3.77 -17.19 -47.43
N ASP C 324 -3.47 -17.32 -46.14
CA ASP C 324 -3.70 -16.22 -45.22
C ASP C 324 -2.51 -15.29 -45.31
N ILE C 325 -2.72 -14.00 -45.59
CA ILE C 325 -1.58 -13.13 -45.90
C ILE C 325 -1.75 -11.79 -45.22
N THR C 326 -0.67 -11.28 -44.64
CA THR C 326 -0.62 -9.90 -44.21
C THR C 326 0.58 -9.20 -44.84
N ILE C 327 0.38 -8.20 -45.71
CA ILE C 327 1.48 -7.43 -46.26
C ILE C 327 1.42 -6.05 -45.63
N LYS C 328 2.48 -5.62 -44.93
CA LYS C 328 2.55 -4.28 -44.36
C LYS C 328 3.72 -3.51 -44.97
N ALA C 329 3.48 -2.31 -45.50
CA ALA C 329 4.55 -1.45 -45.98
C ALA C 329 4.52 -0.13 -45.22
N ASP C 330 5.39 0.03 -44.22
CA ASP C 330 5.36 1.19 -43.35
C ASP C 330 6.71 1.93 -43.36
N SER C 331 6.72 3.17 -42.87
CA SER C 331 7.88 4.04 -42.81
C SER C 331 7.67 5.04 -41.68
N LEU C 332 8.72 5.76 -41.30
CA LEU C 332 8.63 6.70 -40.21
C LEU C 332 8.36 8.09 -40.77
N SER C 333 7.62 8.90 -40.03
CA SER C 333 7.29 10.25 -40.43
C SER C 333 8.14 11.23 -39.65
N SER C 334 8.33 12.42 -40.21
CA SER C 334 9.11 13.45 -39.56
C SER C 334 8.22 14.34 -38.69
N SER C 335 6.91 14.04 -38.66
CA SER C 335 5.94 14.83 -37.93
C SER C 335 6.16 14.70 -36.44
N THR C 336 6.10 15.83 -35.75
CA THR C 336 6.22 15.89 -34.31
C THR C 336 4.96 16.53 -33.75
N GLN C 337 3.81 16.11 -34.29
CA GLN C 337 2.53 16.67 -33.93
C GLN C 337 1.91 15.89 -32.80
N ALA C 338 2.59 14.87 -32.28
CA ALA C 338 1.95 14.03 -31.30
C ALA C 338 2.94 13.61 -30.22
N SER C 339 2.45 12.85 -29.25
CA SER C 339 3.24 12.40 -28.12
C SER C 339 4.52 11.72 -28.59
N ASP C 340 4.40 10.73 -29.48
CA ASP C 340 5.54 9.94 -29.92
C ASP C 340 5.72 10.04 -31.43
N VAL C 341 6.16 8.97 -32.08
CA VAL C 341 6.54 8.98 -33.48
C VAL C 341 5.34 8.52 -34.33
N ILE C 342 5.01 9.26 -35.39
CA ILE C 342 3.95 8.89 -36.33
C ILE C 342 4.60 8.06 -37.42
N THR C 343 3.89 7.02 -37.88
CA THR C 343 4.36 6.07 -38.88
C THR C 343 3.45 6.21 -40.09
N ASN C 344 3.95 5.99 -41.31
CA ASN C 344 3.10 5.99 -42.48
C ASN C 344 2.74 4.55 -42.76
N GLN C 345 1.45 4.18 -42.69
CA GLN C 345 1.03 2.80 -42.72
C GLN C 345 0.46 2.46 -44.10
N ARG C 346 0.58 1.18 -44.47
CA ARG C 346 -0.09 0.61 -45.62
C ARG C 346 -0.16 -0.89 -45.37
N SER C 347 -1.36 -1.44 -45.17
CA SER C 347 -1.49 -2.86 -44.85
C SER C 347 -2.69 -3.51 -45.54
N ILE C 348 -2.52 -4.76 -45.96
CA ILE C 348 -3.61 -5.62 -46.39
C ILE C 348 -3.54 -6.87 -45.52
N ALA C 349 -4.68 -7.34 -45.03
CA ALA C 349 -4.67 -8.66 -44.43
C ALA C 349 -5.90 -9.40 -44.89
N THR C 350 -5.71 -10.55 -45.51
CA THR C 350 -6.81 -11.27 -46.08
C THR C 350 -6.49 -12.76 -46.16
N THR C 351 -7.45 -13.53 -46.65
CA THR C 351 -7.24 -14.90 -47.03
C THR C 351 -7.81 -15.03 -48.42
N VAL C 352 -7.03 -15.58 -49.34
CA VAL C 352 -7.46 -15.74 -50.70
C VAL C 352 -7.12 -17.14 -51.17
N ASN C 353 -7.49 -17.41 -52.41
CA ASN C 353 -7.33 -18.72 -53.01
C ASN C 353 -6.65 -18.46 -54.34
N LEU C 354 -5.46 -19.02 -54.51
CA LEU C 354 -4.59 -18.76 -55.64
C LEU C 354 -4.38 -20.09 -56.32
N ARG C 355 -4.22 -20.08 -57.64
CA ARG C 355 -3.75 -21.23 -58.40
C ARG C 355 -2.22 -21.29 -58.36
N ASP C 356 -1.66 -22.26 -59.09
CA ASP C 356 -0.29 -22.67 -58.92
C ASP C 356 0.67 -21.64 -59.48
N GLY C 357 0.20 -20.73 -60.32
CA GLY C 357 1.14 -19.73 -60.80
C GLY C 357 0.45 -18.48 -61.30
N GLN C 358 -0.43 -17.95 -60.45
CA GLN C 358 -1.36 -16.90 -60.81
C GLN C 358 -1.00 -15.65 -60.00
N THR C 359 -1.34 -14.48 -60.53
CA THR C 359 -1.22 -13.26 -59.76
C THR C 359 -2.62 -12.70 -59.52
N LEU C 360 -2.91 -12.34 -58.27
CA LEU C 360 -4.19 -11.81 -57.87
C LEU C 360 -3.97 -10.37 -57.42
N LEU C 361 -5.02 -9.53 -57.50
CA LEU C 361 -4.98 -8.23 -56.85
C LEU C 361 -5.51 -8.38 -55.43
N LEU C 362 -4.61 -8.70 -54.54
CA LEU C 362 -4.94 -8.87 -53.15
C LEU C 362 -5.56 -7.61 -52.58
N GLY C 363 -5.55 -6.51 -53.34
CA GLY C 363 -6.19 -5.30 -52.87
C GLY C 363 -5.61 -4.03 -53.49
N GLY C 364 -5.90 -2.86 -52.93
CA GLY C 364 -5.33 -1.63 -53.47
C GLY C 364 -6.05 -0.39 -52.96
N LEU C 365 -5.59 0.82 -53.34
CA LEU C 365 -6.33 2.05 -53.12
C LEU C 365 -5.91 3.12 -54.11
N THR C 366 -6.84 3.62 -54.94
CA THR C 366 -6.50 4.76 -55.76
C THR C 366 -7.14 5.99 -55.14
N ASP C 367 -6.50 7.14 -55.31
CA ASP C 367 -6.92 8.37 -54.67
C ASP C 367 -6.71 9.54 -55.63
N TYR C 368 -7.57 10.56 -55.53
CA TYR C 368 -7.54 11.70 -56.43
C TYR C 368 -8.02 12.94 -55.70
N LYS C 369 -7.19 13.97 -55.62
CA LYS C 369 -7.57 15.21 -54.97
C LYS C 369 -7.42 16.35 -55.99
N ASN C 370 -8.52 17.04 -56.28
CA ASN C 370 -8.48 18.19 -57.17
C ASN C 370 -8.91 19.44 -56.42
N THR C 371 -8.05 19.97 -55.56
CA THR C 371 -8.33 21.21 -54.85
C THR C 371 -8.15 22.42 -55.75
N SER C 372 -8.89 23.51 -55.48
CA SER C 372 -8.86 24.76 -56.24
C SER C 372 -9.38 25.91 -55.38
N GLN C 373 -8.67 27.05 -55.39
CA GLN C 373 -8.97 28.16 -54.50
C GLN C 373 -8.76 29.46 -55.28
N ASP C 374 -9.39 30.57 -54.85
CA ASP C 374 -9.40 31.77 -55.66
C ASP C 374 -9.96 32.96 -54.89
N SER C 375 -9.10 33.71 -54.18
CA SER C 375 -9.52 34.95 -53.57
C SER C 375 -9.34 36.09 -54.57
N GLY C 376 -10.37 36.91 -54.75
CA GLY C 376 -10.29 38.03 -55.69
C GLY C 376 -10.95 39.30 -55.17
N VAL C 377 -11.31 40.18 -56.11
CA VAL C 377 -12.02 41.42 -55.84
C VAL C 377 -13.29 41.38 -56.69
N PRO C 378 -14.50 41.46 -56.09
CA PRO C 378 -15.75 41.35 -56.84
C PRO C 378 -16.05 42.60 -57.69
N GLY C 387 -5.70 52.54 -55.12
CA GLY C 387 -6.39 51.41 -54.45
C GLY C 387 -5.82 50.07 -54.86
N LEU C 388 -5.43 49.28 -53.86
CA LEU C 388 -4.82 47.97 -54.00
C LEU C 388 -5.82 46.97 -54.59
N LEU C 389 -5.30 45.94 -55.28
CA LEU C 389 -6.14 44.86 -55.81
C LEU C 389 -5.39 43.55 -55.74
N PHE C 390 -5.11 43.03 -54.55
CA PHE C 390 -4.58 41.67 -54.42
C PHE C 390 -5.56 40.65 -55.00
N SER C 391 -5.05 39.59 -55.65
CA SER C 391 -5.88 38.65 -56.39
C SER C 391 -5.19 37.31 -56.61
N SER C 392 -5.08 36.51 -55.54
CA SER C 392 -4.40 35.22 -55.62
C SER C 392 -5.27 34.15 -56.25
N ARG C 393 -4.67 32.97 -56.50
CA ARG C 393 -5.37 31.76 -56.94
C ARG C 393 -4.48 30.55 -56.75
N SER C 394 -4.90 29.58 -55.93
CA SER C 394 -4.20 28.30 -55.83
C SER C 394 -4.91 27.23 -56.65
N ASP C 395 -4.22 26.12 -56.89
CA ASP C 395 -4.77 24.90 -57.45
C ASP C 395 -3.89 23.72 -57.03
N SER C 396 -4.38 22.51 -57.30
CA SER C 396 -3.71 21.28 -56.96
C SER C 396 -4.42 20.13 -57.66
N ASN C 397 -3.67 19.09 -58.02
CA ASN C 397 -4.28 17.95 -58.67
C ASN C 397 -3.50 16.67 -58.34
N GLU C 398 -3.48 16.29 -57.06
CA GLU C 398 -2.88 15.04 -56.62
C GLU C 398 -3.65 13.84 -57.17
N GLU C 399 -2.94 12.80 -57.62
CA GLU C 399 -3.51 11.52 -57.99
C GLU C 399 -2.55 10.42 -57.55
N SER C 400 -3.06 9.36 -56.89
CA SER C 400 -2.21 8.30 -56.36
C SER C 400 -2.86 6.94 -56.56
N THR C 401 -2.04 5.90 -56.74
CA THR C 401 -2.61 4.58 -56.91
C THR C 401 -1.68 3.52 -56.33
N LEU C 402 -2.25 2.63 -55.51
CA LEU C 402 -1.49 1.59 -54.84
C LEU C 402 -2.08 0.26 -55.26
N TYR C 403 -1.22 -0.67 -55.59
CA TYR C 403 -1.68 -1.99 -55.90
C TYR C 403 -0.91 -3.01 -55.07
N VAL C 404 -1.57 -4.07 -54.63
CA VAL C 404 -0.89 -5.12 -53.92
C VAL C 404 -1.22 -6.41 -54.65
N LEU C 405 -0.22 -7.03 -55.26
CA LEU C 405 -0.45 -8.25 -56.01
C LEU C 405 0.21 -9.41 -55.28
N VAL C 406 -0.17 -10.65 -55.60
CA VAL C 406 0.48 -11.79 -54.96
C VAL C 406 0.55 -12.95 -55.93
N LYS C 407 1.72 -13.55 -56.05
CA LYS C 407 1.91 -14.71 -56.91
C LYS C 407 2.50 -15.85 -56.10
N ALA C 408 1.73 -16.95 -55.99
CA ALA C 408 2.25 -18.13 -55.32
C ALA C 408 2.55 -19.21 -56.34
N THR C 409 3.62 -19.97 -56.08
CA THR C 409 4.12 -21.00 -56.96
C THR C 409 4.59 -22.22 -56.15
N ILE C 410 3.99 -23.38 -56.41
CA ILE C 410 4.35 -24.62 -55.76
C ILE C 410 5.65 -25.12 -56.37
N VAL C 411 6.64 -25.38 -55.50
CA VAL C 411 7.99 -25.76 -55.89
C VAL C 411 8.06 -27.26 -56.16
N ARG C 412 7.49 -28.06 -55.25
CA ARG C 412 7.55 -29.52 -55.29
C ARG C 412 9.01 -29.99 -55.15
CA ASP D 108 -13.72 -51.28 -33.16
C ASP D 108 -13.74 -50.11 -34.15
N ASN D 109 -12.91 -49.10 -33.88
CA ASN D 109 -12.79 -47.94 -34.71
C ASN D 109 -11.66 -48.13 -35.69
N VAL D 110 -11.95 -47.96 -36.97
CA VAL D 110 -10.90 -47.85 -37.97
C VAL D 110 -10.41 -46.41 -38.03
N THR D 111 -9.20 -46.19 -38.52
CA THR D 111 -8.67 -44.85 -38.73
C THR D 111 -8.28 -44.69 -40.19
N GLN D 112 -8.98 -43.82 -40.93
CA GLN D 112 -8.61 -43.54 -42.31
C GLN D 112 -8.16 -42.09 -42.46
N THR D 113 -7.52 -41.81 -43.61
CA THR D 113 -7.19 -40.46 -44.01
C THR D 113 -7.96 -40.10 -45.27
N PHE D 114 -8.45 -38.85 -45.31
CA PHE D 114 -9.25 -38.33 -46.39
C PHE D 114 -8.54 -37.09 -46.93
N LYS D 115 -8.41 -36.98 -48.24
CA LYS D 115 -7.80 -35.81 -48.85
C LYS D 115 -8.87 -34.77 -49.11
N ILE D 116 -8.66 -33.57 -48.56
CA ILE D 116 -9.58 -32.48 -48.76
C ILE D 116 -9.02 -31.70 -49.94
N ASN D 117 -9.87 -31.36 -50.91
CA ASN D 117 -9.37 -30.84 -52.17
C ASN D 117 -9.63 -29.34 -52.32
N ASN D 118 -10.77 -28.85 -51.85
CA ASN D 118 -11.17 -27.49 -52.15
C ASN D 118 -11.03 -26.56 -50.95
N VAL D 119 -11.17 -27.06 -49.73
CA VAL D 119 -11.06 -26.15 -48.60
C VAL D 119 -9.98 -26.67 -47.67
N ARG D 120 -9.47 -25.81 -46.80
CA ARG D 120 -8.46 -26.23 -45.85
C ARG D 120 -9.06 -27.27 -44.94
N ALA D 121 -8.30 -28.30 -44.61
CA ALA D 121 -8.87 -29.43 -43.92
C ALA D 121 -9.15 -29.08 -42.48
N LYS D 122 -8.68 -27.92 -42.04
CA LYS D 122 -8.74 -27.54 -40.64
C LYS D 122 -10.12 -26.98 -40.31
N ASP D 123 -10.79 -26.42 -41.33
CA ASP D 123 -12.11 -25.82 -41.20
C ASP D 123 -13.20 -26.88 -41.18
N LEU D 124 -12.85 -28.09 -41.61
CA LEU D 124 -13.80 -29.18 -41.72
C LEU D 124 -13.55 -30.15 -40.58
N ILE D 125 -13.25 -29.67 -39.37
CA ILE D 125 -12.97 -30.57 -38.26
C ILE D 125 -14.21 -30.66 -37.39
N ARG D 126 -14.85 -29.51 -37.14
CA ARG D 126 -16.03 -29.44 -36.31
C ARG D 126 -17.19 -30.13 -37.00
N VAL D 127 -17.28 -29.92 -38.30
CA VAL D 127 -18.33 -30.48 -39.12
C VAL D 127 -18.18 -32.00 -39.13
N VAL D 128 -16.93 -32.47 -39.15
CA VAL D 128 -16.70 -33.88 -39.33
C VAL D 128 -16.69 -34.51 -37.95
N GLU D 129 -16.52 -33.67 -36.93
CA GLU D 129 -16.62 -34.15 -35.57
C GLU D 129 -18.08 -34.53 -35.29
N LEU D 130 -19.05 -33.81 -35.88
CA LEU D 130 -20.46 -34.13 -35.77
C LEU D 130 -20.79 -35.41 -36.50
N PHE D 131 -20.29 -35.57 -37.73
CA PHE D 131 -20.69 -36.73 -38.49
C PHE D 131 -20.28 -37.99 -37.75
N VAL D 132 -19.18 -37.90 -36.99
CA VAL D 132 -18.63 -39.10 -36.42
C VAL D 132 -19.11 -39.23 -34.98
N LYS D 133 -19.54 -38.12 -34.37
CA LYS D 133 -20.00 -38.15 -32.99
C LYS D 133 -21.11 -39.20 -32.84
N SER D 134 -21.17 -39.82 -31.65
CA SER D 134 -22.18 -40.81 -31.29
C SER D 134 -22.25 -40.95 -29.77
N SER D 140 -11.18 -35.92 -29.13
CA SER D 140 -10.43 -35.89 -30.41
C SER D 140 -10.61 -37.23 -31.12
N ASN D 141 -11.29 -37.17 -32.27
CA ASN D 141 -11.47 -38.32 -33.11
C ASN D 141 -11.18 -37.89 -34.53
N VAL D 142 -11.18 -36.58 -34.75
CA VAL D 142 -10.80 -36.03 -36.03
C VAL D 142 -9.59 -35.12 -35.83
N LEU D 143 -8.57 -35.27 -36.68
CA LEU D 143 -7.39 -34.45 -36.66
C LEU D 143 -7.07 -34.02 -38.09
N SER D 144 -6.31 -32.93 -38.24
CA SER D 144 -5.93 -32.44 -39.55
C SER D 144 -4.42 -32.38 -39.66
N VAL D 145 -3.88 -33.02 -40.69
CA VAL D 145 -2.48 -32.86 -41.04
C VAL D 145 -2.45 -31.72 -42.06
N ASP D 146 -1.99 -30.53 -41.65
CA ASP D 146 -2.18 -29.30 -42.41
C ASP D 146 -1.30 -29.25 -43.65
N GLY D 147 -0.19 -29.98 -43.62
CA GLY D 147 0.78 -29.94 -44.69
C GLY D 147 0.14 -30.45 -45.96
N SER D 148 -0.41 -31.65 -45.92
CA SER D 148 -0.92 -32.28 -47.11
C SER D 148 -2.46 -32.28 -47.15
N ASN D 149 -3.10 -31.33 -46.46
CA ASN D 149 -4.55 -31.18 -46.37
C ASN D 149 -5.23 -32.53 -46.27
N LEU D 150 -5.17 -33.08 -45.06
CA LEU D 150 -5.69 -34.40 -44.84
C LEU D 150 -6.49 -34.38 -43.56
N LEU D 151 -7.55 -35.20 -43.50
CA LEU D 151 -8.28 -35.42 -42.27
C LEU D 151 -8.15 -36.88 -41.84
N VAL D 152 -7.54 -37.10 -40.67
CA VAL D 152 -7.48 -38.42 -40.09
C VAL D 152 -8.66 -38.55 -39.14
N VAL D 153 -9.61 -39.46 -39.43
CA VAL D 153 -10.81 -39.66 -38.61
C VAL D 153 -10.82 -41.08 -38.04
N SER D 154 -11.18 -41.24 -36.77
CA SER D 154 -11.35 -42.55 -36.17
C SER D 154 -12.81 -42.74 -35.76
N ALA D 155 -13.51 -43.72 -36.38
CA ALA D 155 -14.92 -43.93 -36.13
C ALA D 155 -15.26 -45.33 -36.62
N PRO D 156 -16.38 -45.97 -36.19
CA PRO D 156 -16.80 -47.23 -36.79
C PRO D 156 -16.76 -47.25 -38.30
N LYS D 157 -16.52 -48.41 -38.90
CA LYS D 157 -16.36 -48.54 -40.35
C LYS D 157 -17.57 -48.04 -41.10
N ASP D 158 -18.76 -48.34 -40.56
CA ASP D 158 -20.03 -47.95 -41.14
C ASP D 158 -20.06 -46.44 -41.31
N ILE D 159 -19.79 -45.72 -40.21
CA ILE D 159 -19.75 -44.27 -40.23
C ILE D 159 -18.71 -43.85 -41.27
N LEU D 160 -17.58 -44.56 -41.31
CA LEU D 160 -16.48 -44.13 -42.15
C LEU D 160 -16.71 -44.56 -43.59
N ASP D 161 -17.86 -45.18 -43.84
CA ASP D 161 -18.17 -45.57 -45.20
C ASP D 161 -19.01 -44.48 -45.88
N ASN D 162 -19.70 -43.69 -45.06
CA ASN D 162 -20.55 -42.62 -45.51
C ASN D 162 -19.81 -41.27 -45.48
N LEU D 163 -18.66 -41.21 -44.82
CA LEU D 163 -17.92 -39.96 -44.74
C LEU D 163 -17.53 -39.49 -46.14
N PRO D 164 -17.13 -40.33 -47.10
CA PRO D 164 -16.90 -39.82 -48.45
C PRO D 164 -18.00 -38.96 -49.06
N GLN D 165 -19.29 -39.27 -48.81
CA GLN D 165 -20.38 -38.52 -49.42
C GLN D 165 -20.79 -37.31 -48.58
N PHE D 166 -20.29 -37.18 -47.36
CA PHE D 166 -20.52 -35.98 -46.61
C PHE D 166 -19.47 -34.95 -46.98
N LEU D 167 -18.28 -35.43 -47.37
CA LEU D 167 -17.22 -34.51 -47.65
C LEU D 167 -17.34 -34.05 -49.09
N SER D 168 -18.46 -34.36 -49.73
CA SER D 168 -18.67 -33.85 -51.07
C SER D 168 -19.79 -32.83 -51.03
N THR D 169 -20.28 -32.56 -49.81
CA THR D 169 -21.32 -31.58 -49.60
C THR D 169 -20.83 -30.51 -48.64
N VAL D 170 -19.59 -30.61 -48.20
CA VAL D 170 -19.09 -29.72 -47.17
C VAL D 170 -17.73 -29.20 -47.61
N ASP D 171 -17.13 -29.86 -48.59
CA ASP D 171 -15.81 -29.50 -49.04
C ASP D 171 -15.94 -29.01 -50.47
N LEU D 172 -16.52 -27.82 -50.61
CA LEU D 172 -16.87 -27.30 -51.93
C LEU D 172 -15.94 -26.16 -52.26
N PRO D 173 -15.82 -25.77 -53.55
CA PRO D 173 -15.02 -24.63 -53.95
C PRO D 173 -15.60 -23.29 -53.48
N THR D 174 -14.91 -22.64 -52.54
CA THR D 174 -15.34 -21.36 -52.01
C THR D 174 -15.14 -20.29 -53.07
N ASP D 175 -15.94 -19.23 -53.00
CA ASP D 175 -15.85 -18.10 -53.90
C ASP D 175 -15.03 -16.99 -53.24
N GLN D 176 -14.39 -16.20 -54.10
CA GLN D 176 -13.68 -15.01 -53.67
C GLN D 176 -14.48 -13.80 -54.11
N ILE D 177 -14.44 -12.75 -53.31
CA ILE D 177 -15.25 -11.57 -53.55
C ILE D 177 -14.32 -10.38 -53.65
N LEU D 178 -14.65 -9.46 -54.56
CA LEU D 178 -13.87 -8.25 -54.71
C LEU D 178 -14.75 -7.07 -54.32
N ILE D 179 -14.57 -6.59 -53.09
CA ILE D 179 -15.25 -5.41 -52.60
C ILE D 179 -14.47 -4.21 -53.10
N GLU D 180 -15.18 -3.17 -53.51
CA GLU D 180 -14.55 -1.99 -54.06
C GLU D 180 -15.27 -0.78 -53.49
N GLY D 181 -14.72 -0.21 -52.41
CA GLY D 181 -15.29 0.97 -51.80
C GLY D 181 -15.07 2.20 -52.70
N LEU D 182 -15.91 3.21 -52.53
CA LEU D 182 -15.76 4.48 -53.22
C LEU D 182 -16.22 5.63 -52.32
N ILE D 183 -15.28 6.48 -51.89
CA ILE D 183 -15.61 7.66 -51.12
C ILE D 183 -15.46 8.88 -52.03
N PHE D 184 -16.41 9.83 -51.99
CA PHE D 184 -16.41 10.98 -52.89
C PHE D 184 -16.89 12.24 -52.19
N GLU D 185 -16.02 13.24 -52.01
CA GLU D 185 -16.42 14.43 -51.30
C GLU D 185 -16.19 15.65 -52.20
N VAL D 186 -17.26 16.31 -52.64
CA VAL D 186 -17.14 17.58 -53.32
C VAL D 186 -17.46 18.71 -52.35
N GLN D 187 -16.55 19.67 -52.14
CA GLN D 187 -16.88 20.85 -51.34
C GLN D 187 -16.73 22.12 -52.16
N GLN D 188 -17.83 22.81 -52.45
CA GLN D 188 -17.78 24.17 -52.98
C GLN D 188 -17.63 25.14 -51.82
N GLY D 189 -17.85 26.45 -52.07
CA GLY D 189 -17.63 27.48 -51.07
C GLY D 189 -17.38 28.85 -51.70
N ASP D 190 -17.88 29.91 -51.03
CA ASP D 190 -17.72 31.30 -51.43
C ASP D 190 -17.78 32.19 -50.20
N ALA D 191 -17.65 33.51 -50.39
CA ALA D 191 -17.64 34.48 -49.31
C ALA D 191 -17.60 35.88 -49.92
N LEU D 192 -18.00 36.92 -49.14
CA LEU D 192 -17.97 38.29 -49.62
C LEU D 192 -17.92 39.29 -48.48
N ASP D 193 -16.80 39.39 -47.75
CA ASP D 193 -16.63 40.50 -46.84
C ASP D 193 -16.61 41.82 -47.62
N PHE D 194 -17.21 42.87 -47.06
CA PHE D 194 -17.38 44.14 -47.78
C PHE D 194 -17.59 45.32 -46.84
N SER D 195 -16.50 45.95 -46.38
CA SER D 195 -16.56 47.15 -45.55
C SER D 195 -16.84 48.39 -46.41
N PHE D 196 -17.31 49.47 -45.76
CA PHE D 196 -17.59 50.74 -46.42
C PHE D 196 -17.46 51.84 -45.40
N ALA D 197 -16.36 51.80 -44.64
CA ALA D 197 -16.02 52.91 -43.75
C ALA D 197 -16.09 54.23 -44.53
N ALA D 198 -16.69 55.25 -43.90
CA ALA D 198 -16.92 56.53 -44.54
C ALA D 198 -16.33 57.68 -43.70
N LEU D 235 -12.93 57.50 -47.20
CA LEU D 235 -13.86 56.46 -47.69
C LEU D 235 -13.08 55.22 -48.07
N SER D 236 -12.65 54.44 -47.07
CA SER D 236 -12.05 53.14 -47.31
C SER D 236 -13.14 52.13 -47.62
N VAL D 237 -12.91 51.28 -48.65
CA VAL D 237 -13.83 50.21 -49.05
C VAL D 237 -13.07 48.90 -49.23
N ARG D 238 -12.91 48.13 -48.15
CA ARG D 238 -12.35 46.80 -48.30
C ARG D 238 -13.39 45.87 -48.92
N ALA D 239 -12.92 44.84 -49.64
CA ALA D 239 -13.75 43.74 -50.13
C ALA D 239 -12.96 42.44 -50.09
N LEU D 240 -13.58 41.36 -50.57
CA LEU D 240 -13.03 40.02 -50.68
C LEU D 240 -14.06 39.14 -51.37
N LYS D 241 -13.60 38.22 -52.20
CA LYS D 241 -14.50 37.28 -52.82
C LYS D 241 -13.78 35.95 -52.96
N THR D 242 -13.59 35.27 -51.82
CA THR D 242 -12.93 33.98 -51.80
C THR D 242 -13.89 32.90 -52.32
N ASN D 243 -13.53 32.24 -53.43
CA ASN D 243 -14.10 30.95 -53.80
C ASN D 243 -13.19 29.81 -53.36
N SER D 244 -13.66 28.57 -53.58
CA SER D 244 -12.97 27.34 -53.22
C SER D 244 -13.76 26.13 -53.74
N HIS D 245 -13.02 25.09 -54.12
CA HIS D 245 -13.57 23.87 -54.67
C HIS D 245 -12.70 22.72 -54.20
N SER D 246 -13.22 21.49 -54.21
CA SER D 246 -12.49 20.33 -53.74
C SER D 246 -13.19 19.06 -54.21
N LYS D 247 -12.46 18.17 -54.87
CA LYS D 247 -12.97 16.87 -55.22
C LYS D 247 -11.98 15.81 -54.76
N ILE D 248 -12.40 14.98 -53.80
CA ILE D 248 -11.61 13.86 -53.32
C ILE D 248 -12.31 12.55 -53.67
N LEU D 249 -11.70 11.71 -54.50
CA LEU D 249 -12.25 10.40 -54.81
C LEU D 249 -11.28 9.33 -54.31
N SER D 250 -11.63 8.64 -53.24
CA SER D 250 -10.80 7.56 -52.72
C SER D 250 -11.48 6.22 -52.99
N VAL D 251 -10.80 5.32 -53.72
CA VAL D 251 -11.38 4.04 -54.11
C VAL D 251 -10.57 2.91 -53.46
N PRO D 252 -10.87 2.49 -52.22
CA PRO D 252 -10.25 1.30 -51.65
C PRO D 252 -10.75 0.00 -52.25
N ARG D 253 -9.92 -1.04 -52.26
CA ARG D 253 -10.28 -2.36 -52.79
C ARG D 253 -9.61 -3.49 -51.99
N ILE D 254 -10.30 -4.63 -51.91
CA ILE D 254 -9.85 -5.77 -51.14
C ILE D 254 -10.50 -7.03 -51.69
N LEU D 255 -9.70 -8.06 -51.95
CA LEU D 255 -10.22 -9.35 -52.32
C LEU D 255 -10.14 -10.26 -51.11
N THR D 256 -11.23 -10.99 -50.84
CA THR D 256 -11.26 -11.92 -49.74
C THR D 256 -12.15 -13.08 -50.10
N LEU D 257 -11.78 -14.26 -49.64
CA LEU D 257 -12.61 -15.45 -49.68
C LEU D 257 -13.89 -15.22 -48.89
N SER D 258 -14.98 -15.82 -49.38
CA SER D 258 -16.26 -15.77 -48.71
C SER D 258 -16.08 -16.29 -47.31
N GLY D 259 -16.59 -15.59 -46.34
CA GLY D 259 -16.58 -16.14 -45.01
C GLY D 259 -15.28 -15.87 -44.29
N GLN D 260 -14.49 -14.97 -44.83
CA GLN D 260 -13.22 -14.60 -44.21
C GLN D 260 -13.22 -13.09 -44.07
N LYS D 261 -12.42 -12.58 -43.14
CA LYS D 261 -12.35 -11.17 -42.91
C LYS D 261 -11.18 -10.63 -43.70
N GLY D 262 -11.35 -9.44 -44.26
CA GLY D 262 -10.26 -8.83 -44.98
C GLY D 262 -10.25 -7.36 -44.65
N SER D 263 -9.06 -6.76 -44.57
CA SER D 263 -9.02 -5.33 -44.31
C SER D 263 -7.89 -4.69 -45.10
N ILE D 264 -8.13 -3.46 -45.53
CA ILE D 264 -7.11 -2.64 -46.16
C ILE D 264 -7.03 -1.33 -45.37
N SER D 265 -5.83 -0.90 -45.04
CA SER D 265 -5.63 0.30 -44.26
C SER D 265 -4.44 1.06 -44.81
N VAL D 266 -4.66 2.29 -45.26
CA VAL D 266 -3.59 3.10 -45.79
C VAL D 266 -3.71 4.45 -45.12
N GLY D 267 -2.65 4.86 -44.44
CA GLY D 267 -2.71 6.13 -43.75
C GLY D 267 -1.49 6.34 -42.87
N GLN D 268 -1.77 6.64 -41.60
CA GLN D 268 -0.73 6.92 -40.65
C GLN D 268 -1.08 6.26 -39.33
N ASN D 269 -0.06 5.83 -38.58
CA ASN D 269 -0.31 5.24 -37.30
C ASN D 269 0.12 6.28 -36.28
N VAL D 270 -0.86 6.78 -35.51
CA VAL D 270 -0.67 7.94 -34.67
C VAL D 270 -0.87 7.51 -33.23
N PRO D 271 -0.02 7.96 -32.28
CA PRO D 271 -0.21 7.65 -30.89
C PRO D 271 -1.19 8.60 -30.23
N PHE D 272 -2.07 8.03 -29.42
CA PHE D 272 -3.07 8.82 -28.75
C PHE D 272 -3.01 8.55 -27.26
N ILE D 273 -2.91 9.61 -26.46
CA ILE D 273 -2.85 9.51 -25.01
C ILE D 273 -4.18 9.01 -24.49
N THR D 274 -4.17 8.13 -23.48
CA THR D 274 -5.39 7.47 -23.02
C THR D 274 -5.65 7.60 -21.51
N THR D 290 0.22 7.20 -20.44
CA THR D 290 -0.30 6.03 -21.21
C THR D 290 -0.66 6.42 -22.65
N VAL D 291 -0.12 5.67 -23.63
CA VAL D 291 -0.35 5.92 -25.05
C VAL D 291 -0.92 4.66 -25.69
N GLU D 292 -1.73 4.84 -26.73
CA GLU D 292 -2.30 3.76 -27.52
C GLU D 292 -2.29 4.17 -28.97
N ARG D 293 -1.67 3.36 -29.82
CA ARG D 293 -1.47 3.75 -31.20
C ARG D 293 -2.74 3.39 -31.94
N GLN D 294 -2.92 3.97 -33.13
CA GLN D 294 -4.19 3.86 -33.81
C GLN D 294 -4.05 4.37 -35.23
N ASN D 295 -4.63 3.63 -36.16
CA ASN D 295 -4.49 3.97 -37.56
C ASN D 295 -5.42 5.14 -37.86
N VAL D 296 -4.92 6.11 -38.59
CA VAL D 296 -5.74 7.22 -38.99
C VAL D 296 -5.52 7.46 -40.47
N GLY D 297 -6.46 7.00 -41.29
CA GLY D 297 -6.42 7.19 -42.73
C GLY D 297 -7.62 6.51 -43.35
N ILE D 298 -7.50 6.02 -44.58
CA ILE D 298 -8.56 5.25 -45.21
C ILE D 298 -8.40 3.80 -44.77
N SER D 299 -9.51 3.19 -44.34
CA SER D 299 -9.52 1.76 -44.07
C SER D 299 -10.88 1.18 -44.46
N MET D 300 -10.89 -0.09 -44.83
CA MET D 300 -12.13 -0.76 -45.13
C MET D 300 -12.02 -2.20 -44.62
N SER D 301 -12.81 -2.56 -43.62
CA SER D 301 -12.84 -3.91 -43.11
C SER D 301 -14.08 -4.56 -43.66
N VAL D 302 -13.95 -5.78 -44.19
CA VAL D 302 -15.09 -6.42 -44.77
C VAL D 302 -15.22 -7.80 -44.18
N PHE D 303 -16.44 -8.34 -44.22
CA PHE D 303 -16.69 -9.73 -43.92
C PHE D 303 -17.82 -10.18 -44.82
N PRO D 304 -17.57 -10.58 -46.08
CA PRO D 304 -18.62 -10.99 -46.98
C PRO D 304 -18.93 -12.49 -46.96
N VAL D 305 -20.18 -12.83 -47.30
CA VAL D 305 -20.62 -14.20 -47.41
C VAL D 305 -21.46 -14.28 -48.66
N ALA D 306 -21.03 -15.04 -49.64
CA ALA D 306 -21.78 -15.20 -50.86
C ALA D 306 -22.78 -16.31 -50.62
N MET D 307 -23.88 -16.33 -51.37
CA MET D 307 -24.97 -17.21 -51.01
C MET D 307 -25.32 -18.17 -52.15
N ALA D 308 -26.00 -17.67 -53.18
CA ALA D 308 -26.54 -18.55 -54.20
C ALA D 308 -25.95 -18.21 -55.57
N GLY D 319 -25.71 -14.08 -58.32
CA GLY D 319 -25.60 -14.44 -56.89
C GLY D 319 -25.67 -13.22 -55.98
N ASN D 320 -25.87 -13.44 -54.68
CA ASN D 320 -25.95 -12.34 -53.73
C ASN D 320 -24.78 -12.38 -52.77
N ILE D 321 -24.48 -11.27 -52.12
CA ILE D 321 -23.45 -11.21 -51.10
C ILE D 321 -24.00 -10.45 -49.90
N VAL D 322 -23.92 -11.03 -48.71
CA VAL D 322 -24.22 -10.24 -47.53
C VAL D 322 -22.89 -9.72 -47.03
N LEU D 323 -22.81 -8.41 -46.74
CA LEU D 323 -21.54 -7.79 -46.47
C LEU D 323 -21.62 -6.92 -45.22
N ASP D 324 -20.90 -7.31 -44.17
CA ASP D 324 -20.69 -6.44 -43.04
C ASP D 324 -19.51 -5.54 -43.38
N ILE D 325 -19.68 -4.21 -43.32
CA ILE D 325 -18.64 -3.33 -43.86
C ILE D 325 -18.42 -2.14 -42.94
N THR D 326 -17.15 -1.80 -42.70
CA THR D 326 -16.82 -0.54 -42.06
C THR D 326 -15.84 0.22 -42.95
N ILE D 327 -16.24 1.38 -43.50
CA ILE D 327 -15.32 2.22 -44.26
C ILE D 327 -15.01 3.44 -43.41
N LYS D 328 -13.74 3.68 -43.08
CA LYS D 328 -13.33 4.88 -42.33
C LYS D 328 -12.37 5.71 -43.17
N ALA D 329 -12.65 7.00 -43.35
CA ALA D 329 -11.73 7.90 -44.01
C ALA D 329 -11.35 9.04 -43.07
N ASP D 330 -10.19 8.97 -42.44
CA ASP D 330 -9.77 9.92 -41.41
C ASP D 330 -8.46 10.60 -41.78
N SER D 331 -8.14 11.70 -41.10
CA SER D 331 -6.95 12.51 -41.30
C SER D 331 -6.65 13.25 -40.02
N LEU D 332 -5.46 13.86 -39.91
CA LEU D 332 -5.09 14.57 -38.70
C LEU D 332 -5.38 16.04 -38.88
N SER D 333 -5.73 16.70 -37.78
CA SER D 333 -6.05 18.12 -37.79
C SER D 333 -4.87 18.89 -37.21
N SER D 334 -4.77 20.16 -37.57
CA SER D 334 -3.72 21.00 -37.07
C SER D 334 -4.15 21.72 -35.80
N SER D 335 -5.39 21.46 -35.35
CA SER D 335 -5.96 22.12 -34.19
C SER D 335 -5.26 21.67 -32.93
N THR D 336 -4.96 22.65 -32.08
CA THR D 336 -4.34 22.41 -30.79
C THR D 336 -5.27 22.95 -29.71
N GLN D 337 -6.56 22.68 -29.86
CA GLN D 337 -7.57 23.22 -28.98
C GLN D 337 -7.86 22.24 -27.85
N ALA D 338 -7.14 21.11 -27.82
CA ALA D 338 -7.49 20.10 -26.83
C ALA D 338 -6.24 19.45 -26.26
N SER D 339 -6.44 18.53 -25.32
CA SER D 339 -5.36 17.83 -24.67
C SER D 339 -4.40 17.22 -25.68
N ASP D 340 -4.93 16.42 -26.62
CA ASP D 340 -4.10 15.70 -27.58
C ASP D 340 -4.45 16.11 -29.00
N VAL D 341 -4.38 15.18 -29.96
CA VAL D 341 -4.51 15.47 -31.37
C VAL D 341 -5.95 15.24 -31.81
N ILE D 342 -6.54 16.19 -32.53
CA ILE D 342 -7.89 16.05 -33.09
C ILE D 342 -7.75 15.44 -34.46
N THR D 343 -8.68 14.54 -34.82
CA THR D 343 -8.67 13.81 -36.08
C THR D 343 -9.92 14.22 -36.85
N ASN D 344 -9.90 14.24 -38.18
CA ASN D 344 -11.10 14.51 -38.94
C ASN D 344 -11.67 13.17 -39.33
N GLN D 345 -12.89 12.84 -38.87
CA GLN D 345 -13.45 11.51 -39.01
C GLN D 345 -14.49 11.48 -40.13
N ARG D 346 -14.63 10.30 -40.74
CA ARG D 346 -15.71 10.00 -41.66
C ARG D 346 -15.85 8.49 -41.68
N SER D 347 -16.96 7.95 -41.16
CA SER D 347 -17.12 6.50 -41.07
C SER D 347 -18.54 6.05 -41.38
N ILE D 348 -18.67 4.90 -42.05
CA ILE D 348 -19.93 4.18 -42.21
C ILE D 348 -19.70 2.78 -41.67
N ALA D 349 -20.63 2.25 -40.90
CA ALA D 349 -20.56 0.85 -40.60
C ALA D 349 -21.94 0.25 -40.72
N THR D 350 -22.09 -0.75 -41.56
CA THR D 350 -23.39 -1.31 -41.81
C THR D 350 -23.26 -2.76 -42.26
N THR D 351 -24.41 -3.38 -42.51
CA THR D 351 -24.48 -4.65 -43.18
C THR D 351 -25.51 -4.48 -44.28
N VAL D 352 -25.14 -4.84 -45.50
CA VAL D 352 -26.04 -4.71 -46.63
C VAL D 352 -26.02 -6.00 -47.43
N ASN D 353 -26.82 -5.99 -48.49
CA ASN D 353 -27.02 -7.13 -49.33
C ASN D 353 -26.81 -6.64 -50.74
N LEU D 354 -25.81 -7.20 -51.42
CA LEU D 354 -25.36 -6.74 -52.73
C LEU D 354 -25.55 -7.91 -53.67
N ARG D 355 -25.84 -7.62 -54.93
CA ARG D 355 -25.80 -8.60 -56.00
C ARG D 355 -24.37 -8.72 -56.53
N ASP D 356 -24.19 -9.54 -57.57
CA ASP D 356 -22.89 -10.02 -57.99
C ASP D 356 -22.09 -8.93 -58.67
N GLY D 357 -22.73 -7.85 -59.12
CA GLY D 357 -21.91 -6.81 -59.71
C GLY D 357 -22.59 -5.45 -59.67
N GLN D 358 -23.07 -5.09 -58.48
CA GLN D 358 -23.94 -3.95 -58.28
C GLN D 358 -23.20 -2.91 -57.44
N THR D 359 -23.58 -1.64 -57.59
CA THR D 359 -23.08 -0.61 -56.71
C THR D 359 -24.25 -0.08 -55.89
N LEU D 360 -24.04 0.03 -54.57
CA LEU D 360 -25.05 0.52 -53.66
C LEU D 360 -24.54 1.82 -53.05
N LEU D 361 -25.46 2.69 -52.60
CA LEU D 361 -25.07 3.83 -51.78
C LEU D 361 -25.08 3.40 -50.32
N LEU D 362 -23.97 2.89 -49.89
CA LEU D 362 -23.81 2.44 -48.53
C LEU D 362 -24.06 3.58 -47.56
N GLY D 363 -24.19 4.80 -48.06
CA GLY D 363 -24.51 5.92 -47.18
C GLY D 363 -24.05 7.27 -47.72
N GLY D 364 -23.99 8.30 -46.88
CA GLY D 364 -23.54 9.61 -47.36
C GLY D 364 -23.92 10.73 -46.42
N LEU D 365 -23.48 11.97 -46.71
CA LEU D 365 -23.97 13.17 -46.01
C LEU D 365 -23.81 14.40 -46.88
N THR D 366 -24.91 15.09 -47.20
CA THR D 366 -24.76 16.36 -47.88
C THR D 366 -25.02 17.45 -46.86
N ASP D 367 -24.36 18.60 -47.04
CA ASP D 367 -24.40 19.68 -46.07
C ASP D 367 -24.41 21.01 -46.82
N TYR D 368 -25.07 22.02 -46.24
CA TYR D 368 -25.24 23.31 -46.87
C TYR D 368 -25.31 24.39 -45.79
N LYS D 369 -24.39 25.37 -45.83
CA LYS D 369 -24.40 26.45 -44.89
C LYS D 369 -24.49 27.76 -45.66
N ASN D 370 -25.54 28.54 -45.41
CA ASN D 370 -25.70 29.84 -46.04
C ASN D 370 -25.71 30.92 -44.96
N THR D 371 -24.55 31.23 -44.40
CA THR D 371 -24.45 32.32 -43.42
C THR D 371 -24.45 33.68 -44.10
N SER D 372 -24.95 34.71 -43.38
CA SER D 372 -25.05 36.10 -43.85
C SER D 372 -25.11 37.06 -42.68
N GLN D 373 -24.36 38.15 -42.73
CA GLN D 373 -24.21 39.07 -41.61
C GLN D 373 -24.14 40.49 -42.16
N ASP D 374 -24.46 41.51 -41.34
CA ASP D 374 -24.63 42.85 -41.86
C ASP D 374 -24.77 43.87 -40.74
N SER D 375 -23.64 44.42 -40.26
CA SER D 375 -23.71 45.53 -39.33
C SER D 375 -23.75 46.84 -40.11
N GLY D 376 -24.70 47.72 -39.75
CA GLY D 376 -24.82 49.01 -40.43
C GLY D 376 -25.13 50.16 -39.48
N VAL D 377 -25.70 51.22 -40.06
CA VAL D 377 -26.15 52.41 -39.33
C VAL D 377 -27.62 52.60 -39.67
N PRO D 378 -28.53 52.59 -38.67
CA PRO D 378 -29.98 52.67 -38.93
C PRO D 378 -30.42 54.06 -39.38
N GLY D 387 -18.84 62.92 -38.91
CA GLY D 387 -19.38 61.72 -38.26
C GLY D 387 -19.13 60.45 -39.09
N LEU D 388 -18.49 59.46 -38.44
CA LEU D 388 -18.11 58.19 -39.04
C LEU D 388 -19.36 57.37 -39.40
N LEU D 389 -19.23 56.48 -40.39
CA LEU D 389 -20.30 55.57 -40.78
C LEU D 389 -19.71 54.25 -41.24
N PHE D 390 -19.10 53.48 -40.32
CA PHE D 390 -18.70 52.12 -40.65
C PHE D 390 -19.92 51.27 -41.01
N SER D 391 -19.76 50.36 -42.00
CA SER D 391 -20.89 49.61 -42.55
C SER D 391 -20.46 48.31 -43.24
N SER D 392 -20.08 47.31 -42.45
CA SER D 392 -19.59 46.04 -42.98
C SER D 392 -20.73 45.15 -43.45
N ARG D 393 -20.38 44.03 -44.10
CA ARG D 393 -21.31 42.97 -44.48
C ARG D 393 -20.55 41.71 -44.85
N SER D 394 -20.75 40.61 -44.12
CA SER D 394 -20.19 39.32 -44.50
C SER D 394 -21.25 38.47 -45.20
N ASP D 395 -20.80 37.41 -45.87
CA ASP D 395 -21.64 36.34 -46.41
C ASP D 395 -20.80 35.09 -46.55
N SER D 396 -21.47 33.97 -46.86
CA SER D 396 -20.85 32.67 -47.00
C SER D 396 -21.87 31.71 -47.59
N ASN D 397 -21.41 30.74 -48.37
CA ASN D 397 -22.31 29.78 -48.95
C ASN D 397 -21.61 28.43 -49.16
N GLU D 398 -21.19 27.80 -48.07
CA GLU D 398 -20.61 26.46 -48.11
C GLU D 398 -21.64 25.43 -48.55
N GLU D 399 -21.24 24.49 -49.39
CA GLU D 399 -22.03 23.33 -49.78
C GLU D 399 -21.11 22.12 -49.92
N SER D 400 -21.46 20.98 -49.33
CA SER D 400 -20.60 19.81 -49.33
C SER D 400 -21.40 18.54 -49.53
N THR D 401 -20.81 17.53 -50.16
CA THR D 401 -21.54 16.29 -50.37
C THR D 401 -20.58 15.10 -50.36
N LEU D 402 -20.92 14.08 -49.58
CA LEU D 402 -20.10 12.91 -49.42
C LEU D 402 -20.93 11.71 -49.82
N TYR D 403 -20.33 10.83 -50.61
CA TYR D 403 -21.01 9.62 -50.96
C TYR D 403 -20.11 8.43 -50.66
N VAL D 404 -20.69 7.33 -50.23
CA VAL D 404 -19.91 6.13 -50.02
C VAL D 404 -20.61 5.04 -50.79
N LEU D 405 -19.95 4.53 -51.82
CA LEU D 405 -20.54 3.50 -52.65
C LEU D 405 -19.80 2.18 -52.43
N VAL D 406 -20.38 1.05 -52.83
CA VAL D 406 -19.69 -0.21 -52.66
C VAL D 406 -20.08 -1.16 -53.79
N LYS D 407 -19.09 -1.77 -54.42
CA LYS D 407 -19.33 -2.72 -55.49
C LYS D 407 -18.62 -4.03 -55.15
N ALA D 408 -19.40 -5.10 -54.98
CA ALA D 408 -18.81 -6.40 -54.76
C ALA D 408 -19.00 -7.26 -56.01
N THR D 409 -18.00 -8.09 -56.30
CA THR D 409 -17.94 -8.95 -57.47
C THR D 409 -17.35 -10.31 -57.11
N ILE D 410 -18.13 -11.37 -57.35
CA ILE D 410 -17.69 -12.73 -57.11
C ILE D 410 -16.72 -13.13 -58.20
N VAL D 411 -15.54 -13.60 -57.82
CA VAL D 411 -14.45 -13.93 -58.72
C VAL D 411 -14.63 -15.34 -59.27
N ARG D 412 -14.93 -16.30 -58.39
CA ARG D 412 -15.05 -17.73 -58.71
C ARG D 412 -13.68 -18.27 -59.18
CA ASP E 108 -29.52 -42.88 -34.78
C ASP E 108 -29.76 -41.53 -35.47
N ASN E 109 -28.78 -40.63 -35.32
CA ASN E 109 -28.85 -39.32 -35.92
C ASN E 109 -28.16 -39.35 -37.26
N VAL E 110 -28.85 -38.90 -38.30
CA VAL E 110 -28.20 -38.62 -39.57
C VAL E 110 -27.62 -37.21 -39.54
N THR E 111 -26.62 -36.93 -40.38
CA THR E 111 -26.07 -35.59 -40.51
C THR E 111 -26.19 -35.15 -41.97
N GLN E 112 -27.01 -34.13 -42.23
CA GLN E 112 -27.11 -33.58 -43.57
C GLN E 112 -26.59 -32.13 -43.62
N THR E 113 -26.36 -31.65 -44.84
CA THR E 113 -26.04 -30.26 -45.08
C THR E 113 -27.16 -29.62 -45.90
N PHE E 114 -27.50 -28.38 -45.53
CA PHE E 114 -28.56 -27.62 -46.14
C PHE E 114 -27.95 -26.32 -46.66
N LYS E 115 -28.25 -25.95 -47.90
CA LYS E 115 -27.78 -24.70 -48.47
C LYS E 115 -28.76 -23.60 -48.14
N ILE E 116 -28.26 -22.54 -47.49
CA ILE E 116 -29.08 -21.41 -47.14
C ILE E 116 -28.88 -20.43 -48.27
N ASN E 117 -29.97 -19.86 -48.80
CA ASN E 117 -29.89 -19.09 -50.04
C ASN E 117 -30.01 -17.60 -49.80
N ASN E 118 -30.87 -17.18 -48.87
CA ASN E 118 -31.21 -15.78 -48.75
C ASN E 118 -30.58 -15.12 -47.54
N VAL E 119 -30.32 -15.85 -46.46
CA VAL E 119 -29.75 -15.21 -45.31
C VAL E 119 -28.47 -15.94 -44.93
N ARG E 120 -27.61 -15.30 -44.16
CA ARG E 120 -26.38 -15.93 -43.72
C ARG E 120 -26.74 -17.13 -42.87
N ALA E 121 -26.01 -18.21 -43.03
CA ALA E 121 -26.43 -19.44 -42.40
C ALA E 121 -26.16 -19.40 -40.91
N LYS E 122 -25.46 -18.37 -40.47
CA LYS E 122 -24.99 -18.28 -39.09
C LYS E 122 -26.10 -17.76 -38.20
N ASP E 123 -27.02 -16.97 -38.78
CA ASP E 123 -28.15 -16.36 -38.10
C ASP E 123 -29.25 -17.38 -37.88
N LEU E 124 -29.21 -18.49 -38.62
CA LEU E 124 -30.26 -19.49 -38.57
C LEU E 124 -29.73 -20.69 -37.78
N ILE E 125 -28.98 -20.47 -36.70
CA ILE E 125 -28.42 -21.59 -35.94
C ILE E 125 -29.29 -21.82 -34.71
N ARG E 126 -29.69 -20.73 -34.05
CA ARG E 126 -30.50 -20.79 -32.86
C ARG E 126 -31.89 -21.30 -33.20
N VAL E 127 -32.40 -20.81 -34.32
CA VAL E 127 -33.71 -21.17 -34.81
C VAL E 127 -33.73 -22.65 -35.14
N VAL E 128 -32.62 -23.15 -35.69
CA VAL E 128 -32.61 -24.51 -36.20
C VAL E 128 -32.19 -25.39 -35.05
N GLU E 129 -31.60 -24.79 -34.03
CA GLU E 129 -31.28 -25.54 -32.83
C GLU E 129 -32.57 -25.92 -32.13
N LEU E 130 -33.61 -25.07 -32.19
CA LEU E 130 -34.92 -25.36 -31.63
C LEU E 130 -35.61 -26.45 -32.43
N PHE E 131 -35.59 -26.36 -33.76
CA PHE E 131 -36.34 -27.32 -34.52
C PHE E 131 -35.84 -28.72 -34.22
N VAL E 132 -34.54 -28.82 -33.90
CA VAL E 132 -33.96 -30.14 -33.80
C VAL E 132 -33.92 -30.54 -32.33
N LYS E 133 -34.00 -29.58 -31.42
CA LYS E 133 -33.96 -29.88 -29.99
C LYS E 133 -35.05 -30.89 -29.65
N SER E 134 -34.76 -31.75 -28.65
CA SER E 134 -35.69 -32.75 -28.14
C SER E 134 -35.24 -33.20 -26.73
N SER E 140 -24.18 -28.78 -29.20
CA SER E 140 -23.92 -28.51 -30.64
C SER E 140 -24.47 -29.66 -31.47
N ASN E 141 -25.48 -29.34 -32.28
CA ASN E 141 -26.06 -30.29 -33.19
C ASN E 141 -26.23 -29.59 -34.52
N VAL E 142 -26.17 -28.25 -34.48
CA VAL E 142 -26.20 -27.46 -35.68
C VAL E 142 -24.91 -26.64 -35.77
N LEU E 143 -24.28 -26.65 -36.94
CA LEU E 143 -23.07 -25.91 -37.20
C LEU E 143 -23.22 -25.19 -38.53
N SER E 144 -22.46 -24.12 -38.74
CA SER E 144 -22.51 -23.39 -39.99
C SER E 144 -21.12 -23.35 -40.62
N VAL E 145 -21.03 -23.78 -41.88
CA VAL E 145 -19.83 -23.59 -42.67
C VAL E 145 -20.04 -22.27 -43.40
N ASP E 146 -19.35 -21.21 -42.98
CA ASP E 146 -19.66 -19.84 -43.38
C ASP E 146 -19.26 -19.56 -44.82
N GLY E 147 -18.30 -20.33 -45.33
CA GLY E 147 -17.75 -20.10 -46.64
C GLY E 147 -18.84 -20.30 -47.69
N SER E 148 -19.46 -21.47 -47.66
CA SER E 148 -20.41 -21.83 -48.68
C SER E 148 -21.85 -21.78 -48.17
N ASN E 149 -22.12 -20.98 -47.13
CA ASN E 149 -23.43 -20.78 -46.51
C ASN E 149 -24.16 -22.11 -46.41
N LEU E 150 -23.74 -22.89 -45.43
CA LEU E 150 -24.30 -24.21 -45.28
C LEU E 150 -24.59 -24.44 -43.81
N LEU E 151 -25.64 -25.22 -43.54
CA LEU E 151 -25.93 -25.66 -42.19
C LEU E 151 -25.81 -27.18 -42.11
N VAL E 152 -24.87 -27.65 -41.29
CA VAL E 152 -24.75 -29.07 -41.02
C VAL E 152 -25.54 -29.36 -39.75
N VAL E 153 -26.63 -30.16 -39.85
CA VAL E 153 -27.48 -30.47 -38.71
C VAL E 153 -27.45 -31.99 -38.45
N SER E 154 -27.37 -32.39 -37.17
CA SER E 154 -27.45 -33.80 -36.80
C SER E 154 -28.69 -34.02 -35.94
N ALA E 155 -29.65 -34.82 -36.42
CA ALA E 155 -30.90 -35.05 -35.73
C ALA E 155 -31.54 -36.30 -36.31
N PRO E 156 -32.49 -36.97 -35.63
CA PRO E 156 -33.22 -38.07 -36.26
C PRO E 156 -33.73 -37.77 -37.67
N LYS E 157 -33.81 -38.79 -38.52
CA LYS E 157 -34.16 -38.63 -39.92
C LYS E 157 -35.52 -37.94 -40.08
N ASP E 158 -36.47 -38.32 -39.22
CA ASP E 158 -37.82 -37.77 -39.23
C ASP E 158 -37.75 -36.26 -39.10
N ILE E 159 -37.05 -35.78 -38.06
CA ILE E 159 -36.86 -34.37 -37.83
C ILE E 159 -36.21 -33.79 -39.08
N LEU E 160 -35.23 -34.50 -39.63
CA LEU E 160 -34.45 -33.93 -40.72
C LEU E 160 -35.21 -34.05 -42.04
N ASP E 161 -36.43 -34.57 -41.98
CA ASP E 161 -37.23 -34.66 -43.18
C ASP E 161 -38.12 -33.43 -43.31
N ASN E 162 -38.41 -32.80 -42.17
CA ASN E 162 -39.25 -31.63 -42.08
C ASN E 162 -38.41 -30.35 -42.07
N LEU E 163 -37.09 -30.47 -41.86
CA LEU E 163 -36.26 -29.28 -41.84
C LEU E 163 -36.33 -28.54 -43.16
N PRO E 164 -36.35 -29.18 -44.34
CA PRO E 164 -36.56 -28.41 -45.57
C PRO E 164 -37.72 -27.41 -45.57
N GLN E 165 -38.86 -27.73 -44.94
CA GLN E 165 -40.01 -26.82 -44.97
C GLN E 165 -39.99 -25.80 -43.84
N PHE E 166 -39.08 -25.95 -42.88
CA PHE E 166 -38.91 -24.92 -41.88
C PHE E 166 -37.95 -23.87 -42.42
N LEU E 167 -37.04 -24.30 -43.28
CA LEU E 167 -36.05 -23.36 -43.75
C LEU E 167 -36.60 -22.63 -44.94
N SER E 168 -37.90 -22.75 -45.18
CA SER E 168 -38.50 -21.98 -46.25
C SER E 168 -39.43 -20.95 -45.63
N THR E 169 -39.43 -20.91 -44.30
CA THR E 169 -40.23 -19.98 -43.54
C THR E 169 -39.33 -19.14 -42.64
N VAL E 170 -38.02 -19.38 -42.71
CA VAL E 170 -37.13 -18.73 -41.78
C VAL E 170 -35.95 -18.18 -42.57
N ASP E 171 -35.79 -18.64 -43.81
CA ASP E 171 -34.67 -18.23 -44.62
C ASP E 171 -35.23 -17.45 -45.80
N LEU E 172 -35.70 -16.24 -45.51
CA LEU E 172 -36.44 -15.46 -46.49
C LEU E 172 -35.56 -14.30 -46.91
N PRO E 173 -35.85 -13.66 -48.08
CA PRO E 173 -35.10 -12.49 -48.52
C PRO E 173 -35.34 -11.25 -47.66
N THR E 174 -34.33 -10.84 -46.91
CA THR E 174 -34.41 -9.68 -46.04
C THR E 174 -34.48 -8.42 -46.89
N ASP E 175 -35.10 -7.38 -46.34
CA ASP E 175 -35.20 -6.08 -46.99
C ASP E 175 -34.09 -5.16 -46.49
N GLN E 176 -33.70 -4.22 -47.35
CA GLN E 176 -32.78 -3.18 -46.99
C GLN E 176 -33.55 -1.88 -46.91
N ILE E 177 -33.13 -1.01 -45.98
CA ILE E 177 -33.86 0.20 -45.71
C ILE E 177 -32.90 1.37 -45.92
N LEU E 178 -33.41 2.46 -46.47
CA LEU E 178 -32.62 3.66 -46.65
C LEU E 178 -33.18 4.76 -45.77
N ILE E 179 -32.55 4.97 -44.62
CA ILE E 179 -32.90 6.04 -43.71
C ILE E 179 -32.22 7.29 -44.23
N GLU E 180 -32.91 8.42 -44.17
CA GLU E 180 -32.39 9.67 -44.67
C GLU E 180 -32.73 10.76 -43.66
N GLY E 181 -31.78 11.07 -42.78
CA GLY E 181 -31.99 12.13 -41.80
C GLY E 181 -31.97 13.49 -42.48
N LEU E 182 -32.59 14.49 -41.83
CA LEU E 182 -32.55 15.86 -42.29
C LEU E 182 -32.55 16.81 -41.09
N ILE E 183 -31.45 17.54 -40.88
CA ILE E 183 -31.36 18.54 -39.84
C ILE E 183 -31.41 19.91 -40.52
N PHE E 184 -32.17 20.87 -39.97
CA PHE E 184 -32.37 22.17 -40.58
C PHE E 184 -32.44 23.28 -39.54
N GLU E 185 -31.47 24.20 -39.50
CA GLU E 185 -31.48 25.23 -38.50
C GLU E 185 -31.44 26.60 -39.17
N VAL E 186 -32.53 27.37 -39.08
CA VAL E 186 -32.53 28.75 -39.52
C VAL E 186 -32.37 29.66 -38.31
N GLN E 187 -31.34 30.52 -38.26
CA GLN E 187 -31.26 31.52 -37.21
C GLN E 187 -31.27 32.94 -37.77
N GLN E 188 -32.34 33.70 -37.52
CA GLN E 188 -32.34 35.13 -37.78
C GLN E 188 -31.70 35.84 -36.59
N GLY E 189 -31.85 37.17 -36.50
CA GLY E 189 -31.18 37.98 -35.48
C GLY E 189 -31.02 39.44 -35.90
N ASP E 190 -31.15 40.35 -34.92
CA ASP E 190 -30.99 41.79 -35.10
C ASP E 190 -30.53 42.40 -33.78
N ALA E 191 -30.35 43.73 -33.76
CA ALA E 191 -29.86 44.45 -32.61
C ALA E 191 -29.88 45.95 -32.91
N LEU E 192 -29.88 46.81 -31.87
CA LEU E 192 -29.88 48.26 -32.08
C LEU E 192 -29.34 49.00 -30.86
N ASP E 193 -28.04 48.91 -30.58
CA ASP E 193 -27.45 49.80 -29.59
C ASP E 193 -27.57 51.25 -30.08
N PHE E 194 -27.82 52.19 -29.16
CA PHE E 194 -28.11 53.58 -29.53
C PHE E 194 -27.85 54.54 -28.38
N SER E 195 -26.61 55.03 -28.24
CA SER E 195 -26.26 56.04 -27.24
C SER E 195 -26.69 57.44 -27.70
N PHE E 196 -26.80 58.38 -26.75
CA PHE E 196 -27.16 59.76 -27.02
C PHE E 196 -26.56 60.63 -25.94
N ALA E 197 -25.28 60.40 -25.64
CA ALA E 197 -24.55 61.29 -24.75
C ALA E 197 -24.74 62.73 -25.18
N ALA E 198 -25.00 63.63 -24.21
CA ALA E 198 -25.29 65.02 -24.49
C ALA E 198 -24.34 65.96 -23.72
N LEU E 235 -22.38 66.40 -28.19
CA LEU E 235 -23.53 65.50 -28.49
C LEU E 235 -23.06 64.32 -29.34
N SER E 236 -22.38 63.36 -28.71
CA SER E 236 -22.02 62.11 -29.38
C SER E 236 -23.26 61.22 -29.45
N VAL E 237 -23.49 60.58 -30.62
CA VAL E 237 -24.60 59.66 -30.85
C VAL E 237 -24.08 58.39 -31.52
N ARG E 238 -23.64 57.40 -30.74
CA ARG E 238 -23.30 56.12 -31.32
C ARG E 238 -24.59 55.38 -31.69
N ALA E 239 -24.50 54.50 -32.70
CA ALA E 239 -25.55 53.56 -33.06
C ALA E 239 -24.94 52.26 -33.54
N LEU E 240 -25.80 51.31 -33.96
CA LEU E 240 -25.45 50.01 -34.48
C LEU E 240 -26.75 49.33 -34.92
N LYS E 241 -26.69 48.59 -36.02
CA LYS E 241 -27.84 47.82 -36.43
C LYS E 241 -27.34 46.52 -37.06
N THR E 242 -26.86 45.62 -36.20
CA THR E 242 -26.39 44.33 -36.65
C THR E 242 -27.57 43.42 -36.97
N ASN E 243 -27.69 42.99 -38.24
CA ASN E 243 -28.48 41.82 -38.61
C ASN E 243 -27.60 40.58 -38.73
N SER E 244 -28.24 39.43 -39.01
CA SER E 244 -27.59 38.13 -39.14
C SER E 244 -28.62 37.08 -39.56
N HIS E 245 -28.17 36.12 -40.38
CA HIS E 245 -29.00 35.05 -40.89
C HIS E 245 -28.14 33.81 -40.97
N SER E 246 -28.77 32.63 -41.02
CA SER E 246 -28.04 31.37 -41.07
C SER E 246 -28.99 30.24 -41.47
N LYS E 247 -28.62 29.49 -42.50
CA LYS E 247 -29.36 28.31 -42.87
C LYS E 247 -28.38 27.14 -42.99
N ILE E 248 -28.53 26.14 -42.12
CA ILE E 248 -27.74 24.92 -42.17
C ILE E 248 -28.66 23.74 -42.47
N LEU E 249 -28.46 23.07 -43.61
CA LEU E 249 -29.21 21.87 -43.94
C LEU E 249 -28.25 20.69 -44.03
N SER E 250 -28.27 19.80 -43.04
CA SER E 250 -27.44 18.61 -43.05
C SER E 250 -28.29 17.38 -43.31
N VAL E 251 -28.02 16.63 -44.37
CA VAL E 251 -28.82 15.48 -44.76
C VAL E 251 -27.96 14.22 -44.66
N PRO E 252 -27.86 13.55 -43.49
CA PRO E 252 -27.20 12.25 -43.40
C PRO E 252 -28.02 11.13 -44.01
N ARG E 253 -27.34 10.08 -44.51
CA ARG E 253 -28.00 8.90 -45.09
C ARG E 253 -27.21 7.62 -44.81
N ILE E 254 -27.94 6.50 -44.71
CA ILE E 254 -27.38 5.21 -44.37
C ILE E 254 -28.30 4.12 -44.87
N LEU E 255 -27.75 3.14 -45.58
CA LEU E 255 -28.51 1.96 -45.97
C LEU E 255 -28.12 0.82 -45.05
N THR E 256 -29.12 0.11 -44.55
CA THR E 256 -28.86 -1.03 -43.70
C THR E 256 -29.95 -2.07 -43.91
N LEU E 257 -29.56 -3.33 -43.84
CA LEU E 257 -30.46 -4.47 -43.80
C LEU E 257 -31.35 -4.36 -42.57
N SER E 258 -32.60 -4.81 -42.75
CA SER E 258 -33.57 -4.86 -41.67
C SER E 258 -32.98 -5.68 -40.54
N GLY E 259 -33.05 -5.17 -39.35
CA GLY E 259 -32.64 -5.97 -38.23
C GLY E 259 -31.13 -5.90 -37.98
N GLN E 260 -30.49 -4.93 -38.60
CA GLN E 260 -29.07 -4.74 -38.43
C GLN E 260 -28.86 -3.29 -38.02
N LYS E 261 -27.74 -3.01 -37.38
CA LYS E 261 -27.45 -1.68 -36.92
C LYS E 261 -26.59 -1.02 -37.97
N GLY E 262 -26.82 0.26 -38.22
CA GLY E 262 -25.96 0.96 -39.15
C GLY E 262 -25.71 2.35 -38.61
N SER E 263 -24.50 2.87 -38.83
CA SER E 263 -24.23 4.21 -38.36
C SER E 263 -23.36 4.97 -39.35
N ILE E 264 -23.61 6.27 -39.44
CA ILE E 264 -22.79 7.17 -40.22
C ILE E 264 -22.31 8.28 -39.30
N SER E 265 -21.03 8.59 -39.35
CA SER E 265 -20.46 9.60 -38.49
C SER E 265 -19.46 10.42 -39.29
N VAL E 266 -19.69 11.72 -39.40
CA VAL E 266 -18.79 12.60 -40.10
C VAL E 266 -18.52 13.77 -39.18
N GLY E 267 -17.25 14.00 -38.86
CA GLY E 267 -16.94 15.10 -37.99
C GLY E 267 -15.48 15.08 -37.56
N GLN E 268 -15.27 15.13 -36.25
CA GLN E 268 -13.95 15.18 -35.70
C GLN E 268 -13.88 14.27 -34.48
N ASN E 269 -12.72 13.67 -34.25
CA ASN E 269 -12.57 12.82 -33.08
C ASN E 269 -11.72 13.62 -32.12
N VAL E 270 -12.32 13.99 -30.97
CA VAL E 270 -11.74 14.93 -30.06
C VAL E 270 -11.47 14.21 -28.74
N PRO E 271 -10.30 14.44 -28.11
CA PRO E 271 -10.03 13.85 -26.82
C PRO E 271 -10.62 14.67 -25.69
N PHE E 272 -11.22 13.97 -24.74
CA PHE E 272 -11.84 14.64 -23.62
C PHE E 272 -11.30 14.06 -22.33
N ILE E 273 -10.82 14.93 -21.44
CA ILE E 273 -10.29 14.54 -20.16
C ILE E 273 -11.41 13.99 -19.28
N THR E 274 -11.15 12.92 -18.52
CA THR E 274 -12.20 12.23 -17.79
C THR E 274 -11.91 12.06 -16.30
N THR E 290 -6.12 11.26 -17.47
CA THR E 290 -6.98 10.28 -18.20
C THR E 290 -7.76 10.96 -19.33
N VAL E 291 -7.67 10.41 -20.56
CA VAL E 291 -8.34 10.95 -21.74
C VAL E 291 -9.21 9.88 -22.36
N GLU E 292 -10.30 10.29 -23.00
CA GLU E 292 -11.23 9.42 -23.69
C GLU E 292 -11.68 10.12 -24.96
N ARG E 293 -11.49 9.48 -26.10
CA ARG E 293 -11.73 10.14 -27.37
C ARG E 293 -13.20 9.98 -27.65
N GLN E 294 -13.72 10.80 -28.57
CA GLN E 294 -15.16 10.87 -28.76
C GLN E 294 -15.46 11.67 -30.01
N ASN E 295 -16.39 11.16 -30.80
CA ASN E 295 -16.70 11.78 -32.07
C ASN E 295 -17.56 13.01 -31.80
N VAL E 296 -17.23 14.09 -32.48
CA VAL E 296 -18.02 15.29 -32.35
C VAL E 296 -18.31 15.81 -33.74
N GLY E 297 -19.52 15.56 -34.23
CA GLY E 297 -19.95 16.04 -35.53
C GLY E 297 -21.35 15.54 -35.79
N ILE E 298 -21.72 15.32 -37.05
CA ILE E 298 -23.00 14.74 -37.39
C ILE E 298 -22.85 13.22 -37.32
N SER E 299 -23.80 12.57 -36.65
CA SER E 299 -23.87 11.12 -36.66
C SER E 299 -25.32 10.67 -36.63
N MET E 300 -25.61 9.50 -37.19
CA MET E 300 -26.94 8.94 -37.14
C MET E 300 -26.80 7.44 -36.98
N SER E 301 -27.24 6.90 -35.85
CA SER E 301 -27.23 5.48 -35.64
C SER E 301 -28.63 4.99 -35.81
N VAL E 302 -28.82 3.91 -36.55
CA VAL E 302 -30.17 3.44 -36.79
C VAL E 302 -30.22 1.96 -36.45
N PHE E 303 -31.43 1.50 -36.15
CA PHE E 303 -31.70 0.08 -36.05
C PHE E 303 -33.11 -0.14 -36.54
N PRO E 304 -33.35 -0.28 -37.85
CA PRO E 304 -34.68 -0.47 -38.38
C PRO E 304 -35.11 -1.92 -38.52
N VAL E 305 -36.43 -2.14 -38.44
CA VAL E 305 -37.02 -3.45 -38.63
C VAL E 305 -38.26 -3.24 -39.48
N ALA E 306 -38.26 -3.80 -40.68
CA ALA E 306 -39.41 -3.68 -41.55
C ALA E 306 -40.36 -4.78 -41.18
N MET E 307 -41.65 -4.61 -41.47
CA MET E 307 -42.63 -5.52 -40.92
C MET E 307 -43.45 -6.21 -42.00
N ALA E 308 -44.38 -5.48 -42.62
CA ALA E 308 -45.33 -6.12 -43.52
C ALA E 308 -45.21 -5.52 -44.93
N GLY E 319 -45.52 -0.90 -46.78
CA GLY E 319 -44.96 -1.56 -45.57
C GLY E 319 -44.59 -0.55 -44.49
N ASN E 320 -44.35 -1.03 -43.27
CA ASN E 320 -43.97 -0.15 -42.17
C ASN E 320 -42.56 -0.44 -41.71
N ILE E 321 -41.95 0.51 -41.02
CA ILE E 321 -40.63 0.32 -40.45
C ILE E 321 -40.65 0.84 -39.02
N VAL E 322 -40.23 0.03 -38.06
CA VAL E 322 -40.02 0.57 -36.73
C VAL E 322 -38.55 0.93 -36.65
N LEU E 323 -38.24 2.15 -36.18
CA LEU E 323 -36.90 2.66 -36.28
C LEU E 323 -36.45 3.25 -34.95
N ASP E 324 -35.47 2.63 -34.31
CA ASP E 324 -34.79 3.24 -33.19
C ASP E 324 -33.70 4.16 -33.76
N ILE E 325 -33.70 5.45 -33.41
CA ILE E 325 -32.83 6.38 -34.11
C ILE E 325 -32.18 7.34 -33.13
N THR E 326 -30.88 7.59 -33.31
CA THR E 326 -30.22 8.68 -32.62
C THR E 326 -29.54 9.58 -33.63
N ILE E 327 -29.98 10.84 -33.80
CA ILE E 327 -29.30 11.78 -34.67
C ILE E 327 -28.59 12.80 -33.78
N LYS E 328 -27.27 12.93 -33.88
CA LYS E 328 -26.52 13.92 -33.13
C LYS E 328 -25.81 14.89 -34.08
N ALA E 329 -26.00 16.20 -33.92
CA ALA E 329 -25.27 17.18 -34.69
C ALA E 329 -24.48 18.08 -33.75
N ASP E 330 -23.18 17.84 -33.59
CA ASP E 330 -22.35 18.55 -32.63
C ASP E 330 -21.18 19.25 -33.31
N SER E 331 -20.54 20.18 -32.61
CA SER E 331 -19.41 20.97 -33.07
C SER E 331 -18.61 21.43 -31.87
N LEU E 332 -17.41 21.96 -32.08
CA LEU E 332 -16.57 22.39 -30.98
C LEU E 332 -16.75 23.88 -30.77
N SER E 333 -16.63 24.31 -29.51
CA SER E 333 -16.79 25.70 -29.15
C SER E 333 -15.41 26.30 -28.90
N SER E 334 -15.31 27.62 -29.04
CA SER E 334 -14.05 28.29 -28.80
C SER E 334 -13.95 28.75 -27.35
N SER E 335 -14.97 28.45 -26.54
CA SER E 335 -15.04 28.87 -25.15
C SER E 335 -13.99 28.15 -24.33
N THR E 336 -13.32 28.91 -23.48
CA THR E 336 -12.32 28.39 -22.56
C THR E 336 -12.75 28.73 -21.14
N GLN E 337 -14.05 28.54 -20.86
CA GLN E 337 -14.63 28.92 -19.60
C GLN E 337 -14.61 27.74 -18.66
N ALA E 338 -14.05 26.61 -19.07
CA ALA E 338 -14.14 25.44 -18.23
C ALA E 338 -12.84 24.63 -18.28
N SER E 339 -12.80 23.54 -17.53
CA SER E 339 -11.64 22.68 -17.44
C SER E 339 -11.15 22.26 -18.81
N ASP E 340 -12.05 21.71 -19.64
CA ASP E 340 -11.68 21.16 -20.94
C ASP E 340 -12.46 21.86 -22.04
N VAL E 341 -12.82 21.15 -23.11
CA VAL E 341 -13.40 21.73 -24.31
C VAL E 341 -14.92 21.65 -24.23
N ILE E 342 -15.62 22.76 -24.51
CA ILE E 342 -17.07 22.77 -24.57
C ILE E 342 -17.49 22.45 -25.99
N THR E 343 -18.57 21.67 -26.15
CA THR E 343 -19.08 21.23 -27.43
C THR E 343 -20.46 21.83 -27.61
N ASN E 344 -20.90 22.11 -28.84
CA ASN E 344 -22.25 22.57 -29.06
C ASN E 344 -23.07 21.36 -29.45
N GLN E 345 -24.07 20.98 -28.66
CA GLN E 345 -24.78 19.72 -28.83
C GLN E 345 -26.14 19.96 -29.48
N ARG E 346 -26.62 18.95 -30.21
CA ARG E 346 -27.97 18.87 -30.73
C ARG E 346 -28.26 17.41 -30.97
N SER E 347 -29.18 16.80 -30.20
CA SER E 347 -29.44 15.37 -30.33
C SER E 347 -30.93 15.04 -30.18
N ILE E 348 -31.39 14.06 -30.96
CA ILE E 348 -32.69 13.44 -30.78
C ILE E 348 -32.42 11.95 -30.62
N ALA E 349 -33.09 11.31 -29.67
CA ALA E 349 -33.06 9.86 -29.68
C ALA E 349 -34.45 9.35 -29.41
N THR E 350 -34.99 8.54 -30.31
CA THR E 350 -36.36 8.10 -30.17
C THR E 350 -36.53 6.77 -30.90
N THR E 351 -37.75 6.25 -30.82
CA THR E 351 -38.19 5.14 -31.64
C THR E 351 -39.50 5.57 -32.25
N VAL E 352 -39.62 5.45 -33.56
CA VAL E 352 -40.83 5.84 -34.25
C VAL E 352 -41.23 4.75 -35.22
N ASN E 353 -42.33 5.00 -35.90
CA ASN E 353 -42.92 4.05 -36.82
C ASN E 353 -43.15 4.84 -38.09
N LEU E 354 -42.51 4.41 -39.17
CA LEU E 354 -42.49 5.09 -40.45
C LEU E 354 -43.12 4.16 -41.46
N ARG E 355 -43.80 4.71 -42.45
CA ARG E 355 -44.23 3.98 -43.63
C ARG E 355 -43.08 3.92 -44.64
N ASP E 356 -43.36 3.32 -45.81
CA ASP E 356 -42.35 2.89 -46.75
C ASP E 356 -41.71 4.08 -47.46
N GLY E 357 -42.35 5.24 -47.43
CA GLY E 357 -41.68 6.36 -48.08
C GLY E 357 -42.17 7.70 -47.56
N GLN E 358 -42.18 7.83 -46.24
CA GLN E 358 -42.80 8.93 -45.54
C GLN E 358 -41.72 9.75 -44.85
N THR E 359 -41.99 11.03 -44.63
CA THR E 359 -41.12 11.84 -43.80
C THR E 359 -41.87 12.24 -42.54
N LEU E 360 -41.21 12.06 -41.40
CA LEU E 360 -41.79 12.39 -40.10
C LEU E 360 -40.98 13.52 -39.49
N LEU E 361 -41.59 14.30 -38.60
CA LEU E 361 -40.83 15.23 -37.77
C LEU E 361 -40.38 14.52 -36.51
N LEU E 362 -39.24 13.88 -36.60
CA LEU E 362 -38.68 13.16 -35.49
C LEU E 362 -38.44 14.08 -34.31
N GLY E 363 -38.62 15.38 -34.50
CA GLY E 363 -38.52 16.31 -33.37
C GLY E 363 -38.12 17.72 -33.79
N GLY E 364 -37.69 18.57 -32.86
CA GLY E 364 -37.29 19.92 -33.22
C GLY E 364 -37.18 20.84 -32.01
N LEU E 365 -36.77 22.10 -32.22
CA LEU E 365 -36.85 23.13 -31.19
C LEU E 365 -36.88 24.52 -31.81
N THR E 366 -37.93 25.30 -31.59
CA THR E 366 -37.90 26.67 -32.02
C THR E 366 -37.67 27.54 -30.80
N ASP E 367 -37.01 28.68 -31.00
CA ASP E 367 -36.59 29.54 -29.91
C ASP E 367 -36.73 30.99 -30.33
N TYR E 368 -37.04 31.88 -29.39
CA TYR E 368 -37.27 33.29 -29.66
C TYR E 368 -36.84 34.12 -28.47
N LYS E 369 -35.91 35.04 -28.65
CA LYS E 369 -35.47 35.92 -27.58
C LYS E 369 -35.68 37.36 -28.01
N ASN E 370 -36.51 38.10 -27.27
CA ASN E 370 -36.73 39.50 -27.56
C ASN E 370 -36.27 40.34 -26.38
N THR E 371 -34.96 40.50 -26.21
CA THR E 371 -34.41 41.35 -25.16
C THR E 371 -34.52 42.83 -25.53
N SER E 372 -34.62 43.70 -24.52
CA SER E 372 -34.75 45.15 -24.67
C SER E 372 -34.31 45.85 -23.39
N GLN E 373 -33.51 46.91 -23.51
CA GLN E 373 -32.89 47.57 -22.37
C GLN E 373 -32.88 49.07 -22.65
N ASP E 374 -32.80 49.91 -21.60
CA ASP E 374 -32.99 51.34 -21.78
C ASP E 374 -32.62 52.11 -20.51
N SER E 375 -31.35 52.51 -20.37
CA SER E 375 -30.98 53.40 -19.28
C SER E 375 -31.15 54.85 -19.74
N GLY E 376 -31.81 55.67 -18.93
CA GLY E 376 -32.02 57.07 -19.28
C GLY E 376 -31.86 58.00 -18.08
N VAL E 377 -32.48 59.18 -18.20
CA VAL E 377 -32.53 60.20 -17.17
C VAL E 377 -34.01 60.50 -16.91
N PRO E 378 -34.51 60.31 -15.67
CA PRO E 378 -35.94 60.49 -15.38
C PRO E 378 -36.37 61.97 -15.39
N GLY E 387 -24.52 70.17 -17.48
CA GLY E 387 -24.91 68.86 -16.91
C GLY E 387 -25.08 67.80 -18.00
N LEU E 388 -24.37 66.67 -17.82
CA LEU E 388 -24.35 65.54 -18.73
C LEU E 388 -25.72 64.86 -18.76
N LEU E 389 -26.03 64.19 -19.88
CA LEU E 389 -27.25 63.41 -20.01
C LEU E 389 -26.99 62.19 -20.87
N PHE E 390 -26.19 61.24 -20.40
CA PHE E 390 -26.06 59.96 -21.09
C PHE E 390 -27.41 59.23 -21.14
N SER E 391 -27.71 58.54 -22.25
CA SER E 391 -29.02 57.96 -22.49
C SER E 391 -28.99 56.83 -23.52
N SER E 392 -28.46 55.67 -23.11
CA SER E 392 -28.33 54.53 -24.00
C SER E 392 -29.64 53.78 -24.19
N ARG E 393 -29.66 52.81 -25.12
CA ARG E 393 -30.76 51.89 -25.32
C ARG E 393 -30.30 50.70 -26.17
N SER E 394 -30.36 49.48 -25.61
CA SER E 394 -30.10 48.28 -26.40
C SER E 394 -31.41 47.62 -26.82
N ASP E 395 -31.33 46.70 -27.78
CA ASP E 395 -32.40 45.81 -28.17
C ASP E 395 -31.79 44.57 -28.82
N SER E 396 -32.64 43.57 -29.06
CA SER E 396 -32.24 42.31 -29.66
C SER E 396 -33.50 41.53 -30.01
N ASN E 397 -33.43 40.73 -31.07
CA ASN E 397 -34.58 39.93 -31.45
C ASN E 397 -34.14 38.65 -32.15
N GLU E 398 -33.44 37.78 -31.41
CA GLU E 398 -33.05 36.47 -31.89
C GLU E 398 -34.27 35.58 -32.11
N GLU E 399 -34.28 34.82 -33.21
CA GLU E 399 -35.27 33.80 -33.48
C GLU E 399 -34.58 32.61 -34.15
N SER E 400 -34.84 31.38 -33.69
CA SER E 400 -34.15 30.21 -34.21
C SER E 400 -35.11 29.03 -34.34
N THR E 401 -34.88 28.16 -35.32
CA THR E 401 -35.76 27.02 -35.47
C THR E 401 -34.98 25.82 -36.02
N LEU E 402 -35.13 24.68 -35.37
CA LEU E 402 -34.43 23.46 -35.74
C LEU E 402 -35.47 22.40 -36.03
N TYR E 403 -35.27 21.69 -37.12
CA TYR E 403 -36.15 20.60 -37.42
C TYR E 403 -35.33 19.34 -37.68
N VAL E 404 -35.84 18.20 -37.28
CA VAL E 404 -35.16 16.95 -37.58
C VAL E 404 -36.20 16.08 -38.24
N LEU E 405 -35.98 15.76 -39.52
CA LEU E 405 -36.93 14.94 -40.25
C LEU E 405 -36.29 13.59 -40.55
N VAL E 406 -37.09 12.57 -40.89
CA VAL E 406 -36.51 11.29 -41.22
C VAL E 406 -37.37 10.60 -42.29
N LYS E 407 -36.71 10.10 -43.33
CA LYS E 407 -37.40 9.40 -44.40
C LYS E 407 -36.77 8.03 -44.59
N ALA E 408 -37.54 6.97 -44.35
CA ALA E 408 -37.07 5.63 -44.60
C ALA E 408 -37.75 5.06 -45.83
N THR E 409 -36.99 4.28 -46.60
CA THR E 409 -37.44 3.68 -47.86
C THR E 409 -36.90 2.25 -47.99
N ILE E 410 -37.81 1.28 -48.13
CA ILE E 410 -37.46 -0.10 -48.30
C ILE E 410 -36.99 -0.31 -49.73
N VAL E 411 -35.79 -0.88 -49.88
CA VAL E 411 -35.12 -1.06 -51.16
C VAL E 411 -35.63 -2.31 -51.86
N ARG E 412 -35.70 -3.43 -51.11
CA ARG E 412 -36.06 -4.74 -51.62
C ARG E 412 -35.02 -5.21 -52.64
CA ASP F 108 -43.96 -33.81 -29.06
C ASP F 108 -44.28 -32.34 -29.37
N ASN F 109 -43.22 -31.53 -29.44
CA ASN F 109 -43.34 -30.11 -29.71
C ASN F 109 -43.16 -29.89 -31.20
N VAL F 110 -44.12 -29.21 -31.82
CA VAL F 110 -43.92 -28.70 -33.17
C VAL F 110 -43.21 -27.35 -33.08
N THR F 111 -42.55 -26.93 -34.16
CA THR F 111 -41.94 -25.61 -34.24
C THR F 111 -42.51 -24.88 -35.45
N GLN F 112 -43.26 -23.80 -35.21
CA GLN F 112 -43.76 -22.98 -36.31
C GLN F 112 -43.14 -21.59 -36.27
N THR F 113 -43.31 -20.86 -37.39
CA THR F 113 -42.95 -19.46 -37.47
C THR F 113 -44.20 -18.63 -37.71
N PHE F 114 -44.26 -17.49 -37.02
CA PHE F 114 -45.38 -16.58 -37.06
C PHE F 114 -44.86 -15.23 -37.51
N LYS F 115 -45.53 -14.59 -38.48
CA LYS F 115 -45.16 -13.26 -38.93
C LYS F 115 -45.85 -12.23 -38.06
N ILE F 116 -45.04 -11.35 -37.47
CA ILE F 116 -45.57 -10.28 -36.65
C ILE F 116 -45.68 -9.09 -37.58
N ASN F 117 -46.81 -8.39 -37.57
CA ASN F 117 -47.08 -7.39 -38.60
C ASN F 117 -46.96 -5.97 -38.06
N ASN F 118 -47.40 -5.72 -36.83
CA ASN F 118 -47.53 -4.36 -36.34
C ASN F 118 -46.44 -4.01 -35.35
N VAL F 119 -45.92 -4.95 -34.58
CA VAL F 119 -44.91 -4.57 -33.60
C VAL F 119 -43.67 -5.40 -33.84
N ARG F 120 -42.54 -4.96 -33.33
CA ARG F 120 -41.31 -5.71 -33.49
C ARG F 120 -41.48 -7.05 -32.79
N ALA F 121 -40.96 -8.11 -33.41
CA ALA F 121 -41.25 -9.42 -32.91
C ALA F 121 -40.48 -9.69 -31.63
N LYS F 122 -39.57 -8.80 -31.29
CA LYS F 122 -38.66 -9.01 -30.18
C LYS F 122 -39.33 -8.65 -28.86
N ASP F 123 -40.31 -7.74 -28.93
CA ASP F 123 -41.06 -7.25 -27.78
C ASP F 123 -42.13 -8.25 -27.38
N LEU F 124 -42.46 -9.18 -28.27
CA LEU F 124 -43.52 -10.14 -28.04
C LEU F 124 -42.88 -11.49 -27.74
N ILE F 125 -41.79 -11.53 -26.96
CA ILE F 125 -41.12 -12.80 -26.67
C ILE F 125 -41.53 -13.24 -25.28
N ARG F 126 -41.56 -12.30 -24.34
CA ARG F 126 -41.91 -12.58 -22.96
C ARG F 126 -43.39 -12.95 -22.86
N VAL F 127 -44.20 -12.24 -23.62
CA VAL F 127 -45.63 -12.44 -23.66
C VAL F 127 -45.91 -13.82 -24.23
N VAL F 128 -45.11 -14.23 -25.21
CA VAL F 128 -45.42 -15.45 -25.93
C VAL F 128 -44.72 -16.58 -25.19
N GLU F 129 -43.75 -16.21 -24.36
CA GLU F 129 -43.13 -17.19 -23.51
C GLU F 129 -44.12 -17.67 -22.46
N LEU F 130 -45.03 -16.79 -22.00
CA LEU F 130 -46.08 -17.15 -21.06
C LEU F 130 -47.12 -18.03 -21.74
N PHE F 131 -47.55 -17.67 -22.95
CA PHE F 131 -48.63 -18.42 -23.56
C PHE F 131 -48.19 -19.88 -23.73
N VAL F 132 -46.88 -20.09 -23.91
CA VAL F 132 -46.44 -21.41 -24.26
C VAL F 132 -45.93 -22.10 -23.01
N LYS F 133 -45.60 -21.35 -21.97
CA LYS F 133 -45.10 -21.94 -20.73
C LYS F 133 -46.11 -22.96 -20.21
N SER F 134 -45.58 -24.02 -19.55
CA SER F 134 -46.37 -25.07 -18.93
C SER F 134 -45.52 -25.82 -17.90
N SER F 140 -35.57 -21.35 -23.31
CA SER F 140 -35.81 -20.80 -24.68
C SER F 140 -36.73 -21.74 -25.45
N ASN F 141 -37.91 -21.23 -25.77
CA ASN F 141 -38.87 -21.95 -26.57
C ASN F 141 -39.42 -20.98 -27.60
N VAL F 142 -39.21 -19.68 -27.34
CA VAL F 142 -39.57 -18.66 -28.30
C VAL F 142 -38.31 -17.89 -28.69
N LEU F 143 -38.13 -17.67 -29.99
CA LEU F 143 -37.02 -16.93 -30.52
C LEU F 143 -37.53 -15.95 -31.55
N SER F 144 -36.78 -14.89 -31.83
CA SER F 144 -37.18 -13.91 -32.83
C SER F 144 -36.10 -13.79 -33.90
N VAL F 145 -36.49 -13.95 -35.16
CA VAL F 145 -35.63 -13.63 -36.27
C VAL F 145 -35.93 -12.19 -36.63
N ASP F 146 -35.03 -11.25 -36.28
CA ASP F 146 -35.32 -9.82 -36.30
C ASP F 146 -35.42 -9.26 -37.71
N GLY F 147 -34.77 -9.94 -38.65
CA GLY F 147 -34.70 -9.46 -40.02
C GLY F 147 -36.09 -9.41 -40.61
N SER F 148 -36.78 -10.54 -40.58
CA SER F 148 -38.06 -10.64 -41.25
C SER F 148 -39.22 -10.65 -40.25
N ASN F 149 -39.03 -10.07 -39.06
CA ASN F 149 -40.01 -9.98 -37.99
C ASN F 149 -40.81 -11.27 -37.87
N LEU F 150 -40.16 -12.25 -37.27
CA LEU F 150 -40.76 -13.56 -37.17
C LEU F 150 -40.55 -14.07 -35.77
N LEU F 151 -41.51 -14.87 -35.28
CA LEU F 151 -41.36 -15.57 -34.03
C LEU F 151 -41.37 -17.07 -34.27
N VAL F 152 -40.28 -17.74 -33.93
CA VAL F 152 -40.22 -19.18 -34.00
C VAL F 152 -40.54 -19.70 -32.61
N VAL F 153 -41.68 -20.42 -32.45
CA VAL F 153 -42.12 -20.94 -31.15
C VAL F 153 -42.15 -22.47 -31.19
N SER F 154 -41.68 -23.13 -30.13
CA SER F 154 -41.77 -24.58 -30.01
C SER F 154 -42.65 -24.93 -28.82
N ALA F 155 -43.80 -25.59 -29.07
CA ALA F 155 -44.75 -25.92 -28.02
C ALA F 155 -45.68 -26.99 -28.56
N PRO F 156 -46.40 -27.77 -27.73
CA PRO F 156 -47.42 -28.69 -28.23
C PRO F 156 -48.34 -28.09 -29.28
N LYS F 157 -48.82 -28.90 -30.21
CA LYS F 157 -49.61 -28.44 -31.35
C LYS F 157 -50.86 -27.70 -30.89
N ASP F 158 -51.50 -28.20 -29.82
CA ASP F 158 -52.70 -27.63 -29.25
C ASP F 158 -52.42 -26.17 -28.88
N ILE F 159 -51.37 -25.95 -28.09
CA ILE F 159 -50.96 -24.62 -27.70
C ILE F 159 -50.73 -23.81 -28.97
N LEU F 160 -50.08 -24.43 -29.95
CA LEU F 160 -49.67 -23.68 -31.14
C LEU F 160 -50.84 -23.49 -32.09
N ASP F 161 -52.01 -23.98 -31.69
CA ASP F 161 -53.19 -23.78 -32.52
C ASP F 161 -53.93 -22.53 -32.09
N ASN F 162 -53.74 -22.14 -30.83
CA ASN F 162 -54.37 -20.99 -30.23
C ASN F 162 -53.45 -19.77 -30.29
N LEU F 163 -52.17 -19.97 -30.61
CA LEU F 163 -51.25 -18.84 -30.67
C LEU F 163 -51.70 -17.84 -31.72
N PRO F 164 -52.20 -18.22 -32.90
CA PRO F 164 -52.74 -17.22 -33.82
C PRO F 164 -53.72 -16.19 -33.22
N GLN F 165 -54.60 -16.59 -32.29
CA GLN F 165 -55.58 -15.66 -31.74
C GLN F 165 -55.06 -14.90 -30.53
N PHE F 166 -53.90 -15.27 -30.00
CA PHE F 166 -53.30 -14.47 -28.96
C PHE F 166 -52.48 -13.37 -29.61
N LEU F 167 -51.97 -13.64 -30.80
CA LEU F 167 -51.10 -12.66 -31.42
C LEU F 167 -51.96 -11.68 -32.17
N SER F 168 -53.27 -11.71 -31.96
CA SER F 168 -54.12 -10.72 -32.57
C SER F 168 -54.66 -9.81 -31.49
N THR F 169 -54.21 -10.05 -30.25
CA THR F 169 -54.59 -9.26 -29.10
C THR F 169 -53.35 -8.66 -28.45
N VAL F 170 -52.19 -8.91 -29.02
CA VAL F 170 -50.96 -8.50 -28.39
C VAL F 170 -50.07 -7.84 -29.42
N ASP F 171 -50.40 -8.03 -30.69
CA ASP F 171 -49.59 -7.51 -31.77
C ASP F 171 -50.45 -6.48 -32.50
N LEU F 172 -50.66 -5.34 -31.84
CA LEU F 172 -51.60 -4.35 -32.34
C LEU F 172 -50.80 -3.15 -32.83
N PRO F 173 -51.41 -2.28 -33.68
CA PRO F 173 -50.75 -1.07 -34.14
C PRO F 173 -50.54 -0.03 -33.04
N THR F 174 -49.29 0.20 -32.66
CA THR F 174 -48.96 1.15 -31.61
C THR F 174 -49.18 2.56 -32.14
N ASP F 175 -49.46 3.48 -31.21
CA ASP F 175 -49.65 4.88 -31.54
C ASP F 175 -48.35 5.65 -31.31
N GLN F 176 -48.19 6.72 -32.07
CA GLN F 176 -47.09 7.65 -31.89
C GLN F 176 -47.65 8.92 -31.29
N ILE F 177 -46.85 9.56 -30.45
CA ILE F 177 -47.30 10.73 -29.71
C ILE F 177 -46.36 11.87 -30.04
N LEU F 178 -46.92 13.08 -30.14
CA LEU F 178 -46.11 14.25 -30.39
C LEU F 178 -46.23 15.17 -29.19
N ILE F 179 -45.21 15.11 -28.32
CA ILE F 179 -45.12 15.98 -27.16
C ILE F 179 -44.53 17.29 -27.66
N GLU F 180 -45.03 18.41 -27.15
CA GLU F 180 -44.59 19.72 -27.57
C GLU F 180 -44.45 20.59 -26.32
N GLY F 181 -43.24 20.68 -25.79
CA GLY F 181 -42.97 21.51 -24.64
C GLY F 181 -43.04 22.99 -25.00
N LEU F 182 -43.29 23.85 -24.01
CA LEU F 182 -43.29 25.29 -24.20
C LEU F 182 -42.77 25.97 -22.93
N ILE F 183 -41.60 26.58 -23.00
CA ILE F 183 -41.05 27.36 -21.90
C ILE F 183 -41.19 28.84 -22.25
N PHE F 184 -41.61 29.69 -21.29
CA PHE F 184 -41.87 31.09 -21.55
C PHE F 184 -41.47 31.97 -20.36
N GLU F 185 -40.45 32.81 -20.52
CA GLU F 185 -40.01 33.63 -19.41
C GLU F 185 -40.06 35.11 -19.79
N VAL F 186 -40.97 35.87 -19.18
CA VAL F 186 -40.98 37.32 -19.34
C VAL F 186 -40.33 37.95 -18.11
N GLN F 187 -39.27 38.75 -18.28
CA GLN F 187 -38.72 39.52 -17.17
C GLN F 187 -38.78 41.02 -17.43
N GLN F 188 -39.61 41.75 -16.67
CA GLN F 188 -39.55 43.20 -16.66
C GLN F 188 -38.48 43.63 -15.67
N GLY F 189 -38.45 44.92 -15.29
CA GLY F 189 -37.40 45.47 -14.45
C GLY F 189 -37.24 46.99 -14.62
N ASP F 190 -36.93 47.68 -13.51
CA ASP F 190 -36.70 49.13 -13.46
C ASP F 190 -35.75 49.44 -12.31
N ALA F 191 -35.43 50.73 -12.12
CA ALA F 191 -34.50 51.18 -11.11
C ALA F 191 -34.47 52.71 -11.10
N LEU F 192 -34.01 53.33 -9.99
CA LEU F 192 -33.93 54.78 -9.93
C LEU F 192 -32.94 55.24 -8.86
N ASP F 193 -31.63 55.05 -9.09
CA ASP F 193 -30.65 55.69 -8.23
C ASP F 193 -30.76 57.21 -8.37
N PHE F 194 -30.59 57.96 -7.27
CA PHE F 194 -30.84 59.40 -7.25
C PHE F 194 -30.10 60.09 -6.11
N SER F 195 -28.84 60.49 -6.34
CA SER F 195 -28.07 61.26 -5.37
C SER F 195 -28.47 62.74 -5.37
N PHE F 196 -28.15 63.46 -4.30
CA PHE F 196 -28.43 64.89 -4.17
C PHE F 196 -27.41 65.48 -3.23
N ALA F 197 -26.14 65.16 -3.46
CA ALA F 197 -25.06 65.81 -2.74
C ALA F 197 -25.25 67.33 -2.80
N ALA F 198 -25.05 68.01 -1.66
CA ALA F 198 -25.28 69.45 -1.57
C ALA F 198 -24.02 70.17 -1.03
N LEU F 235 -23.69 71.45 -5.75
CA LEU F 235 -24.97 70.68 -5.78
C LEU F 235 -24.94 69.70 -6.93
N SER F 236 -24.19 68.60 -6.77
CA SER F 236 -24.22 67.50 -7.73
C SER F 236 -25.50 66.68 -7.52
N VAL F 237 -26.18 66.32 -8.63
CA VAL F 237 -27.38 65.50 -8.61
C VAL F 237 -27.26 64.38 -9.65
N ARG F 238 -26.69 63.24 -9.26
CA ARG F 238 -26.70 62.08 -10.15
C ARG F 238 -28.11 61.49 -10.16
N ALA F 239 -28.46 60.84 -11.28
CA ALA F 239 -29.67 60.02 -11.40
C ALA F 239 -29.39 58.83 -12.31
N LEU F 240 -30.45 58.03 -12.55
CA LEU F 240 -30.44 56.84 -13.39
C LEU F 240 -31.87 56.32 -13.45
N LYS F 241 -32.28 55.81 -14.62
CA LYS F 241 -33.58 55.19 -14.72
C LYS F 241 -33.48 54.04 -15.70
N THR F 242 -32.82 52.96 -15.26
CA THR F 242 -32.67 51.78 -16.07
C THR F 242 -33.98 50.99 -16.12
N ASN F 243 -34.56 50.84 -17.31
CA ASN F 243 -35.55 49.80 -17.58
C ASN F 243 -34.91 48.58 -18.23
N SER F 244 -35.72 47.54 -18.47
CA SER F 244 -35.30 46.28 -19.06
C SER F 244 -36.50 45.36 -19.26
N HIS F 245 -36.47 44.58 -20.33
CA HIS F 245 -37.53 43.66 -20.71
C HIS F 245 -36.87 42.43 -21.33
N SER F 246 -37.60 41.31 -21.36
CA SER F 246 -37.06 40.07 -21.87
C SER F 246 -38.20 39.07 -22.11
N LYS F 247 -38.30 38.53 -23.33
CA LYS F 247 -39.23 37.47 -23.61
C LYS F 247 -38.48 36.33 -24.29
N ILE F 248 -38.40 35.18 -23.61
CA ILE F 248 -37.81 33.97 -24.16
C ILE F 248 -38.89 32.90 -24.33
N LEU F 249 -39.16 32.47 -25.56
CA LEU F 249 -40.10 31.39 -25.80
C LEU F 249 -39.35 30.23 -26.45
N SER F 250 -39.13 29.15 -25.70
CA SER F 250 -38.48 27.96 -26.22
C SER F 250 -39.50 26.85 -26.38
N VAL F 251 -39.69 26.32 -27.58
CA VAL F 251 -40.68 25.30 -27.87
C VAL F 251 -39.99 24.02 -28.32
N PRO F 252 -39.55 23.13 -27.40
CA PRO F 252 -39.05 21.82 -27.78
C PRO F 252 -40.13 20.86 -28.26
N ARG F 253 -39.79 19.91 -29.15
CA ARG F 253 -40.72 18.91 -29.67
C ARG F 253 -40.03 17.58 -29.93
N ILE F 254 -40.79 16.49 -29.77
CA ILE F 254 -40.26 15.13 -29.89
C ILE F 254 -41.42 14.21 -30.22
N LEU F 255 -41.25 13.37 -31.24
CA LEU F 255 -42.21 12.32 -31.53
C LEU F 255 -41.66 11.01 -31.04
N THR F 256 -42.49 10.23 -30.36
CA THR F 256 -42.08 8.94 -29.87
C THR F 256 -43.27 8.00 -29.88
N LEU F 257 -43.02 6.74 -30.17
CA LEU F 257 -43.96 5.65 -30.01
C LEU F 257 -44.37 5.54 -28.56
N SER F 258 -45.63 5.16 -28.34
CA SER F 258 -46.17 4.93 -27.03
C SER F 258 -45.30 3.88 -26.37
N GLY F 259 -44.91 4.13 -25.15
CA GLY F 259 -44.22 3.09 -24.42
C GLY F 259 -42.74 3.06 -24.72
N GLN F 260 -42.25 4.12 -25.34
CA GLN F 260 -40.84 4.23 -25.65
C GLN F 260 -40.35 5.56 -25.08
N LYS F 261 -39.05 5.66 -24.85
CA LYS F 261 -38.49 6.86 -24.29
C LYS F 261 -37.97 7.69 -25.44
N GLY F 262 -38.14 9.00 -25.35
CA GLY F 262 -37.59 9.85 -26.38
C GLY F 262 -37.01 11.08 -25.72
N SER F 263 -35.91 11.60 -26.26
CA SER F 263 -35.35 12.80 -25.69
C SER F 263 -34.83 13.72 -26.77
N ILE F 264 -34.95 15.02 -26.53
CA ILE F 264 -34.36 16.03 -27.38
C ILE F 264 -33.48 16.91 -26.49
N SER F 265 -32.27 17.19 -26.95
CA SER F 265 -31.34 17.99 -26.18
C SER F 265 -30.59 18.92 -27.12
N VAL F 266 -30.71 20.22 -26.89
CA VAL F 266 -30.00 21.20 -27.71
C VAL F 266 -29.33 22.14 -26.75
N GLY F 267 -28.02 22.26 -26.86
CA GLY F 267 -27.31 23.16 -25.99
C GLY F 267 -25.80 22.99 -26.13
N GLN F 268 -25.15 22.76 -24.99
CA GLN F 268 -23.72 22.64 -24.96
C GLN F 268 -23.33 21.52 -24.02
N ASN F 269 -22.24 20.84 -24.33
CA ASN F 269 -21.78 19.77 -23.46
C ASN F 269 -20.57 20.31 -22.74
N VAL F 270 -20.71 20.45 -21.42
CA VAL F 270 -19.74 21.18 -20.61
C VAL F 270 -19.12 20.20 -19.63
N PRO F 271 -17.80 20.25 -19.42
CA PRO F 271 -17.16 19.40 -18.44
C PRO F 271 -17.24 19.99 -17.05
N PHE F 272 -17.53 19.13 -16.09
CA PHE F 272 -17.66 19.57 -14.72
C PHE F 272 -16.77 18.72 -13.84
N ILE F 273 -15.92 19.38 -13.04
CA ILE F 273 -15.02 18.70 -12.13
C ILE F 273 -15.83 18.02 -11.03
N THR F 274 -15.44 16.80 -10.62
CA THR F 274 -16.23 16.01 -9.70
C THR F 274 -15.46 15.52 -8.46
N THR F 290 -10.54 14.80 -11.78
CA THR F 290 -11.71 14.02 -12.30
C THR F 290 -12.75 14.95 -12.93
N VAL F 291 -13.15 14.67 -14.19
CA VAL F 291 -14.12 15.46 -14.92
C VAL F 291 -15.28 14.57 -15.37
N GLU F 292 -16.47 15.14 -15.49
CA GLU F 292 -17.67 14.46 -15.96
C GLU F 292 -18.45 15.43 -16.82
N ARG F 293 -18.73 15.03 -18.06
CA ARG F 293 -19.31 15.93 -19.01
C ARG F 293 -20.80 15.89 -18.78
N GLN F 294 -21.52 16.90 -19.29
CA GLN F 294 -22.91 17.06 -18.94
C GLN F 294 -23.54 18.10 -19.84
N ASN F 295 -24.74 17.79 -20.32
CA ASN F 295 -25.40 18.68 -21.26
C ASN F 295 -25.97 19.85 -20.49
N VAL F 296 -25.80 21.04 -21.01
CA VAL F 296 -26.36 22.21 -20.40
C VAL F 296 -27.06 23.01 -21.47
N GLY F 297 -28.38 22.92 -21.54
CA GLY F 297 -29.18 23.66 -22.49
C GLY F 297 -30.62 23.27 -22.31
N ILE F 298 -31.43 23.32 -23.38
CA ILE F 298 -32.81 22.86 -23.33
C ILE F 298 -32.80 21.37 -23.59
N SER F 299 -33.52 20.62 -22.75
CA SER F 299 -33.74 19.21 -23.00
C SER F 299 -35.14 18.82 -22.55
N MET F 300 -35.71 17.80 -23.17
CA MET F 300 -36.98 17.27 -22.75
C MET F 300 -36.95 15.76 -22.93
N SER F 301 -37.02 15.03 -21.83
CA SER F 301 -37.10 13.58 -21.89
C SER F 301 -38.52 13.18 -21.63
N VAL F 302 -39.05 12.29 -22.43
CA VAL F 302 -40.44 11.93 -22.27
C VAL F 302 -40.53 10.42 -22.21
N PHE F 303 -41.60 9.94 -21.58
CA PHE F 303 -41.97 8.54 -21.65
C PHE F 303 -43.49 8.47 -21.64
N PRO F 304 -44.17 8.62 -22.78
CA PRO F 304 -45.61 8.57 -22.82
C PRO F 304 -46.22 7.21 -23.05
N VAL F 305 -47.45 7.02 -22.56
CA VAL F 305 -48.20 5.80 -22.74
C VAL F 305 -49.62 6.22 -23.05
N ALA F 306 -50.09 5.93 -24.25
CA ALA F 306 -51.45 6.26 -24.61
C ALA F 306 -52.33 5.12 -24.13
N MET F 307 -53.61 5.40 -23.90
CA MET F 307 -54.43 4.42 -23.20
C MET F 307 -55.63 4.00 -24.03
N ALA F 308 -56.64 4.87 -24.15
CA ALA F 308 -57.90 4.45 -24.74
C ALA F 308 -58.22 5.33 -25.98
N GLY F 319 -58.65 10.23 -26.72
CA GLY F 319 -57.79 9.32 -25.93
C GLY F 319 -56.97 10.07 -24.88
N ASN F 320 -56.37 9.35 -23.93
CA ASN F 320 -55.56 9.98 -22.90
C ASN F 320 -54.12 9.56 -23.04
N ILE F 321 -53.20 10.34 -22.46
CA ILE F 321 -51.80 9.99 -22.44
C ILE F 321 -51.27 10.20 -21.03
N VAL F 322 -50.64 9.19 -20.45
CA VAL F 322 -49.93 9.43 -19.21
C VAL F 322 -48.48 9.73 -19.60
N LEU F 323 -47.91 10.80 -19.05
CA LEU F 323 -46.63 11.29 -19.54
C LEU F 323 -45.71 11.57 -18.36
N ASP F 324 -44.64 10.79 -18.25
CA ASP F 324 -43.55 11.15 -17.36
C ASP F 324 -42.65 12.12 -18.11
N ILE F 325 -42.39 13.31 -17.55
CA ILE F 325 -41.72 14.35 -18.34
C ILE F 325 -40.68 15.06 -17.50
N THR F 326 -39.50 15.30 -18.07
CA THR F 326 -38.54 16.20 -17.49
C THR F 326 -38.16 17.27 -18.51
N ILE F 327 -38.49 18.54 -18.25
CA ILE F 327 -38.05 19.63 -19.12
C ILE F 327 -36.98 20.41 -18.37
N LYS F 328 -35.76 20.51 -18.92
CA LYS F 328 -34.70 21.31 -18.32
C LYS F 328 -34.27 22.43 -19.27
N ALA F 329 -34.26 23.68 -18.81
CA ALA F 329 -33.74 24.78 -19.60
C ALA F 329 -32.59 25.44 -18.86
N ASP F 330 -31.34 25.12 -19.23
CA ASP F 330 -30.16 25.60 -18.51
C ASP F 330 -29.23 26.38 -19.44
N SER F 331 -28.29 27.12 -18.84
CA SER F 331 -27.32 27.96 -19.53
C SER F 331 -26.10 28.13 -18.63
N LEU F 332 -25.00 28.65 -19.17
CA LEU F 332 -23.79 28.81 -18.38
C LEU F 332 -23.74 30.23 -17.85
N SER F 333 -23.16 30.38 -16.67
CA SER F 333 -23.01 31.68 -16.03
C SER F 333 -21.58 32.17 -16.18
N SER F 334 -21.41 33.48 -16.10
CA SER F 334 -20.09 34.06 -16.20
C SER F 334 -19.45 34.21 -14.83
N SER F 335 -20.16 33.78 -13.78
CA SER F 335 -19.71 33.90 -12.40
C SER F 335 -18.53 33.00 -12.16
N THR F 336 -17.52 33.56 -11.48
CA THR F 336 -16.33 32.83 -11.09
C THR F 336 -16.21 32.87 -9.58
N GLN F 337 -17.33 32.67 -8.90
CA GLN F 337 -17.41 32.80 -7.46
C GLN F 337 -17.18 31.45 -6.80
N ALA F 338 -16.91 30.41 -7.59
CA ALA F 338 -16.82 29.09 -7.00
C ALA F 338 -15.72 28.27 -7.66
N SER F 339 -15.53 27.05 -7.17
CA SER F 339 -14.50 26.15 -7.67
C SER F 339 -14.57 26.01 -9.19
N ASP F 340 -15.75 25.67 -9.72
CA ASP F 340 -15.91 25.39 -11.14
C ASP F 340 -16.95 26.33 -11.75
N VAL F 341 -17.72 25.87 -12.73
CA VAL F 341 -18.61 26.71 -13.52
C VAL F 341 -20.01 26.65 -12.93
N ILE F 342 -20.65 27.80 -12.72
CA ILE F 342 -22.02 27.88 -12.24
C ILE F 342 -22.94 27.87 -13.45
N THR F 343 -24.08 27.19 -13.36
CA THR F 343 -25.05 27.03 -14.43
C THR F 343 -26.33 27.70 -13.99
N ASN F 344 -27.13 28.25 -14.91
CA ASN F 344 -28.43 28.79 -14.55
C ASN F 344 -29.45 27.71 -14.84
N GLN F 345 -30.15 27.21 -13.82
CA GLN F 345 -31.00 26.03 -13.94
C GLN F 345 -32.47 26.44 -14.01
N ARG F 346 -33.26 25.61 -14.69
CA ARG F 346 -34.71 25.70 -14.70
C ARG F 346 -35.22 24.32 -15.08
N SER F 347 -35.86 23.60 -14.16
CA SER F 347 -36.32 22.24 -14.44
C SER F 347 -37.69 21.94 -13.85
N ILE F 348 -38.49 21.16 -14.57
CA ILE F 348 -39.70 20.56 -14.06
C ILE F 348 -39.56 19.06 -14.28
N ALA F 349 -39.93 18.25 -13.29
CA ALA F 349 -40.06 16.84 -13.58
C ALA F 349 -41.32 16.34 -12.91
N THR F 350 -42.22 15.76 -13.69
CA THR F 350 -43.49 15.34 -13.17
C THR F 350 -44.03 14.19 -14.00
N THR F 351 -45.19 13.71 -13.59
CA THR F 351 -46.00 12.81 -14.37
C THR F 351 -47.40 13.39 -14.38
N VAL F 352 -47.97 13.54 -15.56
CA VAL F 352 -49.29 14.11 -15.69
C VAL F 352 -50.10 13.26 -16.63
N ASN F 353 -51.35 13.67 -16.81
CA ASN F 353 -52.31 12.96 -17.61
C ASN F 353 -52.89 13.99 -18.55
N LEU F 354 -52.71 13.77 -19.84
CA LEU F 354 -53.06 14.71 -20.89
C LEU F 354 -54.08 14.02 -21.77
N ARG F 355 -55.00 14.77 -22.35
CA ARG F 355 -55.87 14.31 -23.41
C ARG F 355 -55.15 14.43 -24.75
N ASP F 356 -55.88 14.10 -25.83
CA ASP F 356 -55.30 13.84 -27.13
C ASP F 356 -54.83 15.12 -27.79
N GLY F 357 -55.30 16.28 -27.33
CA GLY F 357 -54.77 17.48 -27.96
C GLY F 357 -54.90 18.71 -27.07
N GLN F 358 -54.45 18.55 -25.83
CA GLN F 358 -54.67 19.50 -24.76
C GLN F 358 -53.35 20.12 -24.37
N THR F 359 -53.38 21.34 -23.83
CA THR F 359 -52.21 21.93 -23.25
C THR F 359 -52.44 22.08 -21.75
N LEU F 360 -51.44 21.66 -20.96
CA LEU F 360 -51.51 21.73 -19.52
C LEU F 360 -50.43 22.69 -19.04
N LEU F 361 -50.59 23.30 -17.87
CA LEU F 361 -49.51 24.00 -17.22
C LEU F 361 -48.73 23.03 -16.35
N LEU F 362 -47.77 22.39 -16.95
CA LEU F 362 -46.94 21.44 -16.27
C LEU F 362 -46.23 22.09 -15.08
N GLY F 363 -46.33 23.41 -14.96
CA GLY F 363 -45.73 24.08 -13.81
C GLY F 363 -45.36 25.53 -14.09
N GLY F 364 -44.54 26.16 -13.24
CA GLY F 364 -44.16 27.55 -13.47
C GLY F 364 -43.55 28.18 -12.23
N LEU F 365 -43.09 29.45 -12.32
CA LEU F 365 -42.72 30.26 -11.17
C LEU F 365 -42.81 31.74 -11.48
N THR F 366 -43.65 32.48 -10.76
CA THR F 366 -43.63 33.92 -10.92
C THR F 366 -42.92 34.52 -9.72
N ASP F 367 -42.23 35.64 -9.93
CA ASP F 367 -41.39 36.25 -8.93
C ASP F 367 -41.52 37.76 -9.01
N TYR F 368 -41.39 38.46 -7.87
CA TYR F 368 -41.56 39.89 -7.79
C TYR F 368 -40.67 40.44 -6.69
N LYS F 369 -39.76 41.34 -7.02
CA LYS F 369 -38.89 41.97 -6.04
C LYS F 369 -39.09 43.48 -6.10
N ASN F 370 -39.53 44.08 -4.99
CA ASN F 370 -39.67 45.52 -4.92
C ASN F 370 -38.76 46.07 -3.85
N THR F 371 -37.46 46.15 -4.14
CA THR F 371 -36.48 46.73 -3.21
C THR F 371 -36.56 48.26 -3.25
N SER F 372 -36.22 48.90 -2.12
CA SER F 372 -36.22 50.35 -1.95
C SER F 372 -35.30 50.77 -0.81
N GLN F 373 -34.48 51.79 -1.02
CA GLN F 373 -33.45 52.18 -0.07
C GLN F 373 -33.37 53.71 -0.06
N ASP F 374 -32.86 54.32 1.03
CA ASP F 374 -32.94 55.76 1.19
C ASP F 374 -32.08 56.23 2.36
N SER F 375 -30.82 56.55 2.11
CA SER F 375 -30.00 57.19 3.13
C SER F 375 -30.16 58.71 3.04
N GLY F 376 -30.42 59.36 4.17
CA GLY F 376 -30.60 60.80 4.18
C GLY F 376 -29.94 61.47 5.38
N VAL F 377 -30.45 62.67 5.71
CA VAL F 377 -30.03 63.46 6.85
C VAL F 377 -31.29 63.75 7.67
N PRO F 378 -31.35 63.32 8.96
CA PRO F 378 -32.57 63.48 9.77
C PRO F 378 -32.81 64.95 10.18
N GLY F 387 -21.59 73.01 5.50
CA GLY F 387 -21.90 71.63 5.93
C GLY F 387 -22.55 70.81 4.81
N LEU F 388 -21.94 69.66 4.52
CA LEU F 388 -22.36 68.73 3.46
C LEU F 388 -23.70 68.12 3.81
N LEU F 389 -24.45 67.70 2.77
CA LEU F 389 -25.73 67.02 2.95
C LEU F 389 -25.91 65.99 1.84
N PHE F 390 -25.09 64.93 1.82
CA PHE F 390 -25.35 63.82 0.91
C PHE F 390 -26.71 63.17 1.22
N SER F 391 -27.43 62.73 0.18
CA SER F 391 -28.81 62.26 0.33
C SER F 391 -29.25 61.36 -0.83
N SER F 392 -28.75 60.11 -0.86
CA SER F 392 -29.03 59.19 -1.93
C SER F 392 -30.41 58.54 -1.77
N ARG F 393 -30.84 57.78 -2.80
CA ARG F 393 -32.04 56.95 -2.76
C ARG F 393 -32.01 55.95 -3.90
N SER F 394 -32.01 54.65 -3.60
CA SER F 394 -32.16 53.63 -4.63
C SER F 394 -33.60 53.12 -4.67
N ASP F 395 -33.96 52.42 -5.75
CA ASP F 395 -35.19 51.66 -5.89
C ASP F 395 -34.98 50.57 -6.92
N SER F 396 -35.96 49.66 -7.02
CA SER F 396 -35.93 48.54 -7.93
C SER F 396 -37.31 47.90 -7.95
N ASN F 397 -37.70 47.34 -9.09
CA ASN F 397 -38.98 46.67 -9.17
C ASN F 397 -38.93 45.55 -10.20
N GLU F 398 -38.11 44.52 -9.93
CA GLU F 398 -38.06 43.32 -10.76
C GLU F 398 -39.37 42.55 -10.68
N GLU F 399 -39.83 42.02 -11.82
CA GLU F 399 -40.96 41.11 -11.91
C GLU F 399 -40.67 40.07 -12.98
N SER F 400 -40.87 38.78 -12.69
CA SER F 400 -40.53 37.73 -13.63
C SER F 400 -41.58 36.63 -13.62
N THR F 401 -41.81 35.97 -14.76
CA THR F 401 -42.78 34.90 -14.79
C THR F 401 -42.38 33.82 -15.78
N LEU F 402 -42.40 32.56 -15.33
CA LEU F 402 -41.99 31.43 -16.14
C LEU F 402 -43.17 30.49 -16.23
N TYR F 403 -43.44 30.01 -17.43
CA TYR F 403 -44.48 29.03 -17.58
C TYR F 403 -43.94 27.84 -18.35
N VAL F 404 -44.37 26.64 -18.01
CA VAL F 404 -43.98 25.47 -18.74
C VAL F 404 -45.27 24.78 -19.15
N LEU F 405 -45.55 24.73 -20.45
CA LEU F 405 -46.76 24.10 -20.92
C LEU F 405 -46.41 22.82 -21.68
N VAL F 406 -47.38 21.93 -21.90
CA VAL F 406 -47.10 20.72 -22.64
C VAL F 406 -48.32 20.31 -23.43
N LYS F 407 -48.13 20.01 -24.71
CA LYS F 407 -49.21 19.55 -25.57
C LYS F 407 -48.83 18.24 -26.22
N ALA F 408 -49.57 17.18 -25.91
CA ALA F 408 -49.35 15.91 -26.56
C ALA F 408 -50.47 15.64 -27.54
N THR F 409 -50.11 14.99 -28.67
CA THR F 409 -51.03 14.68 -29.76
C THR F 409 -50.72 13.30 -30.34
N ILE F 410 -51.71 12.41 -30.31
CA ILE F 410 -51.60 11.08 -30.85
C ILE F 410 -51.67 11.16 -32.37
N VAL F 411 -50.66 10.59 -33.03
CA VAL F 411 -50.50 10.67 -34.48
C VAL F 411 -51.34 9.59 -35.17
N ARG F 412 -51.27 8.35 -34.65
CA ARG F 412 -51.91 7.18 -35.23
C ARG F 412 -51.33 6.89 -36.63
CA ASP G 108 -54.52 -25.65 -17.01
C ASP G 108 -54.77 -24.14 -16.91
N ASN G 109 -53.71 -23.36 -17.20
CA ASN G 109 -53.77 -21.92 -17.15
C ASN G 109 -54.09 -21.38 -18.54
N VAL G 110 -55.13 -20.58 -18.65
CA VAL G 110 -55.36 -19.80 -19.86
C VAL G 110 -54.52 -18.52 -19.79
N THR G 111 -54.24 -17.92 -20.93
CA THR G 111 -53.56 -16.63 -20.98
C THR G 111 -54.44 -15.65 -21.75
N GLN G 112 -54.95 -14.61 -21.08
CA GLN G 112 -55.69 -13.57 -21.76
C GLN G 112 -54.96 -12.23 -21.70
N THR G 113 -55.40 -11.28 -22.53
CA THR G 113 -54.97 -9.91 -22.48
C THR G 113 -56.13 -9.02 -22.09
N PHE G 114 -55.84 -8.03 -21.23
CA PHE G 114 -56.82 -7.10 -20.71
C PHE G 114 -56.34 -5.69 -21.07
N LYS G 115 -57.24 -4.86 -21.58
CA LYS G 115 -56.90 -3.48 -21.89
C LYS G 115 -57.14 -2.62 -20.67
N ILE G 116 -56.10 -1.91 -20.24
CA ILE G 116 -56.20 -1.02 -19.11
C ILE G 116 -56.49 0.35 -19.70
N ASN G 117 -57.48 1.06 -19.17
CA ASN G 117 -57.98 2.25 -19.83
C ASN G 117 -57.53 3.54 -19.13
N ASN G 118 -57.48 3.54 -17.80
CA ASN G 118 -57.31 4.77 -17.06
C ASN G 118 -55.92 4.89 -16.47
N VAL G 119 -55.26 3.78 -16.12
CA VAL G 119 -53.95 3.92 -15.52
C VAL G 119 -52.96 3.12 -16.33
N ARG G 120 -51.68 3.41 -16.19
CA ARG G 120 -50.66 2.67 -16.91
C ARG G 120 -50.72 1.23 -16.47
N ALA G 121 -50.56 0.30 -17.41
CA ALA G 121 -50.80 -1.09 -17.07
C ALA G 121 -49.68 -1.64 -16.22
N LYS G 122 -48.60 -0.86 -16.08
CA LYS G 122 -47.39 -1.32 -15.43
C LYS G 122 -47.54 -1.22 -13.91
N ASP G 123 -48.38 -0.28 -13.46
CA ASP G 123 -48.64 -0.01 -12.05
C ASP G 123 -49.59 -1.05 -11.48
N LEU G 124 -50.31 -1.75 -12.35
CA LEU G 124 -51.31 -2.71 -11.93
C LEU G 124 -50.74 -4.11 -12.11
N ILE G 125 -49.47 -4.35 -11.81
CA ILE G 125 -48.88 -5.66 -12.01
C ILE G 125 -48.83 -6.39 -10.68
N ARG G 126 -48.43 -5.65 -9.63
CA ARG G 126 -48.31 -6.20 -8.29
C ARG G 126 -49.69 -6.53 -7.75
N VAL G 127 -50.64 -5.66 -8.02
CA VAL G 127 -52.00 -5.80 -7.58
C VAL G 127 -52.60 -7.02 -8.25
N VAL G 128 -52.25 -7.25 -9.51
CA VAL G 128 -52.92 -8.28 -10.28
C VAL G 128 -52.13 -9.55 -10.06
N GLU G 129 -50.90 -9.40 -9.58
CA GLU G 129 -50.12 -10.56 -9.21
C GLU G 129 -50.75 -11.21 -7.97
N LEU G 130 -51.33 -10.41 -7.07
CA LEU G 130 -52.04 -10.91 -5.90
C LEU G 130 -53.33 -11.60 -6.32
N PHE G 131 -54.10 -10.99 -7.20
CA PHE G 131 -55.39 -11.57 -7.51
C PHE G 131 -55.19 -12.97 -8.09
N VAL G 132 -54.07 -13.18 -8.76
CA VAL G 132 -53.90 -14.42 -9.48
C VAL G 132 -53.07 -15.37 -8.63
N LYS G 133 -52.32 -14.85 -7.67
CA LYS G 133 -51.49 -15.71 -6.81
C LYS G 133 -52.35 -16.78 -6.17
N SER G 134 -51.76 -17.96 -5.94
CA SER G 134 -52.38 -19.10 -5.29
C SER G 134 -51.31 -20.07 -4.77
N SER G 140 -43.44 -14.90 -12.47
CA SER G 140 -44.07 -14.09 -13.54
C SER G 140 -45.28 -14.81 -14.09
N ASN G 141 -46.44 -14.20 -13.86
CA ASN G 141 -47.69 -14.71 -14.37
C ASN G 141 -48.46 -13.54 -14.95
N VAL G 142 -48.04 -12.33 -14.56
CA VAL G 142 -48.60 -11.13 -15.12
C VAL G 142 -47.46 -10.34 -15.79
N LEU G 143 -47.71 -9.87 -17.01
CA LEU G 143 -46.78 -9.06 -17.76
C LEU G 143 -47.54 -7.87 -18.34
N SER G 144 -46.82 -6.79 -18.67
CA SER G 144 -47.42 -5.62 -19.26
C SER G 144 -46.78 -5.33 -20.61
N VAL G 145 -47.60 -5.20 -21.65
CA VAL G 145 -47.13 -4.70 -22.93
C VAL G 145 -47.40 -3.20 -22.88
N ASP G 146 -46.35 -2.38 -22.72
CA ASP G 146 -46.47 -0.97 -22.37
C ASP G 146 -46.99 -0.14 -23.54
N GLY G 147 -46.79 -0.62 -24.75
CA GLY G 147 -47.13 0.14 -25.93
C GLY G 147 -48.62 0.35 -25.99
N SER G 148 -49.36 -0.74 -25.91
CA SER G 148 -50.80 -0.68 -26.08
C SER G 148 -51.55 -0.85 -24.76
N ASN G 149 -50.90 -0.53 -23.62
CA ASN G 149 -51.45 -0.63 -22.28
C ASN G 149 -52.27 -1.89 -22.12
N LEU G 150 -51.57 -2.99 -21.98
CA LEU G 150 -52.23 -4.27 -21.91
C LEU G 150 -51.61 -5.07 -20.78
N LEU G 151 -52.42 -5.92 -20.13
CA LEU G 151 -51.92 -6.87 -19.16
C LEU G 151 -52.17 -8.28 -19.65
N VAL G 152 -51.09 -9.03 -19.87
CA VAL G 152 -51.20 -10.43 -20.22
C VAL G 152 -51.09 -11.21 -18.91
N VAL G 153 -52.16 -11.92 -18.49
CA VAL G 153 -52.18 -12.69 -17.25
C VAL G 153 -52.39 -14.17 -17.55
N SER G 154 -51.65 -15.06 -16.87
CA SER G 154 -51.85 -16.49 -16.98
C SER G 154 -52.30 -17.05 -15.64
N ALA G 155 -53.52 -17.62 -15.59
CA ALA G 155 -54.08 -18.12 -14.35
C ALA G 155 -55.24 -19.03 -14.69
N PRO G 156 -55.70 -19.94 -13.82
CA PRO G 156 -56.93 -20.69 -14.07
C PRO G 156 -58.09 -19.86 -14.60
N LYS G 157 -58.94 -20.45 -15.42
CA LYS G 157 -60.02 -19.73 -16.09
C LYS G 157 -60.95 -19.06 -15.10
N ASP G 158 -61.23 -19.76 -13.99
CA ASP G 158 -62.09 -19.28 -12.93
C ASP G 158 -61.56 -17.93 -12.43
N ILE G 159 -60.28 -17.92 -12.05
CA ILE G 159 -59.63 -16.70 -11.59
C ILE G 159 -59.75 -15.66 -12.69
N LEU G 160 -59.56 -16.08 -13.93
CA LEU G 160 -59.51 -15.13 -15.03
C LEU G 160 -60.91 -14.70 -15.45
N ASP G 161 -61.91 -15.22 -14.74
CA ASP G 161 -63.27 -14.83 -15.05
C ASP G 161 -63.69 -13.66 -14.17
N ASN G 162 -63.05 -13.55 -13.00
CA ASN G 162 -63.31 -12.52 -12.03
C ASN G 162 -62.35 -11.34 -12.19
N LEU G 163 -61.27 -11.52 -12.96
CA LEU G 163 -60.32 -10.43 -13.15
C LEU G 163 -61.01 -9.22 -13.77
N PRO G 164 -61.93 -9.34 -14.74
CA PRO G 164 -62.64 -8.14 -15.20
C PRO G 164 -63.25 -7.22 -14.13
N GLN G 165 -63.78 -7.78 -13.04
CA GLN G 165 -64.42 -6.96 -12.01
C GLN G 165 -63.43 -6.47 -10.95
N PHE G 166 -62.20 -6.99 -10.95
CA PHE G 166 -61.20 -6.44 -10.06
C PHE G 166 -60.55 -5.26 -10.75
N LEU G 167 -60.50 -5.30 -12.09
CA LEU G 167 -59.81 -4.25 -12.77
C LEU G 167 -60.76 -3.09 -12.98
N SER G 168 -61.91 -3.13 -12.32
CA SER G 168 -62.81 -2.00 -12.40
C SER G 168 -62.86 -1.32 -11.05
N THR G 169 -62.03 -1.82 -10.12
CA THR G 169 -61.92 -1.27 -8.79
C THR G 169 -60.47 -0.86 -8.52
N VAL G 170 -59.60 -1.03 -9.50
CA VAL G 170 -58.20 -0.80 -9.28
C VAL G 170 -57.67 0.04 -10.43
N ASP G 171 -58.42 0.12 -11.51
CA ASP G 171 -57.99 0.83 -12.69
C ASP G 171 -58.94 2.00 -12.87
N LEU G 172 -58.79 2.98 -12.00
CA LEU G 172 -59.74 4.09 -11.94
C LEU G 172 -59.05 5.33 -12.45
N PRO G 173 -59.80 6.39 -12.86
CA PRO G 173 -59.21 7.64 -13.29
C PRO G 173 -58.54 8.42 -12.18
N THR G 174 -57.22 8.52 -12.23
CA THR G 174 -56.44 9.23 -11.21
C THR G 174 -56.68 10.72 -11.37
N ASP G 175 -56.54 11.46 -10.27
CA ASP G 175 -56.70 12.89 -10.25
C ASP G 175 -55.32 13.55 -10.35
N GLN G 176 -55.32 14.77 -10.89
CA GLN G 176 -54.13 15.58 -10.96
C GLN G 176 -54.30 16.73 -9.98
N ILE G 177 -53.20 17.16 -9.38
CA ILE G 177 -53.25 18.15 -8.33
C ILE G 177 -52.36 19.32 -8.75
N LEU G 178 -52.80 20.54 -8.43
CA LEU G 178 -52.02 21.71 -8.72
C LEU G 178 -51.61 22.37 -7.42
N ILE G 179 -50.37 22.10 -7.00
CA ILE G 179 -49.80 22.71 -5.82
C ILE G 179 -49.28 24.08 -6.26
N GLU G 180 -49.47 25.09 -5.40
CA GLU G 180 -49.06 26.44 -5.72
C GLU G 180 -48.43 27.02 -4.46
N GLY G 181 -47.09 26.96 -4.39
CA GLY G 181 -46.36 27.53 -3.27
C GLY G 181 -46.40 29.05 -3.32
N LEU G 182 -46.21 29.70 -2.17
CA LEU G 182 -46.11 31.14 -2.08
C LEU G 182 -45.13 31.53 -0.97
N ILE G 183 -43.99 32.11 -1.34
CA ILE G 183 -43.03 32.62 -0.38
C ILE G 183 -43.12 34.14 -0.39
N PHE G 184 -43.10 34.78 0.79
CA PHE G 184 -43.28 36.23 0.91
C PHE G 184 -42.41 36.83 2.01
N GLU G 185 -41.43 37.65 1.66
CA GLU G 185 -40.54 38.21 2.66
C GLU G 185 -40.57 39.73 2.59
N VAL G 186 -41.13 40.37 3.62
CA VAL G 186 -41.04 41.83 3.74
C VAL G 186 -39.95 42.17 4.75
N GLN G 187 -38.92 42.95 4.35
CA GLN G 187 -37.96 43.44 5.32
C GLN G 187 -37.94 44.98 5.38
N GLN G 188 -38.38 45.56 6.49
CA GLN G 188 -38.17 46.98 6.75
C GLN G 188 -36.78 47.16 7.35
N GLY G 189 -36.49 48.34 7.91
CA GLY G 189 -35.16 48.67 8.42
C GLY G 189 -34.92 50.18 8.48
N ASP G 190 -34.17 50.61 9.50
CA ASP G 190 -33.78 52.00 9.73
C ASP G 190 -32.46 52.04 10.50
N ALA G 191 -31.97 53.25 10.79
CA ALA G 191 -30.71 53.46 11.48
C ALA G 191 -30.54 54.96 11.74
N LEU G 192 -29.68 55.33 12.71
CA LEU G 192 -29.42 56.73 13.01
C LEU G 192 -28.08 56.93 13.72
N ASP G 193 -26.97 56.74 13.00
CA ASP G 193 -25.68 57.17 13.55
C ASP G 193 -25.69 58.69 13.74
N PHE G 194 -25.07 59.18 14.83
CA PHE G 194 -25.14 60.59 15.19
C PHE G 194 -23.99 61.01 16.09
N SER G 195 -22.86 61.41 15.52
CA SER G 195 -21.72 61.94 16.27
C SER G 195 -21.95 63.40 16.67
N PHE G 196 -21.21 63.88 17.67
CA PHE G 196 -21.28 65.24 18.15
C PHE G 196 -19.94 65.60 18.76
N ALA G 197 -18.87 65.30 18.04
CA ALA G 197 -17.54 65.75 18.42
C ALA G 197 -17.57 67.25 18.70
N ALA G 198 -16.93 67.68 19.80
CA ALA G 198 -16.95 69.06 20.23
C ALA G 198 -15.53 69.62 20.41
N LEU G 235 -16.69 71.84 16.21
CA LEU G 235 -17.98 71.14 16.50
C LEU G 235 -18.46 70.41 15.25
N SER G 236 -17.82 69.28 14.93
CA SER G 236 -18.29 68.41 13.86
C SER G 236 -19.50 67.60 14.36
N VAL G 237 -20.54 67.49 13.52
CA VAL G 237 -21.75 66.72 13.82
C VAL G 237 -22.11 65.85 12.62
N ARG G 238 -21.56 64.63 12.57
CA ARG G 238 -22.01 63.68 11.54
C ARG G 238 -23.38 63.15 11.93
N ALA G 239 -24.17 62.76 10.91
CA ALA G 239 -25.42 62.03 11.09
C ALA G 239 -25.60 61.03 9.95
N LEU G 240 -26.74 60.32 9.96
CA LEU G 240 -27.15 59.35 8.97
C LEU G 240 -28.56 58.89 9.33
N LYS G 241 -29.38 58.65 8.32
CA LYS G 241 -30.70 58.10 8.57
C LYS G 241 -31.05 57.17 7.42
N THR G 242 -30.39 56.01 7.40
CA THR G 242 -30.64 55.01 6.38
C THR G 242 -31.96 54.30 6.66
N ASN G 243 -32.94 54.40 5.74
CA ASN G 243 -34.06 53.48 5.67
C ASN G 243 -33.80 52.40 4.61
N SER G 244 -34.74 51.45 4.50
CA SER G 244 -34.69 50.32 3.58
C SER G 244 -35.99 49.52 3.67
N HIS G 245 -36.40 48.97 2.52
CA HIS G 245 -37.61 48.19 2.39
C HIS G 245 -37.35 47.08 1.38
N SER G 246 -38.15 46.03 1.41
CA SER G 246 -37.96 44.89 0.52
C SER G 246 -39.20 44.01 0.53
N LYS G 247 -39.77 43.74 -0.65
CA LYS G 247 -40.85 42.79 -0.79
C LYS G 247 -40.50 41.79 -1.87
N ILE G 248 -40.32 40.53 -1.49
CA ILE G 248 -40.09 39.44 -2.41
C ILE G 248 -41.27 38.46 -2.37
N LEU G 249 -41.99 38.31 -3.49
CA LEU G 249 -43.07 37.33 -3.58
C LEU G 249 -42.70 36.30 -4.64
N SER G 250 -42.35 35.08 -4.22
CA SER G 250 -42.04 34.01 -5.15
C SER G 250 -43.16 32.97 -5.14
N VAL G 251 -43.80 32.72 -6.29
CA VAL G 251 -44.93 31.81 -6.38
C VAL G 251 -44.57 30.62 -7.26
N PRO G 252 -43.94 29.55 -6.74
CA PRO G 252 -43.73 28.33 -7.51
C PRO G 252 -45.02 27.54 -7.72
N ARG G 253 -45.09 26.78 -8.83
CA ARG G 253 -46.25 25.95 -9.15
C ARG G 253 -45.83 24.66 -9.88
N ILE G 254 -46.59 23.58 -9.66
CA ILE G 254 -46.30 22.28 -10.22
C ILE G 254 -47.59 21.47 -10.27
N LEU G 255 -47.87 20.86 -11.42
CA LEU G 255 -48.98 19.93 -11.54
C LEU G 255 -48.42 18.53 -11.53
N THR G 256 -49.04 17.65 -10.74
CA THR G 256 -48.61 16.27 -10.68
C THR G 256 -49.83 15.39 -10.43
N LEU G 257 -49.82 14.21 -11.01
CA LEU G 257 -50.76 13.16 -10.72
C LEU G 257 -50.66 12.75 -9.27
N SER G 258 -51.80 12.40 -8.68
CA SER G 258 -51.89 11.90 -7.33
C SER G 258 -50.96 10.71 -7.21
N GLY G 259 -50.14 10.69 -6.20
CA GLY G 259 -49.36 9.51 -5.96
C GLY G 259 -48.08 9.50 -6.77
N GLN G 260 -47.72 10.65 -7.32
CA GLN G 260 -46.50 10.78 -8.09
C GLN G 260 -45.71 11.94 -7.51
N LYS G 261 -44.41 11.94 -7.74
CA LYS G 261 -43.58 12.98 -7.21
C LYS G 261 -43.40 14.02 -8.29
N GLY G 262 -43.38 15.29 -7.92
CA GLY G 262 -43.16 16.32 -8.89
C GLY G 262 -42.25 17.36 -8.29
N SER G 263 -41.36 17.94 -9.08
CA SER G 263 -40.53 18.99 -8.53
C SER G 263 -40.31 20.10 -9.55
N ILE G 264 -40.21 21.32 -9.05
CA ILE G 264 -39.84 22.46 -9.86
C ILE G 264 -38.62 23.12 -9.21
N SER G 265 -37.62 23.44 -10.00
CA SER G 265 -36.40 24.02 -9.49
C SER G 265 -35.92 25.10 -10.45
N VAL G 266 -35.82 26.33 -9.97
CA VAL G 266 -35.35 27.42 -10.79
C VAL G 266 -34.29 28.13 -9.98
N GLY G 267 -33.08 28.22 -10.53
CA GLY G 267 -32.02 28.90 -9.82
C GLY G 267 -30.69 28.74 -10.50
N GLN G 268 -29.72 28.26 -9.74
CA GLN G 268 -28.38 28.08 -10.23
C GLN G 268 -27.82 26.76 -9.73
N ASN G 269 -26.98 26.12 -10.54
CA ASN G 269 -26.37 24.89 -10.10
C ASN G 269 -24.94 25.23 -9.77
N VAL G 270 -24.58 25.10 -8.49
CA VAL G 270 -23.32 25.62 -7.96
C VAL G 270 -22.50 24.43 -7.47
N PRO G 271 -21.20 24.40 -7.73
CA PRO G 271 -20.35 23.34 -7.22
C PRO G 271 -19.88 23.63 -5.81
N PHE G 272 -19.92 22.61 -4.97
CA PHE G 272 -19.53 22.76 -3.60
C PHE G 272 -18.48 21.72 -3.25
N ILE G 273 -17.35 22.16 -2.71
CA ILE G 273 -16.26 21.29 -2.31
C ILE G 273 -16.71 20.43 -1.14
N THR G 274 -16.33 19.14 -1.13
CA THR G 274 -16.84 18.19 -0.15
C THR G 274 -15.75 17.44 0.61
N THR G 290 -12.36 17.25 -4.29
CA THR G 290 -13.71 16.64 -4.51
C THR G 290 -14.80 17.72 -4.54
N VAL G 291 -15.63 17.72 -5.61
CA VAL G 291 -16.71 18.67 -5.78
C VAL G 291 -18.03 17.93 -5.95
N GLU G 292 -19.13 18.54 -5.54
CA GLU G 292 -20.48 18.01 -5.66
C GLU G 292 -21.41 19.16 -6.01
N ARG G 293 -22.13 19.03 -7.11
CA ARG G 293 -22.92 20.14 -7.61
C ARG G 293 -24.23 20.09 -6.87
N GLN G 294 -24.97 21.20 -6.90
CA GLN G 294 -26.13 21.34 -6.05
C GLN G 294 -26.92 22.56 -6.45
N ASN G 295 -28.23 22.40 -6.52
CA ASN G 295 -29.08 23.48 -6.97
C ASN G 295 -29.23 24.48 -5.84
N VAL G 296 -29.12 25.75 -6.18
CA VAL G 296 -29.32 26.78 -5.20
C VAL G 296 -30.26 27.81 -5.80
N GLY G 297 -31.53 27.77 -5.40
CA GLY G 297 -32.52 28.74 -5.85
C GLY G 297 -33.85 28.37 -5.24
N ILE G 298 -34.96 28.66 -5.93
CA ILE G 298 -36.28 28.25 -5.49
C ILE G 298 -36.52 26.84 -5.99
N SER G 299 -36.97 25.96 -5.11
CA SER G 299 -37.41 24.63 -5.51
C SER G 299 -38.60 24.21 -4.66
N MET G 300 -39.46 23.35 -5.21
CA MET G 300 -40.56 22.81 -4.46
C MET G 300 -40.75 21.37 -4.91
N SER G 301 -40.52 20.42 -4.01
CA SER G 301 -40.75 19.02 -4.31
C SER G 301 -42.03 18.63 -3.62
N VAL G 302 -42.90 17.94 -4.34
CA VAL G 302 -44.18 17.59 -3.75
C VAL G 302 -44.40 16.11 -3.92
N PHE G 303 -45.23 15.53 -3.06
CA PHE G 303 -45.73 14.20 -3.24
C PHE G 303 -47.15 14.18 -2.70
N PRO G 304 -48.17 14.57 -3.49
CA PRO G 304 -49.54 14.58 -3.01
C PRO G 304 -50.32 13.31 -3.25
N VAL G 305 -51.32 13.06 -2.40
CA VAL G 305 -52.21 11.94 -2.53
C VAL G 305 -53.59 12.46 -2.22
N ALA G 306 -54.48 12.43 -3.21
CA ALA G 306 -55.84 12.87 -3.00
C ALA G 306 -56.61 11.70 -2.45
N MET G 307 -57.70 11.97 -1.73
CA MET G 307 -58.34 10.90 -0.99
C MET G 307 -59.79 10.70 -1.40
N ALA G 308 -60.68 11.60 -0.97
CA ALA G 308 -62.10 11.36 -1.13
C ALA G 308 -62.74 12.47 -1.99
N GLY G 319 -62.88 17.42 -1.63
CA GLY G 319 -61.89 16.34 -1.37
C GLY G 319 -60.69 16.83 -0.58
N ASN G 320 -59.88 15.92 -0.04
CA ASN G 320 -58.71 16.29 0.72
C ASN G 320 -57.44 15.87 0.01
N ILE G 321 -56.31 16.47 0.35
CA ILE G 321 -55.03 16.10 -0.20
C ILE G 321 -54.03 15.99 0.95
N VAL G 322 -53.34 14.86 1.06
CA VAL G 322 -52.24 14.83 2.00
C VAL G 322 -50.99 15.14 1.18
N LEU G 323 -50.16 16.06 1.67
CA LEU G 323 -49.07 16.59 0.85
C LEU G 323 -47.77 16.60 1.65
N ASP G 324 -46.81 15.79 1.23
CA ASP G 324 -45.46 15.91 1.72
C ASP G 324 -44.78 16.99 0.90
N ILE G 325 -44.22 18.03 1.52
CA ILE G 325 -43.76 19.18 0.75
C ILE G 325 -42.43 19.68 1.28
N THR G 326 -41.51 19.99 0.37
CA THR G 326 -40.31 20.72 0.73
C THR G 326 -40.20 21.96 -0.15
N ILE G 327 -40.28 23.17 0.43
CA ILE G 327 -40.05 24.39 -0.34
C ILE G 327 -38.73 24.96 0.11
N LYS G 328 -37.76 25.14 -0.80
CA LYS G 328 -36.48 25.76 -0.48
C LYS G 328 -36.30 27.03 -1.31
N ALA G 329 -36.00 28.16 -0.67
CA ALA G 329 -35.67 29.39 -1.37
C ALA G 329 -34.27 29.83 -0.98
N ASP G 330 -33.27 29.57 -1.83
CA ASP G 330 -31.87 29.84 -1.50
C ASP G 330 -31.23 30.76 -2.54
N SER G 331 -30.08 31.34 -2.19
CA SER G 331 -29.32 32.27 -3.02
C SER G 331 -27.86 32.20 -2.60
N LEU G 332 -26.96 32.78 -3.39
CA LEU G 332 -25.55 32.75 -3.08
C LEU G 332 -25.16 34.02 -2.35
N SER G 333 -24.20 33.91 -1.45
CA SER G 333 -23.71 35.04 -0.67
C SER G 333 -22.38 35.50 -1.23
N SER G 334 -22.05 36.76 -0.99
CA SER G 334 -20.80 37.31 -1.45
C SER G 334 -19.71 37.15 -0.39
N SER G 335 -20.06 36.53 0.74
CA SER G 335 -19.15 36.35 1.86
C SER G 335 -18.05 35.38 1.50
N THR G 336 -16.83 35.76 1.87
CA THR G 336 -15.66 34.92 1.66
C THR G 336 -15.01 34.65 3.02
N GLN G 337 -15.86 34.35 4.01
CA GLN G 337 -15.42 34.19 5.38
C GLN G 337 -15.13 32.72 5.65
N ALA G 338 -15.25 31.86 4.64
CA ALA G 338 -15.11 30.45 4.90
C ALA G 338 -14.38 29.75 3.76
N SER G 339 -14.16 28.44 3.92
CA SER G 339 -13.47 27.64 2.93
C SER G 339 -14.08 27.81 1.54
N ASP G 340 -15.40 27.63 1.41
CA ASP G 340 -16.06 27.66 0.12
C ASP G 340 -17.13 28.74 0.10
N VAL G 341 -18.25 28.51 -0.61
CA VAL G 341 -19.26 29.52 -0.86
C VAL G 341 -20.38 29.38 0.17
N ILE G 342 -20.78 30.50 0.80
CA ILE G 342 -21.89 30.51 1.74
C ILE G 342 -23.15 30.78 0.96
N THR G 343 -24.26 30.12 1.35
CA THR G 343 -25.54 30.22 0.66
C THR G 343 -26.53 30.83 1.65
N ASN G 344 -27.53 31.58 1.20
CA ASN G 344 -28.56 32.08 2.10
C ASN G 344 -29.72 31.12 2.00
N GLN G 345 -30.08 30.44 3.09
CA GLN G 345 -31.04 29.34 3.06
C GLN G 345 -32.39 29.81 3.60
N ARG G 346 -33.44 29.17 3.10
CA ARG G 346 -34.80 29.30 3.63
C ARG G 346 -35.55 28.05 3.21
N SER G 347 -35.91 27.18 4.16
CA SER G 347 -36.56 25.92 3.82
C SER G 347 -37.67 25.56 4.80
N ILE G 348 -38.75 24.96 4.28
CA ILE G 348 -39.78 24.31 5.07
C ILE G 348 -39.88 22.89 4.55
N ALA G 349 -39.96 21.91 5.45
CA ALA G 349 -40.32 20.60 4.99
C ALA G 349 -41.32 20.00 5.95
N THR G 350 -42.47 19.61 5.44
CA THR G 350 -43.52 19.13 6.31
C THR G 350 -44.44 18.20 5.53
N THR G 351 -45.44 17.69 6.24
CA THR G 351 -46.55 16.99 5.65
C THR G 351 -47.79 17.63 6.23
N VAL G 352 -48.71 18.05 5.38
CA VAL G 352 -49.94 18.66 5.83
C VAL G 352 -51.12 18.03 5.10
N ASN G 353 -52.29 18.52 5.46
CA ASN G 353 -53.53 18.02 4.96
C ASN G 353 -54.29 19.24 4.49
N LEU G 354 -54.60 19.28 3.18
CA LEU G 354 -55.19 20.42 2.52
C LEU G 354 -56.51 19.96 1.96
N ARG G 355 -57.50 20.84 1.90
CA ARG G 355 -58.73 20.64 1.15
C ARG G 355 -58.50 21.00 -0.32
N ASP G 356 -59.58 20.93 -1.10
CA ASP G 356 -59.51 20.93 -2.55
C ASP G 356 -59.17 22.31 -3.08
N GLY G 357 -59.32 23.36 -2.29
CA GLY G 357 -58.92 24.64 -2.84
C GLY G 357 -58.62 25.67 -1.76
N GLN G 358 -57.77 25.25 -0.81
CA GLN G 358 -57.52 25.96 0.43
C GLN G 358 -56.08 26.45 0.42
N THR G 359 -55.82 27.53 1.14
CA THR G 359 -54.46 27.96 1.37
C THR G 359 -54.14 27.80 2.85
N LEU G 360 -52.99 27.19 3.15
CA LEU G 360 -52.55 26.97 4.50
C LEU G 360 -51.27 27.76 4.72
N LEU G 361 -50.98 28.12 5.98
CA LEU G 361 -49.66 28.65 6.32
C LEU G 361 -48.74 27.49 6.67
N LEU G 362 -48.11 26.97 5.65
CA LEU G 362 -47.20 25.87 5.80
C LEU G 362 -46.07 26.23 6.75
N GLY G 363 -45.98 27.50 7.14
CA GLY G 363 -44.97 27.90 8.11
C GLY G 363 -44.56 29.37 7.98
N GLY G 364 -43.44 29.78 8.57
CA GLY G 364 -43.02 31.16 8.47
C GLY G 364 -41.95 31.52 9.51
N LEU G 365 -41.43 32.76 9.48
CA LEU G 365 -40.60 33.29 10.55
C LEU G 365 -40.63 34.80 10.58
N THR G 366 -41.08 35.41 11.68
CA THR G 366 -40.97 36.85 11.78
C THR G 366 -39.84 37.16 12.72
N ASP G 367 -39.16 38.28 12.50
CA ASP G 367 -37.96 38.63 13.24
C ASP G 367 -37.95 40.14 13.47
N TYR G 368 -37.36 40.56 14.59
CA TYR G 368 -37.34 41.95 15.00
C TYR G 368 -36.08 42.25 15.79
N LYS G 369 -35.25 43.18 15.32
CA LYS G 369 -34.04 43.56 16.02
C LYS G 369 -34.09 45.05 16.31
N ASN G 370 -34.05 45.41 17.59
CA ASN G 370 -34.03 46.82 17.98
C ASN G 370 -32.73 47.11 18.73
N THR G 371 -31.61 47.21 18.01
CA THR G 371 -30.34 47.56 18.62
C THR G 371 -30.26 49.06 18.89
N SER G 372 -29.49 49.45 19.92
CA SER G 372 -29.28 50.83 20.33
C SER G 372 -27.98 50.97 21.12
N GLN G 373 -27.19 51.99 20.82
CA GLN G 373 -25.86 52.14 21.39
C GLN G 373 -25.62 53.64 21.66
N ASP G 374 -24.70 53.98 22.58
CA ASP G 374 -24.57 55.36 23.02
C ASP G 374 -23.33 55.56 23.87
N SER G 375 -22.19 55.87 23.24
CA SER G 375 -21.01 56.26 24.00
C SER G 375 -21.04 57.77 24.25
N GLY G 376 -20.81 58.18 25.50
CA GLY G 376 -20.84 59.59 25.84
C GLY G 376 -19.74 59.99 26.83
N VAL G 377 -19.98 61.11 27.51
CA VAL G 377 -19.11 61.63 28.55
C VAL G 377 -19.97 61.78 29.81
N PRO G 378 -19.63 61.11 30.94
CA PRO G 378 -20.47 61.13 32.14
C PRO G 378 -20.41 62.48 32.87
N GLY G 387 -10.72 70.97 26.03
CA GLY G 387 -11.01 69.55 26.28
C GLY G 387 -12.08 69.00 25.35
N LEU G 388 -11.73 67.91 24.65
CA LEU G 388 -12.57 67.24 23.68
C LEU G 388 -13.78 66.60 24.36
N LEU G 389 -14.88 66.43 23.60
CA LEU G 389 -16.08 65.77 24.09
C LEU G 389 -16.73 65.00 22.96
N PHE G 390 -16.10 63.94 22.45
CA PHE G 390 -16.76 63.05 21.50
C PHE G 390 -17.98 62.40 22.15
N SER G 391 -19.07 62.22 21.38
CA SER G 391 -20.35 61.76 21.92
C SER G 391 -21.25 61.14 20.85
N SER G 392 -20.92 59.92 20.42
CA SER G 392 -21.66 59.24 19.37
C SER G 392 -22.94 58.61 19.90
N ARG G 393 -23.78 58.10 18.98
CA ARG G 393 -24.96 57.32 19.30
C ARG G 393 -25.46 56.58 18.05
N SER G 394 -25.48 55.23 18.09
CA SER G 394 -26.08 54.46 17.02
C SER G 394 -27.48 54.01 17.41
N ASP G 395 -28.26 53.56 16.42
CA ASP G 395 -29.53 52.88 16.60
C ASP G 395 -29.80 52.02 15.37
N SER G 396 -30.84 51.19 15.47
CA SER G 396 -31.25 50.28 14.41
C SER G 396 -32.60 49.69 14.79
N ASN G 397 -33.42 49.38 13.77
CA ASN G 397 -34.70 48.80 14.03
C ASN G 397 -35.14 47.90 12.87
N GLU G 398 -34.38 46.82 12.64
CA GLU G 398 -34.74 45.82 11.64
C GLU G 398 -36.01 45.08 12.04
N GLU G 399 -36.90 44.83 11.07
CA GLU G 399 -38.07 43.99 11.23
C GLU G 399 -38.28 43.19 9.95
N SER G 400 -38.50 41.88 10.05
CA SER G 400 -38.61 41.02 8.88
C SER G 400 -39.71 39.98 9.07
N THR G 401 -40.37 39.58 7.98
CA THR G 401 -41.42 38.57 8.11
C THR G 401 -41.48 37.71 6.86
N LEU G 402 -41.49 36.40 7.05
CA LEU G 402 -41.50 35.44 5.96
C LEU G 402 -42.73 34.58 6.14
N TYR G 403 -43.45 34.37 5.04
CA TYR G 403 -44.57 33.48 5.09
C TYR G 403 -44.44 32.44 3.98
N VAL G 404 -44.86 31.22 4.23
CA VAL G 404 -44.87 30.21 3.20
C VAL G 404 -46.28 29.66 3.17
N LEU G 405 -46.99 29.90 2.08
CA LEU G 405 -48.36 29.42 1.95
C LEU G 405 -48.41 28.31 0.91
N VAL G 406 -49.49 27.51 0.89
CA VAL G 406 -49.60 26.47 -0.12
C VAL G 406 -51.06 26.27 -0.48
N LYS G 407 -51.36 26.25 -1.78
CA LYS G 407 -52.71 26.01 -2.25
C LYS G 407 -52.70 24.84 -3.23
N ALA G 408 -53.40 23.76 -2.86
CA ALA G 408 -53.54 22.65 -3.78
C ALA G 408 -54.95 22.61 -4.32
N THR G 409 -55.07 22.20 -5.59
CA THR G 409 -56.33 22.15 -6.33
C THR G 409 -56.38 20.90 -7.21
N ILE G 410 -57.39 20.06 -6.99
CA ILE G 410 -57.61 18.86 -7.77
C ILE G 410 -58.19 19.26 -9.12
N VAL G 411 -57.54 18.81 -10.20
CA VAL G 411 -57.87 19.17 -11.56
C VAL G 411 -59.01 18.30 -12.09
N ARG G 412 -58.88 16.97 -11.87
CA ARG G 412 -59.81 15.97 -12.39
C ARG G 412 -59.77 15.96 -13.92
CA ASP H 108 -59.38 -19.79 -0.70
C ASP H 108 -59.42 -18.33 -0.26
N ASN H 109 -58.45 -17.55 -0.76
CA ASN H 109 -58.35 -16.14 -0.44
C ASN H 109 -59.07 -15.33 -1.49
N VAL H 110 -59.99 -14.48 -1.06
CA VAL H 110 -60.54 -13.47 -1.94
C VAL H 110 -59.61 -12.25 -1.95
N THR H 111 -59.68 -11.43 -2.99
CA THR H 111 -58.93 -10.19 -3.03
C THR H 111 -59.91 -9.03 -3.24
N GLN H 112 -60.04 -8.15 -2.26
CA GLN H 112 -60.86 -6.96 -2.43
C GLN H 112 -60.02 -5.69 -2.39
N THR H 113 -60.63 -4.58 -2.83
CA THR H 113 -60.05 -3.26 -2.69
C THR H 113 -60.92 -2.42 -1.76
N PHE H 114 -60.25 -1.65 -0.89
CA PHE H 114 -60.88 -0.82 0.10
C PHE H 114 -60.41 0.61 -0.14
N LYS H 115 -61.34 1.56 -0.15
CA LYS H 115 -61.01 2.97 -0.29
C LYS H 115 -60.71 3.56 1.08
N ILE H 116 -59.50 4.13 1.22
CA ILE H 116 -59.12 4.78 2.45
C ILE H 116 -59.46 6.24 2.26
N ASN H 117 -60.13 6.87 3.22
CA ASN H 117 -60.70 8.18 3.01
C ASN H 117 -59.91 9.27 3.72
N ASN H 118 -59.40 8.99 4.93
CA ASN H 118 -58.86 10.05 5.77
C ASN H 118 -57.35 9.99 5.83
N VAL H 119 -56.73 8.83 5.73
CA VAL H 119 -55.29 8.80 5.83
C VAL H 119 -54.73 8.14 4.58
N ARG H 120 -53.45 8.37 4.30
CA ARG H 120 -52.82 7.75 3.14
C ARG H 120 -52.87 6.24 3.31
N ALA H 121 -53.14 5.54 2.24
CA ALA H 121 -53.39 4.12 2.37
C ALA H 121 -52.10 3.37 2.66
N LYS H 122 -50.97 4.06 2.54
CA LYS H 122 -49.67 3.44 2.62
C LYS H 122 -49.27 3.23 4.08
N ASP H 123 -49.80 4.08 4.96
CA ASP H 123 -49.53 4.06 6.39
C ASP H 123 -50.33 2.96 7.07
N LEU H 124 -51.36 2.47 6.40
CA LEU H 124 -52.25 1.48 6.97
C LEU H 124 -51.95 0.12 6.33
N ILE H 125 -50.67 -0.21 6.12
CA ILE H 125 -50.33 -1.47 5.48
C ILE H 125 -49.90 -2.45 6.55
N ARG H 126 -49.09 -1.96 7.51
CA ARG H 126 -48.57 -2.78 8.59
C ARG H 126 -49.71 -3.17 9.52
N VAL H 127 -50.59 -2.22 9.77
CA VAL H 127 -51.73 -2.42 10.64
C VAL H 127 -52.65 -3.45 10.01
N VAL H 128 -52.77 -3.42 8.69
CA VAL H 128 -53.76 -4.25 8.04
C VAL H 128 -53.09 -5.57 7.73
N GLU H 129 -51.76 -5.56 7.76
CA GLU H 129 -51.03 -6.79 7.61
C GLU H 129 -51.25 -7.67 8.84
N LEU H 130 -51.40 -7.05 10.03
CA LEU H 130 -51.72 -7.76 11.27
C LEU H 130 -53.13 -8.31 11.22
N PHE H 131 -54.10 -7.50 10.79
CA PHE H 131 -55.46 -7.97 10.86
C PHE H 131 -55.61 -9.23 10.01
N VAL H 132 -54.81 -9.33 8.96
CA VAL H 132 -55.05 -10.40 8.02
C VAL H 132 -54.09 -11.53 8.32
N LYS H 133 -52.99 -11.25 9.03
CA LYS H 133 -52.01 -12.28 9.36
C LYS H 133 -52.71 -13.44 10.06
N SER H 134 -52.19 -14.66 9.84
CA SER H 134 -52.68 -15.89 10.46
C SER H 134 -51.60 -16.97 10.36
N SER H 140 -46.37 -10.58 1.44
CA SER H 140 -47.24 -9.53 0.83
C SER H 140 -48.64 -10.08 0.63
N ASN H 141 -49.58 -9.51 1.36
CA ASN H 141 -50.98 -9.87 1.24
C ASN H 141 -51.76 -8.57 1.21
N VAL H 142 -51.12 -7.48 1.65
CA VAL H 142 -51.70 -6.16 1.54
C VAL H 142 -50.80 -5.30 0.68
N LEU H 143 -51.40 -4.58 -0.27
CA LEU H 143 -50.71 -3.67 -1.14
C LEU H 143 -51.49 -2.35 -1.19
N SER H 144 -50.82 -1.26 -1.54
CA SER H 144 -51.47 0.02 -1.67
C SER H 144 -51.29 0.58 -3.08
N VAL H 145 -52.40 0.94 -3.72
CA VAL H 145 -52.35 1.68 -4.96
C VAL H 145 -52.44 3.14 -4.55
N ASP H 146 -51.31 3.88 -4.63
CA ASP H 146 -51.18 5.19 -4.01
C ASP H 146 -51.97 6.27 -4.73
N GLY H 147 -52.24 6.03 -6.01
CA GLY H 147 -52.89 7.03 -6.84
C GLY H 147 -54.29 7.29 -6.32
N SER H 148 -55.07 6.23 -6.17
CA SER H 148 -56.46 6.37 -5.81
C SER H 148 -56.72 5.95 -4.35
N ASN H 149 -55.69 6.01 -3.49
CA ASN H 149 -55.73 5.66 -2.08
C ASN H 149 -56.59 4.42 -1.87
N LEU H 150 -55.98 3.29 -2.19
CA LEU H 150 -56.72 2.05 -2.12
C LEU H 150 -55.84 1.02 -1.47
N LEU H 151 -56.45 0.09 -0.73
CA LEU H 151 -55.75 -1.07 -0.20
C LEU H 151 -56.30 -2.34 -0.81
N VAL H 152 -55.46 -3.07 -1.53
CA VAL H 152 -55.82 -4.36 -2.05
C VAL H 152 -55.35 -5.39 -1.05
N VAL H 153 -56.27 -6.14 -0.40
CA VAL H 153 -55.95 -7.14 0.59
C VAL H 153 -56.40 -8.54 0.13
N SER H 154 -55.57 -9.56 0.32
CA SER H 154 -55.93 -10.94 0.02
C SER H 154 -55.94 -11.75 1.31
N ALA H 155 -57.12 -12.27 1.70
CA ALA H 155 -57.27 -13.00 2.94
C ALA H 155 -58.57 -13.79 2.86
N PRO H 156 -58.80 -14.85 3.68
CA PRO H 156 -60.10 -15.49 3.75
C PRO H 156 -61.28 -14.53 3.84
N LYS H 157 -62.42 -14.91 3.27
CA LYS H 157 -63.59 -14.05 3.18
C LYS H 157 -64.05 -13.55 4.55
N ASP H 158 -64.00 -14.45 5.53
CA ASP H 158 -64.38 -14.16 6.90
C ASP H 158 -63.57 -12.98 7.41
N ILE H 159 -62.25 -13.08 7.31
CA ILE H 159 -61.35 -12.01 7.71
C ILE H 159 -61.75 -10.75 6.94
N LEU H 160 -62.03 -10.92 5.65
CA LEU H 160 -62.27 -9.76 4.81
C LEU H 160 -63.67 -9.21 5.00
N ASP H 161 -64.42 -9.84 5.90
CA ASP H 161 -65.76 -9.35 6.18
C ASP H 161 -65.73 -8.37 7.35
N ASN H 162 -64.70 -8.53 8.20
CA ASN H 162 -64.50 -7.71 9.38
C ASN H 162 -63.55 -6.55 9.11
N LEU H 163 -62.83 -6.60 7.97
CA LEU H 163 -61.89 -5.53 7.67
C LEU H 163 -62.61 -4.19 7.56
N PRO H 164 -63.82 -4.07 6.98
CA PRO H 164 -64.51 -2.78 7.03
C PRO H 164 -64.60 -2.10 8.40
N GLN H 165 -64.79 -2.86 9.48
CA GLN H 165 -64.95 -2.25 10.81
C GLN H 165 -63.62 -2.02 11.51
N PHE H 166 -62.53 -2.57 10.98
CA PHE H 166 -61.22 -2.24 11.53
C PHE H 166 -60.73 -0.96 10.88
N LEU H 167 -61.15 -0.73 9.64
CA LEU H 167 -60.63 0.43 8.96
C LEU H 167 -61.48 1.63 9.32
N SER H 168 -62.32 1.49 10.33
CA SER H 168 -63.08 2.64 10.78
C SER H 168 -62.58 3.03 12.16
N THR H 169 -61.55 2.32 12.62
CA THR H 169 -60.93 2.57 13.90
C THR H 169 -59.45 2.87 13.70
N VAL H 170 -59.00 2.88 12.46
CA VAL H 170 -57.58 3.02 12.20
C VAL H 170 -57.39 4.06 11.12
N ASP H 171 -58.46 4.38 10.40
CA ASP H 171 -58.40 5.31 9.30
C ASP H 171 -59.21 6.53 9.69
N LEU H 172 -58.68 7.31 10.62
CA LEU H 172 -59.42 8.41 11.21
C LEU H 172 -58.83 9.71 10.71
N PRO H 173 -59.56 10.84 10.81
CA PRO H 173 -59.04 12.15 10.43
C PRO H 173 -57.94 12.65 11.36
N THR H 174 -56.71 12.72 10.86
CA THR H 174 -55.58 13.18 11.63
C THR H 174 -55.70 14.68 11.85
N ASP H 175 -55.11 15.16 12.94
CA ASP H 175 -55.09 16.57 13.27
C ASP H 175 -53.78 17.19 12.80
N GLN H 176 -53.85 18.50 12.51
CA GLN H 176 -52.68 19.28 12.19
C GLN H 176 -52.39 20.20 13.34
N ILE H 177 -51.11 20.46 13.59
CA ILE H 177 -50.68 21.22 14.74
C ILE H 177 -49.89 22.41 14.25
N LEU H 178 -50.06 23.55 14.91
CA LEU H 178 -49.32 24.74 14.58
C LEU H 178 -48.41 25.10 15.74
N ILE H 179 -47.14 24.71 15.64
CA ILE H 179 -46.13 25.05 16.62
C ILE H 179 -45.66 26.45 16.30
N GLU H 180 -45.43 27.27 17.32
CA GLU H 180 -45.02 28.64 17.14
C GLU H 180 -43.94 28.94 18.16
N GLY H 181 -42.67 28.82 17.74
CA GLY H 181 -41.56 29.13 18.60
C GLY H 181 -41.45 30.64 18.85
N LEU H 182 -40.81 31.02 19.96
CA LEU H 182 -40.54 32.41 20.26
C LEU H 182 -39.21 32.52 21.00
N ILE H 183 -38.20 33.13 20.35
CA ILE H 183 -36.91 33.40 20.97
C ILE H 183 -36.84 34.89 21.28
N PHE H 184 -36.35 35.27 22.47
CA PHE H 184 -36.34 36.66 22.90
C PHE H 184 -35.08 36.99 23.71
N GLU H 185 -34.20 37.84 23.19
CA GLU H 185 -32.97 38.14 23.88
C GLU H 185 -32.87 39.65 24.12
N VAL H 186 -32.96 40.09 25.37
CA VAL H 186 -32.69 41.47 25.72
C VAL H 186 -31.28 41.57 26.31
N GLN H 187 -30.39 42.38 25.73
CA GLN H 187 -29.09 42.63 26.35
C GLN H 187 -28.91 44.12 26.67
N GLN H 188 -28.88 44.47 27.96
CA GLN H 188 -28.45 45.79 28.37
C GLN H 188 -26.92 45.80 28.47
N GLY H 189 -26.33 46.83 29.10
CA GLY H 189 -24.88 47.00 29.14
C GLY H 189 -24.47 48.46 29.38
N ASP H 190 -23.38 48.65 30.13
CA ASP H 190 -22.79 49.95 30.44
C ASP H 190 -21.29 49.79 30.69
N ALA H 191 -20.62 50.89 30.99
CA ALA H 191 -19.17 50.92 31.21
C ALA H 191 -18.77 52.32 31.65
N LEU H 192 -17.59 52.45 32.30
CA LEU H 192 -17.10 53.74 32.74
C LEU H 192 -15.60 53.75 32.93
N ASP H 193 -14.81 53.69 31.85
CA ASP H 193 -13.39 53.96 31.98
C ASP H 193 -13.17 55.40 32.42
N PHE H 194 -12.17 55.64 33.30
CA PHE H 194 -11.97 56.94 33.91
C PHE H 194 -10.54 57.13 34.41
N SER H 195 -9.64 57.61 33.53
CA SER H 195 -8.26 57.94 33.91
C SER H 195 -8.19 59.29 34.63
N PHE H 196 -7.09 59.52 35.37
CA PHE H 196 -6.85 60.76 36.09
C PHE H 196 -5.35 60.94 36.23
N ALA H 197 -4.64 60.75 35.12
CA ALA H 197 -3.22 61.08 35.08
C ALA H 197 -3.00 62.49 35.62
N ALA H 198 -1.97 62.65 36.47
CA ALA H 198 -1.71 63.92 37.13
C ALA H 198 -0.26 64.39 36.87
N LEU H 235 -2.57 67.47 33.86
CA LEU H 235 -3.73 66.75 34.45
C LEU H 235 -4.69 66.32 33.35
N SER H 236 -4.33 65.26 32.61
CA SER H 236 -5.22 64.64 31.65
C SER H 236 -6.26 63.80 32.40
N VAL H 237 -7.53 63.90 31.99
CA VAL H 237 -8.64 63.12 32.55
C VAL H 237 -9.47 62.51 31.43
N ARG H 238 -9.11 61.32 30.95
CA ARG H 238 -9.97 60.62 30.02
C ARG H 238 -11.18 60.06 30.75
N ALA H 239 -12.30 59.90 30.03
CA ALA H 239 -13.48 59.20 30.51
C ALA H 239 -14.15 58.47 29.35
N LEU H 240 -15.29 57.82 29.64
CA LEU H 240 -16.11 57.09 28.70
C LEU H 240 -17.35 56.61 29.46
N LYS H 241 -18.50 56.61 28.79
CA LYS H 241 -19.69 56.05 29.38
C LYS H 241 -20.51 55.40 28.28
N THR H 242 -20.02 54.24 27.82
CA THR H 242 -20.71 53.48 26.80
C THR H 242 -21.92 52.76 27.40
N ASN H 243 -23.13 53.09 26.93
CA ASN H 243 -24.30 52.23 27.09
C ASN H 243 -24.53 51.39 25.84
N SER H 244 -25.55 50.52 25.90
CA SER H 244 -25.94 49.60 24.85
C SER H 244 -27.21 48.85 25.24
N HIS H 245 -28.05 48.57 24.24
CA HIS H 245 -29.31 47.88 24.41
C HIS H 245 -29.52 47.00 23.18
N SER H 246 -30.37 45.98 23.30
CA SER H 246 -30.61 45.04 22.22
C SER H 246 -31.86 44.23 22.51
N LYS H 247 -32.82 44.22 21.57
CA LYS H 247 -33.98 43.36 21.68
C LYS H 247 -34.12 42.58 20.38
N ILE H 248 -33.96 41.27 20.43
CA ILE H 248 -34.17 40.37 19.31
C ILE H 248 -35.36 39.45 19.59
N LEU H 249 -36.44 39.57 18.80
CA LEU H 249 -37.57 38.67 18.92
C LEU H 249 -37.70 37.86 17.63
N SER H 250 -37.36 36.58 17.67
CA SER H 250 -37.50 35.71 16.51
C SER H 250 -38.65 34.74 16.74
N VAL H 251 -39.67 34.75 15.87
CA VAL H 251 -40.86 33.92 16.02
C VAL H 251 -40.94 32.92 14.88
N PRO H 252 -40.28 31.75 14.93
CA PRO H 252 -40.49 30.71 13.94
C PRO H 252 -41.85 30.02 14.05
N ARG H 253 -42.38 29.52 12.93
CA ARG H 253 -43.64 28.78 12.89
C ARG H 253 -43.63 27.68 11.83
N ILE H 254 -44.38 26.59 12.12
CA ILE H 254 -44.42 25.42 11.26
C ILE H 254 -45.73 24.69 11.53
N LEU H 255 -46.46 24.34 10.46
CA LEU H 255 -47.62 23.49 10.59
C LEU H 255 -47.24 22.09 10.15
N THR H 256 -47.63 21.09 10.95
CA THR H 256 -47.37 19.71 10.58
C THR H 256 -48.50 18.85 11.09
N LEU H 257 -48.83 17.81 10.33
CA LEU H 257 -49.71 16.75 10.74
C LEU H 257 -49.14 16.05 11.96
N SER H 258 -50.05 15.60 12.84
CA SER H 258 -49.70 14.85 14.02
C SER H 258 -48.92 13.64 13.57
N GLY H 259 -47.81 13.38 14.21
CA GLY H 259 -47.12 12.15 13.93
C GLY H 259 -46.21 12.27 12.73
N GLN H 260 -45.95 13.49 12.31
CA GLN H 260 -45.06 13.73 11.19
C GLN H 260 -44.01 14.72 11.66
N LYS H 261 -42.87 14.72 10.99
CA LYS H 261 -41.80 15.61 11.36
C LYS H 261 -41.89 16.84 10.48
N GLY H 262 -41.63 18.00 11.06
CA GLY H 262 -41.65 19.21 10.26
C GLY H 262 -40.48 20.08 10.69
N SER H 263 -39.87 20.79 9.75
CA SER H 263 -38.80 21.67 10.15
C SER H 263 -38.82 22.95 9.33
N ILE H 264 -38.43 24.04 9.98
CA ILE H 264 -38.25 25.31 9.31
C ILE H 264 -36.83 25.78 9.59
N SER H 265 -36.13 26.23 8.56
CA SER H 265 -34.75 26.65 8.70
C SER H 265 -34.53 27.88 7.85
N VAL H 266 -34.15 28.99 8.48
CA VAL H 266 -33.87 30.22 7.77
C VAL H 266 -32.53 30.70 8.25
N GLY H 267 -31.58 30.84 7.33
CA GLY H 267 -30.28 31.31 7.73
C GLY H 267 -29.29 31.25 6.59
N GLN H 268 -28.18 30.59 6.85
CA GLN H 268 -27.11 30.50 5.89
C GLN H 268 -26.54 29.09 5.91
N ASN H 269 -26.09 28.61 4.75
CA ASN H 269 -25.50 27.30 4.70
C ASN H 269 -24.01 27.51 4.56
N VAL H 270 -23.26 27.10 5.59
CA VAL H 270 -21.86 27.45 5.72
C VAL H 270 -21.04 26.17 5.66
N PRO H 271 -19.92 26.15 4.93
CA PRO H 271 -19.07 24.98 4.90
C PRO H 271 -18.12 24.96 6.08
N PHE H 272 -17.96 23.78 6.67
CA PHE H 272 -17.11 23.64 7.82
C PHE H 272 -16.12 22.51 7.57
N ILE H 273 -14.84 22.80 7.75
CA ILE H 273 -13.78 21.83 7.55
C ILE H 273 -13.88 20.76 8.62
N THR H 274 -13.66 19.49 8.27
CA THR H 274 -13.89 18.38 9.18
C THR H 274 -12.68 17.44 9.35
N THR H 290 -11.25 18.16 3.60
CA THR H 290 -12.64 17.66 3.78
C THR H 290 -13.56 18.74 4.34
N VAL H 291 -14.70 18.98 3.66
CA VAL H 291 -15.67 19.99 4.06
C VAL H 291 -17.04 19.35 4.25
N GLU H 292 -17.85 19.90 5.14
CA GLU H 292 -19.20 19.45 5.41
C GLU H 292 -20.06 20.68 5.64
N ARG H 293 -21.14 20.81 4.86
CA ARG H 293 -21.93 22.02 4.89
C ARG H 293 -22.91 21.87 6.02
N GLN H 294 -23.49 22.98 6.48
CA GLN H 294 -24.26 22.97 7.69
C GLN H 294 -25.01 24.27 7.83
N ASN H 295 -26.29 24.18 8.21
CA ASN H 295 -27.12 25.35 8.28
C ASN H 295 -26.77 26.10 9.56
N VAL H 296 -26.65 27.41 9.44
CA VAL H 296 -26.39 28.22 10.59
C VAL H 296 -27.36 29.39 10.57
N GLY H 297 -28.41 29.30 11.38
CA GLY H 297 -29.39 30.36 11.50
C GLY H 297 -30.46 29.93 12.47
N ILE H 298 -31.70 30.40 12.30
CA ILE H 298 -32.82 29.95 13.10
C ILE H 298 -33.37 28.68 12.46
N SER H 299 -33.57 27.64 13.28
CA SER H 299 -34.26 26.45 12.82
C SER H 299 -35.11 25.88 13.94
N MET H 300 -36.19 25.20 13.59
CA MET H 300 -37.03 24.55 14.57
C MET H 300 -37.52 23.24 13.98
N SER H 301 -37.07 22.11 14.54
CA SER H 301 -37.54 20.83 14.10
C SER H 301 -38.55 20.34 15.11
N VAL H 302 -39.68 19.84 14.64
CA VAL H 302 -40.70 19.42 15.57
C VAL H 302 -41.11 18.01 15.22
N PHE H 303 -41.66 17.30 16.21
CA PHE H 303 -42.34 16.04 15.97
C PHE H 303 -43.46 15.96 16.98
N PRO H 304 -44.64 16.53 16.70
CA PRO H 304 -45.76 16.51 17.63
C PRO H 304 -46.69 15.33 17.46
N VAL H 305 -47.34 14.93 18.56
CA VAL H 305 -48.35 13.88 18.55
C VAL H 305 -49.48 14.38 19.42
N ALA H 306 -50.65 14.58 18.82
CA ALA H 306 -51.80 15.02 19.59
C ALA H 306 -52.44 13.78 20.17
N MET H 307 -53.19 13.93 21.26
CA MET H 307 -53.64 12.76 21.97
C MET H 307 -55.15 12.69 22.09
N ALA H 308 -55.75 13.52 22.95
CA ALA H 308 -57.15 13.36 23.27
C ALA H 308 -57.92 14.64 22.92
N GLY H 319 -57.42 19.42 24.22
CA GLY H 319 -56.53 18.28 23.89
C GLY H 319 -55.08 18.56 24.28
N ASN H 320 -54.24 17.53 24.30
CA ASN H 320 -52.84 17.70 24.64
C ASN H 320 -51.97 17.38 23.45
N ILE H 321 -50.72 17.87 23.48
CA ILE H 321 -49.75 17.56 22.44
C ILE H 321 -48.44 17.20 23.12
N VAL H 322 -47.87 16.05 22.77
CA VAL H 322 -46.52 15.79 23.22
C VAL H 322 -45.60 16.22 22.09
N LEU H 323 -44.56 16.99 22.40
CA LEU H 323 -43.78 17.65 21.37
C LEU H 323 -42.29 17.46 21.63
N ASP H 324 -41.63 16.71 20.75
CA ASP H 324 -40.18 16.69 20.74
C ASP H 324 -39.72 17.89 19.93
N ILE H 325 -38.87 18.76 20.49
CA ILE H 325 -38.60 20.03 19.84
C ILE H 325 -37.12 20.37 19.93
N THR H 326 -36.54 20.83 18.83
CA THR H 326 -35.22 21.43 18.86
C THR H 326 -35.29 22.83 18.24
N ILE H 327 -35.06 23.90 19.02
CA ILE H 327 -34.97 25.23 18.46
C ILE H 327 -33.52 25.66 18.50
N LYS H 328 -32.92 25.99 17.35
CA LYS H 328 -31.55 26.48 17.30
C LYS H 328 -31.53 27.89 16.71
N ALA H 329 -30.91 28.86 17.39
CA ALA H 329 -30.72 30.18 16.85
C ALA H 329 -29.23 30.50 16.79
N ASP H 330 -28.61 30.38 15.60
CA ASP H 330 -27.17 30.53 15.45
C ASP H 330 -26.83 31.63 14.44
N SER H 331 -25.58 32.07 14.44
CA SER H 331 -25.06 33.13 13.58
C SER H 331 -23.56 32.93 13.44
N LEU H 332 -22.94 33.63 12.50
CA LEU H 332 -21.51 33.48 12.27
C LEU H 332 -20.78 34.57 13.03
N SER H 333 -19.56 34.24 13.49
CA SER H 333 -18.73 35.17 14.23
C SER H 333 -17.64 35.70 13.32
N SER H 334 -17.12 36.88 13.64
CA SER H 334 -16.05 37.47 12.88
C SER H 334 -14.70 37.06 13.42
N SER H 335 -14.69 36.24 14.49
CA SER H 335 -13.48 35.81 15.16
C SER H 335 -12.67 34.89 14.26
N THR H 336 -11.36 35.14 14.21
CA THR H 336 -10.43 34.33 13.46
C THR H 336 -9.40 33.76 14.42
N GLN H 337 -9.87 33.29 15.58
CA GLN H 337 -9.02 32.83 16.65
C GLN H 337 -8.79 31.33 16.53
N ALA H 338 -9.35 30.71 15.49
CA ALA H 338 -9.26 29.26 15.42
C ALA H 338 -9.05 28.79 14.00
N SER H 339 -8.92 27.49 13.83
CA SER H 339 -8.70 26.87 12.53
C SER H 339 -9.71 27.34 11.50
N ASP H 340 -11.01 27.22 11.82
CA ASP H 340 -12.08 27.54 10.87
C ASP H 340 -12.98 28.64 11.44
N VAL H 341 -14.28 28.59 11.15
CA VAL H 341 -15.21 29.66 11.47
C VAL H 341 -15.90 29.36 12.80
N ILE H 342 -15.95 30.32 13.72
CA ILE H 342 -16.67 30.19 14.98
C ILE H 342 -18.09 30.66 14.75
N THR H 343 -19.05 29.97 15.38
CA THR H 343 -20.48 30.25 15.24
C THR H 343 -20.99 30.68 16.61
N ASN H 344 -22.01 31.54 16.69
CA ASN H 344 -22.61 31.88 17.97
C ASN H 344 -23.82 30.99 18.12
N GLN H 345 -23.85 30.11 19.12
CA GLN H 345 -24.87 29.08 19.25
C GLN H 345 -25.91 29.47 20.31
N ARG H 346 -27.13 28.99 20.12
CA ARG H 346 -28.19 29.04 21.10
C ARG H 346 -29.17 27.93 20.76
N SER H 347 -29.27 26.90 21.60
CA SER H 347 -30.13 25.76 21.30
C SER H 347 -30.86 25.23 22.52
N ILE H 348 -32.11 24.81 22.33
CA ILE H 348 -32.86 24.04 23.30
C ILE H 348 -33.29 22.75 22.60
N ALA H 349 -33.16 21.62 23.27
CA ALA H 349 -33.79 20.44 22.73
C ALA H 349 -34.44 19.70 23.87
N THR H 350 -35.73 19.46 23.75
CA THR H 350 -36.47 18.83 24.82
C THR H 350 -37.68 18.11 24.27
N THR H 351 -38.41 17.48 25.19
CA THR H 351 -39.74 16.97 24.91
C THR H 351 -40.62 17.50 26.01
N VAL H 352 -41.73 18.11 25.65
CA VAL H 352 -42.66 18.66 26.61
C VAL H 352 -44.07 18.25 26.25
N ASN H 353 -44.99 18.68 27.08
CA ASN H 353 -46.39 18.33 26.96
C ASN H 353 -47.13 19.65 27.03
N LEU H 354 -47.86 19.97 25.96
CA LEU H 354 -48.52 21.24 25.77
C LEU H 354 -49.99 20.96 25.66
N ARG H 355 -50.83 21.87 26.13
CA ARG H 355 -52.26 21.86 25.84
C ARG H 355 -52.52 22.51 24.49
N ASP H 356 -53.80 22.64 24.14
CA ASP H 356 -54.24 22.93 22.79
C ASP H 356 -53.96 24.38 22.43
N GLY H 357 -53.73 25.25 23.41
CA GLY H 357 -53.42 26.61 23.00
C GLY H 357 -52.66 27.37 24.06
N GLN H 358 -51.59 26.75 24.55
CA GLN H 358 -50.86 27.19 25.73
C GLN H 358 -49.46 27.61 25.29
N THR H 359 -48.84 28.51 26.05
CA THR H 359 -47.45 28.83 25.84
C THR H 359 -46.65 28.36 27.06
N LEU H 360 -45.55 27.67 26.80
CA LEU H 360 -44.69 27.14 27.83
C LEU H 360 -43.34 27.84 27.72
N LEU H 361 -42.59 27.94 28.83
CA LEU H 361 -41.20 28.34 28.77
C LEU H 361 -40.33 27.11 28.54
N LEU H 362 -40.17 26.79 27.28
CA LEU H 362 -39.38 25.65 26.89
C LEU H 362 -37.95 25.77 27.42
N GLY H 363 -37.60 26.93 27.98
CA GLY H 363 -36.28 27.09 28.57
C GLY H 363 -35.80 28.53 28.60
N GLY H 364 -34.51 28.77 28.83
CA GLY H 364 -34.00 30.13 28.83
C GLY H 364 -32.62 30.23 29.48
N LEU H 365 -32.01 31.43 29.47
CA LEU H 365 -30.80 31.70 30.24
C LEU H 365 -30.68 33.18 30.55
N THR H 366 -30.66 33.56 31.83
CA THR H 366 -30.37 34.94 32.14
C THR H 366 -28.95 35.01 32.66
N ASP H 367 -28.28 36.14 32.41
CA ASP H 367 -26.87 36.30 32.72
C ASP H 367 -26.62 37.71 33.21
N TYR H 368 -25.64 37.88 34.09
CA TYR H 368 -25.34 39.15 34.72
C TYR H 368 -23.85 39.23 35.03
N LYS H 369 -23.15 40.21 34.47
CA LYS H 369 -21.73 40.40 34.74
C LYS H 369 -21.53 41.80 35.31
N ASN H 370 -21.02 41.89 36.54
CA ASN H 370 -20.71 43.18 37.14
C ASN H 370 -19.22 43.27 37.41
N THR H 371 -18.42 43.48 36.37
CA THR H 371 -16.98 43.66 36.53
C THR H 371 -16.65 45.07 37.03
N SER H 372 -15.54 45.22 37.77
CA SER H 372 -15.06 46.47 38.33
C SER H 372 -13.56 46.40 38.61
N GLN H 373 -12.81 47.43 38.22
CA GLN H 373 -11.36 47.42 38.30
C GLN H 373 -10.89 48.82 38.72
N ASP H 374 -9.68 48.93 39.30
CA ASP H 374 -9.27 50.18 39.91
C ASP H 374 -7.79 50.15 40.28
N SER H 375 -6.92 50.57 39.36
CA SER H 375 -5.52 50.76 39.70
C SER H 375 -5.31 52.18 40.21
N GLY H 376 -4.63 52.31 41.36
CA GLY H 376 -4.39 53.62 41.94
C GLY H 376 -2.98 53.77 42.52
N VAL H 377 -2.85 54.75 43.44
CA VAL H 377 -1.63 55.01 44.19
C VAL H 377 -1.99 54.92 45.66
N PRO H 378 -1.36 54.03 46.45
CA PRO H 378 -1.72 53.83 47.85
C PRO H 378 -1.26 55.00 48.75
N GLY H 387 6.30 64.40 40.55
CA GLY H 387 5.99 62.97 40.62
C GLY H 387 4.61 62.66 40.05
N LEU H 388 4.57 61.72 39.10
CA LEU H 388 3.38 61.29 38.38
C LEU H 388 2.42 60.57 39.33
N LEU H 389 1.11 60.60 38.99
CA LEU H 389 0.11 59.87 39.75
C LEU H 389 -0.98 59.39 38.81
N PHE H 390 -0.67 58.44 37.92
CA PHE H 390 -1.70 57.78 37.13
C PHE H 390 -2.69 57.04 38.04
N SER H 391 -3.98 57.05 37.68
CA SER H 391 -5.04 56.54 38.57
C SER H 391 -6.32 56.18 37.79
N SER H 392 -6.28 55.07 37.06
CA SER H 392 -7.41 54.64 36.23
C SER H 392 -8.49 53.96 37.07
N ARG H 393 -9.64 53.67 36.43
CA ARG H 393 -10.71 52.88 37.00
C ARG H 393 -11.68 52.44 35.90
N SER H 394 -11.83 51.13 35.70
CA SER H 394 -12.84 50.59 34.79
C SER H 394 -14.06 50.12 35.57
N ASP H 395 -15.17 49.91 34.87
CA ASP H 395 -16.36 49.25 35.37
C ASP H 395 -17.14 48.67 34.19
N SER H 396 -18.15 47.87 34.49
CA SER H 396 -18.99 47.21 33.51
C SER H 396 -20.19 46.61 34.23
N ASN H 397 -21.33 46.54 33.53
CA ASN H 397 -22.51 45.96 34.14
C ASN H 397 -23.40 45.34 33.06
N GLU H 398 -22.89 44.30 32.38
CA GLU H 398 -23.67 43.55 31.41
C GLU H 398 -24.80 42.78 32.10
N GLU H 399 -25.98 42.76 31.48
CA GLU H 399 -27.11 41.94 31.90
C GLU H 399 -27.82 41.43 30.65
N SER H 400 -28.13 40.14 30.60
CA SER H 400 -28.73 39.55 29.40
C SER H 400 -29.80 38.52 29.78
N THR H 401 -30.83 38.37 28.96
CA THR H 401 -31.86 37.40 29.26
C THR H 401 -32.44 36.81 27.98
N LEU H 402 -32.52 35.49 27.91
CA LEU H 402 -33.01 34.78 26.75
C LEU H 402 -34.19 33.95 27.18
N TYR H 403 -35.25 33.99 26.40
CA TYR H 403 -36.38 33.15 26.68
C TYR H 403 -36.75 32.36 25.44
N VAL H 404 -37.19 31.13 25.60
CA VAL H 404 -37.65 30.37 24.47
C VAL H 404 -39.03 29.87 24.86
N LEU H 405 -40.05 30.34 24.14
CA LEU H 405 -41.42 29.96 24.43
C LEU H 405 -41.95 29.08 23.29
N VAL H 406 -43.04 28.34 23.53
CA VAL H 406 -43.58 27.53 22.46
C VAL H 406 -45.09 27.46 22.62
N LYS H 407 -45.83 27.71 21.53
CA LYS H 407 -47.27 27.62 21.54
C LYS H 407 -47.73 26.68 20.43
N ALA H 408 -48.36 25.57 20.82
CA ALA H 408 -48.92 24.67 19.83
C ALA H 408 -50.43 24.79 19.84
N THR H 409 -51.03 24.67 18.64
CA THR H 409 -52.46 24.81 18.41
C THR H 409 -52.94 23.77 17.39
N ILE H 410 -53.89 22.94 17.81
CA ILE H 410 -54.49 21.93 16.95
C ILE H 410 -55.47 22.62 15.99
N VAL H 411 -55.27 22.38 14.69
CA VAL H 411 -56.01 23.03 13.63
C VAL H 411 -57.35 22.32 13.39
N ARG H 412 -57.30 20.97 13.32
CA ARG H 412 -58.44 20.13 12.99
C ARG H 412 -58.94 20.44 11.57
CA ASP I 108 -57.71 -17.28 17.03
C ASP I 108 -57.43 -15.94 17.73
N ASN I 109 -56.63 -15.11 17.07
CA ASN I 109 -56.27 -13.81 17.58
C ASN I 109 -57.22 -12.77 17.01
N VAL I 110 -57.85 -12.00 17.89
CA VAL I 110 -58.57 -10.81 17.46
C VAL I 110 -57.57 -9.65 17.34
N THR I 111 -57.90 -8.62 16.56
CA THR I 111 -57.10 -7.42 16.47
C THR I 111 -57.96 -6.22 16.83
N GLN I 112 -57.66 -5.55 17.94
CA GLN I 112 -58.37 -4.33 18.29
C GLN I 112 -57.44 -3.12 18.26
N THR I 113 -58.04 -1.93 18.30
CA THR I 113 -57.31 -0.69 18.45
C THR I 113 -57.71 -0.03 19.76
N PHE I 114 -56.70 0.53 20.45
CA PHE I 114 -56.85 1.16 21.73
C PHE I 114 -56.36 2.59 21.61
N LYS I 115 -57.13 3.55 22.11
CA LYS I 115 -56.72 4.95 22.10
C LYS I 115 -55.91 5.24 23.35
N ILE I 116 -54.69 5.74 23.16
CA ILE I 116 -53.83 6.09 24.27
C ILE I 116 -54.07 7.57 24.48
N ASN I 117 -54.29 8.00 25.72
CA ASN I 117 -54.76 9.35 25.98
C ASN I 117 -53.66 10.25 26.54
N ASN I 118 -52.80 9.71 27.42
CA ASN I 118 -51.90 10.55 28.18
C ASN I 118 -50.47 10.43 27.69
N VAL I 119 -50.06 9.30 27.15
CA VAL I 119 -48.68 9.20 26.73
C VAL I 119 -48.65 8.80 25.27
N ARG I 120 -47.53 9.03 24.59
CA ARG I 120 -47.41 8.65 23.20
C ARG I 120 -47.55 7.15 23.09
N ALA I 121 -48.24 6.68 22.06
CA ALA I 121 -48.58 5.27 22.03
C ALA I 121 -47.36 4.44 21.70
N LYS I 122 -46.27 5.11 21.31
CA LYS I 122 -45.09 4.44 20.80
C LYS I 122 -44.25 3.92 21.96
N ASP I 123 -44.35 4.59 23.11
CA ASP I 123 -43.60 4.27 24.32
C ASP I 123 -44.24 3.07 25.03
N LEU I 124 -45.48 2.77 24.71
CA LEU I 124 -46.22 1.72 25.36
C LEU I 124 -46.29 0.51 24.43
N ILE I 125 -45.21 0.20 23.71
CA ILE I 125 -45.24 -0.92 22.77
C ILE I 125 -44.56 -2.12 23.43
N ARG I 126 -43.44 -1.87 24.11
CA ARG I 126 -42.67 -2.89 24.77
C ARG I 126 -43.45 -3.44 25.96
N VAL I 127 -44.10 -2.54 26.67
CA VAL I 127 -44.88 -2.86 27.84
C VAL I 127 -46.06 -3.71 27.41
N VAL I 128 -46.63 -3.41 26.24
CA VAL I 128 -47.87 -4.06 25.84
C VAL I 128 -47.47 -5.31 25.09
N GLU I 129 -46.22 -5.35 24.63
CA GLU I 129 -45.71 -6.54 24.01
C GLU I 129 -45.59 -7.64 25.07
N LEU I 130 -45.27 -7.28 26.33
CA LEU I 130 -45.21 -8.23 27.44
C LEU I 130 -46.60 -8.71 27.81
N PHE I 131 -47.56 -7.80 27.90
CA PHE I 131 -48.87 -8.23 28.37
C PHE I 131 -49.43 -9.27 27.42
N VAL I 132 -49.06 -9.17 26.14
CA VAL I 132 -49.71 -10.02 25.18
C VAL I 132 -48.83 -11.22 24.90
N LYS I 133 -47.52 -11.12 25.22
CA LYS I 133 -46.61 -12.24 24.98
C LYS I 133 -47.14 -13.50 25.66
N SER I 134 -46.86 -14.66 25.06
CA SER I 134 -47.23 -15.97 25.58
C SER I 134 -46.36 -17.05 24.91
N SER I 140 -43.88 -9.13 16.01
CA SER I 140 -44.78 -7.96 15.96
C SER I 140 -46.22 -8.41 16.18
N ASN I 141 -46.79 -7.98 17.29
CA ASN I 141 -48.17 -8.25 17.61
C ASN I 141 -48.79 -6.95 18.09
N VAL I 142 -47.93 -6.00 18.45
CA VAL I 142 -48.36 -4.67 18.82
C VAL I 142 -47.73 -3.68 17.85
N LEU I 143 -48.55 -2.76 17.32
CA LEU I 143 -48.09 -1.71 16.44
C LEU I 143 -48.71 -0.39 16.90
N SER I 144 -48.09 0.73 16.53
CA SER I 144 -48.59 2.04 16.90
C SER I 144 -48.86 2.86 15.65
N VAL I 145 -50.08 3.38 15.52
CA VAL I 145 -50.39 4.36 14.50
C VAL I 145 -50.17 5.71 15.17
N ASP I 146 -49.07 6.41 14.81
CA ASP I 146 -48.59 7.56 15.57
C ASP I 146 -49.47 8.78 15.38
N GLY I 147 -50.19 8.82 14.27
CA GLY I 147 -51.00 9.98 13.92
C GLY I 147 -52.07 10.19 14.96
N SER I 148 -52.87 9.15 15.18
CA SER I 148 -54.02 9.26 16.04
C SER I 148 -53.80 8.57 17.39
N ASN I 149 -52.54 8.41 17.82
CA ASN I 149 -52.13 7.78 19.07
C ASN I 149 -52.98 6.55 19.34
N LEU I 150 -52.66 5.49 18.63
CA LEU I 150 -53.44 4.28 18.72
C LEU I 150 -52.50 3.11 18.83
N LEU I 151 -52.93 2.06 19.55
CA LEU I 151 -52.20 0.81 19.59
C LEU I 151 -53.06 -0.31 18.99
N VAL I 152 -52.59 -0.89 17.89
CA VAL I 152 -53.26 -2.02 17.30
C VAL I 152 -52.58 -3.27 17.86
N VAL I 153 -53.30 -4.09 18.65
CA VAL I 153 -52.76 -5.29 19.28
C VAL I 153 -53.48 -6.54 18.76
N SER I 154 -52.74 -7.62 18.46
CA SER I 154 -53.33 -8.88 18.08
C SER I 154 -52.99 -9.95 19.10
N ALA I 155 -54.00 -10.50 19.80
CA ALA I 155 -53.79 -11.46 20.86
C ALA I 155 -55.11 -12.18 21.12
N PRO I 156 -55.15 -13.36 21.75
CA PRO I 156 -56.42 -13.96 22.16
C PRO I 156 -57.39 -13.01 22.83
N LYS I 157 -58.69 -13.23 22.65
CA LYS I 157 -59.71 -12.31 23.13
C LYS I 157 -59.63 -12.10 24.65
N ASP I 158 -59.33 -13.18 25.37
CA ASP I 158 -59.20 -13.17 26.82
C ASP I 158 -58.15 -12.15 27.22
N ILE I 159 -56.95 -12.27 26.62
CA ILE I 159 -55.87 -11.34 26.86
C ILE I 159 -56.37 -9.94 26.53
N LEU I 160 -57.09 -9.82 25.42
CA LEU I 160 -57.48 -8.50 24.93
C LEU I 160 -58.66 -7.97 25.70
N ASP I 161 -59.12 -8.73 26.70
CA ASP I 161 -60.22 -8.27 27.51
C ASP I 161 -59.69 -7.55 28.75
N ASN I 162 -58.47 -7.91 29.14
CA ASN I 162 -57.80 -7.36 30.30
C ASN I 162 -56.87 -6.22 29.90
N LEU I 163 -56.59 -6.05 28.60
CA LEU I 163 -55.71 -4.98 28.18
C LEU I 163 -56.28 -3.62 28.58
N PRO I 164 -57.59 -3.34 28.50
CA PRO I 164 -58.09 -2.07 29.02
C PRO I 164 -57.64 -1.68 30.44
N GLN I 165 -57.51 -2.63 31.37
CA GLN I 165 -57.15 -2.30 32.74
C GLN I 165 -55.64 -2.27 32.96
N PHE I 166 -54.85 -2.73 31.98
CA PHE I 166 -53.42 -2.57 32.08
C PHE I 166 -53.05 -1.20 31.54
N LEU I 167 -53.84 -0.71 30.60
CA LEU I 167 -53.48 0.55 29.99
C LEU I 167 -54.02 1.68 30.84
N SER I 168 -54.48 1.36 32.04
CA SER I 168 -54.91 2.41 32.94
C SER I 168 -53.92 2.49 34.10
N THR I 169 -52.87 1.67 34.02
CA THR I 169 -51.82 1.64 35.01
C THR I 169 -50.48 1.93 34.37
N VAL I 170 -50.48 2.18 33.06
CA VAL I 170 -49.24 2.32 32.35
C VAL I 170 -49.33 3.56 31.46
N ASP I 171 -50.54 4.05 31.26
CA ASP I 171 -50.76 5.17 30.39
C ASP I 171 -51.27 6.32 31.25
N LEU I 172 -50.35 6.87 32.06
CA LEU I 172 -50.74 7.85 33.06
C LEU I 172 -50.22 9.21 32.63
N PRO I 173 -50.76 10.31 33.19
CA PRO I 173 -50.26 11.65 32.89
C PRO I 173 -48.87 11.93 33.44
N THR I 174 -47.89 12.06 32.54
CA THR I 174 -46.51 12.31 32.94
C THR I 174 -46.40 13.73 33.45
N ASP I 175 -45.42 13.96 34.33
CA ASP I 175 -45.15 15.27 34.88
C ASP I 175 -44.01 15.93 34.09
N GLN I 176 -44.04 17.26 34.09
CA GLN I 176 -42.99 18.06 33.52
C GLN I 176 -42.22 18.72 34.64
N ILE I 177 -40.92 18.88 34.44
CA ILE I 177 -40.04 19.36 35.49
C ILE I 177 -39.33 20.61 34.97
N LEU I 178 -39.15 21.59 35.84
CA LEU I 178 -38.44 22.79 35.48
C LEU I 178 -37.17 22.88 36.30
N ILE I 179 -36.06 22.48 35.67
CA ILE I 179 -34.74 22.56 36.28
C ILE I 179 -34.26 23.99 36.06
N GLU I 180 -33.62 24.57 37.05
CA GLU I 180 -33.17 25.95 37.00
C GLU I 180 -31.77 26.00 37.60
N GLY I 181 -30.75 25.93 36.74
CA GLY I 181 -29.37 26.01 37.19
C GLY I 181 -29.03 27.42 37.64
N LEU I 182 -28.01 27.54 38.50
CA LEU I 182 -27.51 28.83 38.94
C LEU I 182 -25.99 28.75 39.15
N ILE I 183 -25.23 29.45 38.31
CA ILE I 183 -23.79 29.54 38.46
C ILE I 183 -23.46 30.93 39.00
N PHE I 184 -22.55 31.04 39.97
CA PHE I 184 -22.24 32.30 40.62
C PHE I 184 -20.75 32.42 40.97
N GLU I 185 -20.02 33.34 40.33
CA GLU I 185 -18.61 33.44 40.58
C GLU I 185 -18.26 34.86 41.03
N VAL I 186 -17.87 35.04 42.29
CA VAL I 186 -17.36 36.30 42.76
C VAL I 186 -15.83 36.24 42.81
N GLN I 187 -15.12 37.12 42.11
CA GLN I 187 -13.67 37.19 42.26
C GLN I 187 -13.23 38.57 42.76
N GLN I 188 -12.71 38.65 43.99
CA GLN I 188 -12.03 39.84 44.46
C GLN I 188 -10.58 39.78 43.99
N GLY I 189 -9.71 40.64 44.55
CA GLY I 189 -8.32 40.76 44.11
C GLY I 189 -7.71 42.11 44.45
N ASP I 190 -6.41 42.11 44.77
CA ASP I 190 -5.62 43.30 45.10
C ASP I 190 -4.15 43.04 44.75
N ALA I 191 -3.30 44.03 44.99
CA ALA I 191 -1.88 43.97 44.68
C ALA I 191 -1.19 45.24 45.20
N LEU I 192 0.14 45.19 45.39
CA LEU I 192 0.88 46.36 45.85
C LEU I 192 2.35 46.27 45.50
N ASP I 193 2.71 46.40 44.21
CA ASP I 193 4.11 46.59 43.86
C ASP I 193 4.61 47.91 44.45
N PHE I 194 5.87 47.93 44.94
CA PHE I 194 6.40 49.08 45.67
C PHE I 194 7.92 49.11 45.64
N SER I 195 8.52 49.73 44.61
CA SER I 195 9.97 49.92 44.53
C SER I 195 10.42 51.09 45.40
N PHE I 196 11.72 51.13 45.72
CA PHE I 196 12.32 52.19 46.52
C PHE I 196 13.78 52.30 46.15
N ALA I 197 14.06 52.31 44.85
CA ALA I 197 15.40 52.59 44.37
C ALA I 197 15.93 53.85 45.04
N ALA I 198 17.20 53.80 45.48
CA ALA I 198 17.81 54.91 46.23
C ALA I 198 19.12 55.37 45.56
N LEU I 235 16.25 59.06 44.18
CA LEU I 235 15.29 58.29 45.00
C LEU I 235 13.98 58.12 44.24
N SER I 236 13.96 57.22 43.26
CA SER I 236 12.72 56.85 42.58
C SER I 236 11.92 55.90 43.47
N VAL I 237 10.60 56.13 43.57
CA VAL I 237 9.69 55.28 44.34
C VAL I 237 8.46 54.96 43.50
N ARG I 238 8.51 53.87 42.73
CA ARG I 238 7.32 53.40 42.05
C ARG I 238 6.38 52.75 43.05
N ALA I 239 5.07 52.79 42.76
CA ALA I 239 4.05 52.03 43.49
C ALA I 239 2.95 51.57 42.53
N LEU I 240 1.93 50.91 43.08
CA LEU I 240 0.75 50.42 42.39
C LEU I 240 -0.19 49.84 43.44
N LYS I 241 -1.49 50.02 43.24
CA LYS I 241 -2.45 49.38 44.12
C LYS I 241 -3.67 49.00 43.29
N THR I 242 -3.49 47.95 42.48
CA THR I 242 -4.57 47.45 41.64
C THR I 242 -5.56 46.65 42.50
N ASN I 243 -6.81 47.10 42.57
CA ASN I 243 -7.94 46.27 42.97
C ASN I 243 -8.68 45.72 41.77
N SER I 244 -9.69 44.88 42.03
CA SER I 244 -10.52 44.22 41.03
C SER I 244 -11.64 43.43 41.69
N HIS I 245 -12.80 43.39 41.03
CA HIS I 245 -13.99 42.72 41.52
C HIS I 245 -14.70 42.13 40.31
N SER I 246 -15.56 41.14 40.54
CA SER I 246 -16.26 40.46 39.46
C SER I 246 -17.41 39.64 40.03
N LYS I 247 -18.63 39.85 39.52
CA LYS I 247 -19.76 39.03 39.88
C LYS I 247 -20.44 38.55 38.59
N ILE I 248 -20.40 37.24 38.35
CA ILE I 248 -21.07 36.62 37.23
C ILE I 248 -22.19 35.70 37.74
N LEU I 249 -23.45 36.00 37.43
CA LEU I 249 -24.56 35.12 37.78
C LEU I 249 -25.21 34.62 36.50
N SER I 250 -25.01 33.34 36.18
CA SER I 250 -25.63 32.73 35.01
C SER I 250 -26.72 31.78 35.46
N VAL I 251 -27.97 32.00 35.03
CA VAL I 251 -29.11 31.20 35.45
C VAL I 251 -29.70 30.46 34.25
N PRO I 252 -29.19 29.28 33.85
CA PRO I 252 -29.82 28.48 32.82
C PRO I 252 -31.12 27.83 33.27
N ARG I 253 -32.06 27.57 32.35
CA ARG I 253 -33.33 26.92 32.63
C ARG I 253 -33.78 26.04 31.47
N ILE I 254 -34.50 24.95 31.80
CA ILE I 254 -34.96 23.98 30.82
C ILE I 254 -36.16 23.25 31.39
N LEU I 255 -37.23 23.15 30.62
CA LEU I 255 -38.38 22.33 31.00
C LEU I 255 -38.32 21.04 30.21
N THR I 256 -38.52 19.91 30.90
CA THR I 256 -38.54 18.64 30.22
C THR I 256 -39.51 17.72 30.93
N LEU I 257 -40.18 16.88 30.17
CA LEU I 257 -40.97 15.77 30.66
C LEU I 257 -40.10 14.81 31.46
N SER I 258 -40.69 14.24 32.51
CA SER I 258 -40.04 13.25 33.33
C SER I 258 -39.58 12.13 32.42
N GLY I 259 -38.35 11.72 32.56
CA GLY I 259 -37.93 10.55 31.84
C GLY I 259 -37.48 10.87 30.42
N GLN I 260 -37.27 12.15 30.17
CA GLN I 260 -36.80 12.59 28.88
C GLN I 260 -35.55 13.42 29.11
N LYS I 261 -34.72 13.54 28.08
CA LYS I 261 -33.50 14.29 28.20
C LYS I 261 -33.77 15.68 27.66
N GLY I 262 -33.21 16.69 28.31
CA GLY I 262 -33.37 18.03 27.79
C GLY I 262 -32.05 18.76 27.93
N SER I 263 -31.73 19.62 26.98
CA SER I 263 -30.50 20.36 27.10
C SER I 263 -30.66 21.79 26.60
N ILE I 264 -29.96 22.71 27.26
CA ILE I 264 -29.87 24.08 26.80
C ILE I 264 -28.41 24.43 26.64
N SER I 265 -28.07 25.05 25.52
CA SER I 265 -26.68 25.39 25.24
C SER I 265 -26.64 26.77 24.60
N VAL I 266 -25.95 27.70 25.24
CA VAL I 266 -25.81 29.04 24.72
C VAL I 266 -24.34 29.36 24.76
N GLY I 267 -23.76 29.68 23.60
CA GLY I 267 -22.36 30.00 23.59
C GLY I 267 -21.82 30.15 22.17
N GLN I 268 -20.76 29.41 21.89
CA GLN I 268 -20.11 29.48 20.62
C GLN I 268 -19.71 28.08 20.18
N ASN I 269 -19.74 27.84 18.87
CA ASN I 269 -19.34 26.54 18.37
C ASN I 269 -17.97 26.73 17.75
N VAL I 270 -16.97 26.08 18.36
CA VAL I 270 -15.58 26.36 18.04
C VAL I 270 -14.97 25.09 17.47
N PRO I 271 -14.18 25.18 16.38
CA PRO I 271 -13.52 24.02 15.85
C PRO I 271 -12.21 23.73 16.59
N PHE I 272 -12.00 22.45 16.86
CA PHE I 272 -10.82 22.04 17.57
C PHE I 272 -10.10 20.97 16.79
N ILE I 273 -8.80 21.16 16.54
CA ILE I 273 -7.98 20.22 15.83
C ILE I 273 -7.81 18.96 16.65
N THR I 274 -7.86 17.77 16.01
CA THR I 274 -7.88 16.51 16.73
C THR I 274 -6.79 15.52 16.28
N THR I 290 -7.35 17.37 10.65
CA THR I 290 -8.64 16.88 11.21
C THR I 290 -9.19 17.86 12.24
N VAL I 291 -10.47 18.27 12.07
CA VAL I 291 -11.14 19.21 12.97
C VAL I 291 -12.42 18.59 13.50
N GLU I 292 -12.81 18.97 14.71
CA GLU I 292 -14.03 18.52 15.35
C GLU I 292 -14.63 19.70 16.10
N ARG I 293 -15.89 20.02 15.78
CA ARG I 293 -16.50 21.22 16.32
C ARG I 293 -17.03 20.87 17.68
N GLN I 294 -17.31 21.89 18.50
CA GLN I 294 -17.62 21.65 19.89
C GLN I 294 -18.13 22.93 20.52
N ASN I 295 -19.20 22.80 21.30
CA ASN I 295 -19.83 23.95 21.89
C ASN I 295 -18.99 24.41 23.06
N VAL I 296 -18.77 25.71 23.15
CA VAL I 296 -18.04 26.27 24.27
C VAL I 296 -18.83 27.44 24.81
N GLY I 297 -19.55 27.23 25.90
CA GLY I 297 -20.31 28.28 26.55
C GLY I 297 -21.03 27.68 27.75
N ILE I 298 -22.20 28.22 28.12
CA ILE I 298 -23.02 27.65 29.17
C ILE I 298 -23.87 26.56 28.55
N SER I 299 -23.90 25.39 29.19
CA SER I 299 -24.82 24.33 28.81
C SER I 299 -25.30 23.58 30.04
N MET I 300 -26.50 23.02 29.98
CA MET I 300 -27.01 22.21 31.07
C MET I 300 -27.80 21.07 30.45
N SER I 301 -27.32 19.84 30.61
CA SER I 301 -28.05 18.68 30.14
C SER I 301 -28.69 18.04 31.34
N VAL I 302 -29.96 17.68 31.22
CA VAL I 302 -30.63 17.10 32.36
C VAL I 302 -31.28 15.82 31.93
N PHE I 303 -31.52 14.93 32.90
CA PHE I 303 -32.36 13.77 32.70
C PHE I 303 -33.07 13.51 34.00
N PRO I 304 -34.22 14.17 34.28
CA PRO I 304 -34.94 13.99 35.52
C PRO I 304 -35.99 12.89 35.49
N VAL I 305 -36.26 12.31 36.65
CA VAL I 305 -37.31 11.32 36.82
C VAL I 305 -38.02 11.67 38.10
N ALA I 306 -39.28 12.03 38.02
CA ALA I 306 -40.05 12.32 39.20
C ALA I 306 -40.59 11.02 39.74
N MET I 307 -40.90 10.97 41.03
CA MET I 307 -41.19 9.68 41.64
C MET I 307 -42.58 9.65 42.27
N ALA I 308 -42.74 10.31 43.42
CA ALA I 308 -43.97 10.14 44.19
C ALA I 308 -44.67 11.50 44.37
N GLY I 319 -43.25 15.88 46.26
CA GLY I 319 -42.66 14.81 45.42
C GLY I 319 -41.14 14.95 45.31
N ASN I 320 -40.46 13.90 44.85
CA ASN I 320 -39.02 13.95 44.69
C ASN I 320 -38.63 13.86 43.24
N ILE I 321 -37.42 14.28 42.90
CA ILE I 321 -36.90 14.16 41.55
C ILE I 321 -35.48 13.62 41.63
N VAL I 322 -35.18 12.56 40.91
CA VAL I 322 -33.80 12.16 40.79
C VAL I 322 -33.29 12.78 39.51
N LEU I 323 -32.13 13.45 39.56
CA LEU I 323 -31.69 14.28 38.45
C LEU I 323 -30.23 13.99 38.12
N ASP I 324 -29.98 13.42 36.95
CA ASP I 324 -28.64 13.35 36.42
C ASP I 324 -28.37 14.67 35.73
N ILE I 325 -27.29 15.39 36.09
CA ILE I 325 -27.13 16.75 35.63
C ILE I 325 -25.69 17.02 35.24
N THR I 326 -25.47 17.67 34.10
CA THR I 326 -24.17 18.21 33.76
C THR I 326 -24.29 19.70 33.47
N ILE I 327 -23.69 20.58 34.29
CA ILE I 327 -23.67 22.00 34.00
C ILE I 327 -22.26 22.36 33.59
N LYS I 328 -22.06 22.89 32.38
CA LYS I 328 -20.75 23.35 31.93
C LYS I 328 -20.78 24.85 31.64
N ALA I 329 -19.86 25.62 32.22
CA ALA I 329 -19.74 27.03 31.90
C ALA I 329 -18.34 27.31 31.37
N ASP I 330 -18.18 27.40 30.04
CA ASP I 330 -16.87 27.54 29.41
C ASP I 330 -16.79 28.81 28.56
N SER I 331 -15.57 29.21 28.20
CA SER I 331 -15.28 30.40 27.42
C SER I 331 -13.95 30.19 26.71
N LEU I 332 -13.61 31.06 25.76
CA LEU I 332 -12.37 30.92 25.02
C LEU I 332 -11.31 31.80 25.65
N SER I 333 -10.06 31.34 25.59
CA SER I 333 -8.94 32.07 26.13
C SER I 333 -8.18 32.75 25.01
N SER I 334 -7.44 33.81 25.34
CA SER I 334 -6.66 34.51 24.36
C SER I 334 -5.24 33.94 24.30
N SER I 335 -4.96 32.92 25.11
CA SER I 335 -3.64 32.32 25.22
C SER I 335 -3.30 31.58 23.95
N THR I 336 -2.07 31.79 23.48
CA THR I 336 -1.54 31.12 22.31
C THR I 336 -0.30 30.33 22.71
N GLN I 337 -0.39 29.65 23.85
CA GLN I 337 0.73 28.96 24.43
C GLN I 337 0.75 27.52 23.97
N ALA I 338 -0.20 27.12 23.12
CA ALA I 338 -0.29 25.72 22.77
C ALA I 338 -0.65 25.55 21.30
N SER I 339 -0.72 24.29 20.86
CA SER I 339 -1.02 23.95 19.48
C SER I 339 -2.28 24.67 18.99
N ASP I 340 -3.39 24.53 19.72
CA ASP I 340 -4.68 25.06 19.30
C ASP I 340 -5.21 26.05 20.33
N VAL I 341 -6.53 26.11 20.52
CA VAL I 341 -7.17 27.12 21.34
C VAL I 341 -7.39 26.58 22.75
N ILE I 342 -7.02 27.35 23.78
CA ILE I 342 -7.26 26.97 25.17
C ILE I 342 -8.62 27.52 25.56
N THR I 343 -9.38 26.77 26.35
CA THR I 343 -10.72 27.10 26.78
C THR I 343 -10.69 27.25 28.29
N ASN I 344 -11.53 28.12 28.89
CA ASN I 344 -11.62 28.19 30.32
C ASN I 344 -12.78 27.33 30.73
N GLN I 345 -12.57 26.26 31.51
CA GLN I 345 -13.58 25.26 31.80
C GLN I 345 -14.13 25.46 33.21
N ARG I 346 -15.39 25.06 33.39
CA ARG I 346 -16.04 24.96 34.69
C ARG I 346 -17.18 23.98 34.52
N SER I 347 -17.11 22.79 35.13
CA SER I 347 -18.14 21.78 34.96
C SER I 347 -18.45 21.04 36.25
N ILE I 348 -19.73 20.69 36.43
CA ILE I 348 -20.18 19.77 37.46
C ILE I 348 -20.94 18.67 36.74
N ALA I 349 -20.71 17.42 37.11
CA ALA I 349 -21.60 16.39 36.61
C ALA I 349 -21.91 15.45 37.76
N THR I 350 -23.18 15.30 38.08
CA THR I 350 -23.56 14.50 39.21
C THR I 350 -24.96 13.94 39.01
N THR I 351 -25.39 13.16 40.00
CA THR I 351 -26.77 12.77 40.14
C THR I 351 -27.16 13.09 41.54
N VAL I 352 -28.27 13.80 41.72
CA VAL I 352 -28.74 14.16 43.03
C VAL I 352 -30.22 13.88 43.14
N ASN I 353 -30.76 14.15 44.30
CA ASN I 353 -32.13 13.89 44.64
C ASN I 353 -32.66 15.18 45.19
N LEU I 354 -33.67 15.74 44.53
CA LEU I 354 -34.22 17.05 44.82
C LEU I 354 -35.67 16.83 45.19
N ARG I 355 -36.19 17.66 46.09
CA ARG I 355 -37.62 17.76 46.34
C ARG I 355 -38.27 18.68 45.30
N ASP I 356 -39.57 18.92 45.47
CA ASP I 356 -40.41 19.50 44.44
C ASP I 356 -40.13 20.98 44.27
N GLY I 357 -39.48 21.63 45.23
CA GLY I 357 -39.19 23.03 44.99
C GLY I 357 -38.03 23.53 45.84
N GLN I 358 -36.93 22.78 45.80
CA GLN I 358 -35.80 22.94 46.68
C GLN I 358 -34.61 23.40 45.87
N THR I 359 -33.67 24.10 46.51
CA THR I 359 -32.41 24.42 45.88
C THR I 359 -31.31 23.69 46.63
N LEU I 360 -30.43 23.02 45.86
CA LEU I 360 -29.32 22.27 46.41
C LEU I 360 -28.03 22.93 45.95
N LEU I 361 -26.94 22.75 46.71
CA LEU I 361 -25.63 23.12 46.23
C LEU I 361 -25.01 21.94 45.49
N LEU I 362 -25.32 21.88 44.23
CA LEU I 362 -24.84 20.81 43.38
C LEU I 362 -23.32 20.78 43.38
N GLY I 363 -22.68 21.79 43.97
CA GLY I 363 -21.22 21.77 44.07
C GLY I 363 -20.62 23.17 44.17
N GLY I 364 -19.31 23.31 43.94
CA GLY I 364 -18.69 24.63 44.03
C GLY I 364 -17.17 24.54 44.13
N LEU I 365 -16.48 25.69 44.14
CA LEU I 365 -15.06 25.76 44.47
C LEU I 365 -14.68 27.14 44.98
N THR I 366 -14.18 27.25 46.21
CA THR I 366 -13.67 28.53 46.65
C THR I 366 -12.16 28.43 46.63
N ASP I 367 -11.50 29.57 46.36
CA ASP I 367 -10.07 29.61 46.16
C ASP I 367 -9.51 30.89 46.77
N TYR I 368 -8.27 30.84 47.27
CA TYR I 368 -7.66 31.95 47.96
C TYR I 368 -6.15 31.91 47.75
N LYS I 369 -5.58 32.97 47.15
CA LYS I 369 -4.16 33.04 46.92
C LYS I 369 -3.63 34.30 47.63
N ASN I 370 -2.71 34.12 48.58
CA ASN I 370 -2.09 35.24 49.26
C ASN I 370 -0.60 35.22 49.00
N THR I 371 -0.18 35.61 47.80
CA THR I 371 1.24 35.70 47.47
C THR I 371 1.86 36.97 48.06
N SER I 372 3.17 36.92 48.37
CA SER I 372 3.94 38.02 48.94
C SER I 372 5.43 37.85 48.64
N GLN I 373 6.10 38.91 48.22
CA GLN I 373 7.48 38.84 47.76
C GLN I 373 8.21 40.09 48.23
N ASP I 374 9.54 40.05 48.36
CA ASP I 374 10.27 41.14 49.00
C ASP I 374 11.78 40.99 48.80
N SER I 375 12.32 41.56 47.71
CA SER I 375 13.77 41.63 47.57
C SER I 375 14.28 42.90 48.23
N GLY I 376 15.32 42.79 49.05
CA GLY I 376 15.88 43.95 49.71
C GLY I 376 17.42 43.92 49.76
N VAL I 377 17.96 44.67 50.73
CA VAL I 377 19.38 44.73 51.03
C VAL I 377 19.54 44.36 52.50
N PRO I 378 20.31 43.29 52.83
CA PRO I 378 20.45 42.82 54.21
C PRO I 378 21.29 43.77 55.08
N GLY I 387 26.50 54.41 46.58
CA GLY I 387 26.08 52.99 46.51
C GLY I 387 24.56 52.86 46.41
N LEU I 388 24.10 52.15 45.37
CA LEU I 388 22.70 51.90 45.07
C LEU I 388 22.06 51.04 46.15
N LEU I 389 20.74 51.18 46.32
CA LEU I 389 19.98 50.34 47.24
C LEU I 389 18.59 50.09 46.67
N PHE I 390 18.48 49.34 45.58
CA PHE I 390 17.17 48.89 45.11
C PHE I 390 16.48 48.02 46.17
N SER I 391 15.15 48.14 46.31
CA SER I 391 14.41 47.50 47.39
C SER I 391 12.93 47.34 47.08
N SER I 392 12.59 46.41 46.19
CA SER I 392 11.21 46.19 45.77
C SER I 392 10.42 45.39 46.80
N ARG I 393 9.10 45.28 46.56
CA ARG I 393 8.21 44.43 47.33
C ARG I 393 6.89 44.24 46.59
N SER I 394 6.54 43.01 46.22
CA SER I 394 5.23 42.72 45.65
C SER I 394 4.31 42.13 46.72
N ASP I 395 3.00 42.11 46.42
CA ASP I 395 1.99 41.39 47.19
C ASP I 395 0.82 41.09 46.28
N SER I 396 -0.12 40.29 46.78
CA SER I 396 -1.30 39.87 46.06
C SER I 396 -2.25 39.18 47.04
N ASN I 397 -3.55 39.29 46.79
CA ASN I 397 -4.51 38.63 47.66
C ASN I 397 -5.77 38.28 46.89
N GLU I 398 -5.64 37.39 45.88
CA GLU I 398 -6.78 36.88 45.14
C GLU I 398 -7.67 36.02 46.03
N GLU I 399 -8.99 36.17 45.89
CA GLU I 399 -9.99 35.31 46.52
C GLU I 399 -11.13 35.09 45.54
N SER I 400 -11.57 33.84 45.36
CA SER I 400 -12.61 33.53 44.38
C SER I 400 -13.57 32.49 44.91
N THR I 401 -14.84 32.55 44.49
CA THR I 401 -15.79 31.57 44.98
C THR I 401 -16.84 31.28 43.90
N LEU I 402 -17.07 30.00 43.63
CA LEU I 402 -18.00 29.56 42.61
C LEU I 402 -19.04 28.71 43.30
N TYR I 403 -20.29 28.94 42.96
CA TYR I 403 -21.34 28.10 43.48
C TYR I 403 -22.20 27.60 42.32
N VAL I 404 -22.67 26.38 42.40
CA VAL I 404 -23.58 25.87 41.40
C VAL I 404 -24.79 25.36 42.15
N LEU I 405 -25.94 26.01 41.95
CA LEU I 405 -27.14 25.61 42.63
C LEU I 405 -28.12 25.01 41.63
N VAL I 406 -29.13 24.26 42.08
CA VAL I 406 -30.10 23.72 41.16
C VAL I 406 -31.46 23.66 41.83
N LYS I 407 -32.49 24.16 41.14
CA LYS I 407 -33.85 24.12 41.65
C LYS I 407 -34.75 23.43 40.62
N ALA I 408 -35.32 22.29 41.01
CA ALA I 408 -36.28 21.62 40.14
C ALA I 408 -37.68 21.80 40.71
N THR I 409 -38.66 21.94 39.80
CA THR I 409 -40.05 22.17 40.13
C THR I 409 -40.97 21.39 39.19
N ILE I 410 -41.80 20.52 39.75
CA ILE I 410 -42.76 19.73 39.00
C ILE I 410 -43.91 20.63 38.60
N VAL I 411 -44.21 20.66 37.29
CA VAL I 411 -45.21 21.54 36.70
C VAL I 411 -46.60 20.94 36.84
N ARG I 412 -46.72 19.64 36.50
CA ARG I 412 -47.99 18.92 36.46
C ARG I 412 -48.91 19.52 35.38
CA ASP J 108 -49.79 -18.54 33.14
C ASP J 108 -49.17 -17.38 33.92
N ASN J 109 -48.55 -16.45 33.18
CA ASN J 109 -47.91 -15.30 33.76
C ASN J 109 -48.89 -14.13 33.78
N VAL J 110 -49.09 -13.53 34.94
CA VAL J 110 -49.78 -12.27 35.01
C VAL J 110 -48.77 -11.14 34.76
N THR J 111 -49.25 -9.97 34.34
CA THR J 111 -48.40 -8.80 34.19
C THR J 111 -48.95 -7.67 35.04
N GLN J 112 -48.22 -7.25 36.08
CA GLN J 112 -48.63 -6.11 36.88
C GLN J 112 -47.64 -4.95 36.74
N THR J 113 -48.07 -3.77 37.20
CA THR J 113 -47.22 -2.61 37.31
C THR J 113 -47.07 -2.23 38.77
N PHE J 114 -45.82 -1.86 39.14
CA PHE J 114 -45.45 -1.50 40.49
C PHE J 114 -44.89 -0.09 40.45
N LYS J 115 -45.33 0.78 41.36
CA LYS J 115 -44.81 2.12 41.46
C LYS J 115 -43.60 2.13 42.38
N ILE J 116 -42.48 2.60 41.85
CA ILE J 116 -41.26 2.70 42.62
C ILE J 116 -41.25 4.12 43.16
N ASN J 117 -40.98 4.29 44.45
CA ASN J 117 -41.19 5.57 45.10
C ASN J 117 -39.88 6.30 45.38
N ASN J 118 -38.83 5.57 45.78
CA ASN J 118 -37.65 6.19 46.31
C ASN J 118 -36.50 6.14 45.33
N VAL J 119 -36.41 5.12 44.49
CA VAL J 119 -35.28 5.08 43.58
C VAL J 119 -35.81 4.99 42.16
N ARG J 120 -34.96 5.31 41.19
CA ARG J 120 -35.37 5.23 39.79
C ARG J 120 -35.70 3.78 39.48
N ALA J 121 -36.75 3.55 38.70
CA ALA J 121 -37.22 2.20 38.54
C ALA J 121 -36.28 1.42 37.64
N LYS J 122 -35.33 2.11 37.02
CA LYS J 122 -34.47 1.52 36.01
C LYS J 122 -33.33 0.75 36.67
N ASP J 123 -32.96 1.17 37.89
CA ASP J 123 -31.89 0.58 38.67
C ASP J 123 -32.36 -0.71 39.33
N LEU J 124 -33.67 -0.90 39.42
CA LEU J 124 -34.24 -2.05 40.09
C LEU J 124 -34.75 -3.02 39.05
N ILE J 125 -34.02 -3.23 37.95
CA ILE J 125 -34.49 -4.12 36.90
C ILE J 125 -33.75 -5.45 37.04
N ARG J 126 -32.45 -5.38 37.30
CA ARG J 126 -31.61 -6.55 37.44
C ARG J 126 -31.98 -7.30 38.71
N VAL J 127 -32.25 -6.55 39.76
CA VAL J 127 -32.61 -7.08 41.05
C VAL J 127 -33.94 -7.79 40.92
N VAL J 128 -34.85 -7.23 40.11
CA VAL J 128 -36.20 -7.74 40.07
C VAL J 128 -36.23 -8.82 39.01
N GLU J 129 -35.22 -8.81 38.15
CA GLU J 129 -35.09 -9.87 37.18
C GLU J 129 -34.72 -11.16 37.89
N LEU J 130 -33.95 -11.08 39.00
CA LEU J 130 -33.61 -12.24 39.82
C LEU J 130 -34.84 -12.74 40.57
N PHE J 131 -35.60 -11.84 41.16
CA PHE J 131 -36.70 -12.30 41.99
C PHE J 131 -37.66 -13.11 41.13
N VAL J 132 -37.75 -12.76 39.85
CA VAL J 132 -38.77 -13.37 39.04
C VAL J 132 -38.17 -14.52 38.25
N LYS J 133 -36.84 -14.54 38.09
CA LYS J 133 -36.18 -15.60 37.35
C LYS J 133 -36.58 -16.96 37.94
N SER J 134 -36.64 -17.99 37.07
CA SER J 134 -36.94 -19.36 37.44
C SER J 134 -36.47 -20.31 36.32
N SER J 140 -36.39 -10.80 28.71
CA SER J 140 -37.14 -9.62 29.21
C SER J 140 -38.45 -10.06 29.84
N ASN J 141 -38.56 -9.84 31.14
CA ASN J 141 -39.77 -10.13 31.88
C ASN J 141 -40.04 -8.94 32.77
N VAL J 142 -39.01 -8.10 32.97
CA VAL J 142 -39.16 -6.87 33.71
C VAL J 142 -38.79 -5.72 32.78
N LEU J 143 -39.63 -4.68 32.77
CA LEU J 143 -39.41 -3.49 31.98
C LEU J 143 -39.67 -2.27 32.87
N SER J 144 -39.11 -1.13 32.51
CA SER J 144 -39.33 0.09 33.26
C SER J 144 -39.92 1.16 32.36
N VAL J 145 -41.05 1.74 32.77
CA VAL J 145 -41.59 2.92 32.12
C VAL J 145 -41.02 4.09 32.90
N ASP J 146 -40.05 4.81 32.31
CA ASP J 146 -39.22 5.77 33.03
C ASP J 146 -39.98 7.02 33.40
N GLY J 147 -41.03 7.32 32.65
CA GLY J 147 -41.77 8.55 32.84
C GLY J 147 -42.40 8.58 34.21
N SER J 148 -43.17 7.54 34.52
CA SER J 148 -43.94 7.52 35.74
C SER J 148 -43.34 6.54 36.77
N ASN J 149 -42.03 6.25 36.68
CA ASN J 149 -41.29 5.36 37.55
C ASN J 149 -42.11 4.13 37.89
N LEU J 150 -42.16 3.23 36.93
CA LEU J 150 -43.00 2.07 37.08
C LEU J 150 -42.20 0.86 36.62
N LEU J 151 -42.45 -0.30 37.24
CA LEU J 151 -41.89 -1.54 36.78
C LEU J 151 -43.02 -2.48 36.34
N VAL J 152 -43.01 -2.85 35.07
CA VAL J 152 -43.96 -3.82 34.56
C VAL J 152 -43.26 -5.17 34.60
N VAL J 153 -43.76 -6.11 35.43
CA VAL J 153 -43.15 -7.44 35.59
C VAL J 153 -44.14 -8.52 35.15
N SER J 154 -43.66 -9.54 34.42
CA SER J 154 -44.49 -10.67 34.04
C SER J 154 -43.92 -11.94 34.68
N ALA J 155 -44.68 -12.59 35.57
CA ALA J 155 -44.22 -13.76 36.30
C ALA J 155 -45.44 -14.47 36.86
N PRO J 156 -45.38 -15.76 37.24
CA PRO J 156 -46.47 -16.40 37.96
C PRO J 156 -47.04 -15.57 39.11
N LYS J 157 -48.34 -15.72 39.38
CA LYS J 157 -49.04 -14.89 40.35
C LYS J 157 -48.41 -14.99 41.74
N ASP J 158 -48.00 -16.21 42.10
CA ASP J 158 -47.38 -16.49 43.38
C ASP J 158 -46.15 -15.61 43.55
N ILE J 159 -45.25 -15.65 42.55
CA ILE J 159 -44.06 -14.82 42.56
C ILE J 159 -44.50 -13.38 42.68
N LEU J 160 -45.55 -12.99 41.95
CA LEU J 160 -45.93 -11.60 41.89
C LEU J 160 -46.71 -11.20 43.11
N ASP J 161 -46.88 -12.13 44.04
CA ASP J 161 -47.58 -11.81 45.27
C ASP J 161 -46.58 -11.39 46.35
N ASN J 162 -45.34 -11.86 46.19
CA ASN J 162 -44.26 -11.59 47.11
C ASN J 162 -43.41 -10.41 46.62
N LEU J 163 -43.58 -9.99 45.37
CA LEU J 163 -42.80 -8.88 44.86
C LEU J 163 -43.05 -7.62 45.67
N PRO J 164 -44.27 -7.28 46.12
CA PRO J 164 -44.43 -6.13 47.01
C PRO J 164 -43.48 -6.06 48.20
N GLN J 165 -43.14 -7.18 48.85
CA GLN J 165 -42.30 -7.15 50.04
C GLN J 165 -40.81 -7.22 49.69
N PHE J 166 -40.46 -7.49 48.44
CA PHE J 166 -39.08 -7.40 48.05
C PHE J 166 -38.77 -5.96 47.66
N LEU J 167 -39.79 -5.25 47.18
CA LEU J 167 -39.53 -3.92 46.71
C LEU J 167 -39.62 -2.97 47.89
N SER J 168 -39.67 -3.50 49.10
CA SER J 168 -39.66 -2.65 50.26
C SER J 168 -38.32 -2.84 50.98
N THR J 169 -37.46 -3.66 50.39
CA THR J 169 -36.15 -3.94 50.92
C THR J 169 -35.08 -3.57 49.90
N VAL J 170 -35.51 -3.05 48.75
CA VAL J 170 -34.58 -2.81 47.68
C VAL J 170 -34.83 -1.41 47.13
N ASP J 171 -35.98 -0.85 47.47
CA ASP J 171 -36.37 0.45 46.95
C ASP J 171 -36.43 1.40 48.13
N LEU J 172 -35.25 1.74 48.64
CA LEU J 172 -35.14 2.50 49.87
C LEU J 172 -34.67 3.90 49.55
N PRO J 173 -34.86 4.89 50.45
CA PRO J 173 -34.38 6.25 50.23
C PRO J 173 -32.86 6.35 50.29
N THR J 174 -32.24 6.63 49.15
CA THR J 174 -30.80 6.75 49.05
C THR J 174 -30.37 8.04 49.73
N ASP J 175 -29.13 8.06 50.23
CA ASP J 175 -28.54 9.21 50.88
C ASP J 175 -27.70 9.98 49.86
N GLN J 176 -27.57 11.28 50.11
CA GLN J 176 -26.70 12.14 49.35
C GLN J 176 -25.53 12.52 50.22
N ILE J 177 -24.36 12.68 49.60
CA ILE J 177 -23.14 12.90 50.33
C ILE J 177 -22.53 14.21 49.83
N LEU J 178 -21.96 14.98 50.76
CA LEU J 178 -21.31 16.21 50.39
C LEU J 178 -19.82 16.08 50.69
N ILE J 179 -19.04 15.78 49.64
CA ILE J 179 -17.60 15.71 49.74
C ILE J 179 -17.08 17.12 49.63
N GLU J 180 -16.07 17.46 50.43
CA GLU J 180 -15.53 18.80 50.46
C GLU J 180 -14.00 18.69 50.51
N GLY J 181 -13.36 18.75 49.33
CA GLY J 181 -11.91 18.69 49.25
C GLY J 181 -11.28 19.97 49.82
N LEU J 182 -10.02 19.88 50.25
CA LEU J 182 -9.28 21.03 50.72
C LEU J 182 -7.80 20.86 50.36
N ILE J 183 -7.30 21.68 49.44
CA ILE J 183 -5.89 21.71 49.08
C ILE J 183 -5.26 22.94 49.71
N PHE J 184 -4.07 22.83 50.31
CA PHE J 184 -3.43 23.92 51.02
C PHE J 184 -1.91 23.91 50.82
N GLU J 185 -1.35 24.92 50.14
CA GLU J 185 0.07 24.92 49.89
C GLU J 185 0.69 26.20 50.44
N VAL J 186 1.51 26.10 51.48
CA VAL J 186 2.28 27.24 51.95
C VAL J 186 3.71 27.11 51.45
N GLN J 187 4.22 28.09 50.72
CA GLN J 187 5.64 28.10 50.35
C GLN J 187 6.37 29.32 50.90
N GLN J 188 7.29 29.12 51.85
CA GLN J 188 8.21 30.17 52.26
C GLN J 188 9.40 30.17 51.30
N GLY J 189 10.49 30.86 51.65
CA GLY J 189 11.64 31.02 50.77
C GLY J 189 12.47 32.26 51.11
N ASP J 190 13.80 32.15 50.94
CA ASP J 190 14.76 33.22 51.16
C ASP J 190 15.98 32.99 50.28
N ALA J 191 16.98 33.88 50.36
CA ALA J 191 18.18 33.83 49.55
C ALA J 191 19.13 34.94 50.00
N LEU J 192 20.43 34.82 49.68
CA LEU J 192 21.41 35.83 50.06
C LEU J 192 22.65 35.78 49.19
N ASP J 193 22.55 36.16 47.92
CA ASP J 193 23.76 36.38 47.13
C ASP J 193 24.57 37.53 47.72
N PHE J 194 25.91 37.40 47.72
CA PHE J 194 26.77 38.35 48.41
C PHE J 194 28.20 38.34 47.85
N SER J 195 28.46 39.14 46.81
CA SER J 195 29.80 39.30 46.24
C SER J 195 30.64 40.25 47.10
N PHE J 196 31.97 40.18 46.94
CA PHE J 196 32.92 41.04 47.65
C PHE J 196 34.16 41.16 46.80
N ALA J 197 33.98 41.44 45.51
CA ALA J 197 35.09 41.77 44.63
C ALA J 197 35.95 42.85 45.29
N ALA J 198 37.28 42.67 45.23
CA ALA J 198 38.22 43.58 45.89
C ALA J 198 39.26 44.11 44.89
N LEU J 235 36.49 48.10 45.31
CA LEU J 235 35.80 47.21 46.28
C LEU J 235 34.30 47.25 46.04
N SER J 236 33.84 46.57 44.97
CA SER J 236 32.42 46.38 44.74
C SER J 236 31.89 45.30 45.67
N VAL J 237 30.71 45.55 46.28
CA VAL J 237 30.04 44.60 47.16
C VAL J 237 28.56 44.48 46.77
N ARG J 238 28.24 43.58 45.84
CA ARG J 238 26.83 43.31 45.56
C ARG J 238 26.24 42.49 46.70
N ALA J 239 24.92 42.63 46.91
CA ALA J 239 24.15 41.77 47.80
C ALA J 239 22.75 41.56 47.23
N LEU J 240 21.91 40.83 47.98
CA LEU J 240 20.52 40.52 47.68
C LEU J 240 19.95 39.77 48.87
N LYS J 241 18.68 40.02 49.19
CA LYS J 241 18.03 39.26 50.23
C LYS J 241 16.56 39.09 49.84
N THR J 242 16.34 38.24 48.84
CA THR J 242 14.99 37.95 48.38
C THR J 242 14.28 37.03 49.37
N ASN J 243 13.18 37.50 49.97
CA ASN J 243 12.19 36.64 50.60
C ASN J 243 11.02 36.36 49.65
N SER J 244 10.07 35.52 50.11
CA SER J 244 8.89 35.11 49.36
C SER J 244 7.99 34.24 50.24
N HIS J 245 6.68 34.37 50.02
CA HIS J 245 5.67 33.65 50.77
C HIS J 245 4.53 33.35 49.82
N SER J 246 3.69 32.36 50.16
CA SER J 246 2.60 31.95 49.30
C SER J 246 1.63 31.06 50.08
N LYS J 247 0.35 31.41 50.09
CA LYS J 247 -0.67 30.55 50.67
C LYS J 247 -1.79 30.38 49.65
N ILE J 248 -1.97 29.15 49.18
CA ILE J 248 -3.05 28.80 48.27
C ILE J 248 -4.01 27.82 48.97
N LEU J 249 -5.26 28.23 49.20
CA LEU J 249 -6.26 27.34 49.76
C LEU J 249 -7.37 27.12 48.72
N SER J 250 -7.42 25.93 48.12
CA SER J 250 -8.47 25.61 47.16
C SER J 250 -9.44 24.62 47.79
N VAL J 251 -10.72 24.96 47.89
CA VAL J 251 -11.73 24.13 48.54
C VAL J 251 -12.76 23.67 47.50
N PRO J 252 -12.55 22.59 46.73
CA PRO J 252 -13.58 22.04 45.87
C PRO J 252 -14.70 21.33 46.64
N ARG J 253 -15.92 21.32 46.08
CA ARG J 253 -17.07 20.66 46.68
C ARG J 253 -17.99 20.06 45.62
N ILE J 254 -18.67 18.96 45.98
CA ILE J 254 -19.53 18.22 45.08
C ILE J 254 -20.53 17.44 45.92
N LEU J 255 -21.83 17.53 45.57
CA LEU J 255 -22.83 16.69 46.18
C LEU J 255 -23.19 15.60 45.20
N THR J 256 -23.26 14.36 45.68
CA THR J 256 -23.64 13.25 44.84
C THR J 256 -24.40 12.23 45.68
N LEU J 257 -25.37 11.58 45.06
CA LEU J 257 -26.04 10.44 45.61
C LEU J 257 -25.05 9.30 45.86
N SER J 258 -25.31 8.55 46.93
CA SER J 258 -24.52 7.38 47.26
C SER J 258 -24.53 6.47 46.06
N GLY J 259 -23.38 5.99 45.67
CA GLY J 259 -23.37 4.98 44.65
C GLY J 259 -23.39 5.57 43.26
N GLN J 260 -23.13 6.87 43.17
CA GLN J 260 -23.10 7.54 41.90
C GLN J 260 -21.77 8.27 41.81
N LYS J 261 -21.33 8.56 40.59
CA LYS J 261 -20.09 9.24 40.40
C LYS J 261 -20.37 10.71 40.26
N GLY J 262 -19.51 11.55 40.81
CA GLY J 262 -19.71 12.97 40.66
C GLY J 262 -18.35 13.62 40.45
N SER J 263 -18.29 14.65 39.62
CA SER J 263 -17.02 15.30 39.43
C SER J 263 -17.21 16.80 39.27
N ILE J 264 -16.23 17.55 39.78
CA ILE J 264 -16.17 18.98 39.59
C ILE J 264 -14.81 19.30 38.98
N SER J 265 -14.81 20.13 37.95
CA SER J 265 -13.59 20.48 37.27
C SER J 265 -13.62 21.96 36.91
N VAL J 266 -12.65 22.72 37.42
CA VAL J 266 -12.57 24.13 37.13
C VAL J 266 -11.14 24.40 36.71
N GLY J 267 -10.96 24.91 35.49
CA GLY J 267 -9.62 25.20 35.04
C GLY J 267 -9.61 25.61 33.59
N GLN J 268 -8.78 24.92 32.82
CA GLN J 268 -8.60 25.22 31.43
C GLN J 268 -8.52 23.94 30.64
N ASN J 269 -9.03 23.97 29.41
CA ASN J 269 -8.97 22.79 28.58
C ASN J 269 -7.89 23.06 27.55
N VAL J 270 -6.81 22.27 27.63
CA VAL J 270 -5.60 22.56 26.89
C VAL J 270 -5.36 21.42 25.91
N PRO J 271 -4.98 21.70 24.66
CA PRO J 271 -4.67 20.66 23.71
C PRO J 271 -3.23 20.18 23.86
N PHE J 272 -3.07 18.86 23.80
CA PHE J 272 -1.76 18.29 23.97
C PHE J 272 -1.48 17.37 22.79
N ILE J 273 -0.34 17.56 22.14
CA ILE J 273 0.08 16.77 21.01
C ILE J 273 0.39 15.35 21.48
N THR J 274 0.01 14.34 20.70
CA THR J 274 0.11 12.95 21.14
C THR J 274 0.88 12.04 20.16
N THR J 290 -1.40 15.03 15.52
CA THR J 290 -2.46 14.47 16.42
C THR J 290 -2.52 15.23 17.74
N VAL J 291 -3.73 15.71 18.12
CA VAL J 291 -3.94 16.46 19.34
C VAL J 291 -5.02 15.79 20.17
N GLU J 292 -4.93 15.92 21.50
CA GLU J 292 -5.90 15.40 22.45
C GLU J 292 -6.08 16.41 23.55
N ARG J 293 -7.32 16.83 23.78
CA ARG J 293 -7.58 17.92 24.70
C ARG J 293 -7.66 17.32 26.08
N GLN J 294 -7.52 18.15 27.12
CA GLN J 294 -7.35 17.64 28.45
C GLN J 294 -7.49 18.77 29.45
N ASN J 295 -8.23 18.52 30.52
CA ASN J 295 -8.49 19.56 31.50
C ASN J 295 -7.26 19.73 32.36
N VAL J 296 -6.88 20.98 32.59
CA VAL J 296 -5.76 21.25 33.45
C VAL J 296 -6.18 22.32 34.43
N GLY J 297 -6.50 21.91 35.66
CA GLY J 297 -6.88 22.83 36.73
C GLY J 297 -7.21 22.02 37.97
N ILE J 298 -8.12 22.50 38.81
CA ILE J 298 -8.58 21.76 39.96
C ILE J 298 -9.71 20.85 39.51
N SER J 299 -9.64 19.57 39.89
CA SER J 299 -10.74 18.66 39.68
C SER J 299 -10.83 17.68 40.84
N MET J 300 -12.03 17.18 41.11
CA MET J 300 -12.22 16.19 42.12
C MET J 300 -13.29 15.21 41.64
N SER J 301 -12.92 13.96 41.40
CA SER J 301 -13.87 12.96 41.02
C SER J 301 -14.12 12.10 42.23
N VAL J 302 -15.39 11.81 42.51
CA VAL J 302 -15.67 11.04 43.69
C VAL J 302 -16.58 9.89 43.31
N PHE J 303 -16.55 8.83 44.12
CA PHE J 303 -17.52 7.77 44.03
C PHE J 303 -17.78 7.28 45.43
N PRO J 304 -18.67 7.90 46.20
CA PRO J 304 -18.94 7.48 47.57
C PRO J 304 -20.05 6.46 47.72
N VAL J 305 -19.97 5.66 48.80
CA VAL J 305 -20.99 4.69 49.14
C VAL J 305 -21.16 4.79 50.63
N ALA J 306 -22.34 5.20 51.07
CA ALA J 306 -22.61 5.27 52.48
C ALA J 306 -23.07 3.91 52.93
N MET J 307 -22.92 3.60 54.22
CA MET J 307 -23.11 2.22 54.64
C MET J 307 -24.18 2.10 55.70
N ALA J 308 -23.87 2.51 56.94
CA ALA J 308 -24.77 2.22 58.06
C ALA J 308 -25.22 3.53 58.72
N GLY J 319 -22.81 7.38 60.73
CA GLY J 319 -22.65 6.49 59.55
C GLY J 319 -21.25 6.60 58.94
N ASN J 320 -20.88 5.64 58.08
CA ASN J 320 -19.58 5.68 57.44
C ASN J 320 -19.73 5.87 55.94
N ILE J 321 -18.67 6.32 55.28
CA ILE J 321 -18.67 6.47 53.84
C ILE J 321 -17.37 5.89 53.29
N VAL J 322 -17.46 4.97 52.33
CA VAL J 322 -16.25 4.57 51.66
C VAL J 322 -16.16 5.43 50.41
N LEU J 323 -14.98 6.03 50.16
CA LEU J 323 -14.87 7.05 49.15
C LEU J 323 -13.66 6.78 48.26
N ASP J 324 -13.89 6.47 47.00
CA ASP J 324 -12.82 6.47 46.02
C ASP J 324 -12.66 7.90 45.53
N ILE J 325 -11.46 8.48 45.61
CA ILE J 325 -11.33 9.91 45.37
C ILE J 325 -10.08 10.19 44.54
N THR J 326 -10.21 11.07 43.55
CA THR J 326 -9.05 11.61 42.87
C THR J 326 -9.12 13.14 42.93
N ILE J 327 -8.18 13.81 43.63
CA ILE J 327 -8.11 15.26 43.61
C ILE J 327 -6.90 15.65 42.78
N LYS J 328 -7.08 16.42 41.71
CA LYS J 328 -5.97 16.91 40.91
C LYS J 328 -5.94 18.44 40.93
N ALA J 329 -4.80 19.05 41.27
CA ALA J 329 -4.64 20.49 41.19
C ALA J 329 -3.49 20.81 40.24
N ASP J 330 -3.78 21.18 38.99
CA ASP J 330 -2.77 21.40 37.97
C ASP J 330 -2.85 22.82 37.40
N SER J 331 -1.80 23.24 36.70
CA SER J 331 -1.67 24.56 36.09
C SER J 331 -0.70 24.45 34.93
N LEU J 332 -0.62 25.49 34.09
CA LEU J 332 0.27 25.46 32.94
C LEU J 332 1.57 26.16 33.30
N SER J 333 2.66 25.69 32.70
CA SER J 333 3.97 26.25 32.94
C SER J 333 4.36 27.13 31.75
N SER J 334 5.26 28.07 32.00
CA SER J 334 5.74 28.93 30.94
C SER J 334 6.99 28.35 30.27
N SER J 335 7.42 27.17 30.73
CA SER J 335 8.63 26.52 30.25
C SER J 335 8.42 26.05 28.82
N THR J 336 9.44 26.31 28.00
CA THR J 336 9.46 25.88 26.61
C THR J 336 10.67 24.98 26.40
N GLN J 337 10.91 24.09 27.35
CA GLN J 337 12.09 23.25 27.36
C GLN J 337 11.79 21.93 26.67
N ALA J 338 10.58 21.75 26.15
CA ALA J 338 10.24 20.46 25.60
C ALA J 338 9.38 20.60 24.35
N SER J 339 9.03 19.47 23.75
CA SER J 339 8.23 19.43 22.54
C SER J 339 6.97 20.27 22.67
N ASP J 340 6.17 20.02 23.71
CA ASP J 340 4.88 20.68 23.89
C ASP J 340 4.85 21.45 25.20
N VAL J 341 3.69 21.52 25.86
CA VAL J 341 3.48 22.36 27.03
C VAL J 341 3.69 21.53 28.29
N ILE J 342 4.47 22.06 29.24
CA ILE J 342 4.68 21.41 30.53
C ILE J 342 3.61 21.92 31.47
N THR J 343 3.10 21.03 32.34
CA THR J 343 2.02 21.32 33.28
C THR J 343 2.59 21.15 34.68
N ASN J 344 2.10 21.89 35.68
CA ASN J 344 2.53 21.68 37.05
C ASN J 344 1.48 20.78 37.68
N GLN J 345 1.84 19.58 38.11
CA GLN J 345 0.89 18.58 38.57
C GLN J 345 0.88 18.50 40.09
N ARG J 346 -0.27 18.11 40.63
CA ARG J 346 -0.45 17.77 42.04
C ARG J 346 -1.67 16.87 42.11
N SER J 347 -1.49 15.58 42.42
CA SER J 347 -2.63 14.66 42.45
C SER J 347 -2.55 13.67 43.61
N ILE J 348 -3.71 13.35 44.18
CA ILE J 348 -3.88 12.24 45.10
C ILE J 348 -4.96 11.34 44.51
N ALA J 349 -4.74 10.03 44.55
CA ALA J 349 -5.86 9.17 44.24
C ALA J 349 -5.85 8.02 45.22
N THR J 350 -6.94 7.83 45.92
CA THR J 350 -6.99 6.83 46.96
C THR J 350 -8.42 6.38 47.18
N THR J 351 -8.57 5.43 48.10
CA THR J 351 -9.85 5.06 48.64
C THR J 351 -9.69 5.10 50.14
N VAL J 352 -10.59 5.80 50.81
CA VAL J 352 -10.54 5.90 52.25
C VAL J 352 -11.93 5.64 52.82
N ASN J 353 -11.99 5.68 54.14
CA ASN J 353 -13.18 5.40 54.89
C ASN J 353 -13.35 6.56 55.83
N LEU J 354 -14.45 7.28 55.69
CA LEU J 354 -14.73 8.53 56.40
C LEU J 354 -15.98 8.27 57.21
N ARG J 355 -16.09 8.92 58.37
CA ARG J 355 -17.31 9.01 59.13
C ARG J 355 -18.18 10.15 58.58
N ASP J 356 -19.30 10.40 59.25
CA ASP J 356 -20.39 11.19 58.71
C ASP J 356 -20.03 12.67 58.71
N GLY J 357 -19.02 13.08 59.48
CA GLY J 357 -18.68 14.49 59.41
C GLY J 357 -17.27 14.77 59.86
N GLN J 358 -16.34 14.01 59.27
CA GLN J 358 -14.96 13.94 59.72
C GLN J 358 -14.07 14.53 58.62
N THR J 359 -12.92 15.05 59.00
CA THR J 359 -11.93 15.45 58.03
C THR J 359 -10.71 14.54 58.18
N LEU J 360 -10.23 14.02 57.05
CA LEU J 360 -9.09 13.14 57.02
C LEU J 360 -7.97 13.83 56.25
N LEU J 361 -6.71 13.49 56.53
CA LEU J 361 -5.61 13.90 55.69
C LEU J 361 -5.43 12.86 54.58
N LEU J 362 -6.15 13.08 53.51
CA LEU J 362 -6.09 12.19 52.39
C LEU J 362 -4.67 12.10 51.83
N GLY J 363 -3.77 12.95 52.33
CA GLY J 363 -2.39 12.86 51.89
C GLY J 363 -1.64 14.20 52.00
N GLY J 364 -0.49 14.34 51.35
CA GLY J 364 0.26 15.59 51.45
C GLY J 364 1.70 15.44 50.98
N LEU J 365 2.47 16.55 50.95
CA LEU J 365 3.92 16.50 50.76
C LEU J 365 4.59 17.73 51.35
N THR J 366 5.48 17.56 52.32
CA THR J 366 6.26 18.70 52.77
C THR J 366 7.65 18.57 52.19
N ASP J 367 8.29 19.71 51.90
CA ASP J 367 9.57 19.75 51.23
C ASP J 367 10.43 20.85 51.82
N TYR J 368 11.75 20.66 51.85
CA TYR J 368 12.67 21.60 52.45
C TYR J 368 14.00 21.55 51.70
N LYS J 369 14.43 22.68 51.14
CA LYS J 369 15.70 22.76 50.44
C LYS J 369 16.57 23.81 51.11
N ASN J 370 17.73 23.41 51.62
CA ASN J 370 18.66 24.35 52.22
C ASN J 370 19.96 24.34 51.45
N THR J 371 19.98 24.96 50.27
CA THR J 371 21.20 25.07 49.47
C THR J 371 22.12 26.17 50.02
N SER J 372 23.43 26.02 49.82
CA SER J 372 24.46 26.95 50.27
C SER J 372 25.74 26.79 49.44
N GLN J 373 26.32 27.90 49.01
CA GLN J 373 27.45 27.89 48.08
C GLN J 373 28.42 28.99 48.48
N ASP J 374 29.70 28.88 48.10
CA ASP J 374 30.71 29.78 48.63
C ASP J 374 32.04 29.62 47.88
N SER J 375 32.22 30.39 46.79
CA SER J 375 33.52 30.44 46.15
C SER J 375 34.37 31.53 46.80
N GLY J 376 35.62 31.20 47.16
CA GLY J 376 36.50 32.18 47.78
C GLY J 376 37.93 32.10 47.28
N VAL J 377 38.85 32.62 48.12
CA VAL J 377 40.28 32.57 47.89
C VAL J 377 40.90 31.89 49.11
N PRO J 378 41.63 30.75 48.93
CA PRO J 378 42.17 30.01 50.06
C PRO J 378 43.37 30.72 50.73
N GLY J 387 46.40 42.73 43.00
CA GLY J 387 45.83 41.38 42.82
C GLY J 387 44.37 41.32 43.27
N LEU J 388 43.52 40.84 42.36
CA LEU J 388 42.07 40.72 42.53
C LEU J 388 41.76 39.67 43.60
N LEU J 389 40.59 39.82 44.26
CA LEU J 389 40.12 38.84 45.22
C LEU J 389 38.61 38.75 45.15
N PHE J 390 38.04 38.24 44.05
CA PHE J 390 36.62 37.94 44.01
C PHE J 390 36.26 36.89 45.07
N SER J 391 35.07 37.03 45.70
CA SER J 391 34.69 36.20 46.83
C SER J 391 33.17 36.16 47.04
N SER J 392 32.46 35.43 46.18
CA SER J 392 31.00 35.36 46.25
C SER J 392 30.53 34.39 47.33
N ARG J 393 29.21 34.37 47.57
CA ARG J 393 28.55 33.41 48.44
C ARG J 393 27.05 33.43 48.20
N SER J 394 26.47 32.31 47.76
CA SER J 394 25.02 32.18 47.66
C SER J 394 24.46 31.41 48.86
N ASP J 395 23.15 31.49 49.06
CA ASP J 395 22.39 30.66 49.98
C ASP J 395 20.95 30.60 49.51
N SER J 396 20.17 29.74 50.16
CA SER J 396 18.77 29.52 49.86
C SER J 396 18.16 28.67 50.96
N ASN J 397 16.87 28.88 51.22
CA ASN J 397 16.21 28.09 52.25
C ASN J 397 14.73 27.94 51.93
N GLU J 398 14.41 27.27 50.81
CA GLU J 398 13.03 26.95 50.44
C GLU J 398 12.43 25.97 51.43
N GLU J 399 11.16 26.19 51.80
CA GLU J 399 10.36 25.25 52.58
C GLU J 399 8.93 25.27 52.06
N SER J 400 8.32 24.11 51.82
CA SER J 400 6.99 24.04 51.23
C SER J 400 6.16 22.94 51.90
N THR J 401 4.85 23.13 51.98
CA THR J 401 4.01 22.09 52.57
C THR J 401 2.64 22.07 51.91
N LEU J 402 2.20 20.88 51.51
CA LEU J 402 0.93 20.69 50.83
C LEU J 402 0.11 19.74 51.66
N TYR J 403 -1.15 20.08 51.85
CA TYR J 403 -2.04 19.18 52.54
C TYR J 403 -3.29 18.97 51.70
N VAL J 404 -3.83 17.76 51.72
CA VAL J 404 -5.08 17.52 51.02
C VAL J 404 -6.00 16.90 52.06
N LEU J 405 -7.07 17.60 52.40
CA LEU J 405 -8.00 17.10 53.38
C LEU J 405 -9.32 16.76 52.70
N VAL J 406 -10.19 15.97 53.35
CA VAL J 406 -11.47 15.66 52.75
C VAL J 406 -12.52 15.51 53.84
N LYS J 407 -13.65 16.17 53.67
CA LYS J 407 -14.75 16.07 54.62
C LYS J 407 -16.02 15.64 53.88
N ALA J 408 -16.53 14.47 54.23
CA ALA J 408 -17.80 14.03 53.67
C ALA J 408 -18.88 14.13 54.72
N THR J 409 -20.10 14.49 54.27
CA THR J 409 -21.27 14.69 55.10
C THR J 409 -22.52 14.14 54.43
N ILE J 410 -23.19 13.20 55.08
CA ILE J 410 -24.43 12.62 54.60
C ILE J 410 -25.56 13.62 54.81
N VAL J 411 -26.28 13.93 53.72
CA VAL J 411 -27.31 14.95 53.70
C VAL J 411 -28.64 14.38 54.20
N ARG J 412 -29.00 13.19 53.71
CA ARG J 412 -30.27 12.53 53.99
C ARG J 412 -31.44 13.37 53.45
CA ASP K 108 -36.97 -23.36 44.81
C ASP K 108 -35.99 -22.41 45.51
N ASN K 109 -35.58 -21.37 44.79
CA ASN K 109 -34.66 -20.38 45.30
C ASN K 109 -35.45 -19.22 45.85
N VAL K 110 -35.17 -18.86 47.11
CA VAL K 110 -35.66 -17.62 47.65
C VAL K 110 -34.70 -16.48 47.28
N THR K 111 -35.16 -15.24 47.28
CA THR K 111 -34.31 -14.09 47.04
C THR K 111 -34.41 -13.14 48.23
N GLN K 112 -33.32 -12.98 48.98
CA GLN K 112 -33.32 -12.01 50.08
C GLN K 112 -32.32 -10.88 49.81
N THR K 113 -32.45 -9.80 50.59
CA THR K 113 -31.49 -8.72 50.59
C THR K 113 -30.81 -8.65 51.95
N PHE K 114 -29.49 -8.42 51.92
CA PHE K 114 -28.65 -8.36 53.09
C PHE K 114 -27.97 -7.00 53.11
N LYS K 115 -27.99 -6.32 54.25
CA LYS K 115 -27.33 -5.03 54.40
C LYS K 115 -25.88 -5.26 54.80
N ILE K 116 -24.96 -4.72 54.00
CA ILE K 116 -23.56 -4.83 54.29
C ILE K 116 -23.21 -3.55 55.04
N ASN K 117 -22.50 -3.67 56.16
CA ASN K 117 -22.33 -2.53 57.06
C ASN K 117 -20.93 -1.93 56.98
N ASN K 118 -19.91 -2.76 56.83
CA ASN K 118 -18.54 -2.30 57.00
C ASN K 118 -17.82 -2.18 55.68
N VAL K 119 -18.14 -3.00 54.69
CA VAL K 119 -17.39 -2.90 53.44
C VAL K 119 -18.38 -2.68 52.32
N ARG K 120 -17.90 -2.19 51.19
CA ARG K 120 -18.77 -1.96 50.05
C ARG K 120 -19.33 -3.30 49.61
N ALA K 121 -20.60 -3.32 49.24
CA ALA K 121 -21.24 -4.60 49.01
C ALA K 121 -20.76 -5.21 47.70
N LYS K 122 -20.02 -4.44 46.92
CA LYS K 122 -19.63 -4.83 45.58
C LYS K 122 -18.42 -5.76 45.65
N ASP K 123 -17.61 -5.62 46.70
CA ASP K 123 -16.40 -6.39 46.93
C ASP K 123 -16.74 -7.77 47.46
N LEU K 124 -17.95 -7.94 47.98
CA LEU K 124 -18.37 -9.17 48.59
C LEU K 124 -19.31 -9.90 47.63
N ILE K 125 -19.04 -9.89 46.33
CA ILE K 125 -19.92 -10.54 45.37
C ILE K 125 -19.33 -11.89 45.00
N ARG K 126 -18.01 -11.91 44.79
CA ARG K 126 -17.30 -13.11 44.41
C ARG K 126 -17.29 -14.10 45.56
N VAL K 127 -17.10 -13.57 46.75
CA VAL K 127 -17.04 -14.35 47.96
C VAL K 127 -18.41 -14.96 48.20
N VAL K 128 -19.46 -14.22 47.89
CA VAL K 128 -20.79 -14.67 48.24
C VAL K 128 -21.30 -15.52 47.09
N GLU K 129 -20.66 -15.35 45.94
CA GLU K 129 -20.97 -16.20 44.81
C GLU K 129 -20.52 -17.62 45.11
N LEU K 130 -19.40 -17.79 45.84
CA LEU K 130 -18.93 -19.10 46.27
C LEU K 130 -19.86 -19.71 47.31
N PHE K 131 -20.27 -18.93 48.30
CA PHE K 131 -21.06 -19.52 49.36
C PHE K 131 -22.34 -20.11 48.76
N VAL K 132 -22.82 -19.51 47.69
CA VAL K 132 -24.13 -19.89 47.20
C VAL K 132 -23.94 -20.87 46.06
N LYS K 133 -22.77 -20.89 45.43
CA LYS K 133 -22.52 -21.80 44.31
C LYS K 133 -22.82 -23.24 44.74
N SER K 134 -23.28 -24.06 43.79
CA SER K 134 -23.58 -25.47 43.98
C SER K 134 -23.64 -26.18 42.62
N SER K 140 -25.22 -15.32 37.37
CA SER K 140 -25.62 -14.23 38.29
C SER K 140 -26.67 -14.74 39.26
N ASN K 141 -26.30 -14.79 40.54
CA ASN K 141 -27.20 -15.19 41.58
C ASN K 141 -27.02 -14.20 42.72
N VAL K 142 -25.91 -13.47 42.68
CA VAL K 142 -25.66 -12.40 43.64
C VAL K 142 -25.51 -11.10 42.87
N LEU K 143 -26.20 -10.06 43.34
CA LEU K 143 -26.14 -8.74 42.76
C LEU K 143 -25.97 -7.72 43.88
N SER K 144 -25.45 -6.54 43.57
CA SER K 144 -25.26 -5.50 44.56
C SER K 144 -26.01 -4.24 44.14
N VAL K 145 -26.86 -3.73 45.02
CA VAL K 145 -27.46 -2.42 44.84
C VAL K 145 -26.53 -1.46 45.56
N ASP K 146 -25.75 -0.66 44.81
CA ASP K 146 -24.63 0.08 45.35
C ASP K 146 -25.08 1.27 46.19
N GLY K 147 -26.29 1.75 45.93
CA GLY K 147 -26.77 2.95 46.57
C GLY K 147 -26.90 2.70 48.07
N SER K 148 -27.63 1.65 48.42
CA SER K 148 -27.93 1.39 49.81
C SER K 148 -27.12 0.21 50.37
N ASN K 149 -25.96 -0.09 49.77
CA ASN K 149 -25.05 -1.16 50.15
C ASN K 149 -25.83 -2.41 50.53
N LEU K 150 -26.31 -3.10 49.50
CA LEU K 150 -27.15 -4.24 49.73
C LEU K 150 -26.69 -5.34 48.80
N LEU K 151 -26.83 -6.60 49.25
CA LEU K 151 -26.61 -7.75 48.41
C LEU K 151 -27.90 -8.53 48.23
N VAL K 152 -28.39 -8.61 46.99
CA VAL K 152 -29.53 -9.44 46.70
C VAL K 152 -29.01 -10.79 46.24
N VAL K 153 -29.27 -11.87 47.01
CA VAL K 153 -28.79 -13.22 46.69
C VAL K 153 -29.97 -14.16 46.45
N SER K 154 -29.89 -15.01 45.42
CA SER K 154 -30.90 -16.02 45.17
C SER K 154 -30.28 -17.40 45.31
N ALA K 155 -30.75 -18.20 46.28
CA ALA K 155 -30.19 -19.52 46.57
C ALA K 155 -31.20 -20.29 47.40
N PRO K 156 -31.13 -21.63 47.49
CA PRO K 156 -31.98 -22.36 48.43
C PRO K 156 -32.03 -21.78 49.83
N LYS K 157 -33.18 -21.92 50.51
CA LYS K 157 -33.41 -21.30 51.80
C LYS K 157 -32.36 -21.71 52.83
N ASP K 158 -31.98 -22.99 52.79
CA ASP K 158 -30.98 -23.55 53.69
C ASP K 158 -29.68 -22.76 53.57
N ILE K 159 -29.18 -22.63 52.34
CA ILE K 159 -27.99 -21.85 52.07
C ILE K 159 -28.21 -20.44 52.59
N LEU K 160 -29.40 -19.89 52.36
CA LEU K 160 -29.64 -18.50 52.70
C LEU K 160 -29.91 -18.34 54.17
N ASP K 161 -29.84 -19.44 54.92
CA ASP K 161 -30.04 -19.36 56.36
C ASP K 161 -28.69 -19.20 57.05
N ASN K 162 -27.63 -19.67 56.39
CA ASN K 162 -26.28 -19.62 56.89
C ASN K 162 -25.53 -18.40 56.35
N LEU K 163 -26.08 -17.72 55.34
CA LEU K 163 -25.41 -16.56 54.80
C LEU K 163 -25.24 -15.48 55.86
N PRO K 164 -26.19 -15.21 56.77
CA PRO K 164 -25.91 -14.27 57.85
C PRO K 164 -24.60 -14.46 58.62
N GLN K 165 -24.18 -15.71 58.88
CA GLN K 165 -22.97 -15.96 59.66
C GLN K 165 -21.72 -16.01 58.81
N PHE K 166 -21.85 -16.03 57.49
CA PHE K 166 -20.69 -15.90 56.65
C PHE K 166 -20.38 -14.43 56.44
N LEU K 167 -21.42 -13.60 56.48
CA LEU K 167 -21.20 -12.20 56.21
C LEU K 167 -20.78 -11.52 57.50
N SER K 168 -20.47 -12.29 58.52
CA SER K 168 -19.96 -11.69 59.73
C SER K 168 -18.50 -12.08 59.88
N THR K 169 -17.98 -12.78 58.89
CA THR K 169 -16.60 -13.19 58.86
C THR K 169 -15.93 -12.66 57.60
N VAL K 170 -16.66 -11.92 56.79
CA VAL K 170 -16.14 -11.48 55.52
C VAL K 170 -16.43 -9.99 55.37
N ASP K 171 -17.33 -9.47 56.19
CA ASP K 171 -17.73 -8.09 56.09
C ASP K 171 -17.28 -7.41 57.36
N LEU K 172 -15.97 -7.21 57.48
CA LEU K 172 -15.37 -6.73 58.71
C LEU K 172 -14.90 -5.31 58.50
N PRO K 173 -14.67 -4.52 59.57
CA PRO K 173 -14.13 -3.17 59.44
C PRO K 173 -12.69 -3.12 58.97
N THR K 174 -12.47 -2.63 57.74
CA THR K 174 -11.14 -2.54 57.16
C THR K 174 -10.38 -1.44 57.87
N ASP K 175 -9.05 -1.58 57.88
CA ASP K 175 -8.16 -0.60 58.47
C ASP K 175 -7.64 0.34 57.38
N GLN K 176 -7.30 1.56 57.82
CA GLN K 176 -6.68 2.53 56.95
C GLN K 176 -5.24 2.69 57.40
N ILE K 177 -4.34 2.93 56.44
CA ILE K 177 -2.92 2.96 56.72
C ILE K 177 -2.41 4.32 56.27
N LEU K 178 -1.46 4.87 57.05
CA LEU K 178 -0.86 6.14 56.70
C LEU K 178 0.62 5.90 56.42
N ILE K 179 0.95 5.80 55.13
CA ILE K 179 2.32 5.65 54.69
C ILE K 179 2.92 7.04 54.66
N GLU K 180 4.17 7.18 55.08
CA GLU K 180 4.82 8.46 55.16
C GLU K 180 6.25 8.28 54.65
N GLY K 181 6.46 8.58 53.36
CA GLY K 181 7.78 8.49 52.77
C GLY K 181 8.68 9.61 53.28
N LEU K 182 10.00 9.39 53.21
CA LEU K 182 10.98 10.40 53.57
C LEU K 182 12.21 10.27 52.69
N ILE K 183 12.45 11.24 51.82
CA ILE K 183 13.64 11.28 50.99
C ILE K 183 14.58 12.35 51.56
N PHE K 184 15.89 12.07 51.66
CA PHE K 184 16.84 12.97 52.28
C PHE K 184 18.19 12.96 51.57
N GLU K 185 18.58 14.07 50.92
CA GLU K 185 19.82 14.07 50.18
C GLU K 185 20.72 15.20 50.69
N VAL K 186 21.83 14.86 51.34
CA VAL K 186 22.83 15.84 51.70
C VAL K 186 23.98 15.78 50.70
N GLN K 187 24.31 16.87 50.01
CA GLN K 187 25.51 16.90 49.17
C GLN K 187 26.49 17.97 49.65
N GLN K 188 27.66 17.55 50.17
CA GLN K 188 28.77 18.46 50.38
C GLN K 188 29.55 18.61 49.08
N GLY K 189 30.76 19.18 49.13
CA GLY K 189 31.54 19.49 47.94
C GLY K 189 32.57 20.60 48.18
N ASP K 190 33.73 20.49 47.53
CA ASP K 190 34.82 21.45 47.59
C ASP K 190 35.65 21.37 46.30
N ALA K 191 36.68 22.19 46.19
CA ALA K 191 37.53 22.27 45.01
C ALA K 191 38.68 23.23 45.29
N LEU K 192 39.78 23.13 44.51
CA LEU K 192 40.93 24.02 44.70
C LEU K 192 41.78 24.10 43.44
N ASP K 193 41.29 24.75 42.37
CA ASP K 193 42.16 25.07 41.25
C ASP K 193 43.25 26.05 41.73
N PHE K 194 44.48 25.89 41.21
CA PHE K 194 45.62 26.65 41.71
C PHE K 194 46.76 26.71 40.69
N SER K 195 46.72 27.70 39.78
CA SER K 195 47.79 27.93 38.81
C SER K 195 48.98 28.66 39.47
N PHE K 196 50.16 28.57 38.84
CA PHE K 196 51.37 29.22 39.29
C PHE K 196 52.25 29.49 38.10
N ALA K 197 51.66 30.04 37.04
CA ALA K 197 52.43 30.51 35.90
C ALA K 197 53.57 31.39 36.38
N ALA K 198 54.77 31.19 35.82
CA ALA K 198 55.97 31.91 36.25
C ALA K 198 56.65 32.61 35.07
N LEU K 235 54.62 36.52 37.16
CA LEU K 235 54.22 35.47 38.14
C LEU K 235 52.74 35.60 38.46
N SER K 236 51.88 35.17 37.53
CA SER K 236 50.45 35.08 37.79
C SER K 236 50.17 33.85 38.64
N VAL K 237 49.30 34.00 39.66
CA VAL K 237 48.88 32.90 40.54
C VAL K 237 47.36 32.92 40.70
N ARG K 238 46.64 32.24 39.79
CA ARG K 238 45.21 32.09 39.99
C ARG K 238 44.96 31.07 41.10
N ALA K 239 43.82 31.20 41.78
CA ALA K 239 43.31 30.20 42.72
C ALA K 239 41.80 30.15 42.65
N LEU K 240 41.19 29.31 43.51
CA LEU K 240 39.76 29.13 43.67
C LEU K 240 39.56 28.16 44.83
N LYS K 241 38.51 28.39 45.62
CA LYS K 241 38.18 27.46 46.67
C LYS K 241 36.66 27.42 46.80
N THR K 242 36.01 26.78 45.81
CA THR K 242 34.58 26.64 45.81
C THR K 242 34.16 25.56 46.82
N ASN K 243 33.38 25.93 47.85
CA ASN K 243 32.58 24.99 48.61
C ASN K 243 31.13 24.97 48.11
N SER K 244 30.32 24.08 48.71
CA SER K 244 28.92 23.87 48.38
C SER K 244 28.29 22.87 49.34
N HIS K 245 27.01 23.09 49.66
CA HIS K 245 26.24 22.26 50.57
C HIS K 245 24.83 22.20 50.05
N SER K 246 24.06 21.18 50.47
CA SER K 246 22.70 20.99 50.00
C SER K 246 21.98 19.99 50.90
N LYS K 247 20.82 20.38 51.43
CA LYS K 247 19.98 19.45 52.17
C LYS K 247 18.57 19.53 51.61
N ILE K 248 18.10 18.43 51.02
CA ILE K 248 16.75 18.30 50.51
C ILE K 248 16.00 17.24 51.32
N LEU K 249 14.94 17.64 52.05
CA LEU K 249 14.11 16.67 52.76
C LEU K 249 12.70 16.71 52.18
N SER K 250 12.32 15.68 51.42
CA SER K 250 10.98 15.58 50.87
C SER K 250 10.19 14.51 51.60
N VAL K 251 9.06 14.87 52.21
CA VAL K 251 8.26 13.95 53.01
C VAL K 251 6.90 13.75 52.36
N PRO K 252 6.72 12.84 51.38
CA PRO K 252 5.40 12.51 50.85
C PRO K 252 4.55 11.71 51.84
N ARG K 253 3.21 11.85 51.76
CA ARG K 253 2.28 11.11 52.61
C ARG K 253 0.99 10.78 51.86
N ILE K 254 0.37 9.64 52.22
CA ILE K 254 -0.83 9.15 51.58
C ILE K 254 -1.55 8.23 52.55
N LEU K 255 -2.85 8.44 52.72
CA LEU K 255 -3.69 7.52 53.48
C LEU K 255 -4.46 6.66 52.50
N THR K 256 -4.48 5.35 52.76
CA THR K 256 -5.24 4.45 51.92
C THR K 256 -5.77 3.31 52.78
N LEU K 257 -6.96 2.83 52.44
CA LEU K 257 -7.52 1.62 52.98
C LEU K 257 -6.64 0.44 52.64
N SER K 258 -6.58 -0.52 53.57
CA SER K 258 -5.85 -1.75 53.39
C SER K 258 -6.36 -2.40 52.12
N GLY K 259 -5.48 -2.82 51.27
CA GLY K 259 -5.91 -3.60 50.15
C GLY K 259 -6.37 -2.74 48.99
N GLN K 260 -6.03 -1.46 49.06
CA GLN K 260 -6.37 -0.53 47.99
C GLN K 260 -5.07 0.15 47.58
N LYS K 261 -5.05 0.67 46.36
CA LYS K 261 -3.88 1.33 45.85
C LYS K 261 -4.04 2.81 46.09
N GLY K 262 -2.97 3.48 46.45
CA GLY K 262 -3.05 4.91 46.62
C GLY K 262 -1.80 5.54 46.05
N SER K 263 -1.92 6.72 45.47
CA SER K 263 -0.72 7.36 44.96
C SER K 263 -0.79 8.87 45.17
N ILE K 264 0.37 9.46 45.43
CA ILE K 264 0.51 10.90 45.49
C ILE K 264 1.59 11.30 44.50
N SER K 265 1.33 12.32 43.70
CA SER K 265 2.28 12.76 42.70
C SER K 265 2.28 14.29 42.66
N VAL K 266 3.43 14.89 42.92
CA VAL K 266 3.56 16.33 42.88
C VAL K 266 4.77 16.62 42.04
N GLY K 267 4.57 17.38 40.96
CA GLY K 267 5.70 17.72 40.13
C GLY K 267 5.26 18.43 38.86
N GLN K 268 5.70 17.87 37.73
CA GLN K 268 5.41 18.46 36.45
C GLN K 268 5.07 17.35 35.47
N ASN K 269 4.19 17.66 34.52
CA ASN K 269 3.84 16.66 33.53
C ASN K 269 4.52 17.10 32.25
N VAL K 270 5.47 16.29 31.78
CA VAL K 270 6.38 16.68 30.73
C VAL K 270 6.15 15.76 29.54
N PRO K 271 6.11 16.30 28.30
CA PRO K 271 5.97 15.46 27.14
C PRO K 271 7.30 14.91 26.68
N PHE K 272 7.29 13.63 26.33
CA PHE K 272 8.51 12.98 25.91
C PHE K 272 8.28 12.31 24.55
N ILE K 273 9.14 12.61 23.59
CA ILE K 273 9.07 12.04 22.26
C ILE K 273 9.37 10.56 22.32
N THR K 274 8.64 9.74 21.56
CA THR K 274 8.74 8.28 21.68
C THR K 274 9.02 7.57 20.35
N THR K 290 5.61 11.52 17.45
CA THR K 290 4.88 10.83 18.55
C THR K 290 5.35 11.32 19.92
N VAL K 291 4.41 11.75 20.77
CA VAL K 291 4.71 12.23 22.11
C VAL K 291 3.92 11.43 23.13
N GLU K 292 4.46 11.30 24.35
CA GLU K 292 3.83 10.61 25.46
C GLU K 292 4.14 11.39 26.72
N ARG K 293 3.11 11.78 27.46
CA ARG K 293 3.29 12.67 28.58
C ARG K 293 3.63 11.79 29.76
N GLN K 294 4.20 12.39 30.81
CA GLN K 294 4.78 11.61 31.89
C GLN K 294 5.10 12.51 33.05
N ASN K 295 4.76 12.07 34.25
CA ASN K 295 4.95 12.88 35.43
C ASN K 295 6.41 12.83 35.81
N VAL K 296 6.96 14.00 36.12
CA VAL K 296 8.33 14.06 36.56
C VAL K 296 8.39 14.91 37.81
N GLY K 297 8.47 14.27 38.97
CA GLY K 297 8.58 14.96 40.25
C GLY K 297 8.63 13.93 41.36
N ILE K 298 8.11 14.25 42.54
CA ILE K 298 8.00 13.29 43.63
C ILE K 298 6.71 12.54 43.45
N SER K 299 6.77 11.21 43.53
CA SER K 299 5.57 10.39 43.57
C SER K 299 5.79 9.20 44.49
N MET K 300 4.70 8.69 45.08
CA MET K 300 4.78 7.51 45.89
C MET K 300 3.51 6.70 45.64
N SER K 301 3.64 5.52 45.06
CA SER K 301 2.52 4.64 44.87
C SER K 301 2.61 3.55 45.91
N VAL K 302 1.50 3.26 46.57
CA VAL K 302 1.55 2.28 47.63
C VAL K 302 0.46 1.26 47.38
N PHE K 303 0.66 0.06 47.92
CA PHE K 303 -0.39 -0.94 47.99
C PHE K 303 -0.19 -1.70 49.28
N PRO K 304 -0.70 -1.22 50.43
CA PRO K 304 -0.52 -1.89 51.70
C PRO K 304 -1.61 -2.90 52.05
N VAL K 305 -1.26 -3.90 52.86
CA VAL K 305 -2.18 -4.88 53.36
C VAL K 305 -1.82 -5.10 54.80
N ALA K 306 -2.73 -4.74 55.71
CA ALA K 306 -2.48 -4.94 57.11
C ALA K 306 -2.89 -6.37 57.44
N MET K 307 -2.34 -6.94 58.51
CA MET K 307 -2.53 -8.36 58.72
C MET K 307 -3.17 -8.65 60.06
N ALA K 308 -2.41 -8.51 61.16
CA ALA K 308 -2.89 -9.01 62.43
C ALA K 308 -2.96 -7.86 63.45
N GLY K 319 0.37 -4.58 65.11
CA GLY K 319 0.05 -5.23 63.82
C GLY K 319 1.15 -5.04 62.78
N ASN K 320 1.10 -5.79 61.69
CA ASN K 320 2.10 -5.67 60.64
C ASN K 320 1.46 -5.18 59.36
N ILE K 321 2.27 -4.63 58.45
CA ILE K 321 1.78 -4.19 57.16
C ILE K 321 2.75 -4.71 56.10
N VAL K 322 2.24 -5.39 55.08
CA VAL K 322 3.09 -5.68 53.95
C VAL K 322 2.84 -4.59 52.94
N LEU K 323 3.90 -3.98 52.40
CA LEU K 323 3.77 -2.78 51.60
C LEU K 323 4.56 -2.90 50.32
N ASP K 324 3.89 -2.94 49.18
CA ASP K 324 4.53 -2.77 47.90
C ASP K 324 4.67 -1.28 47.66
N ILE K 325 5.87 -0.76 47.41
CA ILE K 325 6.06 0.68 47.40
C ILE K 325 6.97 1.09 46.25
N THR K 326 6.60 2.16 45.54
CA THR K 326 7.51 2.80 44.61
C THR K 326 7.62 4.27 44.96
N ILE K 327 8.79 4.75 45.38
CA ILE K 327 9.01 6.17 45.61
C ILE K 327 9.90 6.69 44.49
N LYS K 328 9.45 7.66 43.71
CA LYS K 328 10.27 8.29 42.67
C LYS K 328 10.46 9.77 42.96
N ALA K 329 11.70 10.27 42.97
CA ALA K 329 11.96 11.68 43.09
C ALA K 329 12.75 12.15 41.88
N ASP K 330 12.09 12.78 40.91
CA ASP K 330 12.71 13.18 39.65
C ASP K 330 12.57 14.68 39.41
N SER K 331 13.37 15.21 38.47
CA SER K 331 13.41 16.61 38.11
C SER K 331 13.91 16.72 36.67
N LEU K 332 13.80 17.90 36.07
CA LEU K 332 14.23 18.09 34.70
C LEU K 332 15.63 18.66 34.70
N SER K 333 16.42 18.29 33.68
CA SER K 333 17.77 18.75 33.53
C SER K 333 17.81 19.82 32.44
N SER K 334 18.83 20.67 32.51
CA SER K 334 19.00 21.72 31.53
C SER K 334 19.87 21.24 30.37
N SER K 335 20.32 19.98 30.42
CA SER K 335 21.21 19.41 29.43
C SER K 335 20.49 19.25 28.11
N THR K 336 21.18 19.64 27.04
CA THR K 336 20.67 19.50 25.69
C THR K 336 21.63 18.63 24.90
N GLN K 337 22.09 17.55 25.53
CA GLN K 337 23.10 16.69 24.96
C GLN K 337 22.45 15.55 24.20
N ALA K 338 21.12 15.53 24.12
CA ALA K 338 20.48 14.39 23.51
C ALA K 338 19.28 14.81 22.69
N SER K 339 18.62 13.84 22.05
CA SER K 339 17.46 14.07 21.23
C SER K 339 16.41 14.91 21.95
N ASP K 340 16.01 14.48 23.15
CA ASP K 340 14.92 15.13 23.89
C ASP K 340 15.42 15.62 25.24
N VAL K 341 14.57 15.59 26.28
CA VAL K 341 14.86 16.18 27.57
C VAL K 341 15.42 15.11 28.50
N ILE K 342 16.53 15.40 29.19
CA ILE K 342 17.10 14.49 30.18
C ILE K 342 16.47 14.82 31.52
N THR K 343 16.20 13.79 32.32
CA THR K 343 15.56 13.91 33.62
C THR K 343 16.54 13.44 34.67
N ASN K 344 16.52 13.97 35.90
CA ASN K 344 17.37 13.46 36.95
C ASN K 344 16.51 12.50 37.76
N GLN K 345 16.87 11.21 37.80
CA GLN K 345 16.04 10.17 38.37
C GLN K 345 16.54 9.78 39.75
N ARG K 346 15.61 9.32 40.60
CA ARG K 346 15.89 8.70 41.88
C ARG K 346 14.68 7.85 42.22
N SER K 347 14.81 6.52 42.22
CA SER K 347 13.67 5.66 42.48
C SER K 347 14.04 4.44 43.33
N ILE K 348 13.11 4.04 44.20
CA ILE K 348 13.16 2.77 44.90
C ILE K 348 11.86 2.06 44.59
N ALA K 349 11.93 0.76 44.29
CA ALA K 349 10.69 0.01 44.25
C ALA K 349 10.92 -1.32 44.94
N THR K 350 10.13 -1.60 45.96
CA THR K 350 10.35 -2.80 46.74
C THR K 350 9.04 -3.24 47.38
N THR K 351 9.13 -4.35 48.11
CA THR K 351 8.07 -4.79 48.98
C THR K 351 8.74 -5.07 50.31
N VAL K 352 8.20 -4.50 51.38
CA VAL K 352 8.76 -4.69 52.70
C VAL K 352 7.64 -5.01 53.67
N ASN K 353 8.04 -5.24 54.91
CA ASN K 353 7.15 -5.63 55.97
C ASN K 353 7.45 -4.68 57.10
N LEU K 354 6.44 -3.92 57.51
CA LEU K 354 6.56 -2.85 58.47
C LEU K 354 5.65 -3.20 59.62
N ARG K 355 6.02 -2.82 60.83
CA ARG K 355 5.12 -2.84 61.98
C ARG K 355 4.25 -1.58 62.00
N ASP K 356 3.45 -1.44 63.05
CA ASP K 356 2.34 -0.51 63.08
C ASP K 356 2.83 0.92 63.23
N GLY K 357 4.07 1.13 63.66
CA GLY K 357 4.51 2.50 63.72
C GLY K 357 6.02 2.65 63.67
N GLN K 358 6.61 1.99 62.68
CA GLN K 358 8.04 1.79 62.57
C GLN K 358 8.55 2.55 61.36
N THR K 359 9.82 2.96 61.39
CA THR K 359 10.45 3.51 60.22
C THR K 359 11.55 2.54 59.75
N LEU K 360 11.55 2.26 58.45
CA LEU K 360 12.51 1.37 57.86
C LEU K 360 13.37 2.18 56.88
N LEU K 361 14.60 1.72 56.61
CA LEU K 361 15.38 2.27 55.52
C LEU K 361 15.07 1.49 54.25
N LEU K 362 14.04 1.95 53.58
CA LEU K 362 13.60 1.31 52.37
C LEU K 362 14.72 1.31 51.33
N GLY K 363 15.83 2.00 51.61
CA GLY K 363 16.96 1.95 50.70
C GLY K 363 17.85 3.20 50.79
N GLY K 364 18.73 3.42 49.81
CA GLY K 364 19.59 4.61 49.87
C GLY K 364 20.75 4.52 48.89
N LEU K 365 21.57 5.58 48.78
CA LEU K 365 22.84 5.52 48.08
C LEU K 365 23.80 6.58 48.60
N THR K 366 24.95 6.20 49.15
CA THR K 366 25.94 7.20 49.49
C THR K 366 27.03 7.15 48.43
N ASP K 367 27.64 8.30 48.15
CA ASP K 367 28.61 8.42 47.08
C ASP K 367 29.73 9.37 47.51
N TYR K 368 30.94 9.13 47.01
CA TYR K 368 32.12 9.87 47.40
C TYR K 368 33.10 9.94 46.25
N LYS K 369 33.44 11.15 45.79
CA LYS K 369 34.38 11.33 44.71
C LYS K 369 35.52 12.20 45.20
N ASN K 370 36.75 11.67 45.18
CA ASN K 370 37.92 12.45 45.57
C ASN K 370 38.87 12.55 44.39
N THR K 371 38.53 13.39 43.41
CA THR K 371 39.41 13.62 42.26
C THR K 371 40.57 14.55 42.64
N SER K 372 41.71 14.40 41.96
CA SER K 372 42.93 15.19 42.17
C SER K 372 43.81 15.16 40.93
N GLN K 373 44.32 16.32 40.52
CA GLN K 373 45.05 16.45 39.26
C GLN K 373 46.21 17.43 39.48
N ASP K 374 47.27 17.35 38.66
CA ASP K 374 48.49 18.09 38.94
C ASP K 374 49.45 18.06 37.76
N SER K 375 49.33 19.02 36.84
CA SER K 375 50.34 19.16 35.79
C SER K 375 51.45 20.07 36.28
N GLY K 376 52.71 19.64 36.11
CA GLY K 376 53.84 20.43 36.55
C GLY K 376 55.00 20.41 35.55
N VAL K 377 56.19 20.71 36.08
CA VAL K 377 57.45 20.66 35.34
C VAL K 377 58.38 19.73 36.12
N PRO K 378 58.87 18.63 35.49
CA PRO K 378 59.70 17.65 36.20
C PRO K 378 61.11 18.17 36.51
N GLY K 387 62.52 31.40 30.53
CA GLY K 387 61.79 30.14 30.32
C GLY K 387 60.57 30.03 31.24
N LEU K 388 59.41 29.79 30.62
CA LEU K 388 58.12 29.68 31.28
C LEU K 388 58.08 28.45 32.18
N LEU K 389 57.23 28.50 33.23
CA LEU K 389 57.02 27.36 34.11
C LEU K 389 55.58 27.33 34.57
N PHE K 390 54.63 27.08 33.67
CA PHE K 390 53.25 26.84 34.08
C PHE K 390 53.16 25.60 34.99
N SER K 391 52.29 25.65 36.01
CA SER K 391 52.23 24.61 37.04
C SER K 391 50.89 24.58 37.77
N SER K 392 49.86 24.07 37.11
CA SER K 392 48.51 24.03 37.67
C SER K 392 48.35 22.88 38.65
N ARG K 393 47.19 22.85 39.35
CA ARG K 393 46.78 21.75 40.20
C ARG K 393 45.29 21.87 40.52
N SER K 394 44.49 20.88 40.12
CA SER K 394 43.09 20.83 40.53
C SER K 394 42.91 19.84 41.69
N ASP K 395 41.75 19.92 42.36
CA ASP K 395 41.28 18.96 43.32
C ASP K 395 39.77 19.03 43.40
N SER K 396 39.17 18.08 44.12
CA SER K 396 37.73 17.98 44.29
C SER K 396 37.45 16.94 45.37
N ASN K 397 36.36 17.13 46.11
CA ASN K 397 36.01 16.16 47.14
C ASN K 397 34.50 16.13 47.35
N GLU K 398 33.75 15.72 46.31
CA GLU K 398 32.31 15.53 46.41
C GLU K 398 31.98 14.38 47.36
N GLU K 399 30.95 14.56 48.18
CA GLU K 399 30.38 13.51 49.02
C GLU K 399 28.86 13.68 49.05
N SER K 400 28.10 12.61 48.84
CA SER K 400 26.64 12.71 48.77
C SER K 400 25.98 11.53 49.46
N THR K 401 24.80 11.73 50.04
CA THR K 401 24.12 10.63 50.70
C THR K 401 22.62 10.79 50.58
N LEU K 402 21.95 9.72 50.16
CA LEU K 402 20.51 9.71 49.96
C LEU K 402 19.93 8.64 50.84
N TYR K 403 18.85 8.97 51.54
CA TYR K 403 18.16 7.99 52.33
C TYR K 403 16.69 7.99 51.95
N VAL K 404 16.07 6.82 51.96
CA VAL K 404 14.64 6.76 51.72
C VAL K 404 14.07 5.97 52.89
N LEU K 405 13.26 6.63 53.71
CA LEU K 405 12.68 5.97 54.86
C LEU K 405 11.17 5.82 54.65
N VAL K 406 10.52 4.94 55.42
CA VAL K 406 9.08 4.79 55.26
C VAL K 406 8.46 4.46 56.62
N LYS K 407 7.40 5.18 56.99
CA LYS K 407 6.70 4.92 58.22
C LYS K 407 5.22 4.70 57.91
N ALA K 408 4.73 3.49 58.21
CA ALA K 408 3.32 3.22 58.07
C ALA K 408 2.68 3.14 59.44
N THR K 409 1.43 3.61 59.52
CA THR K 409 0.65 3.68 60.74
C THR K 409 -0.82 3.32 60.47
N ILE K 410 -1.31 2.29 61.14
CA ILE K 410 -2.69 1.86 61.03
C ILE K 410 -3.57 2.83 61.81
N VAL K 411 -4.59 3.38 61.13
CA VAL K 411 -5.45 4.41 61.67
C VAL K 411 -6.58 3.79 62.50
N ARG K 412 -7.21 2.74 61.96
CA ARG K 412 -8.36 2.08 62.56
C ARG K 412 -9.55 3.06 62.63
CA ASP L 108 -21.49 -30.90 50.02
C ASP L 108 -20.25 -30.16 50.48
N ASN L 109 -20.01 -29.00 49.86
CA ASN L 109 -18.86 -28.16 50.18
C ASN L 109 -19.28 -27.11 51.19
N VAL L 110 -18.56 -27.04 52.29
CA VAL L 110 -18.70 -25.91 53.20
C VAL L 110 -17.81 -24.77 52.70
N THR L 111 -18.12 -23.54 53.10
CA THR L 111 -17.28 -22.39 52.79
C THR L 111 -16.88 -21.70 54.09
N GLN L 112 -15.58 -21.73 54.42
CA GLN L 112 -15.10 -21.02 55.59
C GLN L 112 -14.14 -19.89 55.19
N THR L 113 -13.88 -19.00 56.16
CA THR L 113 -12.88 -17.97 56.01
C THR L 113 -11.75 -18.21 57.02
N PHE L 114 -10.52 -18.00 56.56
CA PHE L 114 -9.31 -18.22 57.35
C PHE L 114 -8.55 -16.91 57.37
N LYS L 115 -8.09 -16.48 58.55
CA LYS L 115 -7.29 -15.27 58.68
C LYS L 115 -5.83 -15.62 58.49
N ILE L 116 -5.19 -14.97 57.52
CA ILE L 116 -3.79 -15.17 57.26
C ILE L 116 -3.08 -14.08 58.06
N ASN L 117 -2.03 -14.44 58.81
CA ASN L 117 -1.46 -13.53 59.78
C ASN L 117 -0.13 -12.97 59.32
N ASN L 118 0.71 -13.79 58.67
CA ASN L 118 2.08 -13.41 58.41
C ASN L 118 2.33 -13.05 56.97
N VAL L 119 1.60 -13.64 56.03
CA VAL L 119 1.87 -13.32 54.64
C VAL L 119 0.58 -12.83 54.00
N ARG L 120 0.68 -12.13 52.88
CA ARG L 120 -0.50 -11.66 52.19
C ARG L 120 -1.30 -12.85 51.75
N ALA L 121 -2.62 -12.77 51.85
CA ALA L 121 -3.43 -13.95 51.64
C ALA L 121 -3.49 -14.29 50.17
N LYS L 122 -3.00 -13.40 49.33
CA LYS L 122 -3.13 -13.52 47.89
C LYS L 122 -2.07 -14.47 47.34
N ASP L 123 -0.94 -14.57 48.04
CA ASP L 123 0.18 -15.41 47.67
C ASP L 123 -0.08 -16.86 48.04
N LEU L 124 -1.05 -17.10 48.92
CA LEU L 124 -1.34 -18.42 49.40
C LEU L 124 -2.63 -18.91 48.73
N ILE L 125 -2.83 -18.64 47.43
CA ILE L 125 -4.05 -19.05 46.76
C ILE L 125 -3.77 -20.31 45.96
N ARG L 126 -2.62 -20.33 45.28
CA ARG L 126 -2.22 -21.45 44.46
C ARG L 126 -1.91 -22.65 45.34
N VAL L 127 -1.26 -22.38 46.47
CA VAL L 127 -0.86 -23.39 47.42
C VAL L 127 -2.12 -24.00 48.01
N VAL L 128 -3.14 -23.19 48.24
CA VAL L 128 -4.31 -23.66 48.96
C VAL L 128 -5.27 -24.22 47.93
N GLU L 129 -5.05 -23.84 46.67
CA GLU L 129 -5.82 -24.42 45.60
C GLU L 129 -5.45 -25.89 45.46
N LEU L 130 -4.17 -26.25 45.71
CA LEU L 130 -3.71 -27.63 45.69
C LEU L 130 -4.28 -28.41 46.86
N PHE L 131 -4.26 -27.83 48.05
CA PHE L 131 -4.69 -28.60 49.20
C PHE L 131 -6.15 -29.02 49.01
N VAL L 132 -6.91 -28.19 48.30
CA VAL L 132 -8.33 -28.42 48.25
C VAL L 132 -8.66 -29.15 46.96
N LYS L 133 -7.78 -29.09 45.96
CA LYS L 133 -8.02 -29.76 44.69
C LYS L 133 -8.30 -31.25 44.93
N SER L 134 -9.15 -31.82 44.07
CA SER L 134 -9.51 -33.24 44.10
C SER L 134 -10.09 -33.65 42.74
N SER L 140 -12.24 -21.87 40.44
CA SER L 140 -12.19 -21.00 41.64
C SER L 140 -12.90 -21.67 42.81
N ASN L 141 -12.12 -21.99 43.83
CA ASN L 141 -12.64 -22.57 45.04
C ASN L 141 -11.98 -21.84 46.20
N VAL L 142 -10.88 -21.16 45.90
CA VAL L 142 -10.20 -20.32 46.88
C VAL L 142 -10.21 -18.89 46.36
N LEU L 143 -10.58 -17.95 47.23
CA LEU L 143 -10.58 -16.54 46.92
C LEU L 143 -9.92 -15.79 48.07
N SER L 144 -9.42 -14.58 47.80
CA SER L 144 -8.80 -13.77 48.84
C SER L 144 -9.51 -12.43 48.95
N VAL L 145 -9.96 -12.09 50.16
CA VAL L 145 -10.45 -10.76 50.44
C VAL L 145 -9.24 -9.98 50.95
N ASP L 146 -8.69 -9.08 50.11
CA ASP L 146 -7.38 -8.49 50.34
C ASP L 146 -7.38 -7.49 51.48
N GLY L 147 -8.55 -6.93 51.77
CA GLY L 147 -8.67 -5.88 52.77
C GLY L 147 -8.29 -6.43 54.12
N SER L 148 -8.95 -7.50 54.53
CA SER L 148 -8.77 -8.03 55.87
C SER L 148 -7.95 -9.33 55.87
N ASN L 149 -7.10 -9.53 54.84
CA ASN L 149 -6.24 -10.69 54.67
C ASN L 149 -6.97 -11.96 55.07
N LEU L 150 -7.83 -12.41 54.18
CA LEU L 150 -8.67 -13.54 54.48
C LEU L 150 -8.67 -14.45 53.27
N LEU L 151 -8.77 -15.76 53.51
CA LEU L 151 -8.96 -16.72 52.44
C LEU L 151 -10.31 -17.41 52.60
N VAL L 152 -11.19 -17.22 51.62
CA VAL L 152 -12.45 -17.93 51.61
C VAL L 152 -12.26 -19.17 50.76
N VAL L 153 -12.36 -20.38 51.35
CA VAL L 153 -12.16 -21.65 50.65
C VAL L 153 -13.45 -22.47 50.68
N SER L 154 -13.81 -23.10 49.55
CA SER L 154 -14.95 -24.00 49.50
C SER L 154 -14.46 -25.40 49.15
N ALA L 155 -14.64 -26.37 50.07
CA ALA L 155 -14.16 -27.73 49.91
C ALA L 155 -14.89 -28.62 50.88
N PRO L 156 -14.95 -29.95 50.71
CA PRO L 156 -15.49 -30.84 51.74
C PRO L 156 -15.01 -30.55 53.15
N LYS L 157 -15.85 -30.80 54.15
CA LYS L 157 -15.56 -30.45 55.53
C LYS L 157 -14.26 -31.09 56.02
N ASP L 158 -14.04 -32.36 55.62
CA ASP L 158 -12.87 -33.12 55.98
C ASP L 158 -11.61 -32.37 55.56
N ILE L 159 -11.57 -31.99 54.27
CA ILE L 159 -10.47 -31.22 53.73
C ILE L 159 -10.34 -29.94 54.55
N LEU L 160 -11.47 -29.32 54.87
CA LEU L 160 -11.45 -28.02 55.51
C LEU L 160 -11.17 -28.16 56.99
N ASP L 161 -10.96 -29.39 57.44
CA ASP L 161 -10.64 -29.60 58.85
C ASP L 161 -9.13 -29.63 59.03
N ASN L 162 -8.41 -29.98 57.96
CA ASN L 162 -6.97 -30.09 57.95
C ASN L 162 -6.33 -28.80 57.41
N LEU L 163 -7.12 -27.92 56.80
CA LEU L 163 -6.57 -26.68 56.27
C LEU L 163 -5.93 -25.86 57.38
N PRO L 164 -6.49 -25.75 58.60
CA PRO L 164 -5.75 -25.05 59.66
C PRO L 164 -4.28 -25.45 59.86
N GLN L 165 -3.94 -26.74 59.72
CA GLN L 165 -2.57 -27.18 59.97
C GLN L 165 -1.69 -27.10 58.73
N PHE L 166 -2.27 -26.84 57.57
CA PHE L 166 -1.45 -26.58 56.39
C PHE L 166 -1.08 -25.10 56.38
N LEU L 167 -1.96 -24.27 56.94
CA LEU L 167 -1.70 -22.85 56.86
C LEU L 167 -0.80 -22.46 58.02
N SER L 168 -0.23 -23.44 58.69
CA SER L 168 0.72 -23.13 59.74
C SER L 168 2.10 -23.58 59.28
N THR L 169 2.16 -24.08 58.05
CA THR L 169 3.40 -24.52 57.44
C THR L 169 3.65 -23.75 56.15
N VAL L 170 2.77 -22.83 55.82
CA VAL L 170 2.85 -22.16 54.55
C VAL L 170 2.69 -20.66 54.77
N ASP L 171 2.18 -20.30 55.94
CA ASP L 171 1.93 -18.91 56.25
C ASP L 171 2.85 -18.52 57.38
N LEU L 172 4.13 -18.39 57.04
CA LEU L 172 5.16 -18.20 58.05
C LEU L 172 5.68 -16.77 57.94
N PRO L 173 6.34 -16.23 58.98
CA PRO L 173 6.94 -14.90 58.92
C PRO L 173 8.14 -14.81 57.97
N THR L 174 7.97 -14.10 56.87
CA THR L 174 9.02 -13.93 55.87
C THR L 174 10.09 -13.02 56.45
N ASP L 175 11.32 -13.19 55.96
CA ASP L 175 12.45 -12.39 56.36
C ASP L 175 12.66 -11.26 55.34
N GLN L 176 13.23 -10.17 55.84
CA GLN L 176 13.63 -9.06 55.00
C GLN L 176 15.14 -9.04 54.93
N ILE L 177 15.67 -8.65 53.78
CA ILE L 177 17.09 -8.71 53.53
C ILE L 177 17.56 -7.31 53.18
N LEU L 178 18.76 -6.96 53.66
CA LEU L 178 19.34 -5.67 53.35
C LEU L 178 20.60 -5.89 52.52
N ILE L 179 20.46 -5.73 51.21
CA ILE L 179 21.57 -5.83 50.29
C ILE L 179 22.26 -4.48 50.30
N GLU L 180 23.59 -4.48 50.26
CA GLU L 180 24.35 -3.25 50.33
C GLU L 180 25.49 -3.38 49.32
N GLY L 181 25.27 -2.83 48.12
CA GLY L 181 26.30 -2.84 47.09
C GLY L 181 27.43 -1.88 47.44
N LEU L 182 28.62 -2.13 46.88
CA LEU L 182 29.76 -1.25 47.04
C LEU L 182 30.59 -1.25 45.76
N ILE L 183 30.62 -0.11 45.06
CA ILE L 183 31.45 0.06 43.88
C ILE L 183 32.64 0.95 44.26
N PHE L 184 33.86 0.62 43.82
CA PHE L 184 35.06 1.34 44.22
C PHE L 184 36.07 1.43 43.07
N GLU L 185 36.32 2.64 42.55
CA GLU L 185 37.23 2.76 41.42
C GLU L 185 38.35 3.72 41.78
N VAL L 186 39.58 3.22 41.90
CA VAL L 186 40.75 4.08 42.06
C VAL L 186 41.46 4.19 40.72
N GLN L 187 41.64 5.38 40.16
CA GLN L 187 42.48 5.55 38.98
C GLN L 187 43.67 6.46 39.24
N GLN L 188 44.89 5.92 39.22
CA GLN L 188 46.09 6.73 39.20
C GLN L 188 46.39 7.12 37.75
N GLY L 189 47.60 7.63 37.47
CA GLY L 189 47.95 8.14 36.15
C GLY L 189 49.10 9.15 36.21
N ASP L 190 49.97 9.14 35.18
CA ASP L 190 51.10 10.03 35.02
C ASP L 190 51.42 10.19 33.54
N ALA L 191 52.43 10.98 33.21
CA ALA L 191 52.81 11.29 31.85
C ALA L 191 54.09 12.14 31.86
N LEU L 192 54.83 12.16 30.74
CA LEU L 192 56.05 12.95 30.66
C LEU L 192 56.43 13.27 29.22
N ASP L 193 55.67 14.13 28.54
CA ASP L 193 56.14 14.64 27.25
C ASP L 193 57.42 15.46 27.48
N PHE L 194 58.38 15.38 26.54
CA PHE L 194 59.70 15.98 26.72
C PHE L 194 60.40 16.22 25.39
N SER L 195 60.17 17.37 24.76
CA SER L 195 60.86 17.76 23.52
C SER L 195 62.26 18.30 23.83
N PHE L 196 63.14 18.31 22.82
CA PHE L 196 64.49 18.82 22.93
C PHE L 196 64.94 19.30 21.56
N ALA L 197 64.07 20.07 20.90
CA ALA L 197 64.45 20.73 19.67
C ALA L 197 65.77 21.46 19.86
N ALA L 198 66.68 21.34 18.88
CA ALA L 198 68.02 21.91 18.98
C ALA L 198 68.33 22.82 17.77
N LEU L 235 67.56 26.28 21.14
CA LEU L 235 67.41 25.06 21.98
C LEU L 235 66.15 25.18 22.82
N SER L 236 64.98 24.97 22.20
CA SER L 236 63.72 24.88 22.93
C SER L 236 63.62 23.51 23.59
N VAL L 237 63.18 23.47 24.87
CA VAL L 237 62.97 22.23 25.62
C VAL L 237 61.61 22.27 26.30
N ARG L 238 60.56 21.81 25.62
CA ARG L 238 59.27 21.67 26.28
C ARG L 238 59.32 20.45 27.19
N ALA L 239 58.50 20.48 28.26
CA ALA L 239 58.25 19.32 29.12
C ALA L 239 56.79 19.35 29.59
N LEU L 240 56.45 18.37 30.44
CA LEU L 240 55.15 18.19 31.06
C LEU L 240 55.25 17.02 32.03
N LYS L 241 54.57 17.12 33.16
CA LYS L 241 54.52 15.99 34.08
C LYS L 241 53.15 15.98 34.72
N THR L 242 52.15 15.58 33.94
CA THR L 242 50.79 15.48 34.43
C THR L 242 50.64 14.24 35.30
N ASN L 243 50.30 14.41 36.59
CA ASN L 243 49.72 13.36 37.40
C ASN L 243 48.19 13.47 37.45
N SER L 244 47.54 12.52 38.13
CA SER L 244 46.11 12.43 38.29
C SER L 244 45.75 11.26 39.22
N HIS L 245 44.69 11.45 40.00
CA HIS L 245 44.20 10.47 40.96
C HIS L 245 42.68 10.56 40.97
N SER L 246 42.01 9.51 41.45
CA SER L 246 40.56 9.46 41.47
C SER L 246 40.10 8.33 42.37
N LYS L 247 39.24 8.64 43.34
CA LYS L 247 38.62 7.61 44.16
C LYS L 247 37.11 7.85 44.16
N ILE L 248 36.36 6.91 43.58
CA ILE L 248 34.91 6.92 43.58
C ILE L 248 34.38 5.74 44.41
N LEU L 249 33.69 6.01 45.52
CA LEU L 249 33.06 4.96 46.30
C LEU L 249 31.54 5.15 46.27
N SER L 250 30.82 4.31 45.54
CA SER L 250 29.37 4.38 45.49
C SER L 250 28.78 3.21 46.25
N VAL L 251 27.97 3.46 47.28
CA VAL L 251 27.39 2.43 48.12
C VAL L 251 25.88 2.42 47.98
N PRO L 252 25.28 1.74 46.99
CA PRO L 252 23.84 1.56 46.92
C PRO L 252 23.30 0.60 47.98
N ARG L 253 22.04 0.80 48.42
CA ARG L 253 21.37 -0.05 49.38
C ARG L 253 19.87 -0.20 49.09
N ILE L 254 19.31 -1.36 49.44
CA ILE L 254 17.91 -1.68 49.19
C ILE L 254 17.48 -2.75 50.17
N LEU L 255 16.35 -2.55 50.82
CA LEU L 255 15.74 -3.57 51.66
C LEU L 255 14.59 -4.19 50.88
N THR L 256 14.52 -5.52 50.89
CA THR L 256 13.43 -6.20 50.23
C THR L 256 13.12 -7.48 50.99
N LEU L 257 11.84 -7.84 51.01
CA LEU L 257 11.38 -9.11 51.50
C LEU L 257 11.97 -10.24 50.66
N SER L 258 12.25 -11.36 51.31
CA SER L 258 12.74 -12.55 50.66
C SER L 258 11.76 -12.91 49.58
N GLY L 259 12.25 -13.18 48.40
CA GLY L 259 11.37 -13.69 47.39
C GLY L 259 10.65 -12.59 46.64
N GLN L 260 11.11 -11.37 46.82
CA GLN L 260 10.52 -10.24 46.14
C GLN L 260 11.64 -9.51 45.41
N LYS L 261 11.29 -8.75 44.38
CA LYS L 261 12.28 -8.05 43.62
C LYS L 261 12.35 -6.64 44.16
N GLY L 262 13.57 -6.09 44.24
CA GLY L 262 13.69 -4.72 44.68
C GLY L 262 14.73 -4.03 43.81
N SER L 263 14.53 -2.75 43.52
CA SER L 263 15.53 -2.06 42.75
C SER L 263 15.70 -0.64 43.24
N ILE L 264 16.94 -0.14 43.16
CA ILE L 264 17.23 1.24 43.44
C ILE L 264 17.95 1.81 42.22
N SER L 265 17.53 2.99 41.78
CA SER L 265 18.13 3.60 40.60
C SER L 265 18.27 5.09 40.85
N VAL L 266 19.50 5.59 40.80
CA VAL L 266 19.74 7.00 40.97
C VAL L 266 20.63 7.43 39.81
N GLY L 267 20.16 8.39 39.04
CA GLY L 267 20.96 8.86 37.93
C GLY L 267 20.19 9.82 37.06
N GLN L 268 20.15 9.51 35.78
CA GLN L 268 19.49 10.35 34.81
C GLN L 268 18.72 9.49 33.83
N ASN L 269 17.61 10.00 33.34
CA ASN L 269 16.84 9.25 32.36
C ASN L 269 17.08 9.92 31.03
N VAL L 270 17.74 9.20 30.12
CA VAL L 270 18.26 9.76 28.89
C VAL L 270 17.54 9.11 27.73
N PRO L 271 17.13 9.88 26.71
CA PRO L 271 16.52 9.31 25.53
C PRO L 271 17.55 8.82 24.54
N PHE L 272 17.30 7.64 23.99
CA PHE L 272 18.22 7.05 23.04
C PHE L 272 17.47 6.69 21.77
N ILE L 273 17.97 7.14 20.63
CA ILE L 273 17.38 6.87 19.34
C ILE L 273 17.52 5.40 19.01
N THR L 274 16.49 4.78 18.43
CA THR L 274 16.46 3.34 18.24
C THR L 274 16.20 2.90 16.78
N THR L 290 12.44 7.49 16.07
CA THR L 290 12.05 6.62 17.21
C THR L 290 13.03 6.78 18.39
N VAL L 291 12.49 7.06 19.59
CA VAL L 291 13.29 7.25 20.80
C VAL L 291 12.81 6.28 21.87
N GLU L 292 13.72 5.87 22.76
CA GLU L 292 13.44 4.99 23.88
C GLU L 292 14.25 5.46 25.06
N ARG L 293 13.57 5.74 26.17
CA ARG L 293 14.23 6.38 27.30
C ARG L 293 14.86 5.26 28.10
N GLN L 294 15.82 5.61 28.97
CA GLN L 294 16.64 4.61 29.61
C GLN L 294 17.43 5.24 30.72
N ASN L 295 17.48 4.57 31.87
CA ASN L 295 18.15 5.13 33.03
C ASN L 295 19.64 4.96 32.84
N VAL L 296 20.39 6.01 33.14
CA VAL L 296 21.82 5.94 33.06
C VAL L 296 22.39 6.51 34.34
N GLY L 297 22.81 5.64 35.25
CA GLY L 297 23.42 6.05 36.50
C GLY L 297 23.73 4.80 37.31
N ILE L 298 23.69 4.90 38.65
CA ILE L 298 23.86 3.74 39.51
C ILE L 298 22.50 3.08 39.67
N SER L 299 22.45 1.75 39.48
CA SER L 299 21.26 0.99 39.79
C SER L 299 21.65 -0.37 40.34
N MET L 300 20.79 -0.96 41.17
CA MET L 300 21.01 -2.29 41.68
C MET L 300 19.67 -2.99 41.77
N SER L 301 19.47 -4.03 40.96
CA SER L 301 18.27 -4.81 41.03
C SER L 301 18.60 -6.09 41.76
N VAL L 302 17.76 -6.47 42.70
CA VAL L 302 18.06 -7.66 43.47
C VAL L 302 16.85 -8.57 43.44
N PHE L 303 17.10 -9.87 43.65
CA PHE L 303 16.04 -10.82 43.91
C PHE L 303 16.60 -11.84 44.88
N PRO L 304 16.56 -11.59 46.20
CA PRO L 304 17.10 -12.52 47.18
C PRO L 304 16.11 -13.53 47.72
N VAL L 305 16.62 -14.69 48.14
CA VAL L 305 15.83 -15.73 48.77
C VAL L 305 16.64 -16.25 49.92
N ALA L 306 16.15 -16.06 51.13
CA ALA L 306 16.84 -16.57 52.30
C ALA L 306 16.41 -18.01 52.48
N MET L 307 17.24 -18.81 53.15
CA MET L 307 17.00 -20.24 53.16
C MET L 307 16.83 -20.79 54.57
N ALA L 308 17.92 -20.89 55.32
CA ALA L 308 17.87 -21.61 56.59
C ALA L 308 18.26 -20.69 57.75
N GLY L 319 22.28 -17.93 58.67
CA GLY L 319 21.47 -18.28 57.48
C GLY L 319 22.16 -17.92 56.18
N ASN L 320 21.66 -18.44 55.06
CA ASN L 320 22.24 -18.14 53.77
C ASN L 320 21.25 -17.36 52.91
N ILE L 321 21.75 -16.66 51.89
CA ILE L 321 20.90 -15.95 50.96
C ILE L 321 21.39 -16.26 49.54
N VAL L 322 20.49 -16.71 48.67
CA VAL L 322 20.87 -16.80 47.27
C VAL L 322 20.40 -15.50 46.64
N LEU L 323 21.27 -14.84 45.87
CA LEU L 323 20.99 -13.49 45.42
C LEU L 323 21.29 -13.38 43.92
N ASP L 324 20.25 -13.16 43.12
CA ASP L 324 20.43 -12.75 41.75
C ASP L 324 20.62 -11.24 41.75
N ILE L 325 21.72 -10.73 41.18
CA ILE L 325 22.04 -9.32 41.36
C ILE L 325 22.54 -8.71 40.06
N THR L 326 22.06 -7.51 39.74
CA THR L 326 22.64 -6.72 38.68
C THR L 326 23.03 -5.35 39.22
N ILE L 327 24.31 -5.01 39.27
CA ILE L 327 24.74 -3.68 39.66
C ILE L 327 25.24 -2.97 38.42
N LYS L 328 24.66 -1.83 38.05
CA LYS L 328 25.13 -1.04 36.91
C LYS L 328 25.56 0.35 37.38
N ALA L 329 26.77 0.79 37.04
CA ALA L 329 27.21 2.14 37.31
C ALA L 329 27.58 2.83 36.01
N ASP L 330 26.69 3.67 35.48
CA ASP L 330 26.88 4.30 34.18
C ASP L 330 26.83 5.81 34.27
N SER L 331 27.30 6.50 33.22
CA SER L 331 27.36 7.94 33.13
C SER L 331 27.35 8.33 31.66
N LEU L 332 27.16 9.61 31.35
CA LEU L 332 27.10 10.06 29.97
C LEU L 332 28.46 10.57 29.57
N SER L 333 28.80 10.40 28.29
CA SER L 333 30.07 10.83 27.75
C SER L 333 29.85 12.10 26.94
N SER L 334 30.92 12.89 26.79
CA SER L 334 30.84 14.11 26.02
C SER L 334 31.20 13.86 24.56
N SER L 335 31.51 12.60 24.22
CA SER L 335 31.94 12.22 22.89
C SER L 335 30.79 12.36 21.91
N THR L 336 31.10 12.94 20.76
CA THR L 336 30.15 13.10 19.67
C THR L 336 30.69 12.39 18.44
N GLN L 337 31.24 11.18 18.66
CA GLN L 337 31.89 10.44 17.63
C GLN L 337 30.90 9.50 16.96
N ALA L 338 29.63 9.54 17.36
CA ALA L 338 28.70 8.56 16.83
C ALA L 338 27.34 9.18 16.58
N SER L 339 26.41 8.38 16.07
CA SER L 339 25.07 8.81 15.75
C SER L 339 24.42 9.51 16.94
N ASP L 340 24.41 8.86 18.11
CA ASP L 340 23.72 9.36 19.29
C ASP L 340 24.71 9.54 20.44
N VAL L 341 24.27 9.32 21.68
CA VAL L 341 25.04 9.63 22.87
C VAL L 341 25.77 8.36 23.33
N ILE L 342 27.07 8.47 23.62
CA ILE L 342 27.86 7.37 24.16
C ILE L 342 27.76 7.45 25.67
N THR L 343 27.67 6.29 26.32
CA THR L 343 27.53 6.16 27.77
C THR L 343 28.77 5.45 28.28
N ASN L 344 29.21 5.72 29.52
CA ASN L 344 30.32 4.98 30.09
C ASN L 344 29.71 3.90 30.95
N GLN L 345 29.92 2.62 30.63
CA GLN L 345 29.23 1.51 31.27
C GLN L 345 30.14 0.83 32.29
N ARG L 346 29.50 0.24 33.30
CA ARG L 346 30.15 -0.65 34.26
C ARG L 346 29.05 -1.51 34.85
N SER L 347 29.03 -2.82 34.56
CA SER L 347 27.96 -3.68 35.04
C SER L 347 28.46 -5.06 35.46
N ILE L 348 27.85 -5.60 36.52
CA ILE L 348 28.02 -6.98 36.93
C ILE L 348 26.63 -7.58 36.97
N ALA L 349 26.47 -8.80 36.45
CA ALA L 349 25.22 -9.48 36.72
C ALA L 349 25.54 -10.92 37.02
N THR L 350 25.12 -11.39 38.18
CA THR L 350 25.45 -12.72 38.60
C THR L 350 24.40 -13.24 39.57
N THR L 351 24.61 -14.48 40.00
CA THR L 351 23.89 -15.06 41.11
C THR L 351 24.94 -15.62 42.04
N VAL L 352 24.86 -15.28 43.31
CA VAL L 352 25.82 -15.75 44.29
C VAL L 352 25.08 -16.23 45.52
N ASN L 353 25.86 -16.71 46.47
CA ASN L 353 25.36 -17.30 47.68
C ASN L 353 26.12 -16.61 48.80
N LEU L 354 25.39 -15.90 49.66
CA LEU L 354 25.94 -15.05 50.70
C LEU L 354 25.46 -15.62 52.01
N ARG L 355 26.26 -15.50 53.07
CA ARG L 355 25.83 -15.73 54.43
C ARG L 355 25.15 -14.47 54.97
N ASP L 356 24.77 -14.53 56.27
CA ASP L 356 23.84 -13.59 56.86
C ASP L 356 24.49 -12.24 57.07
N GLY L 357 25.82 -12.16 57.05
CA GLY L 357 26.40 -10.84 57.22
C GLY L 357 27.80 -10.76 56.66
N GLN L 358 27.95 -11.20 55.41
CA GLN L 358 29.22 -11.42 54.77
C GLN L 358 29.36 -10.44 53.61
N THR L 359 30.60 -10.10 53.26
CA THR L 359 30.85 -9.33 52.06
C THR L 359 31.59 -10.21 51.07
N LEU L 360 31.13 -10.22 49.82
CA LEU L 360 31.73 -11.01 48.77
C LEU L 360 32.27 -10.05 47.71
N LEU L 361 33.29 -10.47 46.95
CA LEU L 361 33.69 -9.75 45.76
C LEU L 361 32.88 -10.24 44.57
N LEU L 362 31.74 -9.63 44.40
CA LEU L 362 30.85 -9.97 43.33
C LEU L 362 31.54 -9.80 41.98
N GLY L 363 32.73 -9.22 41.97
CA GLY L 363 33.48 -9.11 40.72
C GLY L 363 34.47 -7.95 40.70
N GLY L 364 34.98 -7.55 39.54
CA GLY L 364 35.90 -6.42 39.49
C GLY L 364 36.64 -6.35 38.16
N LEU L 365 37.49 -5.32 37.97
CA LEU L 365 38.44 -5.27 36.87
C LEU L 365 39.62 -4.37 37.20
N THR L 366 40.84 -4.90 37.20
CA THR L 366 41.98 -4.02 37.34
C THR L 366 42.64 -3.88 35.98
N ASP L 367 43.24 -2.72 35.71
CA ASP L 367 43.78 -2.40 34.41
C ASP L 367 45.07 -1.61 34.57
N TYR L 368 46.00 -1.77 33.64
CA TYR L 368 47.31 -1.16 33.72
C TYR L 368 47.84 -0.88 32.32
N LYS L 369 48.11 0.39 32.01
CA LYS L 369 48.64 0.75 30.71
C LYS L 369 49.97 1.46 30.91
N ASN L 370 51.05 0.91 30.36
CA ASN L 370 52.35 1.54 30.44
C ASN L 370 52.85 1.86 29.03
N THR L 371 52.29 2.90 28.41
CA THR L 371 52.74 3.33 27.09
C THR L 371 54.04 4.13 27.19
N SER L 372 54.86 4.08 26.12
CA SER L 372 56.15 4.77 26.03
C SER L 372 56.53 4.96 24.57
N GLN L 373 57.01 6.17 24.22
CA GLN L 373 57.26 6.53 22.83
C GLN L 373 58.51 7.40 22.80
N ASP L 374 59.20 7.48 21.65
CA ASP L 374 60.52 8.11 21.61
C ASP L 374 61.00 8.29 20.17
N SER L 375 60.68 9.42 19.55
CA SER L 375 61.27 9.74 18.26
C SER L 375 62.58 10.49 18.47
N GLY L 376 63.65 10.06 17.79
CA GLY L 376 64.94 10.70 17.93
C GLY L 376 65.69 10.83 16.60
N VAL L 377 67.01 10.98 16.71
CA VAL L 377 67.92 11.06 15.58
C VAL L 377 68.96 9.96 15.78
N PRO L 378 69.11 9.00 14.84
CA PRO L 378 70.01 7.86 15.02
C PRO L 378 71.49 8.27 14.89
N GLY L 387 72.12 22.39 11.31
CA GLY L 387 71.24 21.21 11.15
C GLY L 387 70.40 20.96 12.40
N LEU L 388 69.08 20.89 12.21
CA LEU L 388 68.08 20.69 13.26
C LEU L 388 68.23 19.30 13.87
N LEU L 389 67.80 19.16 15.14
CA LEU L 389 67.78 17.88 15.81
C LEU L 389 66.59 17.80 16.74
N PHE L 390 65.37 17.77 16.21
CA PHE L 390 64.20 17.50 17.05
C PHE L 390 64.30 16.11 17.69
N SER L 391 63.85 15.97 18.95
CA SER L 391 64.05 14.74 19.72
C SER L 391 63.04 14.60 20.86
N SER L 392 61.79 14.28 20.53
CA SER L 392 60.73 14.16 21.52
C SER L 392 60.79 12.84 22.27
N ARG L 393 59.96 12.70 23.31
CA ARG L 393 59.74 11.47 24.04
C ARG L 393 58.48 11.56 24.89
N SER L 394 57.49 10.69 24.63
CA SER L 394 56.32 10.60 25.48
C SER L 394 56.45 9.41 26.43
N ASP L 395 55.60 9.40 27.47
CA ASP L 395 55.40 8.26 28.37
C ASP L 395 54.01 8.38 28.99
N SER L 396 53.60 7.32 29.68
CA SER L 396 52.32 7.22 30.34
C SER L 396 52.32 6.00 31.23
N ASN L 397 51.58 6.06 32.34
CA ASN L 397 51.50 4.92 33.22
C ASN L 397 50.16 4.90 33.95
N GLU L 398 49.07 4.73 33.20
CA GLU L 398 47.74 4.57 33.77
C GLU L 398 47.63 3.26 34.55
N GLU L 399 46.98 3.29 35.70
CA GLU L 399 46.62 2.11 36.49
C GLU L 399 45.23 2.33 37.08
N SER L 400 44.33 1.35 36.97
CA SER L 400 42.96 1.51 37.44
C SER L 400 42.45 0.22 38.10
N THR L 401 41.58 0.34 39.09
CA THR L 401 41.07 -0.85 39.73
C THR L 401 39.63 -0.63 40.20
N LEU L 402 38.75 -1.57 39.87
CA LEU L 402 37.35 -1.49 40.19
C LEU L 402 36.99 -2.70 41.01
N TYR L 403 36.26 -2.48 42.08
CA TYR L 403 35.78 -3.59 42.87
C TYR L 403 34.27 -3.47 43.06
N VAL L 404 33.58 -4.58 43.08
CA VAL L 404 32.16 -4.55 43.35
C VAL L 404 31.95 -5.55 44.48
N LEU L 405 31.54 -5.05 45.64
CA LEU L 405 31.33 -5.91 46.78
C LEU L 405 29.84 -5.96 47.09
N VAL L 406 29.39 -6.95 47.88
CA VAL L 406 27.98 -7.01 48.23
C VAL L 406 27.85 -7.59 49.63
N LYS L 407 27.06 -6.93 50.48
CA LYS L 407 26.79 -7.42 51.82
C LYS L 407 25.29 -7.52 52.03
N ALA L 408 24.81 -8.75 52.26
CA ALA L 408 23.41 -8.94 52.57
C ALA L 408 23.28 -9.29 54.05
N THR L 409 22.19 -8.79 54.66
CA THR L 409 21.88 -8.96 56.07
C THR L 409 20.39 -9.20 56.27
N ILE L 410 20.05 -10.34 56.88
CA ILE L 410 18.68 -10.69 57.20
C ILE L 410 18.23 -9.86 58.40
N VAL L 411 17.11 -9.16 58.24
CA VAL L 411 16.58 -8.24 59.23
C VAL L 411 15.76 -8.98 60.28
N ARG L 412 14.87 -9.88 59.82
CA ARG L 412 13.93 -10.61 60.66
C ARG L 412 12.96 -9.63 61.34
CA ASP M 108 -6.03 -39.86 47.90
C ASP M 108 -4.63 -39.26 48.01
N ASN M 109 -4.50 -38.00 47.56
CA ASN M 109 -3.24 -37.29 47.59
C ASN M 109 -3.18 -36.47 48.86
N VAL M 110 -2.11 -36.64 49.64
CA VAL M 110 -1.81 -35.73 50.72
C VAL M 110 -1.04 -34.53 50.15
N THR M 111 -1.06 -33.40 50.86
CA THR M 111 -0.27 -32.24 50.48
C THR M 111 0.63 -31.85 51.65
N GLN M 112 1.95 -31.99 51.48
CA GLN M 112 2.88 -31.55 52.50
C GLN M 112 3.74 -30.38 52.01
N THR M 113 4.41 -29.71 52.95
CA THR M 113 5.41 -28.72 52.65
C THR M 113 6.78 -29.20 53.13
N PHE M 114 7.80 -28.95 52.30
CA PHE M 114 9.16 -29.36 52.55
C PHE M 114 10.02 -28.11 52.54
N LYS M 115 10.90 -27.95 53.53
CA LYS M 115 11.81 -26.83 53.58
C LYS M 115 13.08 -27.18 52.82
N ILE M 116 13.41 -26.35 51.83
CA ILE M 116 14.61 -26.54 51.05
C ILE M 116 15.66 -25.66 51.73
N ASN M 117 16.85 -26.20 51.98
CA ASN M 117 17.81 -25.53 52.84
C ASN M 117 18.97 -24.93 52.04
N ASN M 118 19.44 -25.62 51.00
CA ASN M 118 20.67 -25.23 50.35
C ASN M 118 20.43 -24.59 49.00
N VAL M 119 19.37 -24.95 48.29
CA VAL M 119 19.18 -24.36 46.98
C VAL M 119 17.81 -23.71 46.94
N ARG M 120 17.59 -22.79 46.02
CA ARG M 120 16.30 -22.15 45.87
C ARG M 120 15.27 -23.21 45.54
N ALA M 121 14.09 -23.10 46.13
CA ALA M 121 13.14 -24.19 46.01
C ALA M 121 12.54 -24.21 44.62
N LYS M 122 12.81 -23.18 43.83
CA LYS M 122 12.17 -23.00 42.54
C LYS M 122 12.87 -23.86 41.48
N ASP M 123 14.16 -24.13 41.70
CA ASP M 123 15.00 -24.92 40.81
C ASP M 123 14.72 -26.40 40.98
N LEU M 124 14.09 -26.78 42.08
CA LEU M 124 13.83 -28.16 42.40
C LEU M 124 12.36 -28.45 42.16
N ILE M 125 11.76 -27.92 41.09
CA ILE M 125 10.35 -28.14 40.85
C ILE M 125 10.21 -29.22 39.78
N ARG M 126 11.04 -29.14 38.74
CA ARG M 126 11.01 -30.08 37.64
C ARG M 126 11.48 -31.44 38.11
N VAL M 127 12.51 -31.44 38.95
CA VAL M 127 13.10 -32.63 39.50
C VAL M 127 12.07 -33.32 40.38
N VAL M 128 11.27 -32.53 41.11
CA VAL M 128 10.39 -33.10 42.10
C VAL M 128 9.08 -33.39 41.39
N GLU M 129 8.89 -32.78 40.23
CA GLU M 129 7.75 -33.11 39.42
C GLU M 129 7.89 -34.52 38.89
N LEU M 130 9.13 -34.96 38.59
CA LEU M 130 9.41 -36.32 38.15
C LEU M 130 9.19 -37.32 39.28
N PHE M 131 9.69 -37.00 40.48
CA PHE M 131 9.61 -37.98 41.54
C PHE M 131 8.14 -38.30 41.82
N VAL M 132 7.27 -37.31 41.59
CA VAL M 132 5.90 -37.49 42.01
C VAL M 132 5.08 -37.92 40.82
N LYS M 133 5.57 -37.67 39.60
CA LYS M 133 4.83 -38.06 38.40
C LYS M 133 4.50 -39.55 38.44
N SER M 134 3.34 -39.92 37.86
CA SER M 134 2.88 -41.30 37.75
C SER M 134 1.83 -41.41 36.64
N SER M 140 0.24 -29.35 37.46
CA SER M 140 0.78 -28.74 38.69
C SER M 140 0.46 -29.62 39.89
N ASN M 141 1.51 -30.16 40.49
CA ASN M 141 1.37 -30.97 41.69
C ASN M 141 2.46 -30.52 42.64
N VAL M 142 3.47 -29.81 42.09
CA VAL M 142 4.51 -29.22 42.90
C VAL M 142 4.48 -27.70 42.69
N LEU M 143 4.52 -26.96 43.79
CA LEU M 143 4.56 -25.52 43.77
C LEU M 143 5.65 -25.04 44.71
N SER M 144 6.15 -23.83 44.51
CA SER M 144 7.18 -23.27 45.38
C SER M 144 6.68 -21.96 45.98
N VAL M 145 6.73 -21.86 47.31
CA VAL M 145 6.51 -20.59 47.99
C VAL M 145 7.90 -19.98 48.16
N ASP M 146 8.21 -18.95 47.36
CA ASP M 146 9.58 -18.47 47.20
C ASP M 146 10.07 -17.72 48.44
N GLY M 147 9.14 -17.19 49.21
CA GLY M 147 9.48 -16.37 50.35
C GLY M 147 10.24 -17.19 51.37
N SER M 148 9.65 -18.30 51.78
CA SER M 148 10.21 -19.10 52.85
C SER M 148 10.85 -20.40 52.33
N ASN M 149 11.27 -20.43 51.05
CA ASN M 149 11.89 -21.54 50.37
C ASN M 149 11.22 -22.84 50.77
N LEU M 150 10.06 -23.07 50.17
CA LEU M 150 9.28 -24.22 50.53
C LEU M 150 8.76 -24.86 49.26
N LEU M 151 8.60 -26.18 49.28
CA LEU M 151 7.95 -26.89 48.21
C LEU M 151 6.69 -27.56 48.72
N VAL M 152 5.54 -27.15 48.17
CA VAL M 152 4.28 -27.80 48.48
C VAL M 152 4.05 -28.84 47.40
N VAL M 153 4.03 -30.14 47.77
CA VAL M 153 3.85 -31.24 46.82
C VAL M 153 2.57 -32.01 47.16
N SER M 154 1.79 -32.38 46.13
CA SER M 154 0.60 -33.22 46.33
C SER M 154 0.80 -34.53 45.58
N ALA M 155 0.85 -35.66 46.33
CA ALA M 155 1.10 -36.96 45.74
C ALA M 155 0.67 -38.01 46.74
N PRO M 156 0.42 -39.28 46.35
CA PRO M 156 0.16 -40.34 47.33
C PRO M 156 1.13 -40.36 48.50
N LYS M 157 0.67 -40.78 49.67
CA LYS M 157 1.46 -40.74 50.90
C LYS M 157 2.77 -41.51 50.76
N ASP M 158 2.69 -42.66 50.09
CA ASP M 158 3.83 -43.53 49.86
C ASP M 158 4.93 -42.75 49.17
N ILE M 159 4.58 -42.11 48.04
CA ILE M 159 5.51 -41.29 47.29
C ILE M 159 6.03 -40.21 48.22
N LEU M 160 5.15 -39.64 49.04
CA LEU M 160 5.53 -38.49 49.85
C LEU M 160 6.29 -38.95 51.08
N ASP M 161 6.51 -40.25 51.20
CA ASP M 161 7.27 -40.75 52.33
C ASP M 161 8.74 -40.87 51.95
N ASN M 162 9.00 -41.02 50.66
CA ASN M 162 10.33 -41.15 50.10
C ASN M 162 10.88 -39.82 49.62
N LEU M 163 10.01 -38.80 49.50
CA LEU M 163 10.48 -37.50 49.05
C LEU M 163 11.54 -36.95 49.98
N PRO M 164 11.46 -37.07 51.32
CA PRO M 164 12.58 -36.64 52.15
C PRO M 164 13.98 -37.12 51.74
N GLN M 165 14.12 -38.36 51.25
CA GLN M 165 15.44 -38.88 50.91
C GLN M 165 15.85 -38.56 49.47
N PHE M 166 14.93 -38.04 48.67
CA PHE M 166 15.31 -37.58 47.36
C PHE M 166 15.80 -36.15 47.47
N LEU M 167 15.27 -35.42 48.45
CA LEU M 167 15.63 -34.02 48.55
C LEU M 167 16.91 -33.92 49.35
N SER M 168 17.57 -35.03 49.59
CA SER M 168 18.85 -34.96 50.26
C SER M 168 19.94 -35.35 49.27
N THR M 169 19.51 -35.59 48.03
CA THR M 169 20.42 -35.95 46.96
C THR M 169 20.29 -34.93 45.82
N VAL M 170 19.44 -33.94 46.00
CA VAL M 170 19.16 -33.03 44.91
C VAL M 170 19.24 -31.60 45.46
N ASP M 171 19.20 -31.47 46.77
CA ASP M 171 19.21 -30.18 47.41
C ASP M 171 20.51 -30.05 48.18
N LEU M 172 21.60 -29.89 47.43
CA LEU M 172 22.93 -29.94 48.02
C LEU M 172 23.51 -28.54 48.00
N PRO M 173 24.55 -28.25 48.81
CA PRO M 173 25.22 -26.96 48.78
C PRO M 173 26.02 -26.71 47.51
N THR M 174 25.55 -25.78 46.69
CA THR M 174 26.21 -25.44 45.43
C THR M 174 27.50 -24.71 45.73
N ASP M 175 28.46 -24.82 44.81
CA ASP M 175 29.74 -24.14 44.92
C ASP M 175 29.71 -22.84 44.12
N GLN M 176 30.51 -21.89 44.57
CA GLN M 176 30.71 -20.66 43.86
C GLN M 176 32.11 -20.66 43.27
N ILE M 177 32.24 -20.06 42.09
CA ILE M 177 33.47 -20.12 41.34
C ILE M 177 33.94 -18.68 41.11
N LEU M 178 35.25 -18.48 41.17
CA LEU M 178 35.82 -17.19 40.92
C LEU M 178 36.69 -17.27 39.68
N ILE M 179 36.13 -16.84 38.55
CA ILE M 179 36.84 -16.79 37.29
C ILE M 179 37.62 -15.49 37.29
N GLU M 180 38.84 -15.52 36.77
CA GLU M 180 39.71 -14.37 36.78
C GLU M 180 40.41 -14.31 35.43
N GLY M 181 39.86 -13.52 34.51
CA GLY M 181 40.45 -13.34 33.20
C GLY M 181 41.72 -12.52 33.29
N LEU M 182 42.62 -12.68 32.30
CA LEU M 182 43.83 -11.88 32.20
C LEU M 182 44.17 -11.64 30.73
N ILE M 183 44.07 -10.40 30.28
CA ILE M 183 44.46 -10.01 28.94
C ILE M 183 45.78 -9.25 29.04
N PHE M 184 46.74 -9.53 28.14
CA PHE M 184 48.08 -8.94 28.20
C PHE M 184 48.63 -8.65 26.81
N GLU M 185 48.81 -7.37 26.45
CA GLU M 185 49.29 -7.05 25.12
C GLU M 185 50.57 -6.21 25.23
N VAL M 186 51.70 -6.77 24.83
CA VAL M 186 52.92 -5.99 24.69
C VAL M 186 53.14 -5.64 23.23
N GLN M 187 53.24 -4.36 22.88
CA GLN M 187 53.63 -3.98 21.52
C GLN M 187 54.93 -3.18 21.50
N GLN M 188 55.99 -3.75 20.95
CA GLN M 188 57.21 -2.99 20.64
C GLN M 188 57.03 -2.31 19.28
N GLY M 189 58.10 -1.79 18.68
CA GLY M 189 58.03 -1.03 17.44
C GLY M 189 59.23 -0.09 17.26
N ASP M 190 59.68 0.06 16.01
CA ASP M 190 60.77 0.95 15.61
C ASP M 190 60.56 1.40 14.16
N ALA M 191 61.49 2.20 13.65
CA ALA M 191 61.41 2.76 12.30
C ALA M 191 62.70 3.54 12.02
N LEU M 192 63.01 3.77 10.73
CA LEU M 192 64.21 4.54 10.37
C LEU M 192 64.09 5.13 8.97
N ASP M 193 63.24 6.13 8.78
CA ASP M 193 63.28 6.90 7.53
C ASP M 193 64.63 7.61 7.43
N PHE M 194 65.21 7.69 6.21
CA PHE M 194 66.55 8.19 6.01
C PHE M 194 66.79 8.68 4.59
N SER M 195 66.46 9.95 4.29
CA SER M 195 66.73 10.56 3.00
C SER M 195 68.19 10.98 2.87
N PHE M 196 68.66 11.17 1.63
CA PHE M 196 70.02 11.61 1.34
C PHE M 196 70.01 12.34 0.01
N ALA M 197 69.05 13.26 -0.13
CA ALA M 197 69.05 14.15 -1.27
C ALA M 197 70.43 14.79 -1.45
N ALA M 198 70.93 14.84 -2.69
CA ALA M 198 72.27 15.33 -2.98
C ALA M 198 72.24 16.46 -4.02
N LEU M 235 73.05 19.16 -0.02
CA LEU M 235 73.07 17.80 0.58
C LEU M 235 72.19 17.78 1.83
N SER M 236 70.86 17.76 1.63
CA SER M 236 69.93 17.55 2.73
C SER M 236 69.93 16.07 3.12
N VAL M 237 69.96 15.79 4.44
CA VAL M 237 69.89 14.43 4.98
C VAL M 237 68.86 14.36 6.10
N ARG M 238 67.59 14.10 5.76
CA ARG M 238 66.60 13.87 6.80
C ARG M 238 66.83 12.48 7.40
N ALA M 239 66.43 12.31 8.66
CA ALA M 239 66.38 11.01 9.33
C ALA M 239 65.18 10.98 10.28
N LEU M 240 65.05 9.86 11.01
CA LEU M 240 64.03 9.60 12.02
C LEU M 240 64.34 8.25 12.64
N LYS M 241 64.11 8.13 13.94
CA LYS M 241 64.26 6.85 14.60
C LYS M 241 63.20 6.75 15.68
N THR M 242 61.95 6.57 15.24
CA THR M 242 60.83 6.41 16.16
C THR M 242 60.85 5.01 16.79
N ASN M 243 61.01 4.93 18.12
CA ASN M 243 60.64 3.75 18.89
C ASN M 243 59.25 3.91 19.50
N SER M 244 58.79 2.85 20.19
CA SER M 244 57.48 2.77 20.83
C SER M 244 57.35 1.46 21.60
N HIS M 245 56.65 1.52 22.73
CA HIS M 245 56.43 0.39 23.61
C HIS M 245 55.03 0.51 24.19
N SER M 246 54.47 -0.60 24.67
CA SER M 246 53.11 -0.60 25.19
C SER M 246 52.87 -1.88 25.98
N LYS M 247 52.43 -1.76 27.24
CA LYS M 247 52.03 -2.90 28.03
C LYS M 247 50.65 -2.64 28.60
N ILE M 248 49.66 -3.41 28.18
CA ILE M 248 48.30 -3.35 28.70
C ILE M 248 47.97 -4.66 29.43
N LEU M 249 47.72 -4.61 30.74
CA LEU M 249 47.30 -5.78 31.49
C LEU M 249 45.89 -5.52 32.03
N SER M 250 44.89 -6.18 31.46
CA SER M 250 43.52 -6.05 31.93
C SER M 250 43.10 -7.33 32.64
N VAL M 251 42.71 -7.26 33.91
CA VAL M 251 42.38 -8.43 34.71
C VAL M 251 40.90 -8.36 35.12
N PRO M 252 39.95 -8.81 34.30
CA PRO M 252 38.56 -8.92 34.73
C PRO M 252 38.32 -10.06 35.71
N ARG M 253 37.31 -9.93 36.60
CA ARG M 253 36.94 -10.95 37.57
C ARG M 253 35.43 -10.98 37.81
N ILE M 254 34.90 -12.17 38.13
CA ILE M 254 33.49 -12.38 38.33
C ILE M 254 33.30 -13.61 39.20
N LEU M 255 32.49 -13.51 40.24
CA LEU M 255 32.10 -14.66 41.03
C LEU M 255 30.69 -15.07 40.64
N THR M 256 30.49 -16.37 40.42
CA THR M 256 29.18 -16.87 40.08
C THR M 256 29.02 -18.27 40.66
N LEU M 257 27.80 -18.58 41.07
CA LEU M 257 27.40 -19.92 41.45
C LEU M 257 27.54 -20.85 40.26
N SER M 258 27.92 -22.10 40.56
CA SER M 258 28.03 -23.14 39.58
C SER M 258 26.70 -23.24 38.86
N GLY M 259 26.74 -23.27 37.55
CA GLY M 259 25.51 -23.54 36.85
C GLY M 259 24.69 -22.28 36.62
N GLN M 260 25.31 -21.14 36.83
CA GLN M 260 24.64 -19.88 36.62
C GLN M 260 25.51 -19.05 35.70
N LYS M 261 24.92 -18.08 35.02
CA LYS M 261 25.66 -17.27 34.10
C LYS M 261 26.06 -16.00 34.83
N GLY M 262 27.27 -15.53 34.55
CA GLY M 262 27.69 -14.29 35.16
C GLY M 262 28.43 -13.47 34.13
N SER M 263 28.27 -12.15 34.16
CA SER M 263 29.01 -11.34 33.23
C SER M 263 29.48 -10.05 33.86
N ILE M 264 30.66 -9.59 33.45
CA ILE M 264 31.18 -8.31 33.85
C ILE M 264 31.49 -7.52 32.58
N SER M 265 31.07 -6.27 32.54
CA SER M 265 31.28 -5.44 31.36
C SER M 265 31.66 -4.05 31.81
N VAL M 266 32.83 -3.58 31.39
CA VAL M 266 33.27 -2.24 31.73
C VAL M 266 33.74 -1.62 30.43
N GLY M 267 33.13 -0.49 30.07
CA GLY M 267 33.54 0.16 28.85
C GLY M 267 32.62 1.32 28.50
N GLN M 268 32.10 1.26 27.28
CA GLN M 268 31.25 2.31 26.78
C GLN M 268 30.10 1.69 26.01
N ASN M 269 28.93 2.32 26.06
CA ASN M 269 27.81 1.83 25.31
C ASN M 269 27.65 2.75 24.12
N VAL M 270 27.86 2.20 22.91
CA VAL M 270 27.99 3.00 21.72
C VAL M 270 26.85 2.63 20.79
N PRO M 271 26.20 3.60 20.13
CA PRO M 271 25.16 3.31 19.18
C PRO M 271 25.74 3.00 17.81
N PHE M 272 25.19 1.97 17.18
CA PHE M 272 25.67 1.57 15.87
C PHE M 272 24.49 1.50 14.91
N ILE M 273 24.61 2.17 13.77
CA ILE M 273 23.60 2.18 12.74
C ILE M 273 23.46 0.80 12.13
N THR M 274 22.24 0.35 11.85
CA THR M 274 21.99 -1.02 11.41
C THR M 274 21.20 -1.13 10.09
N THR M 290 17.92 3.62 11.62
CA THR M 290 17.87 2.54 12.65
C THR M 290 19.20 2.42 13.41
N VAL M 291 19.14 2.46 14.75
CA VAL M 291 20.31 2.36 15.61
C VAL M 291 20.14 1.21 16.59
N GLU M 292 21.25 0.61 17.00
CA GLU M 292 21.29 -0.48 17.96
C GLU M 292 22.50 -0.28 18.86
N ARG M 293 22.27 -0.21 20.17
CA ARG M 293 23.33 0.14 21.08
C ARG M 293 24.08 -1.13 21.38
N GLN M 294 25.31 -1.00 21.90
CA GLN M 294 26.19 -2.14 22.02
C GLN M 294 27.38 -1.77 22.87
N ASN M 295 27.75 -2.67 23.77
CA ASN M 295 28.84 -2.38 24.69
C ASN M 295 30.15 -2.56 23.96
N VAL M 296 31.06 -1.63 24.15
CA VAL M 296 32.36 -1.72 23.54
C VAL M 296 33.39 -1.45 24.62
N GLY M 297 34.01 -2.49 25.15
CA GLY M 297 35.04 -2.37 26.15
C GLY M 297 35.48 -3.76 26.56
N ILE M 298 35.92 -3.95 27.81
CA ILE M 298 36.25 -5.27 28.32
C ILE M 298 34.97 -5.90 28.84
N SER M 299 34.72 -7.15 28.44
CA SER M 299 33.64 -7.93 29.01
C SER M 299 34.05 -9.39 29.11
N MET M 300 33.46 -10.10 30.08
CA MET M 300 33.72 -11.51 30.23
C MET M 300 32.42 -12.18 30.66
N SER M 301 31.86 -13.02 29.81
CA SER M 301 30.67 -13.77 30.17
C SER M 301 31.11 -15.18 30.49
N VAL M 302 30.61 -15.72 31.59
CA VAL M 302 31.04 -17.04 31.97
C VAL M 302 29.80 -17.89 32.20
N PHE M 303 29.97 -19.20 32.08
CA PHE M 303 28.98 -20.16 32.52
C PHE M 303 29.71 -21.38 33.03
N PRO M 304 30.17 -21.41 34.30
CA PRO M 304 30.90 -22.53 34.82
C PRO M 304 30.07 -23.60 35.49
N VAL M 305 30.57 -24.84 35.49
CA VAL M 305 29.92 -25.95 36.15
C VAL M 305 31.03 -26.72 36.82
N ALA M 306 31.00 -26.79 38.15
CA ALA M 306 31.99 -27.53 38.87
C ALA M 306 31.52 -28.97 38.93
N MET M 307 32.44 -29.92 39.10
CA MET M 307 32.06 -31.31 38.92
C MET M 307 32.33 -32.13 40.18
N ALA M 308 33.61 -32.43 40.46
CA ALA M 308 33.92 -33.39 41.51
C ALA M 308 34.79 -32.72 42.59
N GLY M 319 39.17 -30.37 42.51
CA GLY M 319 37.95 -30.44 41.67
C GLY M 319 38.17 -29.83 40.29
N ASN M 320 37.26 -30.09 39.35
CA ASN M 320 37.39 -29.54 38.01
C ASN M 320 36.25 -28.57 37.72
N ILE M 321 36.44 -27.71 36.73
CA ILE M 321 35.40 -26.79 36.30
C ILE M 321 35.33 -26.82 34.78
N VAL M 322 34.15 -27.05 34.22
CA VAL M 322 34.01 -26.85 32.79
C VAL M 322 33.48 -25.44 32.60
N LEU M 323 34.10 -24.66 31.71
CA LEU M 323 33.83 -23.24 31.63
C LEU M 323 33.60 -22.82 30.19
N ASP M 324 32.38 -22.42 29.86
CA ASP M 324 32.13 -21.73 28.61
C ASP M 324 32.45 -20.27 28.81
N ILE M 325 33.33 -19.69 28.00
CA ILE M 325 33.84 -18.36 28.30
C ILE M 325 33.91 -17.51 27.03
N THR M 326 33.47 -16.25 27.13
CA THR M 326 33.74 -15.28 26.09
C THR M 326 34.43 -14.07 26.71
N ILE M 327 35.69 -13.79 26.36
CA ILE M 327 36.36 -12.57 26.80
C ILE M 327 36.46 -11.64 25.60
N LYS M 328 35.90 -10.44 25.68
CA LYS M 328 36.03 -9.44 24.62
C LYS M 328 36.73 -8.20 25.15
N ALA M 329 37.81 -7.74 24.48
CA ALA M 329 38.45 -6.49 24.83
C ALA M 329 38.43 -5.55 23.63
N ASP M 330 37.49 -4.59 23.61
CA ASP M 330 37.30 -3.72 22.47
C ASP M 330 37.44 -2.24 22.85
N SER M 331 37.59 -1.38 21.85
CA SER M 331 37.77 0.05 22.00
C SER M 331 37.29 0.73 20.72
N LEU M 332 37.15 2.06 20.75
CA LEU M 332 36.66 2.79 19.60
C LEU M 332 37.85 3.32 18.82
N SER M 333 37.69 3.40 17.50
CA SER M 333 38.74 3.90 16.63
C SER M 333 38.39 5.32 16.19
N SER M 334 39.41 6.08 15.83
CA SER M 334 39.20 7.43 15.36
C SER M 334 39.01 7.48 13.85
N SER M 335 39.04 6.31 13.20
CA SER M 335 38.94 6.20 11.75
C SER M 335 37.55 6.58 11.30
N THR M 336 37.51 7.37 10.23
CA THR M 336 36.27 7.79 9.61
C THR M 336 36.28 7.33 8.16
N GLN M 337 36.73 6.09 7.95
CA GLN M 337 36.91 5.54 6.62
C GLN M 337 35.65 4.79 6.20
N ALA M 338 34.61 4.79 7.03
CA ALA M 338 33.47 3.98 6.71
C ALA M 338 32.17 4.68 7.09
N SER M 339 31.05 4.02 6.80
CA SER M 339 29.73 4.56 7.07
C SER M 339 29.61 5.01 8.52
N ASP M 340 29.94 4.13 9.48
CA ASP M 340 29.75 4.42 10.89
C ASP M 340 31.08 4.32 11.62
N VAL M 341 31.08 3.87 12.88
CA VAL M 341 32.24 3.90 13.74
C VAL M 341 32.95 2.54 13.67
N ILE M 342 34.28 2.54 13.48
CA ILE M 342 35.09 1.33 13.50
C ILE M 342 35.52 1.09 14.94
N THR M 343 35.55 -0.18 15.35
CA THR M 343 35.89 -0.60 16.70
C THR M 343 37.16 -1.43 16.60
N ASN M 344 38.03 -1.44 17.61
CA ASN M 344 39.18 -2.32 17.62
C ASN M 344 38.78 -3.53 18.43
N GLN M 345 38.75 -4.72 17.83
CA GLN M 345 38.20 -5.91 18.45
C GLN M 345 39.31 -6.83 18.93
N ARG M 346 39.02 -7.58 19.98
CA ARG M 346 39.86 -8.67 20.46
C ARG M 346 38.93 -9.60 21.24
N SER M 347 38.68 -10.82 20.74
CA SER M 347 37.77 -11.73 21.40
C SER M 347 38.24 -13.18 21.37
N ILE M 348 37.98 -13.91 22.45
CA ILE M 348 38.13 -15.35 22.51
C ILE M 348 36.77 -15.90 22.94
N ALA M 349 36.31 -16.97 22.30
CA ALA M 349 35.18 -17.66 22.88
C ALA M 349 35.44 -19.14 22.78
N THR M 350 35.39 -19.83 23.90
CA THR M 350 35.72 -21.23 23.92
C THR M 350 35.02 -21.90 25.09
N THR M 351 35.25 -23.21 25.20
CA THR M 351 34.90 -23.98 26.36
C THR M 351 36.14 -24.75 26.74
N VAL M 352 36.54 -24.67 28.00
CA VAL M 352 37.71 -25.37 28.47
C VAL M 352 37.41 -26.07 29.77
N ASN M 353 38.40 -26.76 30.28
CA ASN M 353 38.29 -27.56 31.47
C ASN M 353 39.45 -27.14 32.34
N LEU M 354 39.13 -26.61 33.51
CA LEU M 354 40.09 -26.00 34.43
C LEU M 354 40.04 -26.81 35.71
N ARG M 355 41.17 -26.94 36.40
CA ARG M 355 41.22 -27.44 37.76
C ARG M 355 40.89 -26.30 38.74
N ASP M 356 40.98 -26.61 40.03
CA ASP M 356 40.41 -25.80 41.09
C ASP M 356 41.24 -24.54 41.30
N GLY M 357 42.49 -24.50 40.81
CA GLY M 357 43.22 -23.26 41.00
C GLY M 357 44.34 -23.10 39.99
N GLN M 358 43.99 -23.29 38.72
CA GLN M 358 44.94 -23.41 37.64
C GLN M 358 44.77 -22.23 36.70
N THR M 359 45.85 -21.87 36.00
CA THR M 359 45.75 -20.87 34.96
C THR M 359 46.01 -21.55 33.62
N LEU M 360 45.14 -21.28 32.64
CA LEU M 360 45.25 -21.84 31.32
C LEU M 360 45.50 -20.71 30.33
N LEU M 361 46.14 -21.00 29.19
CA LEU M 361 46.19 -20.05 28.09
C LEU M 361 44.98 -20.26 27.21
N LEU M 362 43.92 -19.59 27.57
CA LEU M 362 42.68 -19.69 26.84
C LEU M 362 42.88 -19.27 25.39
N GLY M 363 44.05 -18.73 25.06
CA GLY M 363 44.32 -18.37 23.68
C GLY M 363 45.36 -17.27 23.53
N GLY M 364 45.47 -16.64 22.36
CA GLY M 364 46.44 -15.58 22.18
C GLY M 364 46.68 -15.25 20.71
N LEU M 365 47.52 -14.24 20.41
CA LEU M 365 48.03 -13.99 19.06
C LEU M 365 49.33 -13.21 19.10
N THR M 366 50.43 -13.77 18.58
CA THR M 366 51.63 -12.97 18.46
C THR M 366 51.78 -12.59 17.01
N ASP M 367 52.37 -11.42 16.76
CA ASP M 367 52.45 -10.85 15.43
C ASP M 367 53.79 -10.14 15.25
N TYR M 368 54.32 -10.15 14.03
CA TYR M 368 55.64 -9.61 13.75
C TYR M 368 55.67 -9.06 12.32
N LYS M 369 55.94 -7.77 12.17
CA LYS M 369 56.05 -7.15 10.85
C LYS M 369 57.42 -6.54 10.69
N ASN M 370 58.19 -7.02 9.71
CA ASN M 370 59.51 -6.45 9.43
C ASN M 370 59.52 -5.86 8.04
N THR M 371 58.88 -4.71 7.83
CA THR M 371 58.89 -4.03 6.55
C THR M 371 60.22 -3.30 6.32
N SER M 372 60.62 -3.16 5.05
CA SER M 372 61.86 -2.52 4.62
C SER M 372 61.75 -2.03 3.17
N GLN M 373 62.16 -0.79 2.90
CA GLN M 373 61.97 -0.16 1.62
C GLN M 373 63.22 0.66 1.29
N ASP M 374 63.48 0.94 0.00
CA ASP M 374 64.76 1.53 -0.39
C ASP M 374 64.73 1.98 -1.84
N SER M 375 64.33 3.23 -2.10
CA SER M 375 64.47 3.79 -3.44
C SER M 375 65.84 4.44 -3.58
N GLY M 376 66.55 4.13 -4.66
CA GLY M 376 67.88 4.67 -4.88
C GLY M 376 68.13 5.06 -6.33
N VAL M 377 69.42 5.14 -6.67
CA VAL M 377 69.90 5.42 -8.02
C VAL M 377 70.83 4.27 -8.40
N PRO M 378 70.53 3.52 -9.50
CA PRO M 378 71.33 2.35 -9.86
C PRO M 378 72.71 2.71 -10.44
N GLY M 387 73.50 17.24 -11.39
CA GLY M 387 72.51 16.15 -11.43
C GLY M 387 72.14 15.68 -10.02
N LEU M 388 70.82 15.68 -9.74
CA LEU M 388 70.23 15.31 -8.47
C LEU M 388 70.44 13.82 -8.21
N LEU M 389 70.47 13.42 -6.92
CA LEU M 389 70.55 12.03 -6.52
C LEU M 389 69.75 11.81 -5.26
N PHE M 390 68.42 11.92 -5.30
CA PHE M 390 67.59 11.52 -4.17
C PHE M 390 67.76 10.04 -3.88
N SER M 391 67.76 9.65 -2.58
CA SER M 391 68.08 8.29 -2.18
C SER M 391 67.52 7.95 -0.79
N SER M 392 66.20 7.74 -0.71
CA SER M 392 65.54 7.46 0.55
C SER M 392 65.72 6.01 0.97
N ARG M 393 65.28 5.69 2.20
CA ARG M 393 65.20 4.33 2.73
C ARG M 393 64.33 4.30 3.96
N SER M 394 63.22 3.54 3.93
CA SER M 394 62.41 3.31 5.12
C SER M 394 62.74 1.94 5.73
N ASP M 395 62.31 1.74 6.98
CA ASP M 395 62.32 0.46 7.66
C ASP M 395 61.25 0.48 8.74
N SER M 396 61.00 -0.69 9.33
CA SER M 396 60.01 -0.87 10.37
C SER M 396 60.20 -2.26 10.97
N ASN M 397 59.89 -2.40 12.27
CA ASN M 397 60.01 -3.70 12.89
C ASN M 397 59.00 -3.83 14.04
N GLU M 398 57.71 -3.80 13.71
CA GLU M 398 56.64 -4.02 14.67
C GLU M 398 56.67 -5.46 15.19
N GLU M 399 56.46 -5.64 16.49
CA GLU M 399 56.28 -6.95 17.12
C GLU M 399 55.21 -6.82 18.20
N SER M 400 54.23 -7.72 18.24
CA SER M 400 53.14 -7.63 19.20
C SER M 400 52.77 -9.00 19.75
N THR M 401 52.31 -9.07 21.00
CA THR M 401 51.93 -10.35 21.55
C THR M 401 50.77 -10.18 22.53
N LEU M 402 49.73 -10.99 22.37
CA LEU M 402 48.54 -10.94 23.19
C LEU M 402 48.36 -12.29 23.84
N TYR M 403 48.07 -12.28 25.13
CA TYR M 403 47.79 -13.51 25.82
C TYR M 403 46.47 -13.38 26.55
N VAL M 404 45.70 -14.45 26.61
CA VAL M 404 44.48 -14.43 27.37
C VAL M 404 44.55 -15.62 28.30
N LEU M 405 44.62 -15.37 29.60
CA LEU M 405 44.73 -16.44 30.57
C LEU M 405 43.44 -16.51 31.38
N VAL M 406 43.19 -17.62 32.08
CA VAL M 406 41.99 -17.71 32.89
C VAL M 406 42.28 -18.57 34.12
N LYS M 407 41.89 -18.07 35.29
CA LYS M 407 42.07 -18.81 36.53
C LYS M 407 40.73 -18.92 37.24
N ALA M 408 40.23 -20.14 37.40
CA ALA M 408 39.01 -20.35 38.15
C ALA M 408 39.36 -20.99 39.50
N THR M 409 38.60 -20.59 40.54
CA THR M 409 38.79 -21.03 41.91
C THR M 409 37.45 -21.26 42.58
N ILE M 410 37.22 -22.50 43.06
CA ILE M 410 36.01 -22.86 43.77
C ILE M 410 36.09 -22.28 45.18
N VAL M 411 35.07 -21.52 45.57
CA VAL M 411 35.01 -20.81 46.83
C VAL M 411 34.53 -21.73 47.95
N ARG M 412 33.45 -22.48 47.68
CA ARG M 412 32.79 -23.34 48.65
C ARG M 412 32.21 -22.50 49.80
CA ASP N 108 6.74 -48.67 38.82
C ASP N 108 8.15 -48.15 38.51
N ASN N 109 8.24 -46.84 38.28
CA ASN N 109 9.50 -46.19 37.99
C ASN N 109 10.09 -45.64 39.28
N VAL N 110 11.33 -46.00 39.57
CA VAL N 110 12.07 -45.34 40.63
C VAL N 110 12.71 -44.08 40.04
N THR N 111 13.05 -43.11 40.90
CA THR N 111 13.79 -41.93 40.48
C THR N 111 15.07 -41.83 41.30
N GLN N 112 16.23 -41.97 40.65
CA GLN N 112 17.49 -41.78 41.34
C GLN N 112 18.25 -40.56 40.79
N THR N 113 19.27 -40.13 41.53
CA THR N 113 20.20 -39.12 41.08
C THR N 113 21.59 -39.74 40.94
N PHE N 114 22.28 -39.36 39.87
CA PHE N 114 23.60 -39.84 39.53
C PHE N 114 24.53 -38.65 39.44
N LYS N 115 25.71 -38.73 40.06
CA LYS N 115 26.68 -37.67 39.99
C LYS N 115 27.57 -37.90 38.77
N ILE N 116 27.63 -36.89 37.90
CA ILE N 116 28.47 -36.97 36.73
C ILE N 116 29.77 -36.29 37.13
N ASN N 117 30.91 -36.92 36.84
CA ASN N 117 32.18 -36.46 37.39
C ASN N 117 33.04 -35.74 36.36
N ASN N 118 33.04 -36.21 35.11
CA ASN N 118 34.01 -35.75 34.14
C ASN N 118 33.39 -34.82 33.11
N VAL N 119 32.12 -35.00 32.78
CA VAL N 119 31.55 -34.14 31.75
C VAL N 119 30.33 -33.45 32.33
N ARG N 120 29.90 -32.36 31.71
CA ARG N 120 28.72 -31.65 32.17
C ARG N 120 27.53 -32.59 32.04
N ALA N 121 26.63 -32.56 33.01
CA ALA N 121 25.60 -33.57 33.05
C ALA N 121 24.55 -33.29 31.99
N LYS N 122 24.64 -32.12 31.36
CA LYS N 122 23.62 -31.67 30.43
C LYS N 122 23.83 -32.30 29.06
N ASP N 123 25.07 -32.66 28.75
CA ASP N 123 25.47 -33.28 27.50
C ASP N 123 25.11 -34.75 27.48
N LEU N 124 24.87 -35.33 28.65
CA LEU N 124 24.60 -36.74 28.77
C LEU N 124 23.10 -36.92 29.03
N ILE N 125 22.24 -36.17 28.35
CA ILE N 125 20.80 -36.28 28.59
C ILE N 125 20.20 -37.12 27.47
N ARG N 126 20.63 -36.85 26.23
CA ARG N 126 20.12 -37.54 25.06
C ARG N 126 20.59 -38.99 25.08
N VAL N 127 21.83 -39.17 25.49
CA VAL N 127 22.44 -40.49 25.56
C VAL N 127 21.72 -41.30 26.62
N VAL N 128 21.31 -40.65 27.71
CA VAL N 128 20.76 -41.38 28.83
C VAL N 128 19.27 -41.49 28.60
N GLU N 129 18.75 -40.65 27.72
CA GLU N 129 17.37 -40.76 27.33
C GLU N 129 17.17 -42.03 26.53
N LEU N 130 18.18 -42.45 25.74
CA LEU N 130 18.15 -43.70 24.99
C LEU N 130 18.24 -44.89 25.92
N PHE N 131 19.15 -44.85 26.89
CA PHE N 131 19.34 -46.02 27.72
C PHE N 131 18.03 -46.34 28.43
N VAL N 132 17.24 -45.31 28.72
CA VAL N 132 16.10 -45.52 29.57
C VAL N 132 14.87 -45.67 28.69
N LYS N 133 14.92 -45.19 27.44
CA LYS N 133 13.78 -45.30 26.54
C LYS N 133 13.33 -46.75 26.44
N SER N 134 12.02 -46.96 26.25
CA SER N 134 11.41 -48.27 26.07
C SER N 134 10.03 -48.11 25.40
N SER N 140 10.08 -36.44 28.90
CA SER N 140 11.08 -36.11 29.95
C SER N 140 11.10 -37.20 31.00
N ASN N 141 12.22 -37.90 31.07
CA ASN N 141 12.43 -38.92 32.08
C ASN N 141 13.83 -38.71 32.64
N VAL N 142 14.64 -37.95 31.91
CA VAL N 142 15.95 -37.58 32.38
C VAL N 142 16.02 -36.05 32.46
N LEU N 143 16.52 -35.54 33.59
CA LEU N 143 16.69 -34.13 33.81
C LEU N 143 18.08 -33.90 34.39
N SER N 144 18.61 -32.68 34.24
CA SER N 144 19.91 -32.34 34.77
C SER N 144 19.79 -31.18 35.75
N VAL N 145 20.30 -31.35 36.96
CA VAL N 145 20.46 -30.25 37.89
C VAL N 145 21.88 -29.73 37.66
N ASP N 146 22.01 -28.57 37.00
CA ASP N 146 23.28 -28.11 36.46
C ASP N 146 24.24 -27.65 37.55
N GLY N 147 23.69 -27.27 38.69
CA GLY N 147 24.48 -26.70 39.76
C GLY N 147 25.45 -27.74 40.27
N SER N 148 24.93 -28.89 40.65
CA SER N 148 25.74 -29.91 41.29
C SER N 148 26.02 -31.09 40.35
N ASN N 149 25.98 -30.87 39.03
CA ASN N 149 26.21 -31.84 37.98
C ASN N 149 25.59 -33.18 38.35
N LEU N 150 24.27 -33.24 38.18
CA LEU N 150 23.54 -34.41 38.58
C LEU N 150 22.56 -34.75 37.48
N LEU N 151 22.29 -36.05 37.32
CA LEU N 151 21.24 -36.50 36.42
C LEU N 151 20.16 -37.21 37.23
N VAL N 152 18.95 -36.66 37.21
CA VAL N 152 17.82 -37.32 37.83
C VAL N 152 17.11 -38.11 36.74
N VAL N 153 17.08 -39.46 36.84
CA VAL N 153 16.48 -40.32 35.84
C VAL N 153 15.32 -41.12 36.46
N SER N 154 14.19 -41.24 35.75
CA SER N 154 13.07 -42.06 36.18
C SER N 154 12.86 -43.20 35.20
N ALA N 155 13.05 -44.46 35.65
CA ALA N 155 12.94 -45.62 34.79
C ALA N 155 12.78 -46.84 35.68
N PRO N 156 12.28 -47.99 35.18
CA PRO N 156 12.27 -49.21 35.98
C PRO N 156 13.58 -49.51 36.69
N LYS N 157 13.51 -50.15 37.86
CA LYS N 157 14.68 -50.38 38.71
C LYS N 157 15.76 -51.16 37.97
N ASP N 158 15.34 -52.14 37.18
CA ASP N 158 16.24 -52.98 36.41
C ASP N 158 17.11 -52.10 35.50
N ILE N 159 16.46 -51.25 34.72
CA ILE N 159 17.15 -50.31 33.86
C ILE N 159 18.07 -49.47 34.71
N LEU N 160 17.59 -49.04 35.87
CA LEU N 160 18.35 -48.11 36.69
C LEU N 160 19.43 -48.82 37.46
N ASP N 161 19.53 -50.14 37.26
CA ASP N 161 20.58 -50.89 37.93
C ASP N 161 21.82 -50.98 37.04
N ASN N 162 21.59 -50.86 35.73
CA ASN N 162 22.63 -50.92 34.73
C ASN N 162 23.12 -49.53 34.33
N LEU N 163 22.38 -48.48 34.72
CA LEU N 163 22.80 -47.13 34.37
C LEU N 163 24.16 -46.81 34.95
N PRO N 164 24.53 -47.21 36.17
CA PRO N 164 25.90 -47.00 36.62
C PRO N 164 27.02 -47.43 35.66
N GLN N 165 26.86 -48.55 34.94
CA GLN N 165 27.92 -49.02 34.06
C GLN N 165 27.84 -48.44 32.65
N PHE N 166 26.74 -47.74 32.33
CA PHE N 166 26.70 -47.02 31.07
C PHE N 166 27.35 -45.66 31.27
N LEU N 167 27.26 -45.13 32.49
CA LEU N 167 27.77 -43.80 32.70
C LEU N 167 29.26 -43.90 32.99
N SER N 168 29.84 -45.06 32.78
CA SER N 168 31.28 -45.18 32.95
C SER N 168 31.91 -45.39 31.58
N THR N 169 31.07 -45.35 30.55
CA THR N 169 31.49 -45.50 29.17
C THR N 169 31.09 -44.28 28.37
N VAL N 170 30.47 -43.31 29.01
CA VAL N 170 29.92 -42.19 28.29
C VAL N 170 30.32 -40.91 29.02
N ASP N 171 30.77 -41.06 30.26
CA ASP N 171 31.12 -39.91 31.07
C ASP N 171 32.61 -39.99 31.33
N LEU N 172 33.39 -39.72 30.29
CA LEU N 172 34.83 -39.93 30.34
C LEU N 172 35.51 -38.58 30.36
N PRO N 173 36.78 -38.49 30.79
CA PRO N 173 37.55 -37.25 30.77
C PRO N 173 37.87 -36.76 29.35
N THR N 174 37.24 -35.66 28.94
CA THR N 174 37.46 -35.10 27.62
C THR N 174 38.84 -34.47 27.56
N ASP N 175 39.42 -34.43 26.36
CA ASP N 175 40.72 -33.84 26.13
C ASP N 175 40.54 -32.40 25.65
N GLN N 176 41.56 -31.58 25.93
CA GLN N 176 41.62 -30.23 25.43
C GLN N 176 42.71 -30.17 24.38
N ILE N 177 42.49 -29.34 23.36
CA ILE N 177 43.38 -29.28 22.22
C ILE N 177 43.89 -27.85 22.11
N LEU N 178 45.17 -27.72 21.74
CA LEU N 178 45.75 -26.40 21.54
C LEU N 178 46.11 -26.26 20.07
N ILE N 179 45.23 -25.59 19.32
CA ILE N 179 45.47 -25.29 17.92
C ILE N 179 46.34 -24.05 17.87
N GLU N 180 47.30 -24.02 16.96
CA GLU N 180 48.23 -22.92 16.87
C GLU N 180 48.42 -22.61 15.38
N GLY N 181 47.66 -21.62 14.89
CA GLY N 181 47.79 -21.20 13.51
C GLY N 181 49.10 -20.46 13.28
N LEU N 182 49.57 -20.43 12.03
CA LEU N 182 50.75 -19.67 11.64
C LEU N 182 50.58 -19.14 10.22
N ILE N 183 50.47 -17.82 10.07
CA ILE N 183 50.40 -17.18 8.78
C ILE N 183 51.74 -16.50 8.53
N PHE N 184 52.31 -16.62 7.30
CA PHE N 184 53.63 -16.10 7.00
C PHE N 184 53.70 -15.55 5.58
N GLU N 185 53.88 -14.23 5.41
CA GLU N 185 53.90 -13.66 4.09
C GLU N 185 55.20 -12.89 3.87
N VAL N 186 56.08 -13.39 3.00
CA VAL N 186 57.26 -12.65 2.59
C VAL N 186 56.99 -12.02 1.22
N GLN N 187 57.10 -10.68 1.10
CA GLN N 187 57.02 -10.05 -0.21
C GLN N 187 58.31 -9.30 -0.55
N GLN N 188 59.07 -9.78 -1.54
CA GLN N 188 60.17 -9.02 -2.11
C GLN N 188 59.60 -8.07 -3.17
N GLY N 189 60.46 -7.48 -4.01
CA GLY N 189 60.03 -6.47 -4.98
C GLY N 189 61.19 -5.56 -5.40
N ASP N 190 61.20 -5.15 -6.68
CA ASP N 190 62.17 -4.25 -7.27
C ASP N 190 61.53 -3.51 -8.45
N ALA N 191 62.31 -2.64 -9.10
CA ALA N 191 61.83 -1.81 -10.20
C ALA N 191 63.01 -1.04 -10.78
N LEU N 192 62.89 -0.55 -12.03
CA LEU N 192 63.95 0.22 -12.66
C LEU N 192 63.43 1.09 -13.79
N ASP N 193 62.67 2.15 -13.47
CA ASP N 193 62.36 3.14 -14.50
C ASP N 193 63.65 3.83 -14.94
N PHE N 194 63.78 4.13 -16.25
CA PHE N 194 65.02 4.63 -16.81
C PHE N 194 64.80 5.38 -18.12
N SER N 195 64.53 6.70 -18.04
CA SER N 195 64.39 7.57 -19.21
C SER N 195 65.76 7.95 -19.78
N PHE N 196 65.79 8.38 -21.05
CA PHE N 196 67.01 8.82 -21.73
C PHE N 196 66.61 9.81 -22.80
N ALA N 197 65.77 10.77 -22.43
CA ALA N 197 65.46 11.88 -23.31
C ALA N 197 66.75 12.49 -23.84
N ALA N 198 66.79 12.78 -25.15
CA ALA N 198 68.00 13.29 -25.80
C ALA N 198 67.71 14.61 -26.54
N LEU N 235 70.14 16.40 -22.67
CA LEU N 235 70.22 14.95 -22.39
C LEU N 235 69.84 14.69 -20.94
N SER N 236 68.54 14.74 -20.64
CA SER N 236 68.02 14.35 -19.34
C SER N 236 67.98 12.83 -19.24
N VAL N 237 68.43 12.28 -18.10
CA VAL N 237 68.43 10.84 -17.83
C VAL N 237 67.84 10.57 -16.45
N ARG N 238 66.51 10.42 -16.35
CA ARG N 238 65.92 10.01 -15.10
C ARG N 238 66.20 8.53 -14.87
N ALA N 239 66.25 8.11 -13.60
CA ALA N 239 66.29 6.71 -13.20
C ALA N 239 65.51 6.51 -11.91
N LEU N 240 65.51 5.27 -11.41
CA LEU N 240 64.89 4.85 -10.16
C LEU N 240 65.26 3.39 -9.95
N LYS N 241 65.47 3.01 -8.68
CA LYS N 241 65.69 1.62 -8.37
C LYS N 241 65.06 1.33 -7.02
N THR N 242 63.72 1.28 -7.01
CA THR N 242 62.98 0.97 -5.81
C THR N 242 63.08 -0.51 -5.49
N ASN N 243 63.67 -0.87 -4.34
CA ASN N 243 63.47 -2.18 -3.72
C ASN N 243 62.38 -2.10 -2.63
N SER N 244 62.08 -3.27 -2.03
CA SER N 244 61.09 -3.44 -0.99
C SER N 244 61.10 -4.88 -0.47
N HIS N 245 60.84 -5.03 0.83
CA HIS N 245 60.82 -6.31 1.51
C HIS N 245 59.73 -6.26 2.55
N SER N 246 59.25 -7.43 2.99
CA SER N 246 58.17 -7.50 3.97
C SER N 246 58.09 -8.91 4.53
N LYS N 247 58.14 -9.04 5.86
CA LYS N 247 57.88 -10.32 6.51
C LYS N 247 56.83 -10.10 7.58
N ILE N 248 55.66 -10.73 7.41
CA ILE N 248 54.59 -10.73 8.38
C ILE N 248 54.38 -12.16 8.93
N LEU N 249 54.63 -12.36 10.23
CA LEU N 249 54.37 -13.65 10.86
C LEU N 249 53.27 -13.48 11.90
N SER N 250 52.06 -13.96 11.63
CA SER N 250 50.96 -13.91 12.58
C SER N 250 50.70 -15.30 13.14
N VAL N 251 50.79 -15.48 14.46
CA VAL N 251 50.62 -16.78 15.10
C VAL N 251 49.41 -16.75 16.01
N PRO N 252 48.17 -16.99 15.52
CA PRO N 252 47.01 -17.14 16.39
C PRO N 252 47.01 -18.45 17.17
N ARG N 253 46.38 -18.45 18.37
CA ARG N 253 46.27 -19.64 19.20
C ARG N 253 44.94 -19.67 19.96
N ILE N 254 44.44 -20.89 20.22
CA ILE N 254 43.15 -21.09 20.88
C ILE N 254 43.16 -22.47 21.51
N LEU N 255 42.76 -22.56 22.78
CA LEU N 255 42.56 -23.84 23.43
C LEU N 255 41.08 -24.11 23.49
N THR N 256 40.68 -25.34 23.13
CA THR N 256 39.28 -25.71 23.19
C THR N 256 39.19 -27.19 23.53
N LEU N 257 38.17 -27.54 24.29
CA LEU N 257 37.78 -28.91 24.54
C LEU N 257 37.41 -29.59 23.23
N SER N 258 37.72 -30.88 23.15
CA SER N 258 37.38 -31.71 22.02
C SER N 258 35.89 -31.62 21.83
N GLY N 259 35.46 -31.38 20.61
CA GLY N 259 34.04 -31.45 20.35
C GLY N 259 33.33 -30.15 20.67
N GLN N 260 34.11 -29.09 20.85
CA GLN N 260 33.55 -27.79 21.13
C GLN N 260 34.13 -26.82 20.11
N LYS N 261 33.44 -25.71 19.88
CA LYS N 261 33.90 -24.75 18.92
C LYS N 261 34.66 -23.68 19.67
N GLY N 262 35.72 -23.19 19.08
CA GLY N 262 36.45 -22.11 19.71
C GLY N 262 36.87 -21.13 18.64
N SER N 263 36.88 -19.84 18.96
CA SER N 263 37.33 -18.88 17.99
C SER N 263 38.13 -17.77 18.65
N ILE N 264 39.13 -17.27 17.92
CA ILE N 264 39.89 -16.11 18.34
C ILE N 264 39.82 -15.09 17.21
N SER N 265 39.55 -13.84 17.54
CA SER N 265 39.42 -12.80 16.55
C SER N 265 40.06 -11.53 17.07
N VAL N 266 41.07 -11.03 16.36
CA VAL N 266 41.74 -9.81 16.76
C VAL N 266 41.80 -8.95 15.52
N GLY N 267 41.23 -7.75 15.60
CA GLY N 267 41.26 -6.86 14.47
C GLY N 267 40.39 -5.65 14.68
N GLN N 268 39.48 -5.42 13.74
CA GLN N 268 38.62 -4.28 13.78
C GLN N 268 37.22 -4.68 13.36
N ASN N 269 36.22 -4.03 13.94
CA ASN N 269 34.85 -4.33 13.56
C ASN N 269 34.39 -3.18 12.70
N VAL N 270 34.13 -3.47 11.42
CA VAL N 270 33.91 -2.45 10.42
C VAL N 270 32.49 -2.58 9.90
N PRO N 271 31.76 -1.47 9.72
CA PRO N 271 30.43 -1.53 9.16
C PRO N 271 30.47 -1.56 7.65
N PHE N 272 29.62 -2.42 7.08
CA PHE N 272 29.58 -2.56 5.65
C PHE N 272 28.15 -2.40 5.18
N ILE N 273 27.94 -1.52 4.21
CA ILE N 273 26.64 -1.25 3.63
C ILE N 273 26.16 -2.47 2.87
N THR N 274 24.87 -2.82 2.97
CA THR N 274 24.36 -4.06 2.41
C THR N 274 23.16 -3.88 1.46
N THR N 290 21.12 0.56 4.89
CA THR N 290 21.30 -0.71 5.67
C THR N 290 22.79 -1.02 5.86
N VAL N 291 23.20 -1.26 7.12
CA VAL N 291 24.58 -1.55 7.48
C VAL N 291 24.64 -2.88 8.23
N GLU N 292 25.75 -3.60 8.09
CA GLU N 292 26.00 -4.86 8.77
C GLU N 292 27.46 -4.88 9.19
N ARG N 293 27.71 -5.08 10.48
CA ARG N 293 29.05 -4.95 10.99
C ARG N 293 29.73 -6.28 10.77
N GLN N 294 31.06 -6.30 10.83
CA GLN N 294 31.80 -7.48 10.41
C GLN N 294 33.25 -7.34 10.83
N ASN N 295 33.80 -8.41 11.36
CA ASN N 295 35.16 -8.36 11.86
C ASN N 295 36.11 -8.43 10.69
N VAL N 296 37.14 -7.57 10.72
CA VAL N 296 38.13 -7.59 9.69
C VAL N 296 39.50 -7.57 10.35
N GLY N 297 40.14 -8.72 10.42
CA GLY N 297 41.47 -8.84 11.00
C GLY N 297 41.88 -10.30 10.95
N ILE N 298 42.69 -10.75 11.92
CA ILE N 298 43.04 -12.16 12.03
C ILE N 298 41.96 -12.85 12.83
N SER N 299 41.46 -13.98 12.32
CA SER N 299 40.56 -14.82 13.10
C SER N 299 40.83 -16.28 12.79
N MET N 300 40.54 -17.16 13.75
CA MET N 300 40.68 -18.58 13.54
C MET N 300 39.54 -19.28 14.27
N SER N 301 38.64 -19.91 13.54
CA SER N 301 37.58 -20.67 14.16
C SER N 301 37.94 -22.12 14.04
N VAL N 302 37.79 -22.87 15.12
CA VAL N 302 38.19 -24.26 15.07
C VAL N 302 37.05 -25.10 15.58
N PHE N 303 37.03 -26.37 15.17
CA PHE N 303 36.16 -27.35 15.76
C PHE N 303 36.89 -28.68 15.73
N PRO N 304 37.75 -28.98 16.73
CA PRO N 304 38.51 -30.22 16.75
C PRO N 304 37.83 -31.37 17.47
N VAL N 305 38.18 -32.59 17.06
CA VAL N 305 37.68 -33.80 17.69
C VAL N 305 38.88 -34.73 17.77
N ALA N 306 39.29 -35.06 18.98
CA ALA N 306 40.40 -35.97 19.16
C ALA N 306 39.82 -37.38 19.13
N MET N 307 40.66 -38.36 18.80
CA MET N 307 40.10 -39.67 18.51
C MET N 307 40.69 -40.75 19.41
N ALA N 308 41.93 -41.15 19.16
CA ALA N 308 42.48 -42.32 19.83
C ALA N 308 43.73 -41.93 20.63
N GLY N 319 48.00 -39.71 19.43
CA GLY N 319 46.58 -39.57 19.06
C GLY N 319 46.39 -38.71 17.82
N ASN N 320 45.20 -38.73 17.23
CA ASN N 320 44.92 -37.93 16.06
C ASN N 320 43.87 -36.89 16.37
N ILE N 321 43.79 -35.83 15.55
CA ILE N 321 42.77 -34.82 15.71
C ILE N 321 42.17 -34.54 14.33
N VAL N 322 40.86 -34.60 14.21
CA VAL N 322 40.24 -34.12 12.99
C VAL N 322 39.84 -32.68 13.26
N LEU N 323 40.20 -31.75 12.37
CA LEU N 323 40.06 -30.34 12.65
C LEU N 323 39.39 -29.63 11.48
N ASP N 324 38.17 -29.12 11.69
CA ASP N 324 37.58 -28.18 10.76
C ASP N 324 38.12 -26.81 11.10
N ILE N 325 38.72 -26.10 10.14
CA ILE N 325 39.42 -24.88 10.48
C ILE N 325 39.14 -23.79 9.45
N THR N 326 38.90 -22.57 9.92
CA THR N 326 38.89 -21.41 9.05
C THR N 326 39.86 -20.37 9.58
N ILE N 327 40.94 -20.05 8.86
CA ILE N 327 41.85 -18.98 9.26
C ILE N 327 41.64 -17.84 8.29
N LYS N 328 41.27 -16.65 8.78
CA LYS N 328 41.12 -15.46 7.94
C LYS N 328 42.09 -14.37 8.39
N ALA N 329 42.91 -13.83 7.49
CA ALA N 329 43.76 -12.70 7.80
C ALA N 329 43.41 -11.53 6.88
N ASP N 330 42.64 -10.55 7.37
CA ASP N 330 42.15 -9.47 6.55
C ASP N 330 42.58 -8.11 7.13
N SER N 331 42.45 -7.06 6.31
CA SER N 331 42.82 -5.69 6.65
C SER N 331 42.01 -4.75 5.78
N LEU N 332 42.02 -3.46 6.09
CA LEU N 332 41.23 -2.50 5.33
C LEU N 332 42.14 -1.84 4.30
N SER N 333 41.55 -1.49 3.16
CA SER N 333 42.27 -0.85 2.08
C SER N 333 41.93 0.63 2.06
N SER N 334 42.84 1.42 1.49
CA SER N 334 42.63 2.85 1.40
C SER N 334 41.94 3.21 0.08
N SER N 335 41.63 2.19 -0.74
CA SER N 335 41.03 2.39 -2.04
C SER N 335 39.61 2.90 -1.89
N THR N 336 39.28 3.89 -2.71
CA THR N 336 37.96 4.46 -2.76
C THR N 336 37.41 4.31 -4.18
N GLN N 337 37.63 3.13 -4.75
CA GLN N 337 37.29 2.86 -6.14
C GLN N 337 35.90 2.26 -6.21
N ALA N 338 35.22 2.11 -5.08
CA ALA N 338 33.94 1.42 -5.12
C ALA N 338 32.95 2.06 -4.17
N SER N 339 31.73 1.51 -4.14
CA SER N 339 30.66 2.05 -3.33
C SER N 339 31.09 2.21 -1.87
N ASP N 340 31.62 1.12 -1.28
CA ASP N 340 31.97 1.11 0.13
C ASP N 340 33.46 0.82 0.31
N VAL N 341 33.84 0.11 1.37
CA VAL N 341 35.22 -0.07 1.76
C VAL N 341 35.73 -1.40 1.21
N ILE N 342 36.90 -1.40 0.55
CA ILE N 342 37.53 -2.62 0.05
C ILE N 342 38.41 -3.16 1.16
N THR N 343 38.45 -4.49 1.30
CA THR N 343 39.19 -5.18 2.35
C THR N 343 40.24 -6.02 1.65
N ASN N 344 41.41 -6.26 2.27
CA ASN N 344 42.39 -7.14 1.70
C ASN N 344 42.18 -8.50 2.36
N GLN N 345 41.82 -9.53 1.60
CA GLN N 345 41.38 -10.81 2.16
C GLN N 345 42.51 -11.83 2.04
N ARG N 346 42.50 -12.79 2.97
CA ARG N 346 43.34 -13.98 2.91
C ARG N 346 42.65 -15.01 3.78
N SER N 347 42.12 -16.10 3.19
CA SER N 347 41.39 -17.10 3.97
C SER N 347 41.67 -18.51 3.50
N ILE N 348 41.73 -19.45 4.45
CA ILE N 348 41.73 -20.87 4.18
C ILE N 348 40.56 -21.45 4.97
N ALA N 349 39.79 -22.35 4.35
CA ALA N 349 38.86 -23.11 5.15
C ALA N 349 38.91 -24.55 4.71
N THR N 350 39.20 -25.45 5.64
CA THR N 350 39.37 -26.84 5.29
C THR N 350 39.05 -27.72 6.48
N THR N 351 39.15 -29.03 6.25
CA THR N 351 39.16 -30.00 7.31
C THR N 351 40.36 -30.89 7.07
N VAL N 352 41.18 -31.08 8.08
CA VAL N 352 42.36 -31.90 7.96
C VAL N 352 42.45 -32.84 9.14
N ASN N 353 43.49 -33.66 9.12
CA ASN N 353 43.72 -34.68 10.10
C ASN N 353 45.14 -34.49 10.56
N LEU N 354 45.32 -34.20 11.84
CA LEU N 354 46.59 -33.83 12.44
C LEU N 354 46.89 -34.88 13.49
N ARG N 355 48.16 -35.18 13.71
CA ARG N 355 48.62 -35.96 14.86
C ARG N 355 48.77 -35.04 16.07
N ASP N 356 49.27 -35.61 17.17
CA ASP N 356 49.20 -35.02 18.49
C ASP N 356 50.17 -33.85 18.61
N GLY N 357 51.16 -33.76 17.74
CA GLY N 357 52.02 -32.60 17.86
C GLY N 357 52.75 -32.28 16.57
N GLN N 358 51.97 -32.18 15.50
CA GLN N 358 52.47 -32.10 14.14
C GLN N 358 52.12 -30.74 13.56
N THR N 359 52.91 -30.27 12.60
CA THR N 359 52.54 -29.08 11.86
C THR N 359 52.28 -29.48 10.41
N LEU N 360 51.15 -28.99 9.87
CA LEU N 360 50.75 -29.28 8.52
C LEU N 360 50.76 -27.97 7.74
N LEU N 361 50.92 -28.04 6.40
CA LEU N 361 50.69 -26.88 5.56
C LEU N 361 49.22 -26.87 5.14
N LEU N 362 48.42 -26.26 5.99
CA LEU N 362 47.01 -26.15 5.74
C LEU N 362 46.74 -25.45 4.41
N GLY N 363 47.78 -24.89 3.79
CA GLY N 363 47.58 -24.27 2.48
C GLY N 363 48.62 -23.18 2.18
N GLY N 364 48.37 -22.34 1.18
CA GLY N 364 49.33 -21.29 0.86
C GLY N 364 49.10 -20.69 -0.52
N LEU N 365 49.88 -19.65 -0.90
CA LEU N 365 49.91 -19.15 -2.27
C LEU N 365 51.22 -18.44 -2.55
N THR N 366 52.01 -18.92 -3.52
CA THR N 366 53.18 -18.16 -3.92
C THR N 366 52.85 -17.48 -5.24
N ASP N 367 53.44 -16.31 -5.47
CA ASP N 367 53.13 -15.48 -6.62
C ASP N 367 54.40 -14.81 -7.13
N TYR N 368 54.48 -14.57 -8.43
CA TYR N 368 55.66 -14.03 -9.07
C TYR N 368 55.25 -13.20 -10.28
N LYS N 369 55.59 -11.92 -10.30
CA LYS N 369 55.28 -11.05 -11.42
C LYS N 369 56.58 -10.46 -11.95
N ASN N 370 56.90 -10.73 -13.21
CA ASN N 370 58.09 -10.16 -13.83
C ASN N 370 57.67 -9.30 -15.01
N THR N 371 57.14 -8.11 -14.74
CA THR N 371 56.78 -7.18 -15.80
C THR N 371 58.02 -6.47 -16.36
N SER N 372 57.97 -6.08 -17.65
CA SER N 372 59.04 -5.40 -18.37
C SER N 372 58.50 -4.63 -19.56
N GLN N 373 58.94 -3.38 -19.74
CA GLN N 373 58.37 -2.49 -20.74
C GLN N 373 59.51 -1.66 -21.33
N ASP N 374 59.33 -1.12 -22.55
CA ASP N 374 60.45 -0.51 -23.26
C ASP N 374 59.97 0.24 -24.51
N SER N 375 59.63 1.53 -24.36
CA SER N 375 59.35 2.35 -25.53
C SER N 375 60.66 2.97 -26.03
N GLY N 376 60.91 2.86 -27.34
CA GLY N 376 62.13 3.40 -27.92
C GLY N 376 61.90 4.07 -29.27
N VAL N 377 63.00 4.19 -30.02
CA VAL N 377 63.01 4.72 -31.38
C VAL N 377 63.63 3.64 -32.27
N PRO N 378 62.89 3.14 -33.30
CA PRO N 378 63.39 2.04 -34.14
C PRO N 378 64.51 2.48 -35.10
N GLY N 387 66.44 16.86 -33.60
CA GLY N 387 65.39 15.84 -33.48
C GLY N 387 65.47 15.09 -32.15
N LEU N 388 64.34 15.09 -31.42
CA LEU N 388 64.20 14.47 -30.11
C LEU N 388 64.32 12.95 -30.21
N LEU N 389 64.75 12.30 -29.12
CA LEU N 389 64.82 10.86 -29.04
C LEU N 389 64.49 10.40 -27.63
N PHE N 390 63.25 10.57 -27.18
CA PHE N 390 62.82 9.97 -25.93
C PHE N 390 62.93 8.44 -25.99
N SER N 391 63.33 7.80 -24.88
CA SER N 391 63.63 6.37 -24.86
C SER N 391 63.55 5.77 -23.46
N SER N 392 62.33 5.59 -22.95
CA SER N 392 62.12 5.08 -21.60
C SER N 392 62.29 3.56 -21.54
N ARG N 393 62.27 3.00 -20.32
CA ARG N 393 62.24 1.58 -20.06
C ARG N 393 61.85 1.31 -18.62
N SER N 394 60.73 0.62 -18.39
CA SER N 394 60.36 0.17 -17.05
C SER N 394 60.73 -1.30 -16.86
N ASP N 395 60.74 -1.74 -15.59
CA ASP N 395 60.83 -3.13 -15.21
C ASP N 395 60.22 -3.31 -13.83
N SER N 396 60.06 -4.56 -13.41
CA SER N 396 59.48 -4.92 -12.13
C SER N 396 59.71 -6.41 -11.91
N ASN N 397 59.85 -6.81 -10.64
CA ASN N 397 60.05 -8.20 -10.34
C ASN N 397 59.49 -8.54 -8.96
N GLU N 398 58.16 -8.40 -8.79
CA GLU N 398 57.49 -8.79 -7.56
C GLU N 398 57.54 -10.30 -7.37
N GLU N 399 57.77 -10.74 -6.13
CA GLU N 399 57.67 -12.14 -5.73
C GLU N 399 57.07 -12.21 -4.33
N SER N 400 56.09 -13.07 -4.10
CA SER N 400 55.39 -13.14 -2.84
C SER N 400 55.10 -14.57 -2.44
N THR N 401 55.09 -14.87 -1.14
CA THR N 401 54.79 -16.24 -0.73
C THR N 401 54.06 -16.24 0.61
N LEU N 402 52.96 -16.97 0.68
CA LEU N 402 52.13 -17.04 1.87
C LEU N 402 52.05 -18.49 2.29
N TYR N 403 52.22 -18.73 3.59
CA TYR N 403 52.07 -20.06 4.09
C TYR N 403 51.10 -20.04 5.26
N VAL N 404 50.30 -21.08 5.39
CA VAL N 404 49.42 -21.19 6.53
C VAL N 404 49.69 -22.55 7.14
N LEU N 405 50.25 -22.58 8.35
CA LEU N 405 50.57 -23.82 9.01
C LEU N 405 49.63 -24.01 10.20
N VAL N 406 49.54 -25.24 10.73
CA VAL N 406 48.69 -25.47 11.88
C VAL N 406 49.27 -26.57 12.75
N LYS N 407 49.37 -26.31 14.04
CA LYS N 407 49.89 -27.29 14.98
C LYS N 407 48.87 -27.50 16.11
N ALA N 408 48.34 -28.72 16.20
CA ALA N 408 47.45 -29.04 17.29
C ALA N 408 48.16 -29.95 18.28
N THR N 409 47.85 -29.76 19.57
CA THR N 409 48.46 -30.48 20.68
C THR N 409 47.41 -30.79 21.75
N ILE N 410 47.23 -32.09 22.04
CA ILE N 410 46.32 -32.55 23.06
C ILE N 410 46.92 -32.29 24.42
N VAL N 411 46.18 -31.58 25.28
CA VAL N 411 46.63 -31.14 26.59
C VAL N 411 46.47 -32.26 27.61
N ARG N 412 45.30 -32.91 27.61
CA ARG N 412 44.92 -33.93 28.59
C ARG N 412 44.86 -33.32 30.01
CA ASP O 108 14.61 -55.81 24.32
C ASP O 108 15.88 -55.29 23.64
N ASN O 109 16.03 -53.97 23.63
CA ASN O 109 17.18 -53.32 23.02
C ASN O 109 18.21 -53.06 24.10
N VAL O 110 19.44 -53.52 23.86
CA VAL O 110 20.56 -53.11 24.68
C VAL O 110 21.11 -51.78 24.14
N THR O 111 21.81 -51.02 24.99
CA THR O 111 22.47 -49.80 24.55
C THR O 111 23.95 -49.90 24.87
N GLN O 112 24.79 -49.94 23.84
CA GLN O 112 26.23 -49.95 24.04
C GLN O 112 26.87 -48.67 23.48
N THR O 113 28.12 -48.43 23.89
CA THR O 113 28.94 -47.38 23.32
C THR O 113 30.12 -48.00 22.58
N PHE O 114 30.45 -47.42 21.42
CA PHE O 114 31.50 -47.88 20.56
C PHE O 114 32.47 -46.71 20.36
N LYS O 115 33.77 -46.96 20.50
CA LYS O 115 34.77 -45.94 20.27
C LYS O 115 35.16 -45.94 18.79
N ILE O 116 35.01 -44.78 18.15
CA ILE O 116 35.38 -44.64 16.76
C ILE O 116 36.80 -44.10 16.79
N ASN O 117 37.70 -44.68 16.00
CA ASN O 117 39.12 -44.39 16.14
C ASN O 117 39.64 -43.50 15.01
N ASN O 118 39.17 -43.72 13.78
CA ASN O 118 39.79 -43.09 12.63
C ASN O 118 38.95 -41.97 12.06
N VAL O 119 37.63 -42.02 12.18
CA VAL O 119 36.83 -40.95 11.60
C VAL O 119 35.96 -40.35 12.69
N ARG O 120 35.46 -39.14 12.48
CA ARG O 120 34.59 -38.51 13.45
C ARG O 120 33.34 -39.36 13.59
N ALA O 121 32.84 -39.51 14.81
CA ALA O 121 31.78 -40.47 15.03
C ALA O 121 30.48 -39.94 14.47
N LYS O 122 30.46 -38.68 14.08
CA LYS O 122 29.24 -38.00 13.68
C LYS O 122 28.88 -38.35 12.25
N ASP O 123 29.91 -38.68 11.44
CA ASP O 123 29.78 -39.04 10.04
C ASP O 123 29.30 -40.46 9.88
N LEU O 124 29.41 -41.25 10.94
CA LEU O 124 29.05 -42.65 10.89
C LEU O 124 27.73 -42.84 11.63
N ILE O 125 26.77 -41.93 11.46
CA ILE O 125 25.50 -42.05 12.18
C ILE O 125 24.46 -42.60 11.21
N ARG O 126 24.46 -42.10 9.97
CA ARG O 126 23.52 -42.52 8.96
C ARG O 126 23.81 -43.95 8.55
N VAL O 127 25.09 -44.27 8.44
CA VAL O 127 25.54 -45.58 8.05
C VAL O 127 25.15 -46.57 9.13
N VAL O 128 25.21 -46.15 10.39
CA VAL O 128 25.01 -47.08 11.48
C VAL O 128 23.53 -47.09 11.78
N GLU O 129 22.83 -46.06 11.30
CA GLU O 129 21.39 -46.04 11.43
C GLU O 129 20.81 -47.13 10.54
N LEU O 130 21.43 -47.40 9.38
CA LEU O 130 21.02 -48.47 8.47
C LEU O 130 21.31 -49.83 9.09
N PHE O 131 22.49 -50.01 9.66
CA PHE O 131 22.82 -51.33 10.15
C PHE O 131 21.82 -51.74 11.21
N VAL O 132 21.29 -50.77 11.94
CA VAL O 132 20.48 -51.12 13.08
C VAL O 132 19.03 -51.05 12.69
N LYS O 133 18.70 -50.34 11.62
CA LYS O 133 17.31 -50.21 11.18
C LYS O 133 16.70 -51.59 10.98
N SER O 134 15.39 -51.71 11.23
CA SER O 134 14.62 -52.93 11.05
C SER O 134 13.12 -52.60 10.97
N SER O 140 15.58 -41.92 16.27
CA SER O 140 16.91 -41.84 16.92
C SER O 140 17.18 -43.13 17.69
N ASN O 141 18.18 -43.87 17.22
CA ASN O 141 18.61 -45.08 17.87
C ASN O 141 20.13 -45.04 17.93
N VAL O 142 20.72 -44.16 17.11
CA VAL O 142 22.14 -43.94 17.14
C VAL O 142 22.39 -42.47 17.48
N LEU O 143 23.30 -42.22 18.42
CA LEU O 143 23.69 -40.89 18.82
C LEU O 143 25.21 -40.83 18.88
N SER O 144 25.77 -39.63 18.78
CA SER O 144 27.20 -39.45 18.87
C SER O 144 27.55 -38.49 20.00
N VAL O 145 28.42 -38.94 20.91
CA VAL O 145 29.00 -38.06 21.91
C VAL O 145 30.30 -37.55 21.28
N ASP O 146 30.32 -36.28 20.84
CA ASP O 146 31.37 -35.76 19.96
C ASP O 146 32.68 -35.56 20.71
N GLY O 147 32.60 -35.40 22.03
CA GLY O 147 33.76 -35.10 22.83
C GLY O 147 34.74 -36.25 22.76
N SER O 148 34.27 -37.45 23.08
CA SER O 148 35.14 -38.59 23.18
C SER O 148 34.96 -39.57 22.01
N ASN O 149 34.48 -39.06 20.85
CA ASN O 149 34.23 -39.82 19.64
C ASN O 149 33.63 -41.18 19.96
N LEU O 150 32.35 -41.15 20.27
CA LEU O 150 31.69 -42.36 20.68
C LEU O 150 30.36 -42.44 19.97
N LEU O 151 29.91 -43.66 19.68
CA LEU O 151 28.58 -43.88 19.16
C LEU O 151 27.77 -44.72 20.15
N VAL O 152 26.69 -44.13 20.68
CA VAL O 152 25.77 -44.87 21.52
C VAL O 152 24.67 -45.40 20.62
N VAL O 153 24.55 -46.73 20.47
CA VAL O 153 23.54 -47.36 19.63
C VAL O 153 22.59 -48.22 20.47
N SER O 154 21.28 -48.16 20.19
CA SER O 154 20.31 -49.01 20.85
C SER O 154 19.65 -49.93 19.81
N ALA O 155 19.85 -51.24 19.93
CA ALA O 155 19.35 -52.20 18.97
C ALA O 155 19.37 -53.58 19.61
N PRO O 156 18.61 -54.58 19.13
CA PRO O 156 18.75 -55.94 19.65
C PRO O 156 20.19 -56.41 19.80
N LYS O 157 20.45 -57.28 20.77
CA LYS O 157 21.81 -57.73 21.09
C LYS O 157 22.49 -58.36 19.89
N ASP O 158 21.73 -59.15 19.13
CA ASP O 158 22.21 -59.84 17.94
C ASP O 158 22.79 -58.83 16.97
N ILE O 159 22.01 -57.80 16.64
CA ILE O 159 22.45 -56.73 15.77
C ILE O 159 23.69 -56.11 16.37
N LEU O 160 23.69 -55.91 17.69
CA LEU O 160 24.78 -55.20 18.34
C LEU O 160 25.97 -56.10 18.53
N ASP O 161 25.87 -57.34 18.06
CA ASP O 161 27.01 -58.24 18.17
C ASP O 161 27.84 -58.19 16.88
N ASN O 162 27.18 -57.79 15.79
CA ASN O 162 27.80 -57.68 14.49
C ASN O 162 28.26 -56.25 14.20
N LEU O 163 27.81 -55.28 15.01
CA LEU O 163 28.23 -53.91 14.78
C LEU O 163 29.73 -53.76 14.89
N PRO O 164 30.46 -54.42 15.81
CA PRO O 164 31.91 -54.34 15.76
C PRO O 164 32.58 -54.60 14.41
N GLN O 165 32.07 -55.54 13.59
CA GLN O 165 32.71 -55.86 12.32
C GLN O 165 32.20 -54.99 11.17
N PHE O 166 31.15 -54.20 11.40
CA PHE O 166 30.74 -53.25 10.39
C PHE O 166 31.56 -51.97 10.58
N LEU O 167 31.95 -51.70 11.83
CA LEU O 167 32.64 -50.47 12.08
C LEU O 167 34.12 -50.67 11.81
N SER O 168 34.47 -51.78 11.19
CA SER O 168 35.86 -51.97 10.81
C SER O 168 35.95 -51.93 9.30
N THR O 169 34.80 -51.64 8.66
CA THR O 169 34.72 -51.52 7.21
C THR O 169 34.20 -50.14 6.84
N VAL O 170 33.93 -49.31 7.84
CA VAL O 170 33.29 -48.05 7.58
C VAL O 170 34.05 -46.96 8.33
N ASP O 171 34.87 -47.37 9.28
CA ASP O 171 35.60 -46.43 10.10
C ASP O 171 37.08 -46.61 9.80
N LEU O 172 37.47 -46.16 8.60
CA LEU O 172 38.81 -46.42 8.11
C LEU O 172 39.59 -45.12 8.12
N PRO O 173 40.95 -45.17 8.08
CA PRO O 173 41.76 -43.97 8.01
C PRO O 173 41.63 -43.23 6.68
N THR O 174 41.03 -42.04 6.73
CA THR O 174 40.83 -41.22 5.55
C THR O 174 42.18 -40.66 5.11
N ASP O 175 42.30 -40.38 3.81
CA ASP O 175 43.48 -39.78 3.24
C ASP O 175 43.30 -38.28 3.12
N GLN O 176 44.43 -37.56 3.16
CA GLN O 176 44.46 -36.14 2.93
C GLN O 176 45.11 -35.90 1.58
N ILE O 177 44.65 -34.87 0.88
CA ILE O 177 45.10 -34.60 -0.47
C ILE O 177 45.68 -33.20 -0.50
N LEU O 178 46.74 -33.02 -1.27
CA LEU O 178 47.35 -31.72 -1.42
C LEU O 178 47.20 -31.29 -2.87
N ILE O 179 46.20 -30.44 -3.12
CA ILE O 179 45.97 -29.87 -4.44
C ILE O 179 46.90 -28.68 -4.55
N GLU O 180 47.49 -28.50 -5.74
CA GLU O 180 48.44 -27.43 -5.96
C GLU O 180 48.13 -26.83 -7.33
N GLY O 181 47.36 -25.74 -7.33
CA GLY O 181 47.04 -25.04 -8.57
C GLY O 181 48.26 -24.32 -9.11
N LEU O 182 48.28 -24.04 -10.41
CA LEU O 182 49.33 -23.26 -11.06
C LEU O 182 48.73 -22.45 -12.20
N ILE O 183 48.71 -21.12 -12.06
CA ILE O 183 48.27 -20.23 -13.11
C ILE O 183 49.52 -19.56 -13.70
N PHE O 184 49.62 -19.45 -15.04
CA PHE O 184 50.80 -18.92 -15.70
C PHE O 184 50.43 -18.08 -16.93
N GLU O 185 50.67 -16.77 -16.89
CA GLU O 185 50.29 -15.93 -18.02
C GLU O 185 51.52 -15.19 -18.54
N VAL O 186 51.97 -15.53 -19.76
CA VAL O 186 53.01 -14.76 -20.42
C VAL O 186 52.35 -13.84 -21.45
N GLN O 187 52.55 -12.52 -21.36
CA GLN O 187 52.11 -11.62 -22.43
C GLN O 187 53.27 -10.87 -23.06
N GLN O 188 53.58 -11.16 -24.33
CA GLN O 188 54.48 -10.33 -25.11
C GLN O 188 53.68 -9.16 -25.70
N GLY O 189 54.25 -8.44 -26.67
CA GLY O 189 53.64 -7.24 -27.23
C GLY O 189 54.67 -6.30 -27.87
N ASP O 190 54.27 -5.64 -28.96
CA ASP O 190 55.08 -4.66 -29.69
C ASP O 190 54.16 -3.67 -30.39
N ALA O 191 54.74 -2.71 -31.11
CA ALA O 191 54.00 -1.66 -31.80
C ALA O 191 54.98 -0.81 -32.61
N LEU O 192 54.49 -0.08 -33.61
CA LEU O 192 55.34 0.78 -34.43
C LEU O 192 54.56 1.88 -35.12
N ASP O 193 54.06 2.87 -34.37
CA ASP O 193 53.52 4.07 -35.01
C ASP O 193 54.65 4.78 -35.77
N PHE O 194 54.34 5.34 -36.95
CA PHE O 194 55.36 5.91 -37.83
C PHE O 194 54.78 6.93 -38.80
N SER O 195 54.69 8.20 -38.39
CA SER O 195 54.25 9.29 -39.27
C SER O 195 55.37 9.74 -40.20
N PHE O 196 55.00 10.42 -41.30
CA PHE O 196 55.95 10.95 -42.27
C PHE O 196 55.31 12.15 -42.94
N ALA O 197 54.75 13.04 -42.12
CA ALA O 197 54.28 14.32 -42.62
C ALA O 197 55.37 14.98 -43.46
N ALA O 198 54.99 15.53 -44.61
CA ALA O 198 55.94 16.12 -45.56
C ALA O 198 55.56 17.57 -45.89
N LEU O 235 59.33 18.45 -42.90
CA LEU O 235 59.36 16.97 -42.93
C LEU O 235 59.48 16.43 -41.50
N SER O 236 58.36 16.47 -40.75
CA SER O 236 58.29 15.84 -39.45
C SER O 236 58.13 14.33 -39.62
N VAL O 237 58.88 13.54 -38.83
CA VAL O 237 58.81 12.08 -38.84
C VAL O 237 58.73 11.55 -37.41
N ARG O 238 57.51 11.43 -36.88
CA ARG O 238 57.34 10.78 -35.59
C ARG O 238 57.53 9.28 -35.76
N ALA O 239 57.97 8.60 -34.68
CA ALA O 239 58.00 7.16 -34.60
C ALA O 239 57.70 6.72 -33.16
N LEU O 240 57.75 5.40 -32.93
CA LEU O 240 57.55 4.74 -31.65
C LEU O 240 57.82 3.26 -31.85
N LYS O 241 58.42 2.62 -30.85
CA LYS O 241 58.59 1.18 -30.90
C LYS O 241 58.44 0.64 -29.48
N THR O 242 57.20 0.63 -29.00
CA THR O 242 56.90 0.10 -27.68
C THR O 242 56.94 -1.42 -27.70
N ASN O 243 57.85 -2.03 -26.93
CA ASN O 243 57.75 -3.42 -26.52
C ASN O 243 57.12 -3.54 -25.13
N SER O 244 56.92 -4.79 -24.68
CA SER O 244 56.31 -5.12 -23.40
C SER O 244 56.35 -6.64 -23.20
N HIS O 245 56.52 -7.05 -21.93
CA HIS O 245 56.60 -8.44 -21.54
C HIS O 245 55.95 -8.57 -20.17
N SER O 246 55.54 -9.79 -19.81
CA SER O 246 54.86 -10.02 -18.55
C SER O 246 54.83 -11.52 -18.25
N LYS O 247 55.31 -11.90 -17.07
CA LYS O 247 55.19 -13.27 -16.61
C LYS O 247 54.60 -13.27 -15.22
N ILE O 248 53.39 -13.83 -15.09
CA ILE O 248 52.73 -14.00 -13.80
C ILE O 248 52.58 -15.49 -13.49
N LEU O 249 53.23 -15.97 -12.42
CA LEU O 249 53.06 -17.35 -11.98
C LEU O 249 52.42 -17.37 -10.60
N SER O 250 51.15 -17.73 -10.51
CA SER O 250 50.46 -17.83 -9.23
C SER O 250 50.25 -19.30 -8.88
N VAL O 251 50.78 -19.75 -7.73
CA VAL O 251 50.70 -21.15 -7.32
C VAL O 251 49.87 -21.26 -6.04
N PRO O 252 48.53 -21.36 -6.10
CA PRO O 252 47.73 -21.63 -4.91
C PRO O 252 47.85 -23.08 -4.44
N ARG O 253 47.68 -23.31 -3.12
CA ARG O 253 47.73 -24.64 -2.52
C ARG O 253 46.75 -24.78 -1.35
N ILE O 254 46.25 -26.01 -1.16
CA ILE O 254 45.26 -26.31 -0.13
C ILE O 254 45.34 -27.79 0.19
N LEU O 255 45.40 -28.12 1.48
CA LEU O 255 45.31 -29.51 1.92
C LEU O 255 43.90 -29.74 2.45
N THR O 256 43.29 -30.85 2.05
CA THR O 256 41.97 -31.18 2.54
C THR O 256 41.84 -32.69 2.61
N LEU O 257 41.12 -33.17 3.61
CA LEU O 257 40.71 -34.54 3.73
C LEU O 257 39.84 -34.93 2.54
N SER O 258 39.97 -36.18 2.12
CA SER O 258 39.17 -36.75 1.06
C SER O 258 37.72 -36.57 1.43
N GLY O 259 36.93 -36.07 0.52
CA GLY O 259 35.51 -36.04 0.77
C GLY O 259 35.09 -34.81 1.54
N GLN O 260 35.98 -33.85 1.63
CA GLN O 260 35.70 -32.60 2.32
C GLN O 260 35.99 -31.47 1.35
N LYS O 261 35.38 -30.32 1.58
CA LYS O 261 35.57 -29.18 0.71
C LYS O 261 36.65 -28.31 1.34
N GLY O 262 37.49 -27.75 0.50
CA GLY O 262 38.50 -26.85 1.01
C GLY O 262 38.62 -25.68 0.06
N SER O 263 38.88 -24.48 0.60
CA SER O 263 39.06 -23.36 -0.29
C SER O 263 40.14 -22.43 0.23
N ILE O 264 40.88 -21.82 -0.70
CA ILE O 264 41.86 -20.80 -0.38
C ILE O 264 41.51 -19.58 -1.21
N SER O 265 41.50 -18.41 -0.58
CA SER O 265 41.15 -17.19 -1.26
C SER O 265 42.06 -16.07 -0.78
N VAL O 266 42.81 -15.48 -1.70
CA VAL O 266 43.70 -14.39 -1.36
C VAL O 266 43.43 -13.29 -2.37
N GLY O 267 43.05 -12.12 -1.88
CA GLY O 267 42.78 -11.02 -2.77
C GLY O 267 42.16 -9.85 -2.03
N GLN O 268 41.01 -9.41 -2.52
CA GLN O 268 40.34 -8.27 -1.96
C GLN O 268 38.85 -8.54 -1.92
N ASN O 269 38.19 -7.99 -0.91
CA ASN O 269 36.75 -8.16 -0.82
C ASN O 269 36.14 -6.83 -1.24
N VAL O 270 35.42 -6.85 -2.38
CA VAL O 270 34.98 -5.64 -3.03
C VAL O 270 33.46 -5.62 -3.01
N PRO O 271 32.84 -4.47 -2.72
CA PRO O 271 31.39 -4.38 -2.76
C PRO O 271 30.90 -4.10 -4.17
N PHE O 272 29.83 -4.79 -4.55
CA PHE O 272 29.28 -4.63 -5.87
C PHE O 272 27.80 -4.33 -5.77
N ILE O 273 27.37 -3.26 -6.42
CA ILE O 273 25.98 -2.83 -6.44
C ILE O 273 25.15 -3.86 -7.18
N THR O 274 23.95 -4.17 -6.69
CA THR O 274 23.13 -5.25 -7.24
C THR O 274 21.72 -4.82 -7.65
N THR O 290 21.45 -1.13 -2.96
CA THR O 290 21.76 -2.53 -2.56
C THR O 290 23.19 -2.92 -2.97
N VAL O 291 23.97 -3.42 -2.00
CA VAL O 291 25.35 -3.85 -2.23
C VAL O 291 25.51 -5.30 -1.80
N GLU O 292 26.43 -6.01 -2.45
CA GLU O 292 26.77 -7.39 -2.14
C GLU O 292 28.27 -7.56 -2.29
N ARG O 293 28.93 -8.03 -1.23
CA ARG O 293 30.38 -8.05 -1.22
C ARG O 293 30.79 -9.33 -1.90
N GLN O 294 32.06 -9.40 -2.33
CA GLN O 294 32.48 -10.48 -3.19
C GLN O 294 33.99 -10.47 -3.30
N ASN O 295 34.59 -11.66 -3.21
CA ASN O 295 36.03 -11.76 -3.22
C ASN O 295 36.51 -11.61 -4.65
N VAL O 296 37.56 -10.81 -4.83
CA VAL O 296 38.13 -10.65 -6.14
C VAL O 296 39.63 -10.81 -6.02
N GLY O 297 40.14 -11.97 -6.39
CA GLY O 297 41.56 -12.25 -6.36
C GLY O 297 41.77 -13.68 -6.81
N ILE O 298 42.82 -14.35 -6.32
CA ILE O 298 43.04 -15.77 -6.59
C ILE O 298 42.22 -16.56 -5.58
N SER O 299 41.47 -17.54 -6.07
CA SER O 299 40.81 -18.49 -5.19
C SER O 299 40.80 -19.86 -5.84
N MET O 300 40.77 -20.91 -5.01
CA MET O 300 40.69 -22.26 -5.51
C MET O 300 39.81 -23.05 -4.55
N SER O 301 38.65 -23.49 -5.02
CA SER O 301 37.79 -24.33 -4.22
C SER O 301 37.94 -25.74 -4.72
N VAL O 302 38.10 -26.69 -3.82
CA VAL O 302 38.32 -28.05 -4.24
C VAL O 302 37.33 -28.94 -3.52
N PHE O 303 37.04 -30.10 -4.12
CA PHE O 303 36.32 -31.16 -3.46
C PHE O 303 36.86 -32.47 -3.96
N PRO O 304 37.96 -32.99 -3.41
CA PRO O 304 38.55 -34.23 -3.90
C PRO O 304 38.06 -35.49 -3.22
N VAL O 305 38.12 -36.61 -3.93
CA VAL O 305 37.75 -37.90 -3.42
C VAL O 305 38.79 -38.87 -3.92
N ALA O 306 39.56 -39.45 -3.02
CA ALA O 306 40.56 -40.43 -3.42
C ALA O 306 39.87 -41.77 -3.49
N MET O 307 40.42 -42.70 -4.28
CA MET O 307 39.67 -43.90 -4.58
C MET O 307 40.41 -45.16 -4.16
N ALA O 308 41.44 -45.54 -4.92
CA ALA O 308 42.08 -46.83 -4.70
C ALA O 308 43.56 -46.65 -4.35
N GLY O 319 47.37 -44.39 -6.60
CA GLY O 319 45.93 -44.12 -6.38
C GLY O 319 45.41 -43.03 -7.30
N ASN O 320 44.09 -42.90 -7.40
CA ASN O 320 43.50 -41.86 -8.22
C ASN O 320 42.74 -40.87 -7.37
N ILE O 321 42.49 -39.66 -7.90
CA ILE O 321 41.70 -38.66 -7.21
C ILE O 321 40.70 -38.08 -8.21
N VAL O 322 39.42 -38.08 -7.87
CA VAL O 322 38.49 -37.33 -8.68
C VAL O 322 38.35 -35.96 -8.02
N LEU O 323 38.46 -34.88 -8.81
CA LEU O 323 38.58 -33.56 -8.23
C LEU O 323 37.63 -32.60 -8.94
N ASP O 324 36.63 -32.11 -8.23
CA ASP O 324 35.84 -30.99 -8.69
C ASP O 324 36.59 -29.72 -8.32
N ILE O 325 36.89 -28.85 -9.29
CA ILE O 325 37.81 -27.75 -9.01
C ILE O 325 37.30 -26.47 -9.66
N THR O 326 37.36 -25.36 -8.91
CA THR O 326 37.18 -24.05 -9.51
C THR O 326 38.39 -23.17 -9.17
N ILE O 327 39.18 -22.76 -10.16
CA ILE O 327 40.27 -21.82 -9.94
C ILE O 327 39.85 -20.49 -10.54
N LYS O 328 39.79 -19.42 -9.74
CA LYS O 328 39.49 -18.08 -10.25
C LYS O 328 40.67 -17.15 -9.98
N ALA O 329 41.18 -16.45 -11.00
CA ALA O 329 42.20 -15.45 -10.81
C ALA O 329 41.68 -14.10 -11.32
N ASP O 330 41.24 -13.23 -10.42
CA ASP O 330 40.60 -11.96 -10.78
C ASP O 330 41.34 -10.77 -10.17
N SER O 331 41.06 -9.58 -10.69
CA SER O 331 41.66 -8.32 -10.26
C SER O 331 40.70 -7.20 -10.60
N LEU O 332 40.96 -6.00 -10.08
CA LEU O 332 40.07 -4.87 -10.32
C LEU O 332 40.62 -4.05 -11.48
N SER O 333 39.72 -3.46 -12.25
CA SER O 333 40.08 -2.63 -13.38
C SER O 333 39.93 -1.16 -13.00
N SER O 334 40.65 -0.30 -13.70
CA SER O 334 40.57 1.12 -13.45
C SER O 334 39.51 1.76 -14.34
N SER O 335 38.83 0.96 -15.15
CA SER O 335 37.83 1.43 -16.10
C SER O 335 36.61 1.95 -15.37
N THR O 336 36.13 3.11 -15.82
CA THR O 336 34.93 3.71 -15.29
C THR O 336 33.92 3.87 -16.42
N GLN O 337 33.81 2.82 -17.25
CA GLN O 337 32.99 2.85 -18.43
C GLN O 337 31.60 2.33 -18.12
N ALA O 338 31.34 1.97 -16.86
CA ALA O 338 30.07 1.34 -16.57
C ALA O 338 29.52 1.81 -15.23
N SER O 339 28.34 1.30 -14.87
CA SER O 339 27.67 1.68 -13.64
C SER O 339 28.60 1.53 -12.44
N ASP O 340 29.20 0.35 -12.27
CA ASP O 340 30.01 0.04 -11.10
C ASP O 340 31.42 -0.33 -11.52
N VAL O 341 32.07 -1.25 -10.82
CA VAL O 341 33.48 -1.56 -10.99
C VAL O 341 33.61 -2.76 -11.93
N ILE O 342 34.48 -2.66 -12.93
CA ILE O 342 34.77 -3.78 -13.84
C ILE O 342 35.92 -4.56 -13.24
N THR O 343 35.86 -5.89 -13.36
CA THR O 343 36.84 -6.81 -12.81
C THR O 343 37.50 -7.53 -13.97
N ASN O 344 38.77 -7.92 -13.86
CA ASN O 344 39.40 -8.71 -14.90
C ASN O 344 39.30 -10.16 -14.46
N GLN O 345 38.59 -11.00 -15.21
CA GLN O 345 38.24 -12.35 -14.78
C GLN O 345 39.13 -13.37 -15.48
N ARG O 346 39.35 -14.49 -14.81
CA ARG O 346 39.99 -15.66 -15.37
C ARG O 346 39.54 -16.84 -14.51
N SER O 347 38.73 -17.76 -15.06
CA SER O 347 38.21 -18.86 -14.27
C SER O 347 38.16 -20.17 -15.06
N ILE O 348 38.45 -21.29 -14.38
CA ILE O 348 38.21 -22.62 -14.88
C ILE O 348 37.32 -23.31 -13.85
N ALA O 349 36.30 -24.02 -14.30
CA ALA O 349 35.62 -24.90 -13.36
C ALA O 349 35.38 -26.22 -14.06
N THR O 350 35.87 -27.30 -13.47
CA THR O 350 35.76 -28.59 -14.11
C THR O 350 35.79 -29.68 -13.05
N THR O 351 35.68 -30.92 -13.53
CA THR O 351 35.94 -32.09 -12.74
C THR O 351 36.88 -32.94 -13.56
N VAL O 352 37.98 -33.38 -12.95
CA VAL O 352 38.96 -34.18 -13.64
C VAL O 352 39.35 -35.36 -12.75
N ASN O 353 40.23 -36.18 -13.30
CA ASN O 353 40.67 -37.39 -12.67
C ASN O 353 42.18 -37.33 -12.72
N LEU O 354 42.80 -37.33 -11.54
CA LEU O 354 44.24 -37.14 -11.37
C LEU O 354 44.77 -38.40 -10.72
N ARG O 355 46.01 -38.77 -11.04
CA ARG O 355 46.75 -39.78 -10.31
C ARG O 355 47.41 -39.15 -9.08
N ASP O 356 48.20 -39.95 -8.36
CA ASP O 356 48.64 -39.62 -7.02
C ASP O 356 49.71 -38.55 -7.05
N GLY O 357 50.34 -38.31 -8.19
CA GLY O 357 51.32 -37.24 -8.18
C GLY O 357 51.58 -36.69 -9.56
N GLN O 358 50.50 -36.35 -10.26
CA GLN O 358 50.51 -36.00 -11.66
C GLN O 358 50.12 -34.54 -11.81
N THR O 359 50.57 -33.90 -12.88
CA THR O 359 50.10 -32.56 -13.21
C THR O 359 49.30 -32.64 -14.51
N LEU O 360 48.12 -32.02 -14.50
CA LEU O 360 47.24 -32.00 -15.65
C LEU O 360 47.11 -30.56 -16.13
N LEU O 361 46.80 -30.37 -17.43
CA LEU O 361 46.41 -29.06 -17.92
C LEU O 361 44.90 -28.91 -17.77
N LEU O 362 44.51 -28.46 -16.62
CA LEU O 362 43.12 -28.26 -16.30
C LEU O 362 42.49 -27.29 -17.30
N GLY O 363 43.29 -26.65 -18.14
CA GLY O 363 42.73 -25.77 -19.16
C GLY O 363 43.70 -24.67 -19.60
N GLY O 364 43.21 -23.63 -20.27
CA GLY O 364 44.09 -22.54 -20.67
C GLY O 364 43.48 -21.68 -21.77
N LEU O 365 44.18 -20.63 -22.22
CA LEU O 365 43.80 -19.86 -23.40
C LEU O 365 45.01 -19.15 -24.01
N THR O 366 45.35 -19.45 -25.27
CA THR O 366 46.37 -18.66 -25.91
C THR O 366 45.70 -17.72 -26.88
N ASP O 367 46.30 -16.54 -27.10
CA ASP O 367 45.69 -15.49 -27.88
C ASP O 367 46.77 -14.77 -28.68
N TYR O 368 46.42 -14.27 -29.87
CA TYR O 368 47.36 -13.64 -30.76
C TYR O 368 46.65 -12.57 -31.58
N LYS O 369 47.08 -11.32 -31.48
CA LYS O 369 46.50 -10.23 -32.25
C LYS O 369 47.60 -9.59 -33.09
N ASN O 370 47.42 -9.61 -34.41
CA ASN O 370 48.37 -8.97 -35.30
C ASN O 370 47.68 -7.87 -36.09
N THR O 371 47.39 -6.73 -35.43
CA THR O 371 46.79 -5.59 -36.11
C THR O 371 47.84 -4.83 -36.94
N SER O 372 47.38 -4.19 -38.03
CA SER O 372 48.22 -3.40 -38.93
C SER O 372 47.37 -2.38 -39.69
N GLN O 373 47.84 -1.14 -39.77
CA GLN O 373 47.07 -0.04 -40.33
C GLN O 373 48.01 0.85 -41.13
N ASP O 374 47.48 1.64 -42.08
CA ASP O 374 48.35 2.35 -43.03
C ASP O 374 47.55 3.35 -43.86
N SER O 375 47.42 4.59 -43.38
CA SER O 375 46.84 5.64 -44.20
C SER O 375 47.94 6.31 -45.02
N GLY O 376 47.73 6.47 -46.32
CA GLY O 376 48.72 7.08 -47.19
C GLY O 376 48.11 8.02 -48.22
N VAL O 377 48.88 8.26 -49.29
CA VAL O 377 48.48 9.06 -50.43
C VAL O 377 48.63 8.17 -51.66
N PRO O 378 47.55 7.91 -52.44
CA PRO O 378 47.60 7.00 -53.58
C PRO O 378 48.37 7.59 -54.77
N GLY O 387 52.17 21.28 -51.50
CA GLY O 387 51.12 20.28 -51.20
C GLY O 387 51.58 19.28 -50.14
N LEU O 388 50.78 19.16 -49.07
CA LEU O 388 51.04 18.29 -47.93
C LEU O 388 50.95 16.82 -48.34
N LEU O 389 51.66 15.95 -47.60
CA LEU O 389 51.61 14.52 -47.82
C LEU O 389 51.74 13.79 -46.50
N PHE O 390 50.75 13.90 -45.61
CA PHE O 390 50.72 13.06 -44.41
C PHE O 390 50.64 11.59 -44.79
N SER O 391 51.33 10.72 -44.02
CA SER O 391 51.48 9.30 -44.38
C SER O 391 51.82 8.43 -43.18
N SER O 392 50.83 8.20 -42.30
CA SER O 392 51.05 7.42 -41.09
C SER O 392 51.06 5.92 -41.37
N ARG O 393 51.42 5.12 -40.34
CA ARG O 393 51.33 3.68 -40.35
C ARG O 393 51.43 3.13 -38.94
N SER O 394 50.39 2.44 -38.46
CA SER O 394 50.46 1.74 -37.18
C SER O 394 50.71 0.26 -37.40
N ASP O 395 51.11 -0.44 -36.33
CA ASP O 395 51.19 -1.90 -36.26
C ASP O 395 51.08 -2.32 -34.81
N SER O 396 50.95 -3.63 -34.60
CA SER O 396 50.80 -4.24 -33.29
C SER O 396 50.94 -5.74 -33.44
N ASN O 397 51.48 -6.40 -32.40
CA ASN O 397 51.62 -7.83 -32.45
C ASN O 397 51.54 -8.42 -31.04
N GLU O 398 50.37 -8.28 -30.40
CA GLU O 398 50.12 -8.89 -29.10
C GLU O 398 50.09 -10.41 -29.21
N GLU O 399 50.68 -11.11 -28.24
CA GLU O 399 50.59 -12.55 -28.09
C GLU O 399 50.50 -12.88 -26.60
N SER O 400 49.56 -13.73 -26.20
CA SER O 400 49.35 -14.05 -24.79
C SER O 400 49.06 -15.53 -24.59
N THR O 401 49.47 -16.09 -23.46
CA THR O 401 49.19 -17.49 -23.21
C THR O 401 48.97 -17.74 -21.72
N LEU O 402 47.89 -18.43 -21.40
CA LEU O 402 47.53 -18.72 -20.02
C LEU O 402 47.44 -20.22 -19.87
N TYR O 403 48.02 -20.73 -18.80
CA TYR O 403 47.91 -22.13 -18.52
C TYR O 403 47.41 -22.32 -17.10
N VAL O 404 46.59 -23.34 -16.88
CA VAL O 404 46.16 -23.64 -15.53
C VAL O 404 46.48 -25.11 -15.32
N LEU O 405 47.40 -25.39 -14.40
CA LEU O 405 47.80 -26.76 -14.15
C LEU O 405 47.32 -27.18 -12.76
N VAL O 406 47.28 -28.48 -12.46
CA VAL O 406 46.87 -28.90 -11.14
C VAL O 406 47.60 -30.18 -10.77
N LYS O 407 48.18 -30.20 -9.57
CA LYS O 407 48.88 -31.37 -9.07
C LYS O 407 48.29 -31.77 -7.72
N ALA O 408 47.70 -32.96 -7.66
CA ALA O 408 47.21 -33.47 -6.40
C ALA O 408 48.13 -34.60 -5.92
N THR O 409 48.31 -34.66 -4.59
CA THR O 409 49.18 -35.61 -3.92
C THR O 409 48.54 -36.12 -2.63
N ILE O 410 48.34 -37.43 -2.53
CA ILE O 410 47.78 -38.06 -1.36
C ILE O 410 48.85 -38.11 -0.28
N VAL O 411 48.52 -37.58 0.90
CA VAL O 411 49.44 -37.43 2.01
C VAL O 411 49.54 -38.73 2.82
N ARG O 412 48.37 -39.33 3.13
CA ARG O 412 48.26 -40.52 3.96
C ARG O 412 48.74 -40.21 5.39
C1 CPS P . 41.04 -26.23 -44.12
C2 CPS P . 40.96 -24.68 -44.02
C3 CPS P . 43.26 -24.50 -42.73
C4 CPS P . 43.99 -24.11 -41.43
C5 CPS P . 43.81 -22.61 -41.08
C6 CPS P . 42.27 -22.29 -41.14
C7 CPS P . 42.15 -20.89 -40.57
C8 CPS P . 43.14 -20.93 -39.39
C9 CPS P . 44.07 -22.15 -39.60
C10 CPS P . 44.63 -21.76 -42.09
C11 CPS P . 41.55 -24.14 -45.35
C12 CPS P . 40.31 -26.98 -43.01
C13 CPS P . 38.83 -26.63 -42.98
C14 CPS P . 38.61 -25.12 -42.91
C15 CPS P . 39.45 -24.28 -43.90
C16 CPS P . 39.26 -22.75 -43.63
C17 CPS P . 40.03 -22.27 -42.39
C18 CPS P . 41.53 -22.65 -42.44
C19 CPS P . 41.76 -24.15 -42.77
C20 CPS P . 45.48 -21.94 -38.99
C21 CPS P . 46.23 -20.74 -39.56
C22 CPS P . 46.35 -23.22 -39.03
C23 CPS P . 45.80 -24.40 -38.19
C24 CPS P . 46.56 -25.70 -38.27
C25 CPS P . 44.80 -26.93 -36.90
C26 CPS P . 45.13 -27.17 -35.43
C27 CPS P . 45.58 -25.90 -34.71
C28 CPS P . 45.22 -25.67 -32.28
C29 CPS P . 46.69 -27.42 -33.07
C30 CPS P . 47.42 -25.09 -33.30
C31 CPS P . 47.38 -23.94 -32.31
C32 CPS P . 48.77 -23.46 -31.90
N1 CPS P . 45.99 -26.80 -37.72
N2 CPS P . 46.21 -26.03 -33.33
O1 CPS P . 47.66 -25.78 -38.81
O2 CPS P . 38.21 -27.26 -41.84
O3 CPS P . 39.40 -22.76 -41.20
O4 CPS P . 43.52 -24.98 -40.38
O2S CPS P . 49.77 -22.68 -29.66
O3S CPS P . 48.04 -24.31 -29.56
O1S CPS P . 50.20 -24.93 -30.34
S CPS P . 49.23 -23.88 -30.23
C1 CPS Q . 33.44 -8.71 -54.54
C2 CPS Q . 32.60 -9.86 -53.92
C3 CPS Q . 34.49 -11.63 -54.30
C4 CPS Q . 34.91 -13.05 -54.74
C5 CPS Q . 34.00 -14.16 -54.18
C6 CPS Q . 32.53 -13.77 -54.53
C7 CPS Q . 31.69 -15.00 -54.21
C8 CPS Q . 32.62 -16.17 -54.60
C9 CPS Q . 34.04 -15.58 -54.85
C10 CPS Q . 34.26 -14.29 -52.65
C11 CPS Q . 32.86 -9.79 -52.40
C12 CPS Q . 33.04 -8.26 -55.94
C13 CPS Q . 31.57 -7.89 -55.99
C14 CPS Q . 30.75 -9.10 -55.61
C15 CPS Q . 31.07 -9.59 -54.19
C16 CPS Q . 30.14 -10.76 -53.79
C17 CPS Q . 30.59 -12.12 -54.36
C18 CPS Q . 32.06 -12.40 -54.02
C19 CPS Q . 32.99 -11.26 -54.50
C20 CPS Q . 35.17 -16.58 -54.52
C21 CPS Q . 36.55 -16.14 -54.99
C22 CPS Q . 34.86 -17.99 -55.07
O2 CPS Q . 31.18 -7.41 -57.29
O3 CPS Q . 30.37 -12.24 -55.78
O4 CPS Q . 34.99 -13.09 -56.19
C1 CPS R . 20.39 -17.89 -59.85
C2 CPS R . 20.51 -16.39 -59.46
C3 CPS R . 23.11 -16.55 -59.09
C4 CPS R . 24.29 -16.45 -58.09
C5 CPS R . 24.38 -15.05 -57.42
C6 CPS R . 22.97 -14.69 -56.86
C7 CPS R . 23.19 -13.44 -56.04
C8 CPS R . 24.52 -13.75 -55.33
C9 CPS R . 25.19 -14.93 -56.07
C10 CPS R . 24.90 -14.04 -58.47
C11 CPS R . 20.65 -15.62 -60.79
C12 CPS R . 20.02 -18.83 -58.70
C13 CPS R . 18.69 -18.45 -58.09
C14 CPS R . 18.66 -16.97 -57.68
C15 CPS R . 19.18 -15.97 -58.74
C16 CPS R . 19.25 -14.53 -58.15
C17 CPS R . 20.44 -14.33 -57.22
C18 CPS R . 21.79 -14.75 -57.86
C19 CPS R . 21.74 -16.16 -58.51
C20 CPS R . 26.73 -14.88 -55.98
C21 CPS R . 27.36 -13.61 -56.56
C22 CPS R . 27.40 -16.15 -56.55
C23 CPS R . 27.06 -17.46 -55.80
C24 CPS R . 27.61 -18.74 -56.39
C25 CPS R . 26.31 -20.19 -54.73
C26 CPS R . 27.09 -20.72 -53.54
C27 CPS R . 27.90 -19.65 -52.81
C28 CPS R . 28.42 -19.92 -50.42
C29 CPS R . 29.33 -21.51 -51.99
C30 CPS R . 30.18 -19.22 -52.03
C31 CPS R . 30.61 -18.29 -50.91
C32 CPS R . 32.09 -17.94 -50.94
N1 CPS R . 27.16 -19.92 -55.89
N2 CPS R . 28.95 -20.08 -51.80
O1 CPS R . 28.44 -18.73 -57.29
O2 CPS R . 18.44 -19.28 -56.94
O3 CPS R . 20.22 -15.05 -55.97
O4 CPS R . 24.13 -17.51 -57.11
O2S CPS R . 33.88 -17.69 -49.10
O3S CPS R . 32.12 -19.25 -48.69
O1S CPS R . 33.83 -19.76 -50.30
S CPS R . 33.06 -18.73 -49.66
C1 CPS S . 11.52 1.63 -63.51
C2 CPS S . 10.84 0.41 -62.85
C3 CPS S . 12.28 -1.30 -64.20
C4 CPS S . 12.38 -2.61 -65.02
C5 CPS S . 11.61 -3.78 -64.37
C6 CPS S . 10.16 -3.28 -64.10
C7 CPS S . 9.35 -4.53 -63.75
C8 CPS S . 9.98 -5.62 -64.62
C9 CPS S . 11.27 -5.04 -65.27
C10 CPS S . 12.36 -4.23 -63.10
C11 CPS S . 11.62 0.16 -61.54
C12 CPS S . 10.71 2.38 -64.57
C13 CPS S . 9.37 2.80 -64.02
C14 CPS S . 8.60 1.57 -63.60
C15 CPS S . 9.34 0.77 -62.50
C16 CPS S . 8.48 -0.42 -62.02
C17 CPS S . 8.58 -1.64 -62.95
C18 CPS S . 10.03 -2.03 -63.21
C19 CPS S . 10.86 -0.85 -63.78
C20 CPS S . 12.34 -6.12 -65.54
C21 CPS S . 13.51 -5.62 -66.40
C22 CPS S . 11.72 -7.36 -66.21
O2 CPS S . 8.60 3.55 -64.97
O3 CPS S . 7.88 -1.45 -64.20
O4 CPS S . 11.95 -2.35 -66.37
C1 CPS T . -3.41 -5.83 -65.39
C2 CPS T . -3.02 -4.45 -64.80
C3 CPS T . -0.47 -4.76 -65.41
C4 CPS T . 0.98 -4.90 -64.89
C5 CPS T . 1.44 -3.67 -64.06
C6 CPS T . 0.35 -3.38 -62.99
C7 CPS T . 0.97 -2.33 -62.10
C8 CPS T . 2.43 -2.82 -61.97
C9 CPS T . 2.67 -3.85 -63.10
C10 CPS T . 1.67 -2.48 -65.04
C11 CPS T . -3.27 -3.42 -65.93
C12 CPS T . -3.45 -6.97 -64.36
C13 CPS T . -4.44 -6.69 -63.26
C14 CPS T . -4.19 -5.32 -62.61
C15 CPS T . -3.96 -4.14 -63.58
C16 CPS T . -3.55 -2.86 -62.81
C17 CPS T . -2.09 -2.91 -62.34
C18 CPS T . -1.10 -3.20 -63.48
C19 CPS T . -1.52 -4.44 -64.32
C20 CPS T . 4.15 -3.87 -63.57
C21 CPS T . 4.65 -2.54 -64.10
C22 CPS T . 4.45 -5.02 -64.55
C23 CPS T . 4.24 -6.44 -63.97
C24 CPS T . 4.42 -7.60 -64.94
C25 CPS T . 3.63 -9.31 -63.22
C26 CPS T . 4.72 -10.11 -62.51
C27 CPS T . 5.84 -9.24 -61.94
C28 CPS T . 7.11 -10.01 -59.98
C29 CPS T . 7.27 -11.27 -62.03
C30 CPS T . 8.27 -9.04 -61.94
C31 CPS T . 9.16 -8.38 -60.90
C32 CPS T . 10.57 -8.09 -61.40
N1 CPS T . 4.06 -8.84 -64.54
N2 CPS T . 7.12 -9.90 -61.47
O1 CPS T . 4.88 -7.43 -66.06
O2 CPS T . -4.36 -7.72 -62.26
O3 CPS T . -1.95 -3.84 -61.26
O4 CPS T . 1.06 -6.13 -64.12
O2S CPS T . 12.89 -8.27 -60.31
O3S CPS T . 11.24 -9.82 -59.58
O1S CPS T . 12.21 -10.05 -61.75
S CPS T . 11.83 -9.15 -60.70
C1 CPS U . -10.93 14.31 -62.03
C2 CPS U . -11.47 13.01 -61.39
C3 CPS U . -10.76 11.57 -63.46
C4 CPS U . -11.09 10.45 -64.48
C5 CPS U . -11.72 9.19 -63.82
C6 CPS U . -12.92 9.67 -62.95
C7 CPS U . -13.67 8.41 -62.57
C8 CPS U . -13.51 7.51 -63.80
C9 CPS U . -12.47 8.17 -64.74
C10 CPS U . -10.62 8.46 -63.00
C11 CPS U . -10.31 12.47 -60.52
C12 CPS U . -11.97 15.29 -62.58
C13 CPS U . -12.99 15.62 -61.51
C14 CPS U . -13.69 14.37 -61.06
C15 CPS U . -12.70 13.35 -60.47
C16 CPS U . -13.46 12.10 -59.93
C17 CPS U . -13.82 11.09 -61.02
C18 CPS U . -12.59 10.72 -61.87
C19 CPS U . -11.90 11.97 -62.48
C20 CPS U . -11.68 7.12 -65.58
C21 CPS U . -10.83 7.75 -66.69
C22 CPS U . -12.62 6.07 -66.18
O2 CPS U . -13.96 16.59 -61.98
O3 CPS U . -14.89 11.56 -61.88
O4 CPS U . -11.94 11.00 -65.51
C1 CPS V . -26.31 7.91 -59.72
C2 CPS V . -25.58 9.12 -59.08
C3 CPS V . -23.45 8.85 -60.61
C4 CPS V . -21.94 8.55 -60.68
C5 CPS V . -21.09 9.57 -59.87
C6 CPS V . -21.71 9.67 -58.44
C7 CPS V . -20.70 10.49 -57.65
C8 CPS V . -19.35 9.94 -58.15
C9 CPS V . -19.64 9.15 -59.46
C10 CPS V . -21.10 10.92 -60.62
C11 CPS V . -26.08 10.37 -59.83
C12 CPS V . -26.12 6.58 -58.98
C13 CPS V . -26.64 6.67 -57.55
C14 CPS V . -26.02 7.85 -56.81
C15 CPS V . -26.01 9.20 -57.56
C16 CPS V . -25.22 10.28 -56.77
C17 CPS V . -23.71 10.10 -56.87
C18 CPS V . -23.21 9.99 -58.34
C19 CPS V . -24.02 8.97 -59.17
C20 CPS V . -18.42 9.18 -60.42
C21 CPS V . -17.97 10.57 -60.86
C22 CPS V . -18.60 8.25 -61.64
C23 CPS V . -18.73 6.75 -61.30
C24 CPS V . -19.03 5.81 -62.46
C25 CPS V . -19.33 3.82 -60.91
C26 CPS V . -18.16 2.86 -60.80
C27 CPS V . -16.83 3.55 -60.53
C28 CPS V . -15.05 2.35 -59.33
C29 CPS V . -15.74 1.53 -61.49
C30 CPS V . -14.53 3.65 -61.38
C31 CPS V . -13.29 4.06 -60.63
C32 CPS V . -12.12 4.39 -61.54
N1 CPS V . -19.36 4.53 -62.18
N2 CPS V . -15.54 2.75 -60.67
O1 CPS V . -18.97 6.20 -63.63
O2 CPS V . -26.34 5.44 -56.86
O3 CPS V . -23.30 8.94 -56.11
O4 CPS V . -21.73 7.19 -60.22
O2S CPS V . -9.58 3.92 -61.39
O3S CPS V . -11.05 2.31 -60.40
O1S CPS V . -10.89 2.49 -62.78
S CPS V . -10.82 3.18 -61.52
C1 CPS W . -30.06 27.14 -50.31
C2 CPS W . -30.48 25.75 -49.77
C3 CPS W . -30.68 24.75 -52.17
C4 CPS W . -31.45 23.88 -53.19
C5 CPS W . -31.94 22.52 -52.60
C6 CPS W . -32.71 22.85 -51.28
C7 CPS W . -33.40 21.56 -50.89
C8 CPS W . -33.76 20.92 -52.24
C9 CPS W . -33.05 21.74 -53.36
C10 CPS W . -30.71 21.62 -52.38
C11 CPS W . -29.16 25.01 -49.49
C12 CPS W . -31.12 28.25 -50.25
C13 CPS W . -31.67 28.38 -48.85
C14 CPS W . -32.30 27.08 -48.43
C15 CPS W . -31.28 25.92 -48.42
C16 CPS W . -31.93 24.62 -47.89
C17 CPS W . -32.74 23.87 -48.94
C18 CPS W . -31.92 23.65 -50.22
C19 CPS W . -31.35 24.97 -50.81
C20 CPS W . -32.72 20.88 -54.60
C21 CPS W . -32.25 21.69 -55.80
C22 CPS W . -33.92 19.99 -55.01
O2 CPS W . -32.64 29.45 -48.76
O3 CPS W . -33.99 24.53 -49.25
O4 CPS W . -32.55 24.65 -53.73
C1 CPS X . -44.28 20.89 -43.87
C2 CPS X . -43.26 21.93 -43.31
C3 CPS X . -41.83 21.91 -45.53
C4 CPS X . -40.46 21.59 -46.19
C5 CPS X . -39.29 22.38 -45.56
C6 CPS X . -39.37 22.20 -44.01
C7 CPS X . -38.08 22.82 -43.50
C8 CPS X . -37.05 22.34 -44.54
C9 CPS X . -37.83 21.86 -45.78
C10 CPS X . -39.42 23.86 -46.00
C11 CPS X . -43.86 23.32 -43.60
C12 CPS X . -43.98 19.43 -43.50
C13 CPS X . -43.96 19.24 -42.00
C14 CPS X . -43.02 20.23 -41.31
C15 CPS X . -43.14 21.71 -41.76
C16 CPS X . -42.02 22.57 -41.12
C17 CPS X . -40.66 22.36 -41.79
C18 CPS X . -40.71 22.56 -43.32
C19 CPS X . -41.85 21.75 -43.99
C20 CPS X . -37.03 22.03 -47.10
C21 CPS X . -36.62 23.47 -47.40
C22 CPS X . -37.72 21.38 -48.31
C23 CPS X . -37.87 19.84 -48.22
C24 CPS X . -38.63 19.18 -49.35
C25 CPS X . -38.58 16.92 -48.18
C26 CPS X . -37.55 15.92 -48.67
C27 CPS X . -36.15 16.50 -48.77
C28 CPS X . -34.20 15.01 -48.53
C29 CPS X . -35.68 14.68 -50.41
C30 CPS X . -34.28 16.69 -50.36
C31 CPS X . -32.82 16.89 -50.03
C32 CPS X . -32.00 17.37 -51.22
N1 CPS X . -38.97 17.88 -49.20
N2 CPS X . -35.07 15.71 -49.52
O1 CPS X . -38.94 19.79 -50.37
O2 CPS X . -43.57 17.89 -41.69
O3 CPS X . -40.13 21.07 -41.44
O4 CPS X . -40.25 20.15 -46.10
O2S CPS X . -29.63 16.77 -52.07
O3S CPS X . -30.84 15.06 -50.95
O1S CPS X . -31.48 15.72 -53.14
S CPS X . -30.90 16.13 -51.89
C1 CPS Y . -42.54 37.89 -30.39
C2 CPS Y . -42.91 36.43 -29.99
C3 CPS Y . -44.01 35.94 -32.31
C4 CPS Y . -45.18 35.33 -33.13
C5 CPS Y . -45.56 33.90 -32.65
C6 CPS Y . -45.80 33.99 -31.11
C7 CPS Y . -46.46 32.67 -30.73
C8 CPS Y . -47.32 32.32 -31.96
C9 CPS Y . -46.95 33.32 -33.09
C10 CPS Y . -44.44 32.93 -33.05
C11 CPS Y . -41.65 35.60 -30.34
C12 CPS Y . -43.41 38.99 -29.76
C13 CPS Y . -43.43 38.86 -28.26
C14 CPS Y . -44.00 37.52 -27.89
C15 CPS Y . -43.17 36.35 -28.45
C16 CPS Y . -43.73 34.99 -27.96
C17 CPS Y . -44.94 34.52 -28.77
C18 CPS Y . -44.63 34.51 -30.28
C19 CPS Y . -44.16 35.90 -30.77
C20 CPS Y . -47.16 32.74 -34.51
C21 CPS Y . -47.05 33.75 -35.63
C22 CPS Y . -48.51 31.99 -34.61
O2 CPS Y . -44.18 39.91 -27.64
O3 CPS Y . -46.14 35.28 -28.50
O4 CPS Y . -46.30 36.24 -33.09
C1 CPS Z . -54.25 30.90 -20.55
C2 CPS Z . -53.00 31.76 -20.21
C3 CPS Z . -52.42 32.16 -22.76
C4 CPS Z . -51.41 31.94 -23.90
C5 CPS Z . -50.01 32.56 -23.61
C6 CPS Z . -49.57 32.06 -22.19
C7 CPS Z . -48.13 32.52 -22.07
C8 CPS Z . -47.58 32.24 -23.48
C9 CPS Z . -48.79 32.04 -24.43
C10 CPS Z . -50.13 34.10 -23.70
C11 CPS Z . -53.53 33.21 -20.00
C12 CPS Z . -53.99 29.39 -20.59
C13 CPS Z . -53.48 28.89 -19.25
C14 CPS Z . -52.26 29.68 -18.78
C15 CPS Z . -52.37 31.22 -18.87
C16 CPS Z . -51.02 31.90 -18.53
C17 CPS Z . -50.01 31.79 -19.67
C18 CPS Z . -50.56 32.31 -21.02
C19 CPS Z . -51.93 31.69 -21.37
C20 CPS Z . -48.46 32.46 -25.88
C21 CPS Z . -48.03 33.90 -26.04
C22 CPS Z . -49.59 32.09 -26.87
C23 CPS Z . -49.87 30.58 -27.02
C24 CPS Z . -51.04 30.18 -27.89
C25 CPS Z . -50.86 27.71 -27.24
C26 CPS Z . -50.17 26.81 -28.25
C27 CPS Z . -48.82 27.35 -28.73
C28 CPS Z . -47.08 25.78 -29.49
C29 CPS Z . -49.12 25.92 -30.74
C30 CPS Z . -47.59 27.84 -30.79
C31 CPS Z . -46.09 27.90 -31.00
C32 CPS Z . -45.68 28.58 -32.29
N1 CPS Z . -51.47 28.90 -27.86
N2 CPS Z . -48.15 26.72 -29.93
O1 CPS Z . -51.62 31.01 -28.61
O2 CPS Z . -53.14 27.50 -19.36
O3 CPS Z . -49.51 30.43 -19.78
O4 CPS Z . -51.32 30.51 -24.15
O2S CPS Z . -43.85 28.10 -34.04
O3S CPS Z . -44.75 26.23 -32.89
O1S CPS Z . -46.06 27.36 -34.53
S CPS Z . -45.04 27.48 -33.53
C1 CPS AA . -46.24 44.71 -5.72
C2 CPS AA . -46.59 43.22 -5.50
C3 CPS AA . -48.47 43.26 -7.32
C4 CPS AA . -49.90 42.86 -7.75
C5 CPS AA . -50.25 41.38 -7.43
C6 CPS AA . -49.93 41.16 -5.93
C7 CPS AA . -50.55 39.81 -5.59
C8 CPS AA . -51.82 39.76 -6.46
C9 CPS AA . -51.76 40.96 -7.45
C10 CPS AA . -49.43 40.48 -8.40
C11 CPS AA . -45.61 42.44 -6.42
C12 CPS AA . -46.71 45.69 -4.63
C13 CPS AA . -46.22 45.24 -3.28
C14 CPS AA . -46.77 43.87 -2.97
C15 CPS AA . -46.31 42.83 -4.00
C16 CPS AA . -46.80 41.41 -3.60
C17 CPS AA . -48.26 41.15 -4.01
C18 CPS AA . -48.49 41.45 -5.50
C19 CPS AA . -48.08 42.91 -5.86
C20 CPS AA . -52.49 40.67 -8.78
C21 CPS AA . -52.68 41.89 -9.67
C22 CPS AA . -53.86 40.00 -8.53
O2 CPS AA . -46.60 46.18 -2.24
O3 CPS AA . -49.20 41.87 -3.19
O4 CPS AA . -50.84 43.78 -7.16
C1 CPS BA . -54.52 36.23 6.20
C2 CPS BA . -53.15 36.97 6.21
C3 CPS BA . -53.44 37.87 3.75
C4 CPS BA . -52.91 37.84 2.30
C5 CPS BA . -51.44 38.34 2.19
C6 CPS BA . -50.59 37.55 3.24
C7 CPS BA . -49.17 37.93 2.92
C8 CPS BA . -49.16 37.92 1.38
C9 CPS BA . -50.64 37.96 0.90
C10 CPS BA . -51.43 39.87 2.43
C11 CPS BA . -53.42 38.35 6.86
C12 CPS BA . -54.44 34.75 5.79
C13 CPS BA . -53.55 33.97 6.75
C14 CPS BA . -52.17 34.61 6.89
C15 CPS BA . -52.16 36.14 7.12
C16 CPS BA . -50.71 36.69 7.08
C17 CPS BA . -50.17 36.79 5.65
C18 CPS BA . -51.08 37.58 4.70
C19 CPS BA . -52.56 37.10 4.76
C20 CPS BA . -50.79 38.66 -0.47
C21 CPS BA . -50.29 40.09 -0.49
C22 CPS BA . -52.22 38.55 -1.04
C23 CPS BA . -52.69 37.10 -1.35
C24 CPS BA . -54.13 36.94 -1.80
C25 CPS BA . -53.99 34.39 -1.73
C26 CPS BA . -53.78 33.69 -3.06
C27 CPS BA . -52.62 34.27 -3.88
C28 CPS BA . -51.41 32.84 -5.47
C29 CPS BA . -53.74 33.29 -5.87
C30 CPS BA . -52.14 35.13 -6.12
C31 CPS BA . -50.80 35.20 -6.83
C32 CPS BA . -50.80 36.12 -8.04
N1 CPS BA . -54.64 35.69 -1.86
N2 CPS BA . -52.48 33.88 -5.34
O1 CPS BA . -54.82 37.91 -2.10
O2 CPS BA . -53.43 32.61 6.27
O3 CPS BA . -49.88 35.47 5.13
O4 CPS BA . -53.06 36.50 1.78
O2S CPS BA . -49.72 35.94 -10.37
O3S CPS BA . -50.37 33.91 -9.34
O1S CPS BA . -52.03 35.39 -10.18
S CPS BA . -50.73 35.27 -9.61
C1 CPS CA . -40.51 46.42 19.43
C2 CPS CA . -40.90 44.92 19.48
C3 CPS CA . -43.28 45.41 18.52
C4 CPS CA . -44.81 45.15 18.54
C5 CPS CA . -45.18 43.65 18.70
C6 CPS CA . -44.39 43.10 19.92
C7 CPS CA . -44.98 41.72 20.21
C8 CPS CA . -46.48 41.91 19.86
C9 CPS CA . -46.63 43.28 19.15
C10 CPS CA . -44.85 42.93 17.36
C11 CPS CA . -40.40 44.32 18.16
C12 CPS CA . -40.47 47.16 20.76
C13 CPS CA . -39.59 46.43 21.76
C14 CPS CA . -40.13 45.05 21.99
C15 CPS CA . -40.17 44.22 20.69
C16 CPS CA . -40.64 42.77 20.97
C17 CPS CA . -42.16 42.64 21.08
C18 CPS CA . -42.86 43.26 19.86
C19 CPS CA . -42.46 44.74 19.63
C20 CPS CA . -47.81 43.30 18.14
C21 CPS CA . -48.15 44.69 17.62
C22 CPS CA . -49.07 42.64 18.74
O2 CPS CA . -39.51 47.15 23.02
O3 CPS CA . -42.69 43.21 22.29
O4 CPS CA . -45.39 45.96 19.60
C1 CPS DA . -44.98 35.92 31.79
C2 CPS DA . -43.62 36.60 31.45
C3 CPS DA . -44.66 37.99 29.45
C4 CPS DA . -44.66 38.26 27.94
C5 CPS DA . -43.29 38.72 27.39
C6 CPS DA . -42.22 37.71 27.91
C7 CPS DA . -40.95 38.10 27.16
C8 CPS DA . -41.47 38.40 25.75
C9 CPS DA . -43.02 38.59 25.86
C10 CPS DA . -43.03 40.17 27.89
C11 CPS DA . -43.51 37.83 32.37
C12 CPS DA . -45.20 34.56 31.14
C13 CPS DA . -44.13 33.58 31.54
C14 CPS DA . -42.73 34.13 31.28
C15 CPS DA . -42.48 35.58 31.77
C16 CPS DA . -41.08 36.07 31.30
C17 CPS DA . -41.05 36.44 29.82
C18 CPS DA . -42.16 37.45 29.42
C19 CPS DA . -43.57 37.01 29.93
C20 CPS DA . -43.56 39.57 24.79
C21 CPS DA . -42.96 40.97 24.83
C22 CPS DA . -45.10 39.61 24.76
C23 CPS DA . -45.79 38.28 24.37
C24 CPS DA . -47.31 38.27 24.45
C25 CPS DA . -47.40 35.76 23.99
C26 CPS DA . -47.74 35.34 22.57
C27 CPS DA . -46.89 36.05 21.51
C28 CPS DA . -46.45 34.94 19.36
C29 CPS DA . -48.72 35.52 19.91
C30 CPS DA . -47.14 37.33 19.43
C31 CPS DA . -46.12 37.49 18.32
C32 CPS DA . -46.44 38.64 17.39
N1 CPS DA . -47.93 37.07 24.33
N2 CPS DA . -47.30 35.94 20.05
O1 CPS DA . -47.96 39.29 24.60
O2 CPS DA . -44.31 32.34 30.82
O3 CPS DA . -41.11 35.26 29.00
O4 CPS DA . -45.13 37.07 27.28
O2S CPS DA . -46.27 38.93 14.82
O3S CPS DA . -46.72 36.73 15.64
O1S CPS DA . -48.41 38.42 15.73
S CPS DA . -47.00 38.14 15.77
C1 CPS EA . -26.30 42.72 40.70
C2 CPS EA . -26.81 41.25 40.63
C3 CPS EA . -29.32 41.99 40.67
C4 CPS EA . -30.76 41.80 41.20
C5 CPS EA . -31.21 40.31 41.19
C6 CPS EA . -30.10 39.49 41.93
C7 CPS EA . -30.71 38.11 42.15
C8 CPS EA . -32.20 38.40 42.41
C9 CPS EA . -32.45 39.90 42.06
C10 CPS EA . -31.43 39.87 39.72
C11 CPS EA . -26.85 40.92 39.12
C12 CPS EA . -25.73 43.16 42.05
C13 CPS EA . -24.65 42.22 42.51
C14 CPS EA . -25.22 40.83 42.66
C15 CPS EA . -25.78 40.29 41.33
C16 CPS EA . -26.27 38.84 41.49
C17 CPS EA . -27.68 38.72 42.11
C18 CPS EA . -28.68 39.61 41.36
C19 CPS EA . -28.22 41.09 41.29
C20 CPS EA . -33.89 40.17 41.57
C21 CPS EA . -34.24 41.64 41.46
C22 CPS EA . -34.93 39.44 42.44
O2 CPS EA . -24.06 42.65 43.76
O3 CPS EA . -27.68 39.03 43.52
O4 CPS EA . -30.85 42.38 42.52
C1 CPS FA . -27.33 30.05 51.71
C2 CPS FA . -26.11 30.74 51.04
C3 CPS FA . -27.61 32.55 49.85
C4 CPS FA . -28.12 33.12 48.50
C5 CPS FA . -26.96 33.64 47.60
C6 CPS FA . -25.90 32.50 47.51
C7 CPS FA . -24.93 33.00 46.44
C8 CPS FA . -25.87 33.61 45.39
C9 CPS FA . -27.26 33.82 46.07
C10 CPS FA . -26.40 34.95 48.23
C11 CPS FA . -25.56 31.73 52.08
C12 CPS FA . -27.91 28.86 50.94
C13 CPS FA . -26.87 27.78 50.76
C14 CPS FA . -25.59 28.32 50.12
C15 CPS FA . -25.04 29.63 50.74
C16 CPS FA . -23.84 30.17 49.91
C17 CPS FA . -24.28 30.83 48.61
C18 CPS FA . -25.35 31.93 48.83
C19 CPS FA . -26.53 31.45 49.70
C20 CPS FA . -28.03 35.02 45.47
C21 CPS FA . -27.30 36.35 45.58
C22 CPS FA . -29.47 35.11 46.00
C23 CPS FA . -30.38 33.92 45.65
C24 CPS FA . -31.78 33.92 46.26
C25 CPS FA . -32.28 31.57 45.42
C26 CPS FA . -33.14 31.48 44.17
C27 CPS FA . -32.63 32.36 43.02
C28 CPS FA . -33.08 31.69 40.69
C29 CPS FA . -34.96 32.22 42.12
C30 CPS FA . -33.45 34.03 41.43
C31 CPS FA . -32.85 34.39 40.08
C32 CPS FA . -33.36 35.72 39.54
N1 CPS FA . -32.53 32.80 46.17
N2 CPS FA . -33.54 32.56 41.81
O1 CPS FA . -32.23 34.93 46.81
O2 CPS FA . -27.42 26.72 49.93
O3 CPS FA . -24.74 29.85 47.66
O4 CPS FA . -28.90 32.10 47.84
O2S CPS FA . -34.03 36.52 37.18
O3S CPS FA . -34.41 34.22 37.68
O1S CPS FA . -35.78 35.90 38.67
S CPS FA . -34.48 35.57 38.16
C1 CPS GA . -6.10 34.21 54.42
C2 CPS GA . -6.76 32.81 54.27
C3 CPS GA . -9.01 33.61 55.35
C4 CPS GA . -10.18 33.35 56.31
C5 CPS GA . -10.76 31.91 56.20
C6 CPS GA . -9.56 30.93 56.33
C7 CPS GA . -10.19 29.55 56.51
C8 CPS GA . -11.47 29.84 57.32
C9 CPS GA . -11.66 31.38 57.36
C10 CPS GA . -11.52 31.79 54.85
C11 CPS GA . -7.36 32.79 52.85
C12 CPS GA . -5.06 34.35 55.54
C13 CPS GA . -3.99 33.29 55.40
C14 CPS GA . -4.62 31.93 55.50
C15 CPS GA . -5.66 31.69 54.39
C16 CPS GA . -6.21 30.24 54.45
C17 CPS GA . -7.31 30.07 55.50
C18 CPS GA . -8.42 31.11 55.33
C19 CPS GA . -7.87 32.56 55.35
C20 CPS GA . -13.16 31.79 57.47
C21 CPS GA . -13.37 33.28 57.77
C22 CPS GA . -13.90 30.94 58.52
O2 CPS GA . -2.97 33.45 56.42
O3 CPS GA . -6.81 30.10 56.85
O4 CPS GA . -9.76 33.66 57.66
C1 CPS HA . -4.57 19.59 62.60
C2 CPS HA . -3.61 20.36 61.66
C3 CPS HA . -5.24 22.42 61.42
C4 CPS HA . -6.12 23.27 60.48
C5 CPS HA . -5.30 23.93 59.34
C6 CPS HA . -4.45 22.81 58.65
C7 CPS HA . -3.86 23.47 57.42
C8 CPS HA . -5.05 24.31 56.90
C9 CPS HA . -6.08 24.43 58.06
C10 CPS HA . -4.43 25.06 59.94
C11 CPS HA . -2.62 21.13 62.59
C12 CPS HA . -5.50 18.59 61.90
C13 CPS HA . -4.70 17.54 61.14
C14 CPS HA . -3.68 18.16 60.20
C15 CPS HA . -2.82 19.31 60.80
C16 CPS HA . -1.94 19.97 59.70
C17 CPS HA . -2.74 20.89 58.79
C18 CPS HA . -3.54 21.96 59.57
C19 CPS HA . -4.39 21.34 60.72
C20 CPS HA . -6.89 25.74 57.99
C21 CPS HA . -6.04 27.01 58.05
C22 CPS HA . -8.03 25.79 59.02
C23 CPS HA . -9.13 24.72 58.82
C24 CPS HA . -10.23 24.65 59.88
C25 CPS HA . -11.23 22.54 58.87
C26 CPS HA . -12.46 22.73 58.00
C27 CPS HA . -12.30 23.81 56.93
C28 CPS HA . -13.60 23.66 54.85
C29 CPS HA . -14.79 23.96 56.92
C30 CPS HA . -13.42 25.81 56.08
C31 CPS HA . -13.31 26.41 54.69
C32 CPS HA . -13.82 27.84 54.62
N1 CPS HA . -11.06 23.60 59.87
N2 CPS HA . -13.53 24.30 56.19
O1 CPS HA . -10.34 25.54 60.73
O2 CPS HA . -5.60 16.69 60.40
O3 CPS HA . -3.59 20.13 57.92
O4 CPS HA . -7.18 22.44 59.97
O2S CPS HA . -15.19 29.12 52.85
O3S CPS HA . -15.60 26.79 53.03
O1S CPS HA . -16.37 28.27 54.74
S CPS HA . -15.36 28.01 53.75
C1 CPS IA . 16.59 22.41 58.24
C2 CPS IA . 15.78 21.10 58.08
C3 CPS IA . 14.13 21.73 60.01
C4 CPS IA . 13.34 21.32 61.28
C5 CPS IA . 12.61 19.96 61.11
C6 CPS IA . 13.68 18.93 60.63
C7 CPS IA . 13.01 17.56 60.76
C8 CPS IA . 12.12 17.72 62.01
C9 CPS IA . 12.11 19.22 62.40
C10 CPS IA . 11.43 20.14 60.13
C11 CPS IA . 14.73 21.40 56.99
C12 CPS IA . 17.95 22.30 58.91
C13 CPS IA . 18.79 21.26 58.21
C14 CPS IA . 18.11 19.92 58.28
C15 CPS IA . 16.73 19.95 57.59
C16 CPS IA . 16.09 18.54 57.58
C17 CPS IA . 15.40 18.19 58.91
C18 CPS IA . 14.41 19.28 59.33
C19 CPS IA . 15.09 20.67 59.43
C20 CPS IA . 10.80 19.64 63.11
C21 CPS IA . 10.86 21.04 63.73
C22 CPS IA . 10.39 18.62 64.19
O2 CPS IA . 20.11 21.16 58.79
O3 CPS IA . 16.34 17.91 59.96
O4 CPS IA . 14.22 21.32 62.41
C1 CPS JA . 19.31 6.38 62.51
C2 CPS JA . 19.97 7.30 61.45
C3 CPS JA . 18.59 9.42 62.20
C4 CPS JA . 17.53 10.47 61.80
C5 CPS JA . 17.96 11.33 60.57
C6 CPS JA . 18.41 10.33 59.45
C7 CPS JA . 18.59 11.22 58.23
C8 CPS JA . 17.39 12.18 58.33
C9 CPS JA . 16.84 12.09 59.79
C10 CPS JA . 19.10 12.28 61.01
C11 CPS JA . 21.29 7.80 62.08
C12 CPS JA . 18.09 5.59 62.02
C13 CPS JA . 18.46 4.69 60.86
C14 CPS JA . 19.17 5.46 59.74
C15 CPS JA . 20.30 6.42 60.19
C16 CPS JA . 20.82 7.26 58.99
C17 CPS JA . 19.85 8.38 58.61
C18 CPS JA . 19.48 9.30 59.81
C19 CPS JA . 19.02 8.48 61.04
C20 CPS JA . 16.20 13.43 60.25
C21 CPS JA . 17.14 14.62 60.22
C22 CPS JA . 15.49 13.29 61.61
C23 CPS JA . 14.30 12.31 61.62
C24 CPS JA . 13.63 12.06 62.97
C25 CPS JA . 12.13 10.24 62.01
C26 CPS JA . 10.70 10.64 61.70
C27 CPS JA . 10.59 11.92 60.86
C28 CPS JA . 8.64 12.25 59.38
C29 CPS JA . 8.28 12.15 61.76
C30 CPS JA . 9.46 14.09 60.84
C31 CPS JA . 9.15 14.96 59.64
C32 CPS JA . 8.79 16.39 60.02
N1 CPS JA . 12.73 11.07 63.06
N2 CPS JA . 9.24 12.59 60.70
O1 CPS JA . 13.90 12.75 63.95
O2 CPS JA . 17.28 4.05 60.34
O3 CPS JA . 18.67 7.85 57.97
O4 CPS JA . 16.28 9.79 61.57
O2S CPS JA . 7.03 18.06 59.13
O3S CPS JA . 6.47 15.75 59.02
O1S CPS JA . 6.50 16.87 61.13
S CPS JA . 7.06 16.79 59.80
C1 CPS KA . 37.84 9.36 51.48
C2 CPS KA . 36.89 8.14 51.39
C3 CPS KA . 36.09 8.41 53.87
C4 CPS KA . 35.75 7.77 55.23
C5 CPS KA . 34.86 6.50 55.09
C6 CPS KA . 35.58 5.55 54.07
C7 CPS KA . 34.87 4.21 54.19
C8 CPS KA . 34.48 4.14 55.68
C9 CPS KA . 34.77 5.52 56.33
C10 CPS KA . 33.45 6.93 54.64
C11 CPS KA . 35.57 8.70 50.82
C12 CPS KA . 39.34 9.06 51.59
C13 CPS KA . 39.78 8.17 50.45
C14 CPS KA . 39.00 6.87 50.51
C15 CPS KA . 37.49 7.09 50.37
C16 CPS KA . 36.74 5.73 50.35
C17 CPS KA . 36.51 5.14 51.74
C18 CPS KA . 35.86 6.14 52.69
C19 CPS KA . 36.67 7.46 52.78
C20 CPS KA . 33.84 5.84 57.51
C21 CPS KA . 34.25 7.08 58.31
C22 CPS KA . 33.71 4.62 58.46
O2 CPS KA . 41.19 7.90 50.49
O3 CPS KA . 37.73 4.61 52.33
O4 CPS KA . 36.96 7.51 55.95
C1 CPS LA . 40.20 -7.29 51.51
C2 CPS LA . 40.53 -6.20 50.46
C3 CPS LA . 39.72 -4.23 52.02
C4 CPS LA . 38.71 -3.08 52.23
C5 CPS LA . 38.78 -2.01 51.11
C6 CPS LA . 38.70 -2.75 49.74
C7 CPS LA . 38.54 -1.65 48.71
C8 CPS LA . 37.57 -0.68 49.41
C9 CPS LA . 37.54 -1.05 50.92
C10 CPS LA . 40.09 -1.21 51.28
C11 CPS LA . 42.04 -5.86 50.67
C12 CPS LA . 38.81 -7.92 51.34
C13 CPS LA . 38.67 -8.57 49.98
C14 CPS LA . 39.02 -7.61 48.85
C15 CPS LA . 40.32 -6.80 49.03
C16 CPS LA . 40.48 -5.75 47.89
C17 CPS LA . 39.56 -4.53 48.09
C18 CPS LA . 39.72 -3.88 49.49
C19 CPS LA . 39.63 -4.92 50.64
C20 CPS LA . 37.24 0.16 51.82
C21 CPS LA . 38.23 1.31 51.68
C22 CPS LA . 37.03 -0.22 53.29
C23 CPS LA . 35.81 -1.14 53.56
C24 CPS LA . 35.63 -1.63 54.99
C25 CPS LA . 33.72 -3.17 54.32
C26 CPS LA . 32.32 -2.67 54.62
C27 CPS LA . 32.06 -1.25 54.12
C28 CPS LA . 29.77 -0.56 53.50
C29 CPS LA . 30.23 -1.15 55.81
C30 CPS LA . 31.20 0.91 54.91
C31 CPS LA . 30.60 2.02 54.07
C32 CPS LA . 30.55 3.35 54.80
N1 CPS LA . 34.72 -2.60 55.22
N2 CPS LA . 30.80 -0.52 54.59
O1 CPS LA . 36.29 -1.17 55.92
O2 CPS LA . 37.32 -9.05 49.82
O3 CPS LA . 38.19 -4.90 47.83
O4 CPS LA . 37.39 -3.66 52.35
O2S CPS LA . 28.78 5.24 54.90
O3S CPS LA . 27.98 3.02 54.59
O1S CPS LA . 28.83 3.69 56.71
S CPS LA . 28.91 3.87 55.29
C1 CPS MA . 54.01 -2.68 35.32
C2 CPS MA . 52.97 -3.84 35.35
C3 CPS MA . 53.10 -4.06 37.96
C4 CPS MA . 53.17 -4.96 39.21
C5 CPS MA . 52.18 -6.15 39.17
C6 CPS MA . 52.41 -6.88 37.81
C7 CPS MA . 51.63 -8.19 37.92
C8 CPS MA . 51.77 -8.56 39.42
C9 CPS MA . 52.41 -7.34 40.15
C10 CPS MA . 50.74 -5.60 39.34
C11 CPS MA . 51.59 -3.14 35.40
C12 CPS MA . 55.41 -3.05 34.83
C13 CPS MA . 55.33 -3.72 33.47
C14 CPS MA . 54.50 -4.97 33.56
C15 CPS MA . 53.07 -4.68 34.02
C16 CPS MA . 52.22 -5.98 34.02
C17 CPS MA . 52.43 -6.84 35.26
C18 CPS MA . 52.25 -6.03 36.55
C19 CPS MA . 53.18 -4.78 36.59
C20 CPS MA . 51.97 -7.26 41.64
C21 CPS MA . 52.76 -6.22 42.45
C22 CPS MA . 52.05 -8.63 42.32
O2 CPS MA . 56.65 -4.02 32.95
O3 CPS MA . 53.72 -7.50 35.26
O4 CPS MA . 54.53 -5.40 39.40
C1 CPS NA . 54.48 -19.05 31.48
C2 CPS NA . 54.57 -17.77 30.60
C3 CPS NA . 54.54 -16.15 32.68
C4 CPS NA . 53.78 -15.03 33.44
C5 CPS NA . 53.58 -13.75 32.58
C6 CPS NA . 52.95 -14.20 31.21
C7 CPS NA . 52.59 -12.89 30.53
C8 CPS NA . 52.01 -12.06 31.70
C9 CPS NA . 52.46 -12.74 33.02
C10 CPS NA . 54.95 -13.05 32.41
C11 CPS NA . 56.07 -17.55 30.31
C12 CPS NA . 53.07 -19.59 31.70
C13 CPS NA . 52.41 -19.95 30.39
C14 CPS NA . 52.44 -18.77 29.41
C15 CPS NA . 53.80 -18.07 29.25
C16 CPS NA . 53.68 -16.80 28.36
C17 CPS NA . 53.01 -15.63 29.08
C18 CPS NA . 53.71 -15.29 30.42
C19 CPS NA . 53.91 -16.54 31.32
C20 CPS NA . 52.62 -11.72 34.17
C21 CPS NA . 53.63 -10.62 33.90
C22 CPS NA . 52.88 -12.40 35.53
C23 CPS NA . 51.75 -13.31 36.04
C24 CPS NA . 52.02 -14.09 37.32
C25 CPS NA . 49.84 -15.41 37.13
C26 CPS NA . 48.69 -14.93 38.00
C27 CPS NA . 48.41 -13.43 37.87
C28 CPS NA . 46.15 -12.56 38.27
C29 CPS NA . 47.30 -13.62 40.09
C30 CPS NA . 48.12 -11.45 39.30
C31 CPS NA . 47.39 -10.17 38.94
C32 CPS NA . 47.72 -9.02 39.86
N1 CPS NA . 51.15 -15.06 37.69
N2 CPS NA . 47.48 -12.77 38.88
O1 CPS NA . 53.00 -13.85 38.02
O2 CPS NA . 51.04 -20.34 30.63
O3 CPS NA . 51.61 -15.89 29.27
O4 CPS NA . 52.52 -15.58 33.90
O2S CPS NA . 46.30 -7.14 40.92
O3S CPS NA . 45.22 -9.22 40.54
O1S CPS NA . 46.82 -9.02 42.29
S CPS NA . 46.41 -8.56 40.99
C1 CPS OA . 62.26 -11.66 12.53
C2 CPS OA . 61.18 -12.75 12.72
C3 CPS OA . 62.17 -13.50 15.02
C4 CPS OA . 62.58 -14.65 15.98
C5 CPS OA . 61.52 -15.77 16.08
C6 CPS OA . 61.19 -16.21 14.62
C7 CPS OA . 60.37 -17.49 14.77
C8 CPS OA . 60.99 -18.17 16.01
C9 CPS OA . 61.95 -17.15 16.68
C10 CPS OA . 60.29 -15.22 16.86
C11 CPS OA . 59.99 -12.02 13.38
C12 CPS OA . 63.35 -11.95 11.51
C13 CPS OA . 62.75 -12.31 10.17
C14 CPS OA . 61.89 -13.54 10.33
C15 CPS OA . 60.74 -13.30 11.31
C16 CPS OA . 59.80 -14.55 11.38
C17 CPS OA . 60.34 -15.65 12.29
C18 CPS OA . 60.69 -15.11 13.68
C19 CPS OA . 61.69 -13.93 13.62
C20 CPS OA . 62.07 -17.36 18.21
C21 CPS OA . 63.18 -16.54 18.86
C22 CPS OA . 62.24 -18.85 18.56
O2 CPS OA . 63.77 -12.54 9.18
O3 CPS OA . 61.48 -16.34 11.72
O4 CPS OA . 63.87 -15.15 15.58
C1 CPS PA . 59.71 -26.87 5.86
C2 CPS PA . 59.60 -25.44 5.26
C3 CPS PA . 60.46 -24.29 7.47
C4 CPS PA . 60.13 -23.33 8.64
C5 CPS PA . 59.77 -21.90 8.16
C6 CPS PA . 58.68 -22.03 7.05
C7 CPS PA . 58.22 -20.61 6.80
C8 CPS PA . 58.19 -20.01 8.22
C9 CPS PA . 59.00 -20.96 9.15
C10 CPS PA . 61.07 -21.22 7.64
C11 CPS PA . 60.93 -25.20 4.49
C12 CPS PA . 58.41 -27.40 6.47
C13 CPS PA . 57.30 -27.46 5.44
C14 CPS PA . 57.11 -26.11 4.74
C15 CPS PA . 58.40 -25.43 4.25
C16 CPS PA . 58.09 -24.01 3.70
C17 CPS PA . 57.85 -22.99 4.82
C18 CPS PA . 58.99 -22.95 5.86
C19 CPS PA . 59.37 -24.37 6.38
C20 CPS PA . 59.63 -20.20 10.34
C21 CPS PA . 60.59 -19.09 9.93
C22 CPS PA . 60.29 -21.16 11.36
C23 CPS PA . 59.31 -22.12 12.07
C24 CPS PA . 59.92 -23.15 13.00
C25 CPS PA . 57.69 -24.33 13.35
C26 CPS PA . 56.95 -24.01 14.65
C27 CPS PA . 56.81 -22.50 14.91
C28 CPS PA . 54.92 -21.66 16.25
C29 CPS PA . 56.51 -23.11 17.31
C30 CPS PA . 57.23 -20.85 16.68
C31 CPS PA . 56.56 -19.50 16.86
C32 CPS PA . 57.32 -18.57 17.79
N1 CPS PA . 59.13 -24.14 13.47
N2 CPS PA . 56.36 -22.03 16.29
O1 CPS PA . 61.10 -23.09 13.34
O2 CPS PA . 56.07 -27.85 6.09
O3 CPS PA . 56.57 -23.23 5.45
O4 CPS PA . 59.07 -23.92 9.42
O2S CPS PA . 56.56 -16.92 19.62
O3S CPS PA . 55.19 -18.84 19.27
O1S CPS PA . 57.31 -19.06 20.33
S CPS PA . 56.53 -18.33 19.37
C1 CPS QA . 61.21 -15.99 -12.92
C2 CPS QA . 60.16 -17.07 -12.56
C3 CPS QA . 61.79 -18.31 -10.93
C4 CPS QA . 62.39 -19.63 -10.41
C5 CPS QA . 61.31 -20.72 -10.14
C6 CPS QA . 60.46 -20.84 -11.44
C7 CPS QA . 59.62 -22.10 -11.24
C8 CPS QA . 60.55 -23.04 -10.45
C9 CPS QA . 61.79 -22.21 -10.00
C10 CPS QA . 60.49 -20.31 -8.89
C11 CPS QA . 59.34 -16.46 -11.39
C12 CPS QA . 61.85 -16.12 -14.30
C13 CPS QA . 60.79 -16.17 -15.37
C14 CPS QA . 59.91 -17.36 -15.15
C15 CPS QA . 59.20 -17.31 -13.78
C16 CPS QA . 58.22 -18.50 -13.61
C17 CPS QA . 58.93 -19.79 -13.18
C18 CPS QA . 59.79 -19.56 -11.93
C19 CPS QA . 60.83 -18.42 -12.13
C20 CPS QA . 62.39 -22.73 -8.67
C21 CPS QA . 63.74 -22.11 -8.33
C22 CPS QA . 62.51 -24.27 -8.68
O2 CPS QA . 61.38 -16.22 -16.69
O3 CPS QA . 59.72 -20.38 -14.23
O4 CPS QA . 63.41 -20.10 -11.33
C1 CPS RA . 51.02 -14.95 -36.64
C2 CPS RA . 50.04 -16.04 -36.12
C3 CPS RA . 52.00 -17.64 -35.46
C4 CPS RA . 52.60 -19.07 -35.43
C5 CPS RA . 51.58 -20.16 -34.99
C6 CPS RA . 50.32 -19.97 -35.90
C7 CPS RA . 49.47 -21.22 -35.65
C8 CPS RA . 50.52 -22.33 -35.44
C9 CPS RA . 51.91 -21.65 -35.31
C10 CPS RA . 51.29 -19.98 -33.48
C11 CPS RA . 49.75 -15.67 -34.65
C12 CPS RA . 51.13 -14.81 -38.16
C13 CPS RA . 49.76 -14.61 -38.78
C14 CPS RA . 48.89 -15.79 -38.46
C15 CPS RA . 48.70 -15.99 -36.94
C16 CPS RA . 47.73 -17.16 -36.66
C17 CPS RA . 48.40 -18.53 -36.74
C18 CPS RA . 49.66 -18.59 -35.87
C19 CPS RA . 50.67 -17.48 -36.23
C20 CPS RA . 52.87 -22.46 -34.41
C21 CPS RA . 54.32 -21.96 -34.47
C22 CPS RA . 52.84 -23.97 -34.74
O2 CPS RA . 49.84 -14.40 -40.20
O3 CPS RA . 48.71 -18.92 -38.10
O4 CPS RA . 53.18 -19.36 -36.72
C1 CPS SA . 54.95 -29.40 -20.87
C2 CPS SA . 54.79 -27.88 -21.12
C3 CPS SA . 56.47 -27.23 -19.20
C4 CPS SA . 56.68 -26.54 -17.84
C5 CPS SA . 56.33 -25.02 -17.89
C6 CPS SA . 54.92 -24.89 -18.53
C7 CPS SA . 54.54 -23.43 -18.34
C8 CPS SA . 55.06 -23.14 -16.91
C9 CPS SA . 56.04 -24.29 -16.53
C10 CPS SA . 57.44 -24.30 -18.70
C11 CPS SA . 55.79 -27.53 -22.25
C12 CPS SA . 53.89 -30.02 -19.94
C13 CPS SA . 52.49 -29.81 -20.49
C14 CPS SA . 52.22 -28.35 -20.82
C15 CPS SA . 53.31 -27.61 -21.61
C16 CPS SA . 52.99 -26.10 -21.74
C17 CPS SA . 53.26 -25.33 -20.46
C18 CPS SA . 54.69 -25.55 -19.90
C19 CPS SA . 55.06 -27.05 -19.82
C20 CPS SA . 57.14 -23.82 -15.54
C21 CPS SA . 58.02 -22.69 -16.06
C22 CPS SA . 57.99 -24.98 -15.00
C23 CPS SA . 57.21 -26.04 -14.18
C24 CPS SA . 57.99 -27.27 -13.72
C25 CPS SA . 55.91 -28.41 -12.82
C26 CPS SA . 55.70 -28.34 -11.32
C27 CPS SA . 55.81 -26.91 -10.76
C28 CPS SA . 54.59 -26.30 -8.71
C29 CPS SA . 56.31 -27.99 -8.57
C30 CPS SA . 56.98 -25.68 -8.99
C31 CPS SA . 56.56 -24.37 -8.34
C32 CPS SA . 57.68 -23.68 -7.59
N1 CPS SA . 57.31 -28.30 -13.20
N2 CPS SA . 55.92 -26.73 -9.25
O1 CPS SA . 59.21 -27.31 -13.83
O2 CPS SA . 51.52 -30.30 -19.55
O3 CPS SA . 52.26 -25.65 -19.47
O4 CPS SA . 55.89 -27.23 -16.85
O2S CPS SA . 57.78 -22.41 -5.34
O3S CPS SA . 56.18 -24.17 -5.52
O1S CPS SA . 58.50 -24.69 -5.35
S CPS SA . 57.53 -23.74 -5.81
#